data_7Z42
#
_entry.id   7Z42
#
_cell.length_a   130.930
_cell.length_b   202.269
_cell.length_c   135.733
_cell.angle_alpha   90.000
_cell.angle_beta   110.538
_cell.angle_gamma   90.000
#
_symmetry.space_group_name_H-M   'P 1 21 1'
#
loop_
_entity.id
_entity.type
_entity.pdbx_description
1 polymer 'Polymerase acidic protein'
2 polymer 'RNA-directed RNA polymerase catalytic subunit'
3 polymer 'Polymerase basic protein 2'
4 polymer 'DNA-directed RNA polymerase II subunit RPB1'
5 polymer "RNA (5'-R(P*AP*GP*UP*AP*GP*UP*AP*AP*CP*AP*AP*GP*A)-3')"
6 water water
#
loop_
_entity_poly.entity_id
_entity_poly.type
_entity_poly.pdbx_seq_one_letter_code
_entity_poly.pdbx_strand_id
1 'polypeptide(L)'
;GSHHHHHHHHGSGSMDTFITRNFQTTIIQKAKNTMAEFSEDPELQPAMLFNICVHLEVCYVISDMNFLDEEGKAYTALEG
QGKEQNLRPQYEVIEGMPRTIAWMVQRSLAQEHGIETPKYLADLFDYKTKRFIEVGITKGLADDYFWKKKEKLGNSMELM
IFSYNQDYSLSNESSLDEEGKGRVLSRLTELQAELSLKNLWQVLIGEEDVEKGIDFKLGQTISRLRDISVPAGFSNFEGM
RSYIDNIDPKGAIERNLARMSPLVSVTPKKLTWEDLRPIGPHIYNHELPEVPYNAFLLMSDELGLANMTEGKSKKPKTLA
KECLEKYSTLRDQTDPILIMKSEKANENFLWKLWRDCVNTISNEEMSNELQKTNYAKWATGDGLTYQKIMKEVAIDDETM
CQEEPKIPNKCRVAAWVQTEMNLLSTLTSKRALDLPEIGPDVAPVEHVGSERRKYFVNEINYCKASTVMMKYVLFHTSLL
NESNASMGKYKVIPITNRVVNEKGESFDMLYGLAVKGQSHLRGDTDVVTVVTFEFSSTDPRVDSGKWPKYTVFRIGSLFV
SGREKSVYLYCRVNGTNKIQMKWGMEARRCLLQSMQQMEAIVEQESSIQGYDMTKACFKGDRVNSPKTFSIGTQEGKLVK
GSFGKALRVIFTKCLMHYVFGNAQLEGFSAESRRLLLLIQALKDRKGPWVFDLEGMYSGIEECISNNPWVIQSAYWFNEW
LGFEKEGSKVLESVDEIMDEGSGSGENLYFQ
;
A,D
2 'polypeptide(L)'
;GSGSGSGSGMNINPYFLFIDVPIQAAISTTFPYTGVPPYSHGTGTGYTIDTVIRTHEYSNKGKQYISDVTGCTMVDPTNG
PLPEDNEPSAYAQLDCVLEALDRMDEEHPGLFQAASQNAMETLMVTTVDKLTQGRQTFDWTVCRNQPAATALNTTITSFR
LNDLNGADKGGLIPFCQDIIDSLDRPEMTFFSVKNIKKKLPAKNRKGFLIKRIPMKVKDKITKVEYIKRALSLNTMTKDA
ERGKLKRRAIATAGIQIRGFVLVVENLAKNICENLEQSGLPVGGNEKKAKLSNAVAKMLSNCPPGGISMTVTGDNTKWNE
CLNPRIFLAMTERITRDSPIWFRDFCSIAPVLFSNKIARLGKGFMITSKTKRLKAQIPCPDLFSIPLERYNEETRAKLKK
LKPFFNEEGTASLSPGMMMGMFNMLSTVLGVAALGIKNIGNKEYLWDGLQSSDDFALFVNAKDEETCMEGINDFYRTCKL
LGINMSKKKSYCNETGMFEFTSMFYRDGFVSNFAMELPSFGVAGVNESADMAIGMTIIKNNMINNGMGPATAQTAIQLFI
ADYRYTYKCHRGDSKVEGKRMKIIKELWENTKGRDGLLVADGGPNIYNLRNLHIPEIVLKYNLMDPEYKGRLLHPQNPFV
GHLSIEGIKEADITPAHGPVKKMDYDAVSGTHSWRTKRNRSILNTDQRNMILEEQCYAKCCNLFEACFNSASYRKPVGQH
SMLEAMAHRLRMDARLDYESGRMSKDDFEKAMAHLGEIGYIGSGSGENLYFQ
;
B,E
3 'polypeptide(L)'
;GSGSGSGSGMTLAKIELLKQLLRDNEAKTVLKQTTVDQYNIIRKFNTSRIEKNPSLRMKWAMCSNFPLALTKGDMANRIP
LEYKGIQLKTNAEDIGTKGQMCSIAAVTWWNTYGPIGDTEGFERVYESFFLRKMRLDNATWGRITFGPVERVRKRVLLNP
LTKEMPPDEASNVIMEILFPKEAGIPRESTWIHRELIKEKREKLKGTMITPIVLAYMLERELVARRRFLPVAGATSAEFI
EMLHCLQGENWRQIYHPGGNKLTESRSQSMIVACRKIIRRSIVASNPLELAVEIANKTVIDTEPLKSCLAAIDGGDVACD
IIRAALGLKIRQRQRFGRLELKRISGRGFKNDEEILIGNGTIQKIGIWDGEEEFHVRCGECRGILKKSKMKLEKLLINSA
KKEDMRDLIILCMVFSQDTRMFQGVRGEINFLNRAGQLLSPMYQLQRYFLNRSNDLFDQWGYEESPKASELHGINESMNA
SDYTLKGVVVTRNVIDDFSSTETEKVSITKNLSLIKRTGEVIMGANDVSELESQAQLMITYDTPKMWEMGTTKELVQNTY
QWVLKNLVTLKAQFLLGKEDMFQWDAFEAFESIIPQKMAGQYSGFARAVLKQMRDQEVMKTDQFIKLLPFCFSPPKLRSN
GEPYQFLKLVLKGGGENFIEVRKGSPLFSYNPQTEVLTICGRMMSLKGKIEDEERNRSMGNAVLAGFLVSGKYDPDLGDF
KTIEELEKLKPGEKANILLYQGKPVKVVKRKRYSALSNDISQGIKRQRMTVESMGWALSGWSHPQFEKGSGSENLYFQ
;
C,F
4 'polypeptide(L)' YSPT(SEP)PSYSPT(SEP)PSYSPT(SEP)PSYSPT(SEP)PS Y,G,X,I
5 'polyribonucleotide' AGUAGUAACAAGA H,V
#
# COMPACT_ATOMS: atom_id res chain seq x y z
N SER A 14 41.39 37.89 -4.08
CA SER A 14 40.04 38.49 -3.91
C SER A 14 39.53 39.04 -5.25
N MET A 15 38.40 38.51 -5.74
CA MET A 15 37.77 38.90 -7.03
C MET A 15 36.94 40.17 -6.84
N ASP A 16 36.14 40.24 -5.77
CA ASP A 16 35.22 41.38 -5.46
C ASP A 16 36.04 42.67 -5.39
N THR A 17 37.21 42.63 -4.75
CA THR A 17 38.15 43.78 -4.56
C THR A 17 38.65 44.29 -5.91
N PHE A 18 38.90 43.38 -6.87
CA PHE A 18 39.40 43.71 -8.23
C PHE A 18 38.38 44.62 -8.94
N ILE A 19 37.14 44.12 -9.10
CA ILE A 19 36.04 44.78 -9.87
C ILE A 19 35.77 46.17 -9.27
N THR A 20 35.92 46.31 -7.94
CA THR A 20 35.71 47.58 -7.21
C THR A 20 36.69 48.65 -7.71
N ARG A 21 37.99 48.33 -7.80
CA ARG A 21 39.09 49.32 -8.00
C ARG A 21 39.10 49.80 -9.47
N ASN A 22 39.13 48.86 -10.40
CA ASN A 22 39.35 49.05 -11.86
C ASN A 22 38.14 49.78 -12.47
N PHE A 23 36.91 49.33 -12.15
CA PHE A 23 35.64 49.82 -12.74
C PHE A 23 35.10 51.01 -11.94
N GLN A 24 34.16 51.75 -12.55
CA GLN A 24 33.53 52.97 -11.98
C GLN A 24 32.38 52.56 -11.06
N THR A 25 32.03 53.44 -10.11
CA THR A 25 30.95 53.26 -9.10
C THR A 25 29.59 53.15 -9.80
N THR A 26 29.37 53.94 -10.86
CA THR A 26 28.13 53.94 -11.67
C THR A 26 27.97 52.58 -12.36
N ILE A 27 29.04 52.10 -13.00
CA ILE A 27 29.09 50.84 -13.81
C ILE A 27 28.76 49.65 -12.91
N ILE A 28 29.38 49.58 -11.72
CA ILE A 28 29.19 48.47 -10.73
C ILE A 28 27.70 48.37 -10.38
N GLN A 29 27.12 49.48 -9.91
CA GLN A 29 25.70 49.58 -9.46
C GLN A 29 24.78 49.12 -10.59
N LYS A 30 24.90 49.71 -11.78
CA LYS A 30 24.02 49.41 -12.95
C LYS A 30 24.10 47.92 -13.31
N ALA A 31 25.27 47.29 -13.13
CA ALA A 31 25.52 45.85 -13.37
C ALA A 31 24.82 45.02 -12.28
N LYS A 32 25.06 45.37 -11.01
CA LYS A 32 24.49 44.66 -9.83
C LYS A 32 22.96 44.76 -9.85
N ASN A 33 22.41 45.88 -10.34
CA ASN A 33 20.94 46.16 -10.39
C ASN A 33 20.30 45.35 -11.53
N THR A 34 20.97 45.23 -12.68
CA THR A 34 20.52 44.41 -13.83
C THR A 34 20.70 42.92 -13.51
N MET A 35 21.71 42.55 -12.72
CA MET A 35 21.90 41.15 -12.22
C MET A 35 20.74 40.78 -11.29
N ALA A 36 20.30 41.71 -10.45
CA ALA A 36 19.18 41.55 -9.50
C ALA A 36 17.86 41.34 -10.27
N GLU A 37 17.70 42.03 -11.41
CA GLU A 37 16.52 41.91 -12.31
C GLU A 37 16.48 40.51 -12.94
N PHE A 38 17.65 39.90 -13.18
CA PHE A 38 17.79 38.52 -13.74
C PHE A 38 17.89 37.51 -12.59
N SER A 39 17.67 37.96 -11.35
CA SER A 39 17.67 37.16 -10.09
C SER A 39 19.01 36.42 -9.93
N GLU A 40 20.12 37.10 -10.16
CA GLU A 40 21.50 36.58 -9.91
C GLU A 40 22.17 37.44 -8.82
N ASP A 41 22.99 36.81 -7.97
CA ASP A 41 23.65 37.43 -6.79
C ASP A 41 25.08 37.80 -7.16
N PRO A 42 25.45 39.11 -7.17
CA PRO A 42 26.80 39.54 -7.53
C PRO A 42 27.86 39.07 -6.51
N GLU A 43 27.53 39.14 -5.22
CA GLU A 43 28.45 38.90 -4.08
C GLU A 43 28.80 37.41 -4.00
N LEU A 44 28.06 36.54 -4.70
CA LEU A 44 28.25 35.06 -4.68
C LEU A 44 28.72 34.55 -6.06
N GLN A 45 28.35 35.23 -7.15
CA GLN A 45 28.67 34.80 -8.56
C GLN A 45 29.33 35.94 -9.32
N PRO A 46 30.58 36.34 -8.95
CA PRO A 46 31.24 37.50 -9.57
C PRO A 46 31.71 37.27 -11.01
N ALA A 47 31.65 36.04 -11.50
CA ALA A 47 31.92 35.64 -12.90
C ALA A 47 31.07 36.47 -13.87
N MET A 48 29.77 36.63 -13.57
CA MET A 48 28.80 37.39 -14.40
C MET A 48 29.03 38.89 -14.22
N LEU A 49 29.30 39.32 -12.99
CA LEU A 49 29.43 40.75 -12.58
C LEU A 49 30.43 41.45 -13.50
N PHE A 50 31.61 40.86 -13.69
CA PHE A 50 32.70 41.39 -14.56
C PHE A 50 32.19 41.55 -15.99
N ASN A 51 31.68 40.46 -16.57
CA ASN A 51 31.26 40.36 -18.00
C ASN A 51 30.24 41.46 -18.33
N ILE A 52 29.33 41.75 -17.40
CA ILE A 52 28.30 42.82 -17.54
C ILE A 52 28.98 44.18 -17.46
N CYS A 53 29.85 44.39 -16.46
CA CYS A 53 30.62 45.64 -16.22
C CYS A 53 31.41 46.02 -17.48
N VAL A 54 32.19 45.07 -18.01
CA VAL A 54 33.02 45.25 -19.24
C VAL A 54 32.10 45.64 -20.41
N HIS A 55 31.03 44.88 -20.61
CA HIS A 55 30.04 45.04 -21.71
C HIS A 55 29.37 46.41 -21.61
N LEU A 56 29.12 46.90 -20.38
CA LEU A 56 28.54 48.24 -20.11
C LEU A 56 29.58 49.32 -20.39
N GLU A 57 30.80 49.15 -19.86
CA GLU A 57 31.97 50.05 -20.10
C GLU A 57 32.13 50.26 -21.61
N VAL A 58 32.23 49.16 -22.37
CA VAL A 58 32.41 49.18 -23.86
C VAL A 58 31.25 49.94 -24.50
N CYS A 59 30.00 49.65 -24.08
CA CYS A 59 28.78 50.36 -24.57
C CYS A 59 28.91 51.87 -24.34
N TYR A 60 29.33 52.27 -23.13
CA TYR A 60 29.51 53.69 -22.75
C TYR A 60 30.67 54.32 -23.54
N VAL A 61 31.72 53.55 -23.85
CA VAL A 61 32.89 54.04 -24.65
C VAL A 61 32.40 54.48 -26.04
N ILE A 62 31.51 53.70 -26.66
CA ILE A 62 30.97 53.96 -28.04
C ILE A 62 30.10 55.21 -28.02
N SER A 63 29.30 55.40 -26.96
CA SER A 63 28.33 56.52 -26.82
C SER A 63 29.05 57.81 -26.41
N ASP A 64 29.97 57.73 -25.44
CA ASP A 64 30.60 58.88 -24.74
C ASP A 64 31.10 59.93 -25.74
N MET A 65 30.66 61.18 -25.54
CA MET A 65 31.19 62.42 -26.18
C MET A 65 30.84 62.47 -27.66
N ASN A 66 29.99 61.56 -28.16
CA ASN A 66 29.48 61.56 -29.56
C ASN A 66 28.07 62.15 -29.55
N PHE A 67 27.92 63.42 -29.96
CA PHE A 67 26.64 64.18 -29.92
C PHE A 67 26.19 64.48 -31.35
N LEU A 68 24.96 64.98 -31.52
CA LEU A 68 24.39 65.40 -32.83
C LEU A 68 23.89 66.84 -32.72
N ASP A 69 24.27 67.70 -33.67
CA ASP A 69 23.96 69.15 -33.67
C ASP A 69 22.60 69.37 -34.35
N GLU A 70 22.21 70.63 -34.57
CA GLU A 70 20.86 71.02 -35.09
C GLU A 70 20.69 70.56 -36.53
N GLU A 71 21.78 70.48 -37.31
CA GLU A 71 21.77 70.03 -38.73
C GLU A 71 21.74 68.49 -38.79
N GLY A 72 21.98 67.81 -37.67
CA GLY A 72 21.96 66.34 -37.55
C GLY A 72 23.30 65.74 -37.90
N LYS A 73 24.40 66.47 -37.65
CA LYS A 73 25.80 66.04 -37.93
C LYS A 73 26.46 65.59 -36.62
N ALA A 74 27.41 64.66 -36.74
CA ALA A 74 28.13 63.98 -35.63
C ALA A 74 29.38 64.79 -35.24
N TYR A 75 29.34 65.41 -34.06
CA TYR A 75 30.49 66.07 -33.40
C TYR A 75 30.78 65.37 -32.06
N THR A 76 31.99 65.60 -31.52
CA THR A 76 32.43 65.12 -30.19
C THR A 76 32.65 66.33 -29.28
N ALA A 77 32.18 66.25 -28.02
CA ALA A 77 32.28 67.31 -26.99
C ALA A 77 33.57 67.13 -26.17
N LEU A 78 33.77 67.99 -25.16
CA LEU A 78 34.97 67.97 -24.27
C LEU A 78 34.53 67.76 -22.82
N GLU A 79 35.26 66.90 -22.08
CA GLU A 79 35.04 66.63 -20.63
C GLU A 79 35.21 67.93 -19.86
N GLY A 80 34.11 68.65 -19.63
CA GLY A 80 34.10 69.99 -19.00
C GLY A 80 32.94 70.82 -19.51
N GLN A 81 32.75 70.84 -20.84
CA GLN A 81 31.63 71.55 -21.52
C GLN A 81 30.31 71.18 -20.83
N GLY A 82 29.52 72.19 -20.43
CA GLY A 82 28.27 72.03 -19.67
C GLY A 82 27.28 71.12 -20.38
N LYS A 83 26.36 70.51 -19.63
CA LYS A 83 25.30 69.59 -20.14
C LYS A 83 24.13 70.42 -20.69
N GLU A 84 24.32 71.74 -20.84
CA GLU A 84 23.33 72.69 -21.43
C GLU A 84 23.60 72.83 -22.93
N GLN A 85 24.88 72.83 -23.32
CA GLN A 85 25.35 73.04 -24.71
C GLN A 85 24.93 71.84 -25.58
N ASN A 86 25.37 70.64 -25.22
CA ASN A 86 25.11 69.37 -25.96
C ASN A 86 23.94 68.66 -25.28
N LEU A 87 22.82 68.46 -26.00
CA LEU A 87 21.56 67.90 -25.45
C LEU A 87 21.22 66.55 -26.09
N ARG A 88 21.79 66.23 -27.26
CA ARG A 88 21.36 65.06 -28.10
C ARG A 88 22.56 64.16 -28.41
N PRO A 89 22.85 63.16 -27.54
CA PRO A 89 23.82 62.11 -27.84
C PRO A 89 23.46 61.34 -29.12
N GLN A 90 24.47 60.90 -29.88
CA GLN A 90 24.31 60.11 -31.14
C GLN A 90 23.70 58.74 -30.83
N TYR A 91 24.04 58.17 -29.67
CA TYR A 91 23.64 56.80 -29.23
C TYR A 91 22.69 56.89 -28.02
N GLU A 92 21.74 55.95 -27.94
CA GLU A 92 20.87 55.72 -26.76
C GLU A 92 21.30 54.41 -26.09
N VAL A 93 21.91 54.51 -24.90
CA VAL A 93 22.48 53.34 -24.16
C VAL A 93 21.33 52.60 -23.48
N ILE A 94 20.71 51.65 -24.17
CA ILE A 94 19.56 50.83 -23.69
C ILE A 94 20.07 49.81 -22.67
N GLU A 95 21.26 49.25 -22.91
CA GLU A 95 21.97 48.35 -21.96
C GLU A 95 22.19 49.11 -20.63
N GLY A 96 22.01 48.44 -19.50
CA GLY A 96 22.21 49.01 -18.15
C GLY A 96 20.93 49.54 -17.54
N MET A 97 19.96 49.98 -18.37
CA MET A 97 18.65 50.52 -17.92
C MET A 97 17.79 49.40 -17.37
N PRO A 98 16.86 49.69 -16.42
CA PRO A 98 15.88 48.70 -15.96
C PRO A 98 15.00 48.15 -17.10
N ARG A 99 14.77 46.83 -17.07
CA ARG A 99 14.06 46.03 -18.12
C ARG A 99 12.90 46.84 -18.71
N THR A 100 12.00 47.33 -17.86
CA THR A 100 10.71 47.98 -18.25
C THR A 100 10.97 49.35 -18.90
N ILE A 101 12.05 50.05 -18.48
CA ILE A 101 12.49 51.35 -19.08
C ILE A 101 13.16 51.05 -20.42
N ALA A 102 14.09 50.10 -20.43
CA ALA A 102 14.83 49.63 -21.63
C ALA A 102 13.84 49.35 -22.77
N TRP A 103 12.78 48.61 -22.47
CA TRP A 103 11.73 48.19 -23.44
C TRP A 103 10.92 49.40 -23.90
N MET A 104 10.54 50.29 -22.97
CA MET A 104 9.79 51.54 -23.26
C MET A 104 10.59 52.37 -24.27
N VAL A 105 11.89 52.58 -24.01
CA VAL A 105 12.83 53.32 -24.91
C VAL A 105 12.80 52.66 -26.30
N GLN A 106 13.10 51.36 -26.35
CA GLN A 106 13.18 50.54 -27.59
C GLN A 106 11.88 50.66 -28.39
N ARG A 107 10.72 50.58 -27.73
CA ARG A 107 9.39 50.59 -28.38
C ARG A 107 9.02 52.02 -28.79
N SER A 108 9.45 53.04 -28.02
CA SER A 108 9.29 54.47 -28.37
C SER A 108 10.08 54.78 -29.64
N LEU A 109 11.38 54.44 -29.64
CA LEU A 109 12.32 54.67 -30.76
C LEU A 109 11.82 53.98 -32.03
N ALA A 110 11.53 52.67 -31.95
CA ALA A 110 11.11 51.80 -33.06
C ALA A 110 9.80 52.34 -33.67
N GLN A 111 8.84 52.69 -32.81
CA GLN A 111 7.50 53.21 -33.20
C GLN A 111 7.64 54.59 -33.82
N GLU A 112 8.56 55.41 -33.30
CA GLU A 112 8.85 56.78 -33.82
C GLU A 112 9.44 56.69 -35.24
N HIS A 113 10.49 55.89 -35.43
CA HIS A 113 11.29 55.80 -36.68
C HIS A 113 10.72 54.74 -37.63
N GLY A 114 9.48 54.29 -37.41
CA GLY A 114 8.75 53.33 -38.26
C GLY A 114 9.59 52.11 -38.62
N ILE A 115 10.25 51.50 -37.63
CA ILE A 115 11.06 50.25 -37.79
C ILE A 115 10.48 49.17 -36.88
N GLU A 116 10.66 47.90 -37.27
CA GLU A 116 10.17 46.71 -36.51
C GLU A 116 10.86 46.68 -35.15
N THR A 117 10.09 46.55 -34.07
CA THR A 117 10.59 46.38 -32.68
C THR A 117 11.30 45.03 -32.59
N PRO A 118 12.63 45.01 -32.38
CA PRO A 118 13.36 43.74 -32.24
C PRO A 118 12.83 42.91 -31.06
N LYS A 119 12.73 41.58 -31.24
CA LYS A 119 12.17 40.62 -30.26
C LYS A 119 13.04 40.58 -28.99
N TYR A 120 14.34 40.90 -29.12
CA TYR A 120 15.31 40.94 -28.01
C TYR A 120 15.66 42.40 -27.69
N LEU A 121 16.30 42.63 -26.54
CA LEU A 121 16.63 43.98 -26.00
C LEU A 121 17.99 44.41 -26.58
N ALA A 122 18.00 45.50 -27.37
CA ALA A 122 19.18 46.07 -28.04
C ALA A 122 20.11 46.72 -27.01
N ASP A 123 21.40 46.87 -27.34
CA ASP A 123 22.43 47.40 -26.40
C ASP A 123 22.58 48.91 -26.61
N LEU A 124 22.46 49.38 -27.86
CA LEU A 124 22.51 50.81 -28.24
C LEU A 124 21.49 51.08 -29.37
N PHE A 125 21.23 52.36 -29.65
CA PHE A 125 20.45 52.83 -30.84
C PHE A 125 21.13 54.08 -31.41
N ASP A 126 21.64 53.98 -32.64
CA ASP A 126 22.29 55.09 -33.38
C ASP A 126 21.20 55.96 -34.00
N TYR A 127 21.11 57.24 -33.57
CA TYR A 127 20.07 58.20 -34.02
C TYR A 127 20.33 58.64 -35.47
N LYS A 128 21.60 58.65 -35.91
CA LYS A 128 21.99 59.04 -37.29
C LYS A 128 21.52 57.96 -38.28
N THR A 129 22.01 56.73 -38.09
CA THR A 129 21.67 55.51 -38.87
C THR A 129 20.18 55.18 -38.73
N LYS A 130 19.64 55.40 -37.53
CA LYS A 130 18.26 54.99 -37.12
C LYS A 130 18.17 53.47 -37.13
N ARG A 131 19.11 52.80 -36.45
CA ARG A 131 19.21 51.31 -36.35
C ARG A 131 19.65 50.95 -34.92
N PHE A 132 19.07 49.87 -34.37
CA PHE A 132 19.45 49.28 -33.07
C PHE A 132 20.80 48.57 -33.23
N ILE A 133 21.57 48.48 -32.14
CA ILE A 133 22.95 47.90 -32.14
C ILE A 133 23.08 46.87 -31.01
N GLU A 134 23.77 45.76 -31.30
CA GLU A 134 24.10 44.69 -30.32
C GLU A 134 25.62 44.62 -30.18
N VAL A 135 26.11 44.86 -28.96
CA VAL A 135 27.56 44.84 -28.60
C VAL A 135 27.91 43.45 -28.05
N GLY A 136 29.09 42.94 -28.40
CA GLY A 136 29.55 41.59 -28.03
C GLY A 136 31.00 41.57 -27.57
N ILE A 137 31.24 41.01 -26.37
CA ILE A 137 32.60 40.81 -25.78
C ILE A 137 32.85 39.30 -25.67
N THR A 138 33.68 38.76 -26.58
CA THR A 138 33.99 37.32 -26.72
C THR A 138 35.46 37.07 -26.33
N LYS A 139 35.75 35.89 -25.78
CA LYS A 139 37.11 35.46 -25.35
C LYS A 139 37.72 34.54 -26.41
N GLY A 140 37.09 34.45 -27.59
CA GLY A 140 37.58 33.66 -28.74
C GLY A 140 37.60 34.49 -30.01
N LEU A 141 36.96 34.00 -31.08
CA LEU A 141 37.00 34.60 -32.44
C LEU A 141 35.77 35.50 -32.63
N ALA A 142 35.99 36.75 -33.04
CA ALA A 142 34.94 37.77 -33.30
C ALA A 142 33.98 37.25 -34.38
N ASP A 143 34.52 36.64 -35.44
CA ASP A 143 33.76 36.11 -36.60
C ASP A 143 32.84 34.98 -36.11
N ASP A 144 33.31 34.14 -35.18
CA ASP A 144 32.52 33.04 -34.57
C ASP A 144 31.31 33.62 -33.82
N TYR A 145 31.55 34.61 -32.96
CA TYR A 145 30.51 35.29 -32.13
C TYR A 145 29.53 36.02 -33.05
N PHE A 146 30.04 36.71 -34.08
CA PHE A 146 29.27 37.51 -35.07
C PHE A 146 28.16 36.64 -35.68
N TRP A 147 28.56 35.56 -36.36
CA TRP A 147 27.68 34.65 -37.15
C TRP A 147 26.76 33.84 -36.22
N LYS A 148 27.20 33.57 -34.98
CA LYS A 148 26.39 32.84 -33.97
C LYS A 148 25.25 33.74 -33.48
N LYS A 149 25.47 35.05 -33.35
CA LYS A 149 24.44 36.04 -32.95
C LYS A 149 23.66 36.53 -34.17
N LYS A 150 24.23 36.40 -35.37
CA LYS A 150 23.55 36.70 -36.67
C LYS A 150 22.38 35.73 -36.89
N GLU A 151 22.50 34.49 -36.39
CA GLU A 151 21.44 33.44 -36.48
C GLU A 151 20.30 33.77 -35.50
N LYS A 152 20.65 34.23 -34.29
CA LYS A 152 19.74 34.47 -33.14
C LYS A 152 19.03 35.83 -33.28
N LEU A 153 19.74 36.87 -33.76
CA LEU A 153 19.19 38.26 -33.86
C LEU A 153 18.75 38.60 -35.28
N GLY A 154 19.08 37.76 -36.27
CA GLY A 154 18.75 37.99 -37.70
C GLY A 154 19.43 39.25 -38.20
N ASN A 155 18.65 40.21 -38.73
CA ASN A 155 19.13 41.53 -39.23
C ASN A 155 18.30 42.64 -38.58
N SER A 156 17.83 42.41 -37.35
CA SER A 156 17.08 43.40 -36.53
C SER A 156 18.02 44.52 -36.10
N MET A 157 19.23 44.17 -35.66
CA MET A 157 20.25 45.09 -35.10
C MET A 157 21.55 45.02 -35.90
N GLU A 158 22.33 46.10 -35.87
CA GLU A 158 23.75 46.13 -36.34
C GLU A 158 24.61 45.52 -35.23
N LEU A 159 25.67 44.79 -35.59
CA LEU A 159 26.53 44.07 -34.61
C LEU A 159 27.84 44.84 -34.41
N MET A 160 28.30 44.96 -33.15
CA MET A 160 29.63 45.55 -32.81
C MET A 160 30.39 44.61 -31.87
N ILE A 161 31.11 43.63 -32.43
CA ILE A 161 31.78 42.52 -31.68
C ILE A 161 33.27 42.87 -31.50
N PHE A 162 33.76 42.72 -30.26
CA PHE A 162 35.19 42.93 -29.86
C PHE A 162 35.65 41.73 -29.05
N SER A 163 36.91 41.28 -29.25
CA SER A 163 37.52 40.12 -28.56
C SER A 163 38.81 40.54 -27.85
N TYR A 164 39.20 39.78 -26.82
CA TYR A 164 40.39 40.03 -25.95
C TYR A 164 41.68 39.72 -26.72
N ASN A 165 41.58 39.08 -27.90
CA ASN A 165 42.74 38.71 -28.76
C ASN A 165 42.73 39.60 -30.02
N GLN A 166 42.28 40.86 -29.88
CA GLN A 166 42.44 41.96 -30.88
C GLN A 166 41.58 41.72 -32.13
N ASP A 167 40.80 40.64 -32.19
CA ASP A 167 39.88 40.35 -33.32
C ASP A 167 38.60 41.15 -33.10
N TYR A 168 38.25 42.01 -34.07
CA TYR A 168 37.06 42.90 -34.05
C TYR A 168 36.15 42.54 -35.24
N SER A 169 34.83 42.76 -35.09
CA SER A 169 33.82 42.50 -36.15
C SER A 169 32.67 43.51 -36.06
N LEU A 170 32.63 44.46 -37.00
CA LEU A 170 31.54 45.46 -37.14
C LEU A 170 30.79 45.20 -38.45
N SER A 171 29.45 45.27 -38.43
CA SER A 171 28.57 45.15 -39.61
C SER A 171 28.66 46.42 -40.47
N ASN A 172 29.05 47.56 -39.87
CA ASN A 172 29.36 48.83 -40.58
C ASN A 172 30.53 49.54 -39.89
N GLU A 173 31.66 49.69 -40.61
CA GLU A 173 32.93 50.25 -40.06
C GLU A 173 32.80 51.77 -39.88
N SER A 174 31.95 52.45 -40.67
CA SER A 174 31.76 53.92 -40.67
C SER A 174 30.91 54.36 -39.47
N SER A 175 30.40 53.42 -38.67
CA SER A 175 29.75 53.66 -37.35
C SER A 175 30.78 54.22 -36.35
N LEU A 176 31.89 53.48 -36.13
CA LEU A 176 32.96 53.81 -35.15
C LEU A 176 34.30 53.94 -35.88
N ASP A 177 35.04 55.03 -35.61
CA ASP A 177 36.38 55.33 -36.19
C ASP A 177 37.45 54.60 -35.37
N GLU A 178 38.66 54.43 -35.93
CA GLU A 178 39.78 53.61 -35.37
C GLU A 178 40.25 54.16 -34.01
N GLU A 179 39.82 55.38 -33.64
CA GLU A 179 40.04 55.99 -32.30
C GLU A 179 39.43 55.10 -31.21
N GLY A 180 38.10 55.03 -31.16
CA GLY A 180 37.34 54.22 -30.18
C GLY A 180 37.66 52.74 -30.31
N LYS A 181 37.77 52.26 -31.55
CA LYS A 181 38.15 50.87 -31.91
C LYS A 181 39.37 50.46 -31.08
N GLY A 182 40.44 51.25 -31.14
CA GLY A 182 41.70 51.03 -30.40
C GLY A 182 41.50 51.17 -28.91
N ARG A 183 40.74 52.18 -28.48
CA ARG A 183 40.40 52.43 -27.04
C ARG A 183 39.77 51.17 -26.44
N VAL A 184 38.86 50.51 -27.18
CA VAL A 184 38.10 49.31 -26.72
C VAL A 184 39.07 48.14 -26.53
N LEU A 185 39.84 47.81 -27.57
CA LEU A 185 40.81 46.68 -27.62
C LEU A 185 41.96 46.93 -26.62
N SER A 186 42.29 48.20 -26.33
CA SER A 186 43.28 48.58 -25.27
C SER A 186 42.80 48.08 -23.91
N ARG A 187 41.61 48.52 -23.49
CA ARG A 187 40.98 48.18 -22.18
C ARG A 187 40.87 46.67 -22.03
N LEU A 188 40.36 45.99 -23.06
CA LEU A 188 40.14 44.51 -23.10
C LEU A 188 41.45 43.79 -22.74
N THR A 189 42.56 44.13 -23.41
CA THR A 189 43.90 43.50 -23.21
C THR A 189 44.50 43.96 -21.88
N GLU A 190 44.33 45.24 -21.53
CA GLU A 190 44.79 45.82 -20.24
C GLU A 190 44.20 45.00 -19.09
N LEU A 191 42.88 44.72 -19.13
CA LEU A 191 42.17 43.91 -18.10
C LEU A 191 42.65 42.46 -18.11
N GLN A 192 42.88 41.89 -19.30
CA GLN A 192 43.37 40.49 -19.50
C GLN A 192 44.74 40.34 -18.84
N ALA A 193 45.66 41.28 -19.08
CA ALA A 193 47.01 41.33 -18.50
C ALA A 193 46.92 41.63 -17.00
N GLU A 194 46.01 42.52 -16.58
CA GLU A 194 45.79 42.87 -15.14
C GLU A 194 45.28 41.64 -14.35
N LEU A 195 44.36 40.87 -14.94
CA LEU A 195 43.73 39.69 -14.30
C LEU A 195 44.76 38.56 -14.13
N SER A 196 45.62 38.35 -15.14
CA SER A 196 46.69 37.32 -15.15
C SER A 196 47.80 37.70 -14.15
N LEU A 197 48.00 38.99 -13.94
CA LEU A 197 49.06 39.57 -13.05
C LEU A 197 48.73 39.23 -11.60
N LYS A 198 47.44 39.22 -11.22
CA LYS A 198 46.96 38.97 -9.83
C LYS A 198 46.35 37.57 -9.72
N ASN A 199 46.50 36.73 -10.74
CA ASN A 199 45.99 35.33 -10.82
C ASN A 199 44.48 35.30 -10.57
N LEU A 200 43.68 35.85 -11.50
CA LEU A 200 42.20 35.86 -11.40
C LEU A 200 41.53 35.63 -12.78
N TRP A 201 42.30 35.52 -13.86
CA TRP A 201 41.80 35.18 -15.22
C TRP A 201 41.27 33.74 -15.23
N GLN A 202 41.84 32.89 -14.38
CA GLN A 202 41.41 31.47 -14.14
C GLN A 202 39.91 31.41 -13.81
N VAL A 203 39.39 32.39 -13.07
CA VAL A 203 37.98 32.44 -12.58
C VAL A 203 37.06 32.72 -13.77
N LEU A 204 37.49 33.58 -14.71
CA LEU A 204 36.70 34.04 -15.88
C LEU A 204 36.51 32.88 -16.87
N ILE A 205 37.56 32.09 -17.12
CA ILE A 205 37.57 30.96 -18.11
C ILE A 205 36.84 29.76 -17.51
N GLY A 206 37.18 29.38 -16.28
CA GLY A 206 36.67 28.18 -15.58
C GLY A 206 35.19 28.27 -15.28
N ASP A 209 27.39 28.37 -13.12
CA ASP A 209 25.96 28.66 -12.79
C ASP A 209 25.50 27.71 -11.69
N VAL A 210 25.35 28.23 -10.46
CA VAL A 210 24.87 27.49 -9.26
C VAL A 210 23.34 27.58 -9.21
N GLU A 211 22.68 26.57 -8.62
CA GLU A 211 21.21 26.50 -8.45
C GLU A 211 20.78 27.43 -7.32
N LYS A 212 19.97 28.45 -7.65
CA LYS A 212 19.54 29.55 -6.74
C LYS A 212 18.34 29.08 -5.91
N GLY A 213 18.61 28.33 -4.84
CA GLY A 213 17.61 27.88 -3.85
C GLY A 213 16.97 29.06 -3.13
N ILE A 214 15.65 29.00 -2.93
CA ILE A 214 14.83 30.10 -2.34
C ILE A 214 15.27 30.28 -0.88
N ASP A 215 15.53 31.53 -0.49
CA ASP A 215 16.06 31.91 0.84
C ASP A 215 14.88 32.29 1.75
N PHE A 216 14.64 31.51 2.81
CA PHE A 216 13.63 31.79 3.86
C PHE A 216 14.14 31.29 5.22
N LYS A 217 14.83 32.17 5.95
CA LYS A 217 15.50 31.87 7.25
C LYS A 217 14.59 32.29 8.40
N LEU A 218 14.42 31.44 9.42
CA LEU A 218 13.66 31.74 10.65
C LEU A 218 14.61 32.26 11.74
N GLY A 219 14.35 33.47 12.26
CA GLY A 219 15.15 34.11 13.31
C GLY A 219 14.94 33.46 14.66
N GLN A 220 15.59 34.01 15.69
CA GLN A 220 15.54 33.52 17.10
C GLN A 220 14.09 33.51 17.59
N THR A 221 13.41 34.67 17.50
CA THR A 221 12.08 34.94 18.10
C THR A 221 11.03 34.00 17.51
N ILE A 222 10.94 33.93 16.17
CA ILE A 222 9.91 33.13 15.44
C ILE A 222 10.16 31.63 15.68
N SER A 223 11.43 31.21 15.69
CA SER A 223 11.85 29.81 15.94
C SER A 223 11.44 29.40 17.36
N ARG A 224 11.64 30.28 18.35
CA ARG A 224 11.27 30.06 19.76
C ARG A 224 9.74 30.01 19.88
N LEU A 225 9.06 30.94 19.20
CA LEU A 225 7.57 30.98 19.11
C LEU A 225 7.06 29.66 18.53
N ARG A 226 7.73 29.12 17.49
CA ARG A 226 7.35 27.84 16.85
C ARG A 226 7.60 26.68 17.82
N ASP A 227 8.70 26.73 18.59
CA ASP A 227 9.06 25.66 19.57
C ASP A 227 7.97 25.55 20.65
N ILE A 228 7.37 26.67 21.06
CA ILE A 228 6.31 26.72 22.11
C ILE A 228 4.92 26.69 21.46
N SER A 229 4.82 26.39 20.16
CA SER A 229 3.56 26.27 19.38
C SER A 229 3.26 24.80 19.07
N VAL A 230 3.97 23.86 19.71
CA VAL A 230 3.87 22.40 19.44
C VAL A 230 2.84 21.78 20.37
N PRO A 231 2.10 20.73 19.94
CA PRO A 231 1.19 20.02 20.83
C PRO A 231 1.90 19.42 22.07
N ALA A 232 1.13 19.12 23.11
CA ALA A 232 1.61 18.51 24.38
C ALA A 232 2.25 17.15 24.08
N GLY A 233 3.51 16.98 24.46
CA GLY A 233 4.30 15.74 24.22
C GLY A 233 5.65 16.04 23.60
N PHE A 234 5.77 17.11 22.81
CA PHE A 234 6.99 17.45 22.04
C PHE A 234 7.80 18.52 22.79
N SER A 235 9.13 18.35 22.84
CA SER A 235 10.10 19.25 23.51
C SER A 235 10.26 20.53 22.67
N ASN A 236 10.32 20.38 21.34
CA ASN A 236 10.54 21.47 20.36
C ASN A 236 9.81 21.13 19.06
N PHE A 237 9.96 21.96 18.03
CA PHE A 237 9.30 21.79 16.71
C PHE A 237 9.96 20.64 15.93
N GLU A 238 11.28 20.52 16.00
CA GLU A 238 12.06 19.45 15.31
C GLU A 238 11.45 18.08 15.63
N GLY A 239 11.11 17.85 16.90
CA GLY A 239 10.44 16.63 17.39
C GLY A 239 9.06 16.46 16.77
N MET A 240 8.32 17.57 16.57
CA MET A 240 6.96 17.58 15.97
C MET A 240 7.06 17.22 14.48
N ARG A 241 7.98 17.87 13.75
CA ARG A 241 8.20 17.66 12.30
C ARG A 241 8.60 16.20 12.04
N SER A 242 9.53 15.65 12.84
CA SER A 242 10.02 14.24 12.71
C SER A 242 8.85 13.27 12.92
N TYR A 243 8.10 13.44 14.01
CA TYR A 243 6.97 12.56 14.42
C TYR A 243 5.97 12.46 13.25
N ILE A 244 5.44 13.61 12.81
CA ILE A 244 4.44 13.74 11.72
C ILE A 244 4.98 13.06 10.46
N ASP A 245 6.27 13.26 10.16
CA ASP A 245 6.95 12.72 8.94
C ASP A 245 7.10 11.20 9.03
N ASN A 246 7.42 10.67 10.22
CA ASN A 246 8.00 9.31 10.37
C ASN A 246 6.98 8.29 10.90
N ILE A 247 6.10 8.66 11.83
CA ILE A 247 5.24 7.68 12.56
C ILE A 247 3.94 7.43 11.77
N ASP A 248 3.47 6.18 11.79
CA ASP A 248 2.17 5.74 11.20
C ASP A 248 1.12 5.72 12.30
N PRO A 249 0.10 6.61 12.25
CA PRO A 249 -0.92 6.68 13.30
C PRO A 249 -2.15 5.80 13.04
N LYS A 250 -1.96 4.62 12.42
CA LYS A 250 -3.05 3.69 12.06
C LYS A 250 -3.67 3.13 13.36
N GLY A 251 -5.00 3.09 13.43
CA GLY A 251 -5.76 2.52 14.57
C GLY A 251 -6.02 3.53 15.68
N ALA A 252 -5.42 4.73 15.62
CA ALA A 252 -5.46 5.78 16.66
C ALA A 252 -6.91 6.20 16.96
N ILE A 253 -7.71 6.43 15.91
CA ILE A 253 -9.13 6.87 16.02
C ILE A 253 -9.91 5.83 16.81
N GLU A 254 -9.82 4.55 16.42
CA GLU A 254 -10.52 3.42 17.09
C GLU A 254 -9.96 3.21 18.49
N ARG A 255 -8.65 3.44 18.68
CA ARG A 255 -7.96 3.39 19.99
C ARG A 255 -8.63 4.40 20.95
N ASN A 256 -8.66 5.67 20.55
CA ASN A 256 -9.24 6.77 21.36
C ASN A 256 -10.76 6.57 21.52
N LEU A 257 -11.44 6.19 20.45
CA LEU A 257 -12.92 5.96 20.46
C LEU A 257 -13.28 4.83 21.43
N ALA A 258 -12.39 3.84 21.57
CA ALA A 258 -12.57 2.69 22.50
C ALA A 258 -12.50 3.20 23.95
N ARG A 259 -11.55 4.09 24.25
CA ARG A 259 -11.27 4.52 25.65
C ARG A 259 -12.06 5.78 26.01
N MET A 260 -12.67 6.47 25.04
CA MET A 260 -13.54 7.65 25.32
C MET A 260 -14.80 7.18 26.05
N SER A 261 -15.25 7.96 27.04
CA SER A 261 -16.37 7.64 27.96
C SER A 261 -17.68 7.45 27.18
N PRO A 262 -18.55 6.51 27.60
CA PRO A 262 -19.91 6.42 27.05
C PRO A 262 -20.74 7.67 27.33
N LEU A 263 -20.31 8.50 28.30
CA LEU A 263 -20.94 9.79 28.67
C LEU A 263 -20.81 10.80 27.52
N VAL A 264 -19.84 10.61 26.62
CA VAL A 264 -19.75 11.38 25.34
C VAL A 264 -20.63 10.68 24.31
N SER A 265 -21.88 11.14 24.17
CA SER A 265 -22.94 10.54 23.32
C SER A 265 -23.75 11.65 22.63
N VAL A 266 -24.26 11.35 21.43
CA VAL A 266 -25.12 12.28 20.62
C VAL A 266 -26.59 12.08 21.02
N THR A 267 -26.86 11.13 21.92
CA THR A 267 -28.19 10.83 22.55
C THR A 267 -29.31 10.90 21.51
N PRO A 268 -29.34 9.99 20.51
CA PRO A 268 -30.45 9.91 19.57
C PRO A 268 -31.81 9.67 20.24
N LYS A 269 -32.83 10.43 19.84
CA LYS A 269 -34.24 10.23 20.26
C LYS A 269 -35.14 10.36 19.03
N LYS A 270 -35.83 9.28 18.64
CA LYS A 270 -36.80 9.29 17.51
C LYS A 270 -37.96 10.21 17.90
N LEU A 271 -38.19 11.27 17.12
CA LEU A 271 -39.21 12.32 17.42
C LEU A 271 -40.61 11.74 17.19
N THR A 272 -41.53 12.04 18.09
CA THR A 272 -42.99 11.76 17.99
C THR A 272 -43.74 13.07 18.14
N TRP A 273 -44.99 13.14 17.69
CA TRP A 273 -45.89 14.31 17.85
C TRP A 273 -46.02 14.66 19.33
N GLU A 274 -46.01 13.65 20.21
CA GLU A 274 -46.24 13.82 21.68
C GLU A 274 -45.09 14.65 22.26
N ASP A 275 -43.87 14.50 21.70
CA ASP A 275 -42.64 15.20 22.16
C ASP A 275 -42.77 16.71 21.88
N LEU A 276 -43.48 17.08 20.81
CA LEU A 276 -43.66 18.50 20.40
C LEU A 276 -44.72 19.16 21.30
N ARG A 277 -44.30 19.58 22.49
CA ARG A 277 -45.11 20.36 23.46
C ARG A 277 -45.22 21.80 22.94
N PRO A 278 -46.25 22.58 23.35
CA PRO A 278 -46.37 23.98 22.96
C PRO A 278 -45.15 24.80 23.39
N ILE A 279 -44.73 25.75 22.54
CA ILE A 279 -43.56 26.63 22.78
C ILE A 279 -44.01 27.82 23.63
N GLY A 280 -43.13 28.28 24.53
CA GLY A 280 -43.34 29.44 25.41
C GLY A 280 -44.65 29.37 26.18
N PRO A 281 -44.86 28.37 27.06
CA PRO A 281 -46.10 28.22 27.82
C PRO A 281 -46.42 29.40 28.75
N HIS A 282 -45.43 30.25 29.05
CA HIS A 282 -45.59 31.45 29.92
C HIS A 282 -46.51 32.49 29.27
N ILE A 283 -46.65 32.49 27.94
CA ILE A 283 -47.48 33.48 27.19
C ILE A 283 -48.96 33.28 27.54
N TYR A 284 -49.31 32.19 28.23
CA TYR A 284 -50.67 31.88 28.73
C TYR A 284 -50.82 32.27 30.22
N ASN A 285 -49.75 32.78 30.84
CA ASN A 285 -49.70 33.14 32.28
C ASN A 285 -50.31 34.54 32.48
N HIS A 286 -51.44 34.61 33.21
CA HIS A 286 -52.26 35.84 33.40
C HIS A 286 -51.65 36.75 34.47
N GLU A 287 -50.61 36.31 35.18
CA GLU A 287 -49.81 37.15 36.11
C GLU A 287 -49.00 38.17 35.30
N LEU A 288 -48.51 37.77 34.14
CA LEU A 288 -47.67 38.62 33.24
C LEU A 288 -48.55 39.72 32.64
N PRO A 289 -47.99 40.92 32.37
CA PRO A 289 -48.75 41.96 31.66
C PRO A 289 -48.97 41.51 30.21
N GLU A 290 -50.12 41.83 29.63
CA GLU A 290 -50.39 41.57 28.19
C GLU A 290 -49.50 42.53 27.39
N VAL A 291 -48.79 42.02 26.38
CA VAL A 291 -47.77 42.78 25.60
C VAL A 291 -48.40 44.06 25.07
N PRO A 292 -47.82 45.24 25.34
CA PRO A 292 -48.39 46.51 24.87
C PRO A 292 -47.97 46.87 23.42
N TYR A 293 -48.77 47.71 22.77
CA TYR A 293 -48.46 48.30 21.44
C TYR A 293 -47.19 49.14 21.56
N ASN A 294 -46.21 48.88 20.69
CA ASN A 294 -44.85 49.49 20.75
C ASN A 294 -44.39 49.95 19.36
N ALA A 295 -45.28 49.94 18.35
CA ALA A 295 -44.96 50.31 16.96
C ALA A 295 -44.70 51.83 16.89
N PHE A 296 -44.10 52.30 15.80
CA PHE A 296 -43.69 53.70 15.60
C PHE A 296 -44.92 54.57 15.31
N LEU A 297 -45.89 54.01 14.59
CA LEU A 297 -47.18 54.68 14.23
C LEU A 297 -48.33 53.71 14.48
N LEU A 298 -49.56 54.23 14.58
CA LEU A 298 -50.80 53.41 14.64
C LEU A 298 -50.95 52.67 13.32
N MET A 299 -51.74 51.59 13.30
CA MET A 299 -52.00 50.78 12.08
C MET A 299 -53.51 50.66 11.88
N SER A 300 -54.16 49.63 12.42
CA SER A 300 -55.63 49.40 12.25
C SER A 300 -56.41 50.53 12.91
N ASP A 301 -55.88 51.11 13.99
CA ASP A 301 -56.52 52.20 14.78
C ASP A 301 -56.23 53.57 14.15
N GLU A 302 -55.56 53.64 12.99
CA GLU A 302 -55.26 54.95 12.34
C GLU A 302 -56.57 55.62 11.92
N LEU A 303 -56.61 56.96 11.93
CA LEU A 303 -57.66 57.76 11.27
C LEU A 303 -56.99 58.89 10.48
N GLY A 304 -57.19 58.89 9.16
CA GLY A 304 -56.71 59.94 8.25
C GLY A 304 -57.84 60.89 7.91
N LEU A 305 -57.63 62.20 8.08
CA LEU A 305 -58.59 63.25 7.67
C LEU A 305 -58.43 63.50 6.16
N ALA A 306 -59.44 63.09 5.38
CA ALA A 306 -59.42 63.06 3.90
C ALA A 306 -59.68 64.46 3.33
N ASN A 307 -58.98 64.81 2.26
CA ASN A 307 -59.14 66.10 1.52
C ASN A 307 -58.75 65.85 0.07
N MET A 308 -59.62 66.22 -0.87
CA MET A 308 -59.44 65.98 -2.32
C MET A 308 -58.16 66.69 -2.77
N THR A 309 -57.30 66.00 -3.52
CA THR A 309 -56.09 66.58 -4.16
C THR A 309 -56.55 67.24 -5.45
N GLU A 310 -56.10 68.47 -5.73
CA GLU A 310 -56.36 69.19 -7.00
C GLU A 310 -55.37 68.71 -8.08
N GLY A 311 -54.96 67.43 -8.02
CA GLY A 311 -54.02 66.79 -8.96
C GLY A 311 -52.58 66.87 -8.47
N LYS A 312 -52.17 68.05 -7.97
CA LYS A 312 -50.77 68.38 -7.58
C LYS A 312 -50.36 67.63 -6.32
N SER A 313 -49.05 67.58 -6.06
CA SER A 313 -48.41 67.04 -4.84
C SER A 313 -47.79 68.19 -4.04
N LYS A 314 -48.65 69.00 -3.41
CA LYS A 314 -48.31 70.27 -2.70
C LYS A 314 -47.45 69.97 -1.46
N LYS A 315 -46.90 71.02 -0.84
CA LYS A 315 -45.96 70.94 0.31
C LYS A 315 -46.65 70.26 1.49
N PRO A 316 -45.91 69.42 2.27
CA PRO A 316 -46.49 68.69 3.40
C PRO A 316 -47.19 69.60 4.42
N LYS A 317 -46.58 70.74 4.75
CA LYS A 317 -47.14 71.77 5.67
C LYS A 317 -48.45 72.32 5.08
N THR A 318 -48.42 72.67 3.78
CA THR A 318 -49.56 73.24 3.01
C THR A 318 -50.71 72.23 3.00
N LEU A 319 -50.45 70.98 2.64
CA LEU A 319 -51.50 69.94 2.47
C LEU A 319 -52.13 69.64 3.84
N ALA A 320 -51.34 69.68 4.91
CA ALA A 320 -51.80 69.50 6.32
C ALA A 320 -52.66 70.70 6.72
N LYS A 321 -52.15 71.91 6.49
CA LYS A 321 -52.89 73.19 6.71
C LYS A 321 -54.27 73.09 6.02
N GLU A 322 -54.26 72.77 4.73
CA GLU A 322 -55.49 72.71 3.88
C GLU A 322 -56.45 71.63 4.39
N CYS A 323 -55.92 70.49 4.86
N CYS A 323 -55.92 70.49 4.86
CA CYS A 323 -56.71 69.38 5.44
CA CYS A 323 -56.70 69.37 5.44
C CYS A 323 -57.33 69.81 6.77
C CYS A 323 -57.33 69.81 6.77
N LEU A 324 -56.55 70.46 7.64
CA LEU A 324 -57.01 70.93 8.97
C LEU A 324 -58.10 72.01 8.81
N GLU A 325 -57.99 72.86 7.79
CA GLU A 325 -58.99 73.92 7.47
C GLU A 325 -60.36 73.28 7.22
N LYS A 326 -60.41 72.08 6.64
CA LYS A 326 -61.67 71.38 6.26
C LYS A 326 -62.28 70.66 7.47
N TYR A 327 -61.45 70.25 8.44
CA TYR A 327 -61.89 69.67 9.74
C TYR A 327 -61.57 70.67 10.85
N SER A 328 -61.97 71.93 10.63
CA SER A 328 -61.68 73.13 11.46
C SER A 328 -62.05 72.89 12.93
N THR A 329 -63.15 72.19 13.20
CA THR A 329 -63.66 71.93 14.58
C THR A 329 -62.60 71.17 15.38
N LEU A 330 -62.07 70.08 14.82
CA LEU A 330 -61.00 69.25 15.45
C LEU A 330 -59.73 70.10 15.58
N ARG A 331 -59.41 70.88 14.56
CA ARG A 331 -58.21 71.75 14.50
C ARG A 331 -58.27 72.81 15.62
N ASP A 332 -59.45 73.37 15.88
CA ASP A 332 -59.66 74.56 16.75
C ASP A 332 -59.90 74.15 18.20
N GLN A 333 -60.11 72.85 18.48
CA GLN A 333 -60.36 72.33 19.85
C GLN A 333 -59.22 72.77 20.77
N THR A 334 -59.54 73.54 21.82
CA THR A 334 -58.60 74.01 22.87
C THR A 334 -59.02 73.48 24.25
N ASP A 335 -60.19 72.83 24.35
CA ASP A 335 -60.76 72.26 25.61
C ASP A 335 -60.94 70.75 25.43
N PRO A 336 -59.84 69.96 25.43
CA PRO A 336 -59.94 68.51 25.27
C PRO A 336 -60.16 67.78 26.61
N ILE A 337 -60.77 66.59 26.55
CA ILE A 337 -60.98 65.67 27.71
C ILE A 337 -59.85 64.64 27.71
N LEU A 338 -59.00 64.65 28.74
CA LEU A 338 -57.94 63.63 28.94
C LEU A 338 -58.63 62.29 29.26
N ILE A 339 -58.43 61.29 28.40
CA ILE A 339 -59.06 59.94 28.52
C ILE A 339 -58.08 58.97 29.18
N MET A 340 -56.81 59.02 28.76
CA MET A 340 -55.74 58.08 29.16
C MET A 340 -54.43 58.86 29.34
N LYS A 341 -53.62 58.51 30.35
CA LYS A 341 -52.30 59.13 30.61
C LYS A 341 -51.25 58.04 30.80
N SER A 342 -50.16 58.11 30.03
CA SER A 342 -48.96 57.23 30.16
C SER A 342 -48.21 57.62 31.44
N GLU A 343 -47.76 56.61 32.20
CA GLU A 343 -47.25 56.73 33.60
C GLU A 343 -46.42 58.01 33.76
N LYS A 344 -45.44 58.23 32.89
CA LYS A 344 -44.38 59.27 33.06
C LYS A 344 -44.60 60.43 32.06
N ALA A 345 -45.78 60.51 31.45
CA ALA A 345 -46.12 61.57 30.46
C ALA A 345 -46.68 62.80 31.18
N ASN A 346 -46.26 63.99 30.74
CA ASN A 346 -46.80 65.31 31.15
C ASN A 346 -47.90 65.71 30.14
N GLU A 347 -49.17 65.55 30.55
CA GLU A 347 -50.36 65.76 29.67
C GLU A 347 -50.34 67.19 29.13
N ASN A 348 -50.22 68.18 30.03
CA ASN A 348 -50.18 69.63 29.71
C ASN A 348 -49.14 69.87 28.61
N PHE A 349 -47.88 69.54 28.89
CA PHE A 349 -46.71 69.70 27.99
C PHE A 349 -47.01 69.08 26.61
N LEU A 350 -47.62 67.88 26.58
CA LEU A 350 -48.01 67.19 25.33
C LEU A 350 -49.08 68.02 24.59
N TRP A 351 -50.17 68.38 25.29
CA TRP A 351 -51.28 69.15 24.67
C TRP A 351 -50.75 70.48 24.12
N LYS A 352 -49.93 71.19 24.89
CA LYS A 352 -49.27 72.46 24.46
C LYS A 352 -48.49 72.19 23.18
N LEU A 353 -47.74 71.08 23.13
CA LEU A 353 -46.91 70.70 21.96
C LEU A 353 -47.81 70.40 20.76
N TRP A 354 -48.96 69.74 20.98
CA TRP A 354 -49.98 69.51 19.91
C TRP A 354 -50.47 70.86 19.36
N ARG A 355 -50.85 71.78 20.25
CA ARG A 355 -51.35 73.13 19.89
C ARG A 355 -50.26 73.89 19.13
N ASP A 356 -49.00 73.81 19.57
CA ASP A 356 -47.85 74.46 18.90
C ASP A 356 -47.74 73.91 17.46
N CYS A 357 -47.83 72.59 17.29
CA CYS A 357 -47.81 71.88 15.99
C CYS A 357 -48.94 72.40 15.09
N VAL A 358 -50.18 72.35 15.58
CA VAL A 358 -51.40 72.79 14.83
C VAL A 358 -51.23 74.26 14.43
N ASN A 359 -50.86 75.11 15.38
CA ASN A 359 -50.71 76.58 15.19
C ASN A 359 -49.58 76.85 14.18
N THR A 360 -48.47 76.13 14.27
CA THR A 360 -47.32 76.28 13.34
C THR A 360 -47.74 75.82 11.93
N ILE A 361 -48.29 74.61 11.81
CA ILE A 361 -48.69 74.03 10.48
C ILE A 361 -49.73 74.94 9.83
N SER A 362 -50.59 75.59 10.62
CA SER A 362 -51.73 76.42 10.14
C SER A 362 -51.33 77.89 9.89
N ASN A 363 -50.11 78.30 10.27
CA ASN A 363 -49.69 79.73 10.13
C ASN A 363 -49.24 79.99 8.68
N GLU A 364 -49.03 81.26 8.34
CA GLU A 364 -48.84 81.76 6.95
C GLU A 364 -47.34 81.74 6.57
N GLU A 365 -46.48 81.20 7.45
CA GLU A 365 -45.01 81.07 7.21
C GLU A 365 -44.74 79.72 6.54
N MET A 366 -43.64 79.60 5.79
CA MET A 366 -43.27 78.34 5.07
C MET A 366 -42.50 77.41 6.02
N SER A 367 -41.88 77.95 7.08
CA SER A 367 -41.07 77.19 8.07
C SER A 367 -41.97 76.33 8.96
N ASN A 368 -41.53 75.09 9.22
CA ASN A 368 -42.23 74.08 10.07
C ASN A 368 -41.41 73.83 11.35
N GLU A 369 -40.57 74.80 11.73
CA GLU A 369 -39.72 74.76 12.94
C GLU A 369 -40.57 75.16 14.16
N LEU A 370 -40.44 74.40 15.25
CA LEU A 370 -41.01 74.75 16.58
C LEU A 370 -39.91 75.37 17.44
N GLN A 371 -40.24 76.40 18.22
CA GLN A 371 -39.35 76.98 19.25
C GLN A 371 -39.09 75.91 20.32
N LYS A 372 -37.86 75.85 20.84
CA LYS A 372 -37.44 74.90 21.89
C LYS A 372 -37.99 75.41 23.23
N THR A 373 -39.31 75.29 23.41
CA THR A 373 -40.07 75.67 24.62
C THR A 373 -39.80 74.63 25.71
N ASN A 374 -40.21 74.92 26.94
CA ASN A 374 -40.04 74.01 28.12
C ASN A 374 -40.76 72.69 27.86
N TYR A 375 -41.91 72.71 27.16
CA TYR A 375 -42.74 71.51 26.87
C TYR A 375 -42.11 70.70 25.73
N ALA A 376 -41.62 71.37 24.69
CA ALA A 376 -40.92 70.73 23.54
C ALA A 376 -39.62 70.09 24.05
N LYS A 377 -38.83 70.85 24.83
CA LYS A 377 -37.56 70.39 25.46
C LYS A 377 -37.82 69.10 26.26
N TRP A 378 -38.91 69.06 27.04
CA TRP A 378 -39.27 67.88 27.87
C TRP A 378 -39.61 66.70 26.96
N ALA A 379 -40.49 66.93 25.97
CA ALA A 379 -41.02 65.91 25.04
C ALA A 379 -39.88 65.31 24.21
N THR A 380 -38.91 66.14 23.81
CA THR A 380 -37.79 65.82 22.88
C THR A 380 -36.64 65.15 23.64
N GLY A 381 -36.60 65.27 24.98
CA GLY A 381 -35.48 64.80 25.81
C GLY A 381 -34.26 65.71 25.71
N ASP A 382 -34.48 67.02 25.80
CA ASP A 382 -33.40 68.04 25.78
C ASP A 382 -32.49 67.84 27.00
N GLY A 383 -31.18 67.82 26.76
CA GLY A 383 -30.10 67.82 27.78
C GLY A 383 -30.18 66.64 28.74
N LEU A 384 -30.55 65.45 28.24
CA LEU A 384 -30.73 64.23 29.08
C LEU A 384 -29.50 63.31 29.01
N THR A 385 -28.59 63.52 28.06
CA THR A 385 -27.34 62.71 27.98
C THR A 385 -26.47 63.05 29.19
N TYR A 386 -25.97 62.02 29.87
CA TYR A 386 -25.06 62.12 31.05
C TYR A 386 -23.78 62.84 30.59
N GLN A 387 -23.17 63.62 31.49
CA GLN A 387 -21.89 64.34 31.24
C GLN A 387 -20.73 63.34 31.29
N LYS A 388 -19.84 63.38 30.31
CA LYS A 388 -18.61 62.54 30.28
C LYS A 388 -17.52 63.26 31.07
N ILE A 389 -17.17 62.74 32.25
CA ILE A 389 -16.05 63.23 33.10
C ILE A 389 -14.79 62.42 32.75
N MET A 390 -13.63 62.84 33.26
CA MET A 390 -12.31 62.19 33.04
C MET A 390 -12.29 60.86 33.80
N LYS A 391 -11.62 59.84 33.25
CA LYS A 391 -11.58 58.46 33.81
C LYS A 391 -11.03 58.49 35.25
N GLU A 392 -10.06 59.37 35.51
CA GLU A 392 -9.34 59.47 36.81
C GLU A 392 -10.34 59.84 37.91
N VAL A 393 -11.16 60.86 37.65
CA VAL A 393 -12.24 61.36 38.56
C VAL A 393 -13.24 60.22 38.81
N ALA A 394 -13.65 59.52 37.74
CA ALA A 394 -14.64 58.42 37.77
C ALA A 394 -14.12 57.26 38.62
N ILE A 395 -12.85 56.87 38.39
CA ILE A 395 -12.15 55.80 39.16
C ILE A 395 -12.16 56.18 40.65
N ASP A 396 -11.83 57.43 40.97
CA ASP A 396 -11.73 57.94 42.37
C ASP A 396 -13.14 58.09 42.97
N ASP A 397 -14.17 58.29 42.14
CA ASP A 397 -15.58 58.42 42.60
C ASP A 397 -16.18 57.03 42.85
N GLU A 398 -16.39 56.67 44.13
CA GLU A 398 -16.86 55.33 44.58
C GLU A 398 -18.30 55.06 44.12
N THR A 399 -19.14 56.11 44.06
CA THR A 399 -20.60 56.00 43.77
C THR A 399 -20.83 55.63 42.29
N MET A 400 -19.86 55.88 41.41
CA MET A 400 -19.97 55.59 39.95
C MET A 400 -19.75 54.08 39.71
N CYS A 401 -20.83 53.38 39.36
CA CYS A 401 -20.85 51.91 39.07
C CYS A 401 -21.31 51.67 37.62
N GLN A 402 -20.87 50.56 37.04
CA GLN A 402 -21.41 50.00 35.77
C GLN A 402 -22.84 49.51 36.06
N GLU A 403 -23.84 50.17 35.45
CA GLU A 403 -25.28 49.90 35.66
C GLU A 403 -25.61 48.46 35.24
N GLU A 404 -26.51 47.80 35.98
CA GLU A 404 -27.15 46.52 35.58
C GLU A 404 -27.94 46.77 34.31
N PRO A 405 -27.89 45.87 33.30
CA PRO A 405 -28.59 46.10 32.04
C PRO A 405 -30.10 45.87 32.18
N LYS A 406 -30.90 46.69 31.50
CA LYS A 406 -32.37 46.45 31.35
C LYS A 406 -32.55 45.22 30.47
N ILE A 407 -33.43 44.31 30.88
CA ILE A 407 -33.76 43.04 30.16
C ILE A 407 -35.17 43.18 29.59
N PRO A 408 -35.44 42.75 28.34
CA PRO A 408 -36.80 42.77 27.81
C PRO A 408 -37.75 42.01 28.76
N ASN A 409 -38.84 42.67 29.15
CA ASN A 409 -39.83 42.17 30.14
C ASN A 409 -40.58 40.98 29.53
N LYS A 410 -41.04 40.04 30.36
CA LYS A 410 -41.82 38.85 29.94
C LYS A 410 -43.31 39.22 29.93
N CYS A 411 -43.95 39.16 28.76
CA CYS A 411 -45.38 39.53 28.56
C CYS A 411 -46.18 38.29 28.13
N ARG A 412 -47.51 38.40 28.12
CA ARG A 412 -48.45 37.35 27.69
C ARG A 412 -49.16 37.80 26.41
N VAL A 413 -49.96 36.91 25.81
CA VAL A 413 -50.68 37.14 24.54
C VAL A 413 -51.64 38.33 24.74
N ALA A 414 -51.63 39.27 23.80
CA ALA A 414 -52.54 40.44 23.74
C ALA A 414 -53.50 40.26 22.57
N ALA A 415 -54.81 40.33 22.84
CA ALA A 415 -55.91 40.14 21.86
C ALA A 415 -55.73 41.08 20.65
N TRP A 416 -55.10 42.25 20.84
CA TRP A 416 -54.98 43.29 19.78
C TRP A 416 -54.08 42.82 18.63
N VAL A 417 -53.09 41.97 18.90
CA VAL A 417 -52.11 41.52 17.87
C VAL A 417 -52.86 40.67 16.83
N GLN A 418 -53.84 39.86 17.28
CA GLN A 418 -54.79 39.11 16.40
C GLN A 418 -55.64 40.11 15.60
N THR A 419 -56.24 41.09 16.29
CA THR A 419 -57.10 42.14 15.71
C THR A 419 -56.36 42.84 14.56
N GLU A 420 -55.11 43.24 14.80
CA GLU A 420 -54.22 43.88 13.79
C GLU A 420 -54.13 42.98 12.56
N MET A 421 -53.74 41.70 12.75
CA MET A 421 -53.63 40.71 11.66
C MET A 421 -54.96 40.65 10.90
N ASN A 422 -56.07 40.49 11.64
CA ASN A 422 -57.43 40.36 11.08
C ASN A 422 -57.75 41.58 10.21
N LEU A 423 -57.61 42.79 10.75
CA LEU A 423 -58.07 44.05 10.10
C LEU A 423 -57.10 44.50 9.00
N LEU A 424 -55.79 44.31 9.17
CA LEU A 424 -54.76 44.79 8.21
C LEU A 424 -54.81 43.94 6.93
N SER A 425 -55.17 42.66 7.04
CA SER A 425 -55.26 41.72 5.89
C SER A 425 -56.62 41.85 5.17
N THR A 426 -57.44 42.84 5.57
CA THR A 426 -58.82 43.07 5.06
C THR A 426 -58.77 44.05 3.88
N LEU A 427 -59.70 43.88 2.93
CA LEU A 427 -59.84 44.75 1.72
C LEU A 427 -60.54 46.05 2.11
N THR A 428 -60.13 47.15 1.47
CA THR A 428 -60.71 48.52 1.60
C THR A 428 -61.11 49.00 0.20
N SER A 429 -61.63 50.22 0.11
CA SER A 429 -62.04 50.87 -1.17
C SER A 429 -60.90 51.77 -1.70
N LYS A 430 -59.78 51.84 -0.99
CA LYS A 430 -58.69 52.82 -1.26
C LYS A 430 -57.38 52.10 -1.61
N ARG A 431 -56.57 52.72 -2.46
CA ARG A 431 -55.24 52.26 -2.92
C ARG A 431 -54.20 53.35 -2.61
N ALA A 432 -53.06 52.99 -2.03
CA ALA A 432 -52.02 53.93 -1.58
C ALA A 432 -50.70 53.73 -2.34
N LEU A 433 -50.47 52.56 -2.95
CA LEU A 433 -49.20 52.23 -3.65
C LEU A 433 -48.87 53.34 -4.66
N ASP A 434 -47.58 53.63 -4.82
CA ASP A 434 -47.04 54.72 -5.68
C ASP A 434 -46.15 54.09 -6.76
N LEU A 435 -46.60 53.00 -7.38
CA LEU A 435 -45.78 52.17 -8.30
C LEU A 435 -45.53 52.93 -9.60
N PRO A 436 -44.26 53.28 -9.91
CA PRO A 436 -43.94 53.97 -11.16
C PRO A 436 -44.15 53.08 -12.40
N GLU A 437 -43.96 53.67 -13.58
CA GLU A 437 -44.18 53.03 -14.90
C GLU A 437 -43.04 52.05 -15.19
N ILE A 438 -43.30 51.07 -16.06
CA ILE A 438 -42.27 50.21 -16.71
C ILE A 438 -42.43 50.35 -18.24
N GLY A 439 -41.42 49.95 -19.00
CA GLY A 439 -41.47 49.93 -20.48
C GLY A 439 -42.64 49.08 -20.98
N PRO A 440 -43.18 49.36 -22.19
CA PRO A 440 -44.29 48.58 -22.72
C PRO A 440 -43.87 47.12 -23.01
N ASP A 441 -44.83 46.20 -22.97
CA ASP A 441 -44.62 44.74 -23.12
C ASP A 441 -44.43 44.41 -24.60
N VAL A 442 -43.47 43.52 -24.90
CA VAL A 442 -43.24 42.94 -26.26
C VAL A 442 -43.35 41.41 -26.18
N ALA A 443 -42.57 40.79 -25.30
CA ALA A 443 -42.48 39.32 -25.10
C ALA A 443 -43.78 38.81 -24.48
N PRO A 444 -44.34 37.67 -24.93
CA PRO A 444 -45.54 37.10 -24.31
C PRO A 444 -45.42 36.97 -22.79
N VAL A 445 -44.22 36.64 -22.30
CA VAL A 445 -43.89 36.49 -20.86
C VAL A 445 -44.01 37.86 -20.16
N GLU A 446 -43.69 38.95 -20.87
CA GLU A 446 -43.88 40.33 -20.34
C GLU A 446 -45.37 40.63 -20.21
N HIS A 447 -46.16 40.28 -21.23
CA HIS A 447 -47.64 40.39 -21.25
C HIS A 447 -48.24 39.53 -20.12
N VAL A 448 -47.67 38.34 -19.89
CA VAL A 448 -48.11 37.41 -18.81
C VAL A 448 -47.94 38.09 -17.45
N GLY A 449 -46.78 38.67 -17.17
CA GLY A 449 -46.48 39.36 -15.90
C GLY A 449 -47.44 40.51 -15.62
N SER A 450 -47.72 41.32 -16.64
CA SER A 450 -48.61 42.52 -16.60
C SER A 450 -50.05 42.10 -16.32
N GLU A 451 -50.51 41.01 -16.96
CA GLU A 451 -51.88 40.48 -16.73
C GLU A 451 -51.97 39.88 -15.32
N ARG A 452 -50.87 39.30 -14.82
CA ARG A 452 -50.78 38.76 -13.43
C ARG A 452 -50.82 39.91 -12.42
N ARG A 453 -50.02 40.96 -12.63
CA ARG A 453 -49.94 42.12 -11.71
C ARG A 453 -51.35 42.70 -11.45
N LYS A 454 -52.22 42.70 -12.45
CA LYS A 454 -53.63 43.17 -12.34
C LYS A 454 -54.37 42.42 -11.23
N TYR A 455 -54.00 41.16 -10.96
CA TYR A 455 -54.59 40.32 -9.88
C TYR A 455 -53.79 40.50 -8.58
N PHE A 456 -52.47 40.30 -8.65
CA PHE A 456 -51.55 40.22 -7.49
C PHE A 456 -51.41 41.59 -6.81
N VAL A 457 -51.06 42.62 -7.59
CA VAL A 457 -50.75 43.98 -7.06
C VAL A 457 -52.05 44.62 -6.56
N ASN A 458 -53.14 44.52 -7.33
CA ASN A 458 -54.47 45.11 -6.98
C ASN A 458 -55.01 44.48 -5.69
N GLU A 459 -54.83 43.17 -5.50
CA GLU A 459 -55.28 42.46 -4.27
C GLU A 459 -54.66 43.14 -3.05
N ILE A 460 -53.34 43.35 -3.07
CA ILE A 460 -52.56 43.91 -1.93
C ILE A 460 -52.85 45.41 -1.81
N ASN A 461 -52.83 46.13 -2.94
CA ASN A 461 -53.00 47.61 -3.01
C ASN A 461 -54.26 48.04 -2.25
N TYR A 462 -55.35 47.30 -2.40
CA TYR A 462 -56.69 47.59 -1.81
C TYR A 462 -56.74 47.20 -0.33
N CYS A 463 -55.86 46.32 0.13
CA CYS A 463 -55.88 45.80 1.53
C CYS A 463 -55.37 46.88 2.47
N LYS A 464 -55.85 46.85 3.72
CA LYS A 464 -55.55 47.87 4.77
C LYS A 464 -54.03 48.00 4.96
N ALA A 465 -53.32 46.87 5.01
CA ALA A 465 -51.87 46.77 5.30
C ALA A 465 -51.05 47.66 4.36
N SER A 466 -51.37 47.67 3.07
CA SER A 466 -50.66 48.45 2.02
C SER A 466 -50.64 49.93 2.41
N THR A 467 -51.81 50.48 2.72
CA THR A 467 -52.03 51.90 3.12
C THR A 467 -51.20 52.20 4.38
N VAL A 468 -51.17 51.29 5.35
CA VAL A 468 -50.36 51.44 6.59
C VAL A 468 -48.88 51.46 6.20
N MET A 469 -48.46 50.52 5.36
CA MET A 469 -47.06 50.39 4.84
C MET A 469 -46.64 51.71 4.19
N MET A 470 -47.46 52.25 3.29
CA MET A 470 -47.11 53.48 2.52
C MET A 470 -46.93 54.66 3.50
N LYS A 471 -47.78 54.75 4.53
CA LYS A 471 -47.71 55.77 5.60
C LYS A 471 -46.34 55.69 6.29
N TYR A 472 -45.95 54.48 6.73
CA TYR A 472 -44.62 54.21 7.33
C TYR A 472 -43.53 54.62 6.34
N VAL A 473 -43.61 54.15 5.10
CA VAL A 473 -42.59 54.42 4.03
C VAL A 473 -42.41 55.95 3.91
N LEU A 474 -43.49 56.68 3.66
CA LEU A 474 -43.45 58.12 3.32
C LEU A 474 -43.01 58.96 4.54
N PHE A 475 -43.44 58.58 5.75
CA PHE A 475 -43.09 59.30 7.00
C PHE A 475 -41.59 59.19 7.27
N HIS A 476 -41.04 57.97 7.25
CA HIS A 476 -39.60 57.68 7.46
C HIS A 476 -38.78 58.43 6.40
N THR A 477 -39.26 58.47 5.16
CA THR A 477 -38.62 59.18 4.01
C THR A 477 -38.43 60.66 4.37
N SER A 478 -39.49 61.34 4.81
CA SER A 478 -39.46 62.77 5.18
C SER A 478 -38.65 62.97 6.46
N LEU A 479 -38.84 62.07 7.44
CA LEU A 479 -38.18 62.12 8.78
C LEU A 479 -36.65 62.01 8.61
N LEU A 480 -36.17 61.10 7.76
CA LEU A 480 -34.71 60.90 7.54
C LEU A 480 -34.13 62.16 6.91
N ASN A 481 -34.83 62.76 5.94
CA ASN A 481 -34.43 64.02 5.26
C ASN A 481 -34.40 65.17 6.28
N GLU A 482 -35.46 65.30 7.09
CA GLU A 482 -35.56 66.33 8.16
C GLU A 482 -34.40 66.14 9.15
N SER A 483 -34.11 64.88 9.54
CA SER A 483 -33.09 64.50 10.54
C SER A 483 -31.69 64.93 10.09
N ASN A 484 -31.41 64.90 8.78
CA ASN A 484 -30.10 65.30 8.21
C ASN A 484 -30.08 66.81 7.96
N ALA A 485 -31.15 67.36 7.37
CA ALA A 485 -31.22 68.76 6.88
C ALA A 485 -31.39 69.74 8.05
N SER A 486 -32.05 69.33 9.14
CA SER A 486 -32.41 70.21 10.29
C SER A 486 -32.02 69.55 11.62
N MET A 487 -30.73 69.24 11.80
CA MET A 487 -30.19 68.53 13.00
C MET A 487 -30.46 69.34 14.26
N GLY A 488 -30.27 70.67 14.19
CA GLY A 488 -30.33 71.59 15.33
C GLY A 488 -31.74 72.05 15.65
N LYS A 489 -32.69 71.91 14.72
CA LYS A 489 -34.06 72.47 14.82
C LYS A 489 -35.06 71.39 15.24
N TYR A 490 -36.01 71.74 16.11
CA TYR A 490 -37.25 70.96 16.38
C TYR A 490 -38.21 71.24 15.22
N LYS A 491 -38.70 70.21 14.54
CA LYS A 491 -39.56 70.36 13.32
C LYS A 491 -40.86 69.60 13.50
N VAL A 492 -41.97 70.19 13.04
CA VAL A 492 -43.30 69.51 12.98
C VAL A 492 -43.43 68.90 11.58
N ILE A 493 -43.58 67.57 11.53
CA ILE A 493 -43.68 66.76 10.29
C ILE A 493 -45.08 66.13 10.26
N PRO A 494 -45.90 66.38 9.21
CA PRO A 494 -47.21 65.75 9.10
C PRO A 494 -47.08 64.25 8.82
N ILE A 495 -47.99 63.45 9.39
CA ILE A 495 -48.13 62.00 9.08
C ILE A 495 -49.20 61.86 7.99
N THR A 496 -48.78 61.72 6.73
CA THR A 496 -49.66 61.87 5.54
C THR A 496 -49.57 60.65 4.62
N ASN A 497 -50.42 60.65 3.59
CA ASN A 497 -50.58 59.57 2.58
C ASN A 497 -51.40 60.15 1.43
N ARG A 498 -51.13 59.73 0.19
CA ARG A 498 -51.99 60.04 -0.99
C ARG A 498 -52.72 58.75 -1.38
N VAL A 499 -54.03 58.71 -1.14
CA VAL A 499 -54.90 57.51 -1.34
C VAL A 499 -55.76 57.77 -2.58
N VAL A 500 -56.19 56.71 -3.29
CA VAL A 500 -56.98 56.79 -4.55
C VAL A 500 -58.21 55.90 -4.43
N ASN A 501 -59.40 56.44 -4.72
CA ASN A 501 -60.68 55.67 -4.58
C ASN A 501 -60.90 54.81 -5.84
N GLU A 502 -62.06 54.17 -5.95
CA GLU A 502 -62.41 53.18 -7.01
C GLU A 502 -62.46 53.86 -8.38
N LYS A 503 -62.95 55.10 -8.43
CA LYS A 503 -63.08 55.90 -9.69
C LYS A 503 -61.73 56.47 -10.11
N GLY A 504 -60.73 56.45 -9.23
CA GLY A 504 -59.37 56.96 -9.51
C GLY A 504 -59.17 58.37 -8.98
N GLU A 505 -60.04 58.83 -8.07
CA GLU A 505 -59.94 60.17 -7.42
C GLU A 505 -58.92 60.09 -6.28
N SER A 506 -58.00 61.05 -6.23
CA SER A 506 -56.93 61.19 -5.21
C SER A 506 -57.44 61.97 -4.01
N PHE A 507 -57.08 61.53 -2.81
CA PHE A 507 -57.30 62.21 -1.50
C PHE A 507 -56.00 62.20 -0.70
N ASP A 508 -55.64 63.36 -0.15
CA ASP A 508 -54.54 63.55 0.83
C ASP A 508 -55.10 63.20 2.22
N MET A 509 -54.52 62.20 2.88
CA MET A 509 -54.90 61.74 4.24
C MET A 509 -53.94 62.39 5.25
N LEU A 510 -54.48 62.98 6.33
CA LEU A 510 -53.70 63.48 7.48
C LEU A 510 -54.02 62.60 8.69
N TYR A 511 -53.08 61.74 9.08
CA TYR A 511 -53.22 60.78 10.21
C TYR A 511 -52.83 61.46 11.52
N GLY A 512 -52.18 62.63 11.42
CA GLY A 512 -51.76 63.44 12.58
C GLY A 512 -50.45 64.16 12.31
N LEU A 513 -49.82 64.67 13.36
CA LEU A 513 -48.55 65.44 13.28
C LEU A 513 -47.52 64.82 14.22
N ALA A 514 -46.24 64.89 13.83
CA ALA A 514 -45.09 64.39 14.63
C ALA A 514 -44.13 65.54 14.90
N VAL A 515 -43.47 65.52 16.06
CA VAL A 515 -42.39 66.48 16.41
C VAL A 515 -41.06 65.72 16.34
N LYS A 516 -40.23 66.07 15.36
CA LYS A 516 -38.80 65.66 15.27
C LYS A 516 -38.01 66.54 16.24
N GLY A 517 -37.43 65.91 17.27
CA GLY A 517 -36.47 66.54 18.20
C GLY A 517 -35.13 66.75 17.53
N GLN A 518 -34.14 67.24 18.28
CA GLN A 518 -32.74 67.43 17.82
C GLN A 518 -32.21 66.10 17.27
N SER A 519 -31.46 66.14 16.17
CA SER A 519 -31.03 64.93 15.41
C SER A 519 -29.58 65.06 14.93
N HIS A 520 -28.63 65.21 15.87
CA HIS A 520 -27.17 65.12 15.60
C HIS A 520 -26.77 63.64 15.53
N LEU A 521 -27.36 62.92 14.58
CA LEU A 521 -27.23 61.44 14.43
C LEU A 521 -25.89 61.11 13.79
N ARG A 522 -24.85 60.93 14.61
CA ARG A 522 -23.46 60.63 14.18
C ARG A 522 -23.36 59.12 13.88
N GLY A 523 -23.58 58.29 14.90
CA GLY A 523 -23.68 56.83 14.77
C GLY A 523 -24.99 56.42 14.14
N ASP A 524 -25.04 55.21 13.56
CA ASP A 524 -26.23 54.68 12.84
C ASP A 524 -27.34 54.31 13.84
N THR A 525 -26.99 54.01 15.09
CA THR A 525 -27.93 53.59 16.16
C THR A 525 -28.38 54.79 17.01
N ASP A 526 -27.73 55.95 16.86
CA ASP A 526 -28.02 57.20 17.63
C ASP A 526 -29.51 57.54 17.47
N VAL A 527 -30.19 57.81 18.59
CA VAL A 527 -31.68 57.97 18.65
C VAL A 527 -32.04 59.44 18.44
N VAL A 528 -33.08 59.69 17.64
CA VAL A 528 -33.77 61.01 17.52
C VAL A 528 -35.18 60.82 18.08
N THR A 529 -35.58 61.64 19.05
CA THR A 529 -36.93 61.57 19.69
C THR A 529 -37.95 62.15 18.70
N VAL A 530 -38.96 61.34 18.35
CA VAL A 530 -40.14 61.74 17.55
C VAL A 530 -41.36 61.63 18.46
N VAL A 531 -42.07 62.74 18.67
CA VAL A 531 -43.32 62.78 19.50
C VAL A 531 -44.50 62.72 18.53
N THR A 532 -45.26 61.62 18.53
CA THR A 532 -46.37 61.38 17.58
C THR A 532 -47.70 61.80 18.19
N PHE A 533 -48.48 62.57 17.42
CA PHE A 533 -49.88 62.98 17.70
C PHE A 533 -50.76 62.48 16.56
N GLU A 534 -51.42 61.33 16.75
CA GLU A 534 -52.14 60.60 15.66
C GLU A 534 -53.63 60.50 16.02
N PHE A 535 -54.49 60.80 15.04
CA PHE A 535 -55.97 60.71 15.17
C PHE A 535 -56.39 59.24 15.23
N SER A 536 -57.44 58.91 15.97
CA SER A 536 -58.10 57.59 16.00
C SER A 536 -59.56 57.72 16.43
N SER A 537 -60.41 56.82 15.93
CA SER A 537 -61.81 56.60 16.34
C SER A 537 -61.86 55.63 17.52
N THR A 538 -60.77 54.89 17.76
CA THR A 538 -60.65 53.84 18.79
C THR A 538 -60.63 54.48 20.18
N ASP A 539 -61.60 54.13 21.02
CA ASP A 539 -61.62 54.45 22.48
C ASP A 539 -60.56 53.59 23.17
N PRO A 540 -59.53 54.19 23.81
CA PRO A 540 -58.46 53.42 24.44
C PRO A 540 -58.91 52.56 25.64
N ARG A 541 -60.09 52.86 26.20
CA ARG A 541 -60.64 52.17 27.41
C ARG A 541 -61.19 50.79 27.03
N VAL A 542 -61.51 50.56 25.75
CA VAL A 542 -62.11 49.30 25.24
C VAL A 542 -61.11 48.15 25.41
N ASP A 543 -59.82 48.43 25.17
CA ASP A 543 -58.71 47.44 25.30
C ASP A 543 -57.50 48.15 25.89
N SER A 544 -57.59 48.55 27.17
CA SER A 544 -56.63 49.44 27.87
C SER A 544 -55.23 48.82 27.96
N GLY A 545 -55.14 47.49 27.93
CA GLY A 545 -53.85 46.76 28.03
C GLY A 545 -52.96 47.03 26.83
N LYS A 546 -53.52 47.48 25.72
CA LYS A 546 -52.83 47.79 24.45
C LYS A 546 -52.07 49.13 24.56
N TRP A 547 -52.55 50.05 25.43
CA TRP A 547 -52.30 51.51 25.32
C TRP A 547 -51.54 52.12 26.50
N PRO A 548 -50.69 51.39 27.27
CA PRO A 548 -50.00 52.00 28.40
C PRO A 548 -48.92 53.02 28.00
N LYS A 549 -48.45 53.01 26.74
CA LYS A 549 -47.38 53.90 26.24
C LYS A 549 -47.97 55.24 25.79
N TYR A 550 -49.30 55.36 25.77
CA TYR A 550 -50.04 56.46 25.08
C TYR A 550 -50.75 57.35 26.10
N THR A 551 -50.75 58.66 25.81
CA THR A 551 -51.60 59.70 26.45
C THR A 551 -52.66 60.10 25.43
N VAL A 552 -53.94 59.85 25.75
CA VAL A 552 -55.08 59.97 24.80
C VAL A 552 -56.00 61.10 25.26
N PHE A 553 -56.19 62.11 24.40
CA PHE A 553 -57.23 63.17 24.54
C PHE A 553 -58.41 62.82 23.65
N ARG A 554 -59.62 63.24 24.02
CA ARG A 554 -60.82 63.27 23.14
C ARG A 554 -60.93 64.69 22.59
N ILE A 555 -60.67 64.88 21.30
CA ILE A 555 -60.53 66.23 20.68
C ILE A 555 -61.82 66.64 19.97
N GLY A 556 -62.76 65.70 19.78
CA GLY A 556 -64.06 66.00 19.16
C GLY A 556 -64.74 64.77 18.60
N SER A 557 -65.43 64.94 17.47
CA SER A 557 -66.40 63.99 16.88
C SER A 557 -66.49 64.22 15.37
N LEU A 558 -66.79 63.17 14.60
CA LEU A 558 -67.08 63.26 13.14
C LEU A 558 -68.33 62.44 12.85
N PHE A 559 -69.16 62.89 11.91
CA PHE A 559 -70.39 62.18 11.44
C PHE A 559 -69.98 61.23 10.31
N VAL A 560 -69.94 59.91 10.59
CA VAL A 560 -69.17 58.92 9.77
C VAL A 560 -70.12 58.00 8.97
N SER A 561 -71.24 57.55 9.54
CA SER A 561 -72.21 56.67 8.84
C SER A 561 -73.59 56.78 9.49
N GLY A 562 -74.19 57.97 9.42
CA GLY A 562 -75.46 58.31 10.10
C GLY A 562 -75.31 58.33 11.60
N ARG A 563 -74.07 58.45 12.09
CA ARG A 563 -73.70 58.33 13.53
C ARG A 563 -72.54 59.29 13.82
N GLU A 564 -72.63 60.01 14.94
CA GLU A 564 -71.50 60.78 15.53
C GLU A 564 -70.50 59.79 16.14
N LYS A 565 -69.30 59.70 15.55
CA LYS A 565 -68.18 58.84 16.02
C LYS A 565 -67.12 59.75 16.66
N SER A 566 -66.69 59.39 17.87
CA SER A 566 -65.76 60.20 18.71
C SER A 566 -64.35 60.14 18.11
N VAL A 567 -63.62 61.27 18.13
CA VAL A 567 -62.24 61.39 17.58
C VAL A 567 -61.29 61.67 18.75
N TYR A 568 -60.34 60.77 18.98
CA TYR A 568 -59.28 60.85 20.02
C TYR A 568 -57.95 61.20 19.35
N LEU A 569 -57.06 61.87 20.09
CA LEU A 569 -55.67 62.19 19.71
C LEU A 569 -54.73 61.34 20.57
N TYR A 570 -54.10 60.33 19.95
CA TYR A 570 -53.11 59.43 20.59
C TYR A 570 -51.74 60.12 20.57
N CYS A 571 -51.25 60.52 21.75
CA CYS A 571 -49.95 61.21 21.94
C CYS A 571 -48.96 60.26 22.60
N ARG A 572 -47.73 60.22 22.09
CA ARG A 572 -46.68 59.28 22.59
C ARG A 572 -45.30 59.81 22.22
N VAL A 573 -44.40 59.84 23.22
CA VAL A 573 -42.94 60.10 23.05
C VAL A 573 -42.34 58.81 22.49
N ASN A 574 -41.89 58.86 21.23
CA ASN A 574 -41.27 57.69 20.55
C ASN A 574 -39.84 58.09 20.15
N GLY A 575 -39.13 57.17 19.49
CA GLY A 575 -37.76 57.40 18.99
C GLY A 575 -37.42 56.43 17.88
N THR A 576 -36.45 56.81 17.05
CA THR A 576 -35.90 55.99 15.95
C THR A 576 -34.45 56.41 15.70
N ASN A 577 -33.72 55.59 14.94
CA ASN A 577 -32.33 55.85 14.48
C ASN A 577 -32.32 55.78 12.95
N LYS A 578 -31.18 56.11 12.33
CA LYS A 578 -30.99 56.18 10.86
C LYS A 578 -31.37 54.84 10.22
N ILE A 579 -30.93 53.72 10.81
CA ILE A 579 -31.11 52.34 10.25
C ILE A 579 -32.61 52.07 10.07
N GLN A 580 -33.39 52.22 11.14
CA GLN A 580 -34.85 51.94 11.18
C GLN A 580 -35.57 52.78 10.11
N MET A 581 -35.15 54.04 9.93
CA MET A 581 -35.74 54.98 8.93
C MET A 581 -35.46 54.44 7.52
N LYS A 582 -34.21 54.06 7.26
CA LYS A 582 -33.73 53.54 5.95
C LYS A 582 -34.47 52.24 5.60
N TRP A 583 -34.67 51.35 6.57
CA TRP A 583 -35.44 50.09 6.37
C TRP A 583 -36.93 50.41 6.16
N GLY A 584 -37.46 51.40 6.89
CA GLY A 584 -38.82 51.94 6.67
C GLY A 584 -38.98 52.43 5.24
N MET A 585 -38.03 53.22 4.74
CA MET A 585 -37.99 53.73 3.35
C MET A 585 -37.99 52.58 2.33
N GLU A 586 -37.59 51.38 2.74
CA GLU A 586 -37.44 50.19 1.85
C GLU A 586 -38.58 49.19 2.06
N ALA A 587 -39.56 49.51 2.91
CA ALA A 587 -40.63 48.59 3.38
C ALA A 587 -41.56 48.15 2.23
N ARG A 588 -41.52 48.82 1.08
CA ARG A 588 -42.30 48.43 -0.14
C ARG A 588 -42.01 46.96 -0.51
N ARG A 589 -40.77 46.50 -0.28
CA ARG A 589 -40.29 45.14 -0.68
C ARG A 589 -41.13 44.03 -0.04
N CYS A 590 -41.93 44.34 0.99
CA CYS A 590 -42.99 43.46 1.54
C CYS A 590 -43.84 42.90 0.39
N LEU A 591 -44.09 43.71 -0.66
CA LEU A 591 -44.79 43.27 -1.90
C LEU A 591 -44.09 42.05 -2.52
N LEU A 592 -42.78 42.12 -2.73
CA LEU A 592 -41.99 41.11 -3.49
C LEU A 592 -42.01 39.77 -2.76
N GLN A 593 -41.79 39.78 -1.44
CA GLN A 593 -41.70 38.54 -0.61
C GLN A 593 -43.03 37.79 -0.68
N SER A 594 -44.16 38.51 -0.56
CA SER A 594 -45.52 37.93 -0.61
C SER A 594 -45.87 37.51 -2.04
N MET A 595 -45.71 38.42 -3.01
CA MET A 595 -46.01 38.17 -4.45
C MET A 595 -45.24 36.95 -4.96
N GLN A 596 -43.93 36.90 -4.71
CA GLN A 596 -43.05 35.77 -5.17
C GLN A 596 -43.65 34.46 -4.66
N GLN A 597 -43.94 34.39 -3.35
CA GLN A 597 -44.40 33.14 -2.68
C GLN A 597 -45.69 32.63 -3.34
N MET A 598 -46.63 33.53 -3.66
CA MET A 598 -47.97 33.17 -4.17
C MET A 598 -47.93 32.97 -5.69
N GLU A 599 -47.13 33.74 -6.42
CA GLU A 599 -46.94 33.58 -7.89
C GLU A 599 -46.33 32.20 -8.19
N ALA A 600 -45.40 31.75 -7.35
CA ALA A 600 -44.75 30.42 -7.43
C ALA A 600 -45.81 29.30 -7.45
N ILE A 601 -46.89 29.46 -6.67
CA ILE A 601 -48.02 28.50 -6.61
C ILE A 601 -48.80 28.54 -7.94
N VAL A 602 -49.09 29.74 -8.44
CA VAL A 602 -49.78 29.97 -9.75
C VAL A 602 -48.96 29.31 -10.86
N GLU A 603 -47.64 29.53 -10.86
CA GLU A 603 -46.71 28.98 -11.88
C GLU A 603 -46.74 27.45 -11.83
N GLN A 604 -46.69 26.86 -10.63
CA GLN A 604 -46.81 25.39 -10.42
C GLN A 604 -48.15 24.90 -10.94
N GLU A 605 -49.24 25.59 -10.56
CA GLU A 605 -50.62 25.22 -10.96
C GLU A 605 -50.74 25.27 -12.49
N SER A 606 -50.14 26.28 -13.13
CA SER A 606 -50.12 26.48 -14.60
C SER A 606 -49.35 25.34 -15.27
N SER A 607 -48.26 24.89 -14.66
CA SER A 607 -47.41 23.74 -15.10
C SER A 607 -48.29 22.49 -15.28
N ILE A 608 -49.26 22.30 -14.38
CA ILE A 608 -50.14 21.09 -14.32
C ILE A 608 -51.22 21.20 -15.40
N GLN A 609 -51.85 22.37 -15.55
CA GLN A 609 -53.07 22.58 -16.37
C GLN A 609 -52.71 22.91 -17.83
N GLY A 610 -51.57 23.57 -18.05
CA GLY A 610 -51.04 23.84 -19.41
C GLY A 610 -51.35 25.25 -19.89
N TYR A 611 -52.00 26.06 -19.05
CA TYR A 611 -52.31 27.49 -19.31
C TYR A 611 -52.14 28.29 -18.01
N ASP A 612 -51.97 29.62 -18.13
CA ASP A 612 -51.78 30.55 -16.98
C ASP A 612 -52.99 30.45 -16.05
N MET A 613 -52.77 29.94 -14.82
CA MET A 613 -53.84 29.60 -13.84
C MET A 613 -54.09 30.76 -12.88
N THR A 614 -53.66 31.98 -13.22
CA THR A 614 -53.79 33.18 -12.35
C THR A 614 -55.28 33.41 -12.04
N LYS A 615 -56.08 33.71 -13.06
CA LYS A 615 -57.55 33.98 -12.93
C LYS A 615 -58.22 32.79 -12.23
N ALA A 616 -57.88 31.57 -12.65
CA ALA A 616 -58.44 30.30 -12.12
C ALA A 616 -58.21 30.23 -10.61
N CYS A 617 -56.97 30.44 -10.16
CA CYS A 617 -56.58 30.41 -8.71
C CYS A 617 -57.38 31.44 -7.91
N PHE A 618 -57.43 32.69 -8.40
CA PHE A 618 -58.07 33.85 -7.72
C PHE A 618 -59.60 33.69 -7.72
N LYS A 619 -60.23 33.74 -8.91
CA LYS A 619 -61.71 33.84 -9.06
C LYS A 619 -62.30 32.55 -9.65
N GLY A 620 -61.47 31.59 -10.10
CA GLY A 620 -61.92 30.38 -10.80
C GLY A 620 -62.25 30.67 -12.26
N ASP A 621 -62.49 29.63 -13.06
CA ASP A 621 -62.96 29.75 -14.47
C ASP A 621 -63.86 28.56 -14.81
N ARG A 622 -64.28 28.44 -16.07
CA ARG A 622 -65.27 27.44 -16.55
C ARG A 622 -64.78 26.01 -16.28
N VAL A 623 -63.47 25.79 -16.24
CA VAL A 623 -62.83 24.44 -16.06
C VAL A 623 -62.48 24.24 -14.58
N ASN A 624 -61.78 25.21 -13.98
CA ASN A 624 -61.12 25.06 -12.65
C ASN A 624 -61.81 25.93 -11.60
N SER A 625 -62.13 25.32 -10.44
CA SER A 625 -62.69 25.96 -9.22
C SER A 625 -61.66 26.92 -8.64
N PRO A 626 -62.08 28.00 -7.94
CA PRO A 626 -61.13 28.91 -7.29
C PRO A 626 -60.24 28.20 -6.27
N LYS A 627 -58.95 28.52 -6.24
CA LYS A 627 -57.96 27.91 -5.29
C LYS A 627 -58.19 28.53 -3.90
N THR A 628 -58.37 27.69 -2.87
CA THR A 628 -58.64 28.10 -1.48
C THR A 628 -57.50 27.61 -0.57
N PHE A 629 -57.35 28.23 0.61
CA PHE A 629 -56.34 27.89 1.64
C PHE A 629 -56.98 27.93 3.03
N SER A 630 -56.56 27.03 3.93
CA SER A 630 -56.82 27.12 5.38
C SER A 630 -56.33 28.49 5.88
N ILE A 631 -57.23 29.37 6.32
CA ILE A 631 -56.88 30.81 6.55
C ILE A 631 -56.87 31.12 8.06
N GLY A 632 -57.72 30.46 8.85
CA GLY A 632 -57.85 30.71 10.29
C GLY A 632 -58.81 29.76 10.98
N THR A 633 -59.29 30.16 12.16
CA THR A 633 -60.18 29.35 13.05
C THR A 633 -61.38 30.20 13.47
N GLN A 634 -62.56 29.57 13.55
CA GLN A 634 -63.82 30.18 14.09
C GLN A 634 -64.49 29.16 15.01
N GLU A 635 -64.71 29.51 16.28
CA GLU A 635 -65.31 28.62 17.30
C GLU A 635 -64.55 27.28 17.30
N GLY A 636 -63.21 27.34 17.23
CA GLY A 636 -62.31 26.17 17.32
C GLY A 636 -62.21 25.37 16.03
N LYS A 637 -62.98 25.71 15.00
CA LYS A 637 -63.05 24.96 13.72
C LYS A 637 -62.22 25.69 12.66
N LEU A 638 -61.63 24.92 11.74
CA LEU A 638 -60.70 25.41 10.68
C LEU A 638 -61.49 26.05 9.54
N VAL A 639 -61.18 27.30 9.19
CA VAL A 639 -61.92 28.11 8.17
C VAL A 639 -61.01 28.29 6.93
N LYS A 640 -61.56 28.00 5.76
CA LYS A 640 -60.87 28.18 4.45
C LYS A 640 -61.21 29.57 3.89
N GLY A 641 -60.25 30.16 3.19
CA GLY A 641 -60.35 31.47 2.52
C GLY A 641 -59.70 31.44 1.15
N SER A 642 -59.76 32.55 0.42
CA SER A 642 -59.38 32.66 -1.01
C SER A 642 -57.86 32.80 -1.16
N PHE A 643 -57.37 32.69 -2.39
CA PHE A 643 -55.95 32.86 -2.81
C PHE A 643 -55.50 34.29 -2.47
N GLY A 644 -56.34 35.27 -2.83
CA GLY A 644 -56.15 36.70 -2.54
C GLY A 644 -56.00 36.96 -1.05
N LYS A 645 -56.87 36.35 -0.24
CA LYS A 645 -56.84 36.45 1.24
C LYS A 645 -55.48 35.93 1.73
N ALA A 646 -55.06 34.75 1.25
CA ALA A 646 -53.77 34.10 1.59
C ALA A 646 -52.61 35.02 1.21
N LEU A 647 -52.65 35.59 0.00
CA LEU A 647 -51.67 36.62 -0.44
C LEU A 647 -51.65 37.77 0.57
N ARG A 648 -52.84 38.30 0.89
CA ARG A 648 -53.02 39.48 1.78
C ARG A 648 -52.54 39.15 3.21
N VAL A 649 -52.59 37.88 3.63
CA VAL A 649 -52.11 37.42 4.96
C VAL A 649 -50.57 37.46 4.96
N ILE A 650 -49.93 36.85 3.95
CA ILE A 650 -48.44 36.79 3.84
C ILE A 650 -47.91 38.24 3.77
N PHE A 651 -48.49 39.09 2.92
CA PHE A 651 -48.06 40.50 2.76
C PHE A 651 -48.09 41.21 4.12
N THR A 652 -49.21 41.12 4.85
CA THR A 652 -49.37 41.72 6.21
C THR A 652 -48.26 41.19 7.11
N LYS A 653 -48.17 39.86 7.21
CA LYS A 653 -47.11 39.14 8.00
C LYS A 653 -45.74 39.75 7.68
N CYS A 654 -45.45 39.99 6.41
CA CYS A 654 -44.14 40.56 5.96
C CYS A 654 -43.99 42.02 6.37
N LEU A 655 -45.09 42.79 6.43
CA LEU A 655 -45.09 44.19 6.97
C LEU A 655 -44.79 44.13 8.47
N MET A 656 -45.48 43.23 9.18
CA MET A 656 -45.31 43.02 10.64
C MET A 656 -43.85 42.67 10.95
N HIS A 657 -43.19 41.90 10.08
CA HIS A 657 -41.74 41.57 10.19
C HIS A 657 -40.91 42.87 10.25
N TYR A 658 -41.32 43.92 9.52
CA TYR A 658 -40.65 45.24 9.57
C TYR A 658 -41.13 46.00 10.81
N VAL A 659 -42.44 46.11 11.01
CA VAL A 659 -43.05 46.96 12.08
C VAL A 659 -42.56 46.50 13.45
N PHE A 660 -42.42 45.18 13.66
CA PHE A 660 -42.05 44.55 14.96
C PHE A 660 -40.71 43.80 14.86
N GLY A 661 -39.87 44.13 13.87
CA GLY A 661 -38.59 43.45 13.62
C GLY A 661 -37.54 43.80 14.67
N ASN A 662 -36.91 42.79 15.27
CA ASN A 662 -35.73 42.96 16.18
C ASN A 662 -35.14 41.59 16.52
N ALA A 663 -34.06 41.60 17.32
CA ALA A 663 -33.25 40.42 17.70
C ALA A 663 -34.15 39.30 18.25
N GLN A 664 -35.23 39.66 18.94
CA GLN A 664 -36.22 38.69 19.50
C GLN A 664 -36.88 37.93 18.35
N LEU A 665 -37.34 38.64 17.31
CA LEU A 665 -37.98 38.03 16.12
C LEU A 665 -36.91 37.28 15.31
N GLU A 666 -35.72 37.88 15.15
CA GLU A 666 -34.57 37.24 14.45
C GLU A 666 -34.28 35.88 15.09
N GLY A 667 -34.02 35.86 16.39
CA GLY A 667 -33.73 34.63 17.18
C GLY A 667 -34.88 33.64 17.12
N PHE A 668 -36.12 34.11 17.33
CA PHE A 668 -37.33 33.26 17.37
C PHE A 668 -37.54 32.57 16.02
N SER A 669 -37.53 33.35 14.93
CA SER A 669 -37.79 32.86 13.55
C SER A 669 -36.74 31.81 13.15
N ALA A 670 -35.48 32.07 13.46
CA ALA A 670 -34.32 31.20 13.14
C ALA A 670 -34.42 29.88 13.90
N GLU A 671 -34.74 29.93 15.19
CA GLU A 671 -34.76 28.75 16.08
C GLU A 671 -36.05 27.94 15.87
N SER A 672 -37.20 28.59 15.66
CA SER A 672 -38.51 27.90 15.47
C SER A 672 -38.58 27.23 14.09
N ARG A 673 -37.70 27.64 13.15
CA ARG A 673 -37.62 27.10 11.77
C ARG A 673 -37.20 25.63 11.81
N ARG A 674 -36.33 25.24 12.75
CA ARG A 674 -35.87 23.85 12.94
C ARG A 674 -37.08 22.97 13.29
N LEU A 675 -37.91 23.46 14.21
CA LEU A 675 -39.15 22.79 14.70
C LEU A 675 -40.14 22.66 13.54
N LEU A 676 -40.30 23.74 12.74
CA LEU A 676 -41.15 23.74 11.52
C LEU A 676 -40.73 22.61 10.58
N LEU A 677 -39.42 22.44 10.36
CA LEU A 677 -38.87 21.43 9.41
C LEU A 677 -39.02 20.03 10.01
N LEU A 678 -38.83 19.89 11.32
CA LEU A 678 -39.06 18.60 12.04
C LEU A 678 -40.54 18.20 11.90
N ILE A 679 -41.47 19.12 12.20
CA ILE A 679 -42.94 18.88 12.03
C ILE A 679 -43.19 18.36 10.61
N GLN A 680 -42.62 19.03 9.61
CA GLN A 680 -42.72 18.64 8.18
C GLN A 680 -42.22 17.20 8.01
N ALA A 681 -41.15 16.80 8.71
CA ALA A 681 -40.56 15.45 8.61
C ALA A 681 -41.57 14.40 9.12
N LEU A 682 -42.26 14.72 10.23
CA LEU A 682 -43.37 13.89 10.79
C LEU A 682 -44.53 13.87 9.79
N LYS A 683 -44.87 15.01 9.20
CA LYS A 683 -45.96 15.11 8.20
C LYS A 683 -45.63 14.27 6.95
N ASP A 684 -44.35 14.19 6.58
CA ASP A 684 -43.85 13.46 5.38
C ASP A 684 -43.64 11.98 5.70
N ARG A 685 -43.72 11.60 6.98
CA ARG A 685 -43.36 10.24 7.47
C ARG A 685 -41.92 9.94 7.05
N LYS A 686 -40.99 10.83 7.40
CA LYS A 686 -39.54 10.69 7.12
C LYS A 686 -38.78 10.50 8.45
N GLY A 687 -39.48 10.03 9.48
CA GLY A 687 -38.91 9.51 10.73
C GLY A 687 -37.78 10.37 11.26
N PRO A 688 -38.08 11.60 11.75
CA PRO A 688 -37.06 12.50 12.26
C PRO A 688 -36.55 12.09 13.66
N TRP A 689 -35.24 12.20 13.86
CA TRP A 689 -34.55 11.97 15.17
C TRP A 689 -33.95 13.29 15.66
N VAL A 690 -34.01 13.52 16.97
CA VAL A 690 -33.43 14.73 17.64
C VAL A 690 -32.34 14.24 18.60
N PHE A 691 -31.44 15.15 18.98
CA PHE A 691 -30.23 14.87 19.81
C PHE A 691 -30.36 15.60 21.16
N ASP A 692 -30.97 16.79 21.17
CA ASP A 692 -31.23 17.59 22.40
C ASP A 692 -32.47 18.48 22.16
N LEU A 693 -33.66 17.90 22.23
CA LEU A 693 -34.95 18.61 21.96
C LEU A 693 -35.13 19.77 22.95
N GLU A 694 -34.87 19.55 24.24
CA GLU A 694 -35.11 20.56 25.31
C GLU A 694 -34.12 21.73 25.16
N GLY A 695 -32.92 21.47 24.62
CA GLY A 695 -31.95 22.51 24.24
C GLY A 695 -32.45 23.33 23.06
N MET A 696 -33.16 22.69 22.13
CA MET A 696 -33.74 23.33 20.92
C MET A 696 -34.87 24.29 21.34
N TYR A 697 -35.71 23.87 22.29
CA TYR A 697 -36.82 24.69 22.85
C TYR A 697 -36.25 25.91 23.61
N SER A 698 -35.17 25.73 24.38
CA SER A 698 -34.51 26.83 25.15
C SER A 698 -34.14 27.98 24.21
N GLY A 699 -33.49 27.66 23.08
CA GLY A 699 -33.06 28.63 22.06
C GLY A 699 -34.22 29.39 21.44
N ILE A 700 -35.38 28.74 21.31
CA ILE A 700 -36.65 29.38 20.83
C ILE A 700 -37.21 30.28 21.93
N GLU A 701 -37.39 29.73 23.13
CA GLU A 701 -38.19 30.32 24.23
C GLU A 701 -37.47 31.53 24.86
N GLU A 702 -36.14 31.57 24.82
CA GLU A 702 -35.36 32.74 25.34
C GLU A 702 -35.62 33.97 24.48
N CYS A 703 -36.19 33.80 23.27
CA CYS A 703 -36.52 34.88 22.31
C CYS A 703 -37.96 35.37 22.50
N ILE A 704 -38.75 34.74 23.38
CA ILE A 704 -40.17 35.09 23.65
C ILE A 704 -40.25 35.95 24.92
N SER A 705 -40.35 37.27 24.76
CA SER A 705 -40.29 38.25 25.88
C SER A 705 -41.41 39.30 25.74
N ASN A 706 -41.18 40.37 24.99
CA ASN A 706 -42.13 41.53 24.89
C ASN A 706 -42.33 41.97 23.43
N ASN A 707 -41.95 41.14 22.45
CA ASN A 707 -42.19 41.42 21.01
C ASN A 707 -43.60 40.96 20.68
N PRO A 708 -44.56 41.90 20.45
CA PRO A 708 -45.95 41.53 20.19
C PRO A 708 -46.12 40.47 19.09
N TRP A 709 -45.28 40.52 18.06
CA TRP A 709 -45.35 39.59 16.89
C TRP A 709 -44.81 38.21 17.28
N VAL A 710 -43.74 38.13 18.07
CA VAL A 710 -43.11 36.85 18.50
C VAL A 710 -44.12 36.09 19.37
N ILE A 711 -44.72 36.79 20.33
CA ILE A 711 -45.68 36.22 21.32
C ILE A 711 -46.90 35.68 20.57
N GLN A 712 -47.41 36.41 19.57
CA GLN A 712 -48.59 36.02 18.76
C GLN A 712 -48.21 34.88 17.81
N SER A 713 -47.01 34.95 17.22
CA SER A 713 -46.43 33.88 16.35
C SER A 713 -46.33 32.58 17.15
N ALA A 714 -45.85 32.64 18.39
CA ALA A 714 -45.74 31.50 19.32
C ALA A 714 -47.14 30.93 19.60
N TYR A 715 -48.13 31.79 19.84
CA TYR A 715 -49.55 31.41 20.04
C TYR A 715 -50.07 30.69 18.78
N TRP A 716 -49.85 31.28 17.61
CA TRP A 716 -50.32 30.74 16.29
C TRP A 716 -49.66 29.37 16.02
N PHE A 717 -48.34 29.27 16.27
CA PHE A 717 -47.53 28.04 16.12
C PHE A 717 -48.18 26.88 16.86
N ASN A 718 -48.52 27.12 18.13
CA ASN A 718 -49.14 26.13 19.06
C ASN A 718 -50.53 25.76 18.53
N GLU A 719 -51.31 26.76 18.11
CA GLU A 719 -52.67 26.56 17.52
C GLU A 719 -52.53 25.62 16.32
N TRP A 720 -51.71 25.99 15.33
CA TRP A 720 -51.48 25.20 14.08
C TRP A 720 -50.94 23.80 14.40
N LEU A 721 -50.01 23.71 15.36
CA LEU A 721 -49.43 22.43 15.84
C LEU A 721 -50.56 21.49 16.28
N GLY A 722 -51.50 22.00 17.09
CA GLY A 722 -52.68 21.26 17.58
C GLY A 722 -53.48 20.63 16.46
N PHE A 723 -53.77 21.41 15.41
CA PHE A 723 -54.49 20.97 14.18
C PHE A 723 -53.62 19.99 13.38
N GLU A 724 -52.30 20.18 13.35
CA GLU A 724 -51.38 19.23 12.66
C GLU A 724 -51.40 17.87 13.37
N LYS A 725 -51.37 17.89 14.72
CA LYS A 725 -51.41 16.65 15.56
C LYS A 725 -52.71 15.89 15.29
N GLU A 726 -53.84 16.60 15.18
CA GLU A 726 -55.17 16.00 14.92
C GLU A 726 -55.17 15.32 13.54
N GLY A 727 -54.60 16.00 12.53
CA GLY A 727 -54.47 15.47 11.15
C GLY A 727 -53.66 14.19 11.10
N SER A 728 -52.58 14.11 11.87
CA SER A 728 -51.61 12.97 11.87
C SER A 728 -52.31 11.66 12.21
N LYS A 729 -53.44 11.71 12.92
CA LYS A 729 -54.24 10.53 13.33
C LYS A 729 -54.81 9.81 12.10
N VAL A 730 -54.95 10.52 10.97
CA VAL A 730 -55.47 9.93 9.69
C VAL A 730 -54.35 9.07 9.06
N LEU A 731 -53.08 9.41 9.31
CA LEU A 731 -51.89 8.79 8.68
C LEU A 731 -51.44 7.53 9.42
N GLU A 732 -51.68 7.44 10.73
CA GLU A 732 -51.17 6.32 11.59
C GLU A 732 -51.98 5.04 11.32
N SER A 733 -53.13 5.14 10.64
CA SER A 733 -54.03 4.01 10.27
C SER A 733 -53.60 3.38 8.94
N VAL A 734 -52.86 4.11 8.12
CA VAL A 734 -52.54 3.79 6.69
C VAL A 734 -51.64 2.56 6.61
N ASP A 735 -52.04 1.55 5.84
CA ASP A 735 -51.30 0.27 5.61
C ASP A 735 -51.16 -0.49 6.93
N GLU A 736 -52.27 -0.66 7.66
CA GLU A 736 -52.36 -1.52 8.88
C GLU A 736 -53.78 -2.11 8.96
N MET B 10 -63.81 35.02 13.05
CA MET B 10 -62.76 34.23 12.36
C MET B 10 -61.39 34.89 12.58
N ASN B 11 -60.43 34.13 13.12
CA ASN B 11 -59.07 34.60 13.50
C ASN B 11 -58.04 33.99 12.57
N ILE B 12 -57.37 34.83 11.78
CA ILE B 12 -56.32 34.43 10.80
C ILE B 12 -55.10 33.88 11.55
N ASN B 13 -54.52 32.78 11.05
CA ASN B 13 -53.28 32.16 11.57
C ASN B 13 -52.32 31.95 10.40
N PRO B 14 -51.24 32.76 10.29
CA PRO B 14 -50.35 32.70 9.12
C PRO B 14 -49.64 31.35 8.94
N TYR B 15 -49.55 30.54 9.99
CA TYR B 15 -48.93 29.19 9.99
C TYR B 15 -49.82 28.18 9.26
N PHE B 16 -51.11 28.49 9.06
CA PHE B 16 -52.12 27.61 8.41
C PHE B 16 -51.79 27.45 6.93
N LEU B 17 -50.99 28.35 6.36
CA LEU B 17 -50.42 28.21 4.99
C LEU B 17 -49.76 26.84 4.85
N PHE B 18 -49.07 26.38 5.90
CA PHE B 18 -48.23 25.16 5.91
C PHE B 18 -49.09 23.88 5.88
N ILE B 19 -50.38 24.01 6.17
CA ILE B 19 -51.40 22.93 5.97
C ILE B 19 -51.52 22.65 4.47
N ASP B 20 -51.50 23.71 3.65
CA ASP B 20 -51.76 23.63 2.17
C ASP B 20 -50.44 23.61 1.39
N VAL B 21 -49.35 24.17 1.94
CA VAL B 21 -48.03 24.26 1.27
C VAL B 21 -46.95 23.68 2.18
N PRO B 22 -46.06 22.79 1.68
CA PRO B 22 -44.95 22.29 2.50
C PRO B 22 -44.00 23.40 2.94
N ILE B 23 -43.46 23.28 4.17
CA ILE B 23 -42.63 24.34 4.81
C ILE B 23 -41.50 24.75 3.85
N GLN B 24 -40.75 23.79 3.28
CA GLN B 24 -39.67 24.09 2.31
C GLN B 24 -40.24 24.91 1.14
N ALA B 25 -41.44 24.55 0.67
CA ALA B 25 -42.10 25.18 -0.50
C ALA B 25 -42.52 26.62 -0.16
N ALA B 26 -42.62 26.96 1.13
CA ALA B 26 -42.95 28.32 1.62
C ALA B 26 -41.92 28.80 2.64
N ILE B 27 -40.65 28.41 2.48
CA ILE B 27 -39.57 28.64 3.48
C ILE B 27 -39.22 30.14 3.51
N SER B 28 -39.44 30.85 2.39
CA SER B 28 -39.15 32.30 2.24
C SER B 28 -39.96 33.11 3.27
N THR B 29 -41.19 32.69 3.56
CA THR B 29 -42.14 33.40 4.46
C THR B 29 -41.61 33.36 5.91
N THR B 30 -40.67 32.46 6.22
CA THR B 30 -40.12 32.25 7.58
C THR B 30 -38.87 33.11 7.80
N PHE B 31 -38.42 33.87 6.79
CA PHE B 31 -37.25 34.79 6.88
C PHE B 31 -37.74 36.23 6.97
N PRO B 32 -37.63 36.89 8.14
CA PRO B 32 -38.16 38.25 8.33
C PRO B 32 -37.17 39.33 7.88
N TYR B 33 -36.83 39.34 6.59
CA TYR B 33 -35.69 40.11 6.03
C TYR B 33 -36.18 41.46 5.50
N THR B 34 -37.41 41.86 5.85
CA THR B 34 -37.92 43.25 5.74
C THR B 34 -37.74 43.97 7.08
N GLY B 35 -37.48 43.22 8.15
CA GLY B 35 -37.17 43.75 9.49
C GLY B 35 -35.77 44.34 9.54
N VAL B 36 -35.49 45.15 10.58
CA VAL B 36 -34.15 45.75 10.82
C VAL B 36 -33.26 44.66 11.42
N PRO B 37 -32.06 44.41 10.86
CA PRO B 37 -31.14 43.43 11.46
C PRO B 37 -30.58 44.01 12.76
N PRO B 38 -30.23 43.17 13.76
CA PRO B 38 -29.76 43.65 15.06
C PRO B 38 -28.40 44.38 14.94
N TYR B 39 -28.30 45.54 15.58
CA TYR B 39 -27.06 46.33 15.73
C TYR B 39 -26.63 46.33 17.20
N SER B 40 -25.33 46.34 17.46
CA SER B 40 -24.74 46.50 18.81
C SER B 40 -24.57 47.99 19.11
N HIS B 41 -24.70 48.35 20.39
CA HIS B 41 -24.49 49.72 20.92
C HIS B 41 -23.34 49.67 21.93
N GLY B 42 -22.50 50.71 21.97
CA GLY B 42 -21.41 50.86 22.96
C GLY B 42 -20.31 49.83 22.76
N THR B 43 -19.85 49.20 23.86
CA THR B 43 -18.59 48.43 23.93
C THR B 43 -18.81 46.98 23.46
N GLY B 44 -17.75 46.34 22.96
CA GLY B 44 -17.70 44.90 22.63
C GLY B 44 -16.80 44.12 23.58
N THR B 45 -16.27 44.81 24.60
CA THR B 45 -15.35 44.25 25.64
C THR B 45 -16.06 43.11 26.38
N GLY B 46 -17.33 43.31 26.74
CA GLY B 46 -18.19 42.30 27.39
C GLY B 46 -18.22 41.00 26.59
N TYR B 47 -18.39 41.11 25.27
CA TYR B 47 -18.51 39.96 24.33
C TYR B 47 -17.12 39.35 24.07
N THR B 48 -16.09 40.20 23.90
CA THR B 48 -14.69 39.75 23.65
C THR B 48 -14.20 38.95 24.87
N ILE B 49 -14.39 39.50 26.08
CA ILE B 49 -14.01 38.82 27.36
C ILE B 49 -14.74 37.47 27.45
N ASP B 50 -16.02 37.40 27.03
CA ASP B 50 -16.81 36.14 26.98
C ASP B 50 -16.05 35.10 26.15
N THR B 51 -15.60 35.48 24.95
CA THR B 51 -14.88 34.61 24.00
C THR B 51 -13.58 34.11 24.66
N VAL B 52 -12.80 35.03 25.23
CA VAL B 52 -11.51 34.73 25.91
C VAL B 52 -11.77 33.67 27.01
N ILE B 53 -12.83 33.84 27.78
CA ILE B 53 -13.19 32.93 28.92
C ILE B 53 -13.64 31.57 28.37
N ARG B 54 -14.65 31.57 27.49
CA ARG B 54 -15.20 30.33 26.88
C ARG B 54 -14.07 29.54 26.22
N THR B 55 -13.30 30.18 25.33
CA THR B 55 -12.17 29.56 24.58
C THR B 55 -11.25 28.82 25.57
N HIS B 56 -11.01 29.39 26.74
CA HIS B 56 -10.13 28.81 27.79
C HIS B 56 -10.87 27.75 28.61
N GLU B 57 -12.19 27.88 28.75
CA GLU B 57 -13.06 26.89 29.47
C GLU B 57 -13.02 25.54 28.73
N TYR B 58 -12.90 25.57 27.40
CA TYR B 58 -12.93 24.35 26.53
C TYR B 58 -11.56 23.70 26.42
N SER B 59 -10.52 24.28 27.04
CA SER B 59 -9.11 23.83 26.98
C SER B 59 -8.44 23.83 28.36
N ASN B 60 -9.14 24.25 29.43
CA ASN B 60 -8.56 24.49 30.79
C ASN B 60 -7.93 23.20 31.35
N LYS B 61 -8.44 22.02 30.98
CA LYS B 61 -7.93 20.70 31.44
C LYS B 61 -6.64 20.32 30.70
N GLY B 62 -6.22 21.14 29.72
CA GLY B 62 -4.96 20.96 28.98
C GLY B 62 -3.77 21.50 29.75
N LYS B 63 -2.60 21.59 29.10
CA LYS B 63 -1.34 22.09 29.71
C LYS B 63 -1.39 23.63 29.76
N GLN B 64 -1.15 24.21 30.93
CA GLN B 64 -1.05 25.68 31.14
C GLN B 64 0.41 26.03 31.42
N TYR B 65 0.96 27.05 30.76
CA TYR B 65 2.37 27.47 30.93
C TYR B 65 2.52 28.95 30.59
N ILE B 66 3.68 29.55 30.87
CA ILE B 66 3.99 30.97 30.54
C ILE B 66 4.88 30.99 29.30
N SER B 67 4.54 31.84 28.32
CA SER B 67 5.37 32.10 27.11
C SER B 67 6.65 32.82 27.56
N ASP B 68 7.83 32.29 27.19
CA ASP B 68 9.14 32.90 27.51
C ASP B 68 9.50 33.96 26.44
N VAL B 69 8.56 34.27 25.53
CA VAL B 69 8.71 35.32 24.48
C VAL B 69 7.92 36.57 24.90
N THR B 70 6.66 36.40 25.31
CA THR B 70 5.69 37.50 25.61
C THR B 70 5.37 37.56 27.12
N GLY B 71 5.61 36.49 27.87
CA GLY B 71 5.23 36.39 29.29
C GLY B 71 3.75 36.08 29.46
N CYS B 72 3.06 35.76 28.36
CA CYS B 72 1.60 35.52 28.31
C CYS B 72 1.29 34.13 28.87
N THR B 73 0.09 33.96 29.43
CA THR B 73 -0.46 32.66 29.93
C THR B 73 -1.01 31.87 28.74
N MET B 74 -0.37 30.73 28.44
CA MET B 74 -0.65 29.85 27.29
C MET B 74 -1.31 28.56 27.78
N VAL B 75 -2.39 28.15 27.12
CA VAL B 75 -3.14 26.89 27.35
C VAL B 75 -3.09 26.05 26.07
N ASP B 76 -2.74 24.76 26.19
CA ASP B 76 -2.61 23.78 25.09
C ASP B 76 -3.53 22.60 25.38
N PRO B 77 -4.71 22.51 24.72
CA PRO B 77 -5.60 21.36 24.87
C PRO B 77 -5.24 20.15 24.00
N THR B 78 -4.46 20.37 22.93
CA THR B 78 -4.09 19.32 21.94
C THR B 78 -3.35 18.18 22.64
N ASN B 79 -3.71 16.93 22.35
CA ASN B 79 -3.22 15.71 23.03
C ASN B 79 -3.57 15.75 24.52
N GLY B 80 -4.54 16.58 24.90
CA GLY B 80 -5.03 16.69 26.29
C GLY B 80 -5.90 15.50 26.66
N PRO B 81 -6.51 15.48 27.87
CA PRO B 81 -7.39 14.40 28.28
C PRO B 81 -8.71 14.40 27.50
N LEU B 82 -9.15 13.21 27.05
CA LEU B 82 -10.43 13.02 26.31
C LEU B 82 -11.58 13.51 27.18
N PRO B 83 -12.59 14.20 26.60
CA PRO B 83 -13.72 14.71 27.38
C PRO B 83 -14.58 13.59 27.98
N GLU B 84 -15.26 13.87 29.08
CA GLU B 84 -16.15 12.91 29.79
C GLU B 84 -17.59 13.44 29.80
N ASP B 85 -17.88 14.45 28.99
CA ASP B 85 -19.22 15.10 28.89
C ASP B 85 -19.44 15.56 27.44
N ASN B 86 -20.59 16.19 27.18
CA ASN B 86 -21.01 16.65 25.83
C ASN B 86 -20.85 18.17 25.71
N GLU B 87 -19.97 18.76 26.53
CA GLU B 87 -19.63 20.22 26.46
C GLU B 87 -18.62 20.42 25.34
N PRO B 88 -18.44 21.66 24.83
CA PRO B 88 -17.45 21.92 23.79
C PRO B 88 -16.03 21.50 24.24
N SER B 89 -15.42 20.59 23.49
CA SER B 89 -14.06 20.02 23.73
C SER B 89 -13.09 20.56 22.68
N ALA B 90 -11.91 21.03 23.13
CA ALA B 90 -10.78 21.47 22.27
C ALA B 90 -9.65 20.44 22.34
N TYR B 91 -9.88 19.30 22.98
CA TYR B 91 -8.85 18.26 23.28
C TYR B 91 -8.73 17.34 22.07
N ALA B 92 -8.22 17.89 20.96
CA ALA B 92 -7.97 17.20 19.68
C ALA B 92 -6.71 16.33 19.83
N GLN B 93 -6.77 15.09 19.35
CA GLN B 93 -5.66 14.11 19.41
C GLN B 93 -4.91 14.14 18.08
N LEU B 94 -3.64 14.58 18.10
CA LEU B 94 -2.77 14.70 16.90
C LEU B 94 -2.82 13.42 16.08
N ASP B 95 -2.67 12.26 16.74
CA ASP B 95 -2.71 10.92 16.11
C ASP B 95 -3.93 10.79 15.20
N CYS B 96 -5.13 11.09 15.72
CA CYS B 96 -6.43 10.94 15.02
C CYS B 96 -6.52 11.91 13.84
N VAL B 97 -6.06 13.15 14.03
CA VAL B 97 -5.95 14.19 12.97
C VAL B 97 -5.06 13.64 11.85
N LEU B 98 -3.88 13.12 12.21
CA LEU B 98 -2.89 12.55 11.26
C LEU B 98 -3.49 11.31 10.56
N GLU B 99 -4.26 10.49 11.27
CA GLU B 99 -4.90 9.28 10.72
C GLU B 99 -6.02 9.70 9.74
N ALA B 100 -6.76 10.77 10.08
CA ALA B 100 -7.82 11.33 9.21
C ALA B 100 -7.18 11.86 7.90
N LEU B 101 -6.08 12.60 8.02
CA LEU B 101 -5.34 13.18 6.87
C LEU B 101 -4.68 12.06 6.04
N ASP B 102 -4.21 10.99 6.69
CA ASP B 102 -3.59 9.82 6.00
C ASP B 102 -4.65 9.14 5.13
N ARG B 103 -5.88 9.00 5.65
CA ARG B 103 -7.00 8.33 4.93
C ARG B 103 -7.46 9.18 3.76
N MET B 104 -7.37 10.51 3.86
CA MET B 104 -7.62 11.48 2.75
C MET B 104 -6.56 11.28 1.67
N ASP B 105 -5.28 11.19 2.07
CA ASP B 105 -4.11 11.03 1.19
C ASP B 105 -4.23 9.72 0.38
N GLU B 106 -4.71 8.64 1.01
CA GLU B 106 -4.99 7.34 0.34
C GLU B 106 -6.04 7.54 -0.77
N GLU B 107 -7.16 8.20 -0.43
CA GLU B 107 -8.33 8.39 -1.33
C GLU B 107 -7.98 9.40 -2.42
N HIS B 108 -7.02 10.29 -2.19
CA HIS B 108 -6.59 11.34 -3.17
C HIS B 108 -5.08 11.30 -3.36
N PRO B 109 -4.54 10.25 -4.03
CA PRO B 109 -3.09 10.07 -4.14
C PRO B 109 -2.41 11.19 -4.95
N GLY B 110 -1.43 11.86 -4.34
CA GLY B 110 -0.65 12.95 -4.96
C GLY B 110 -1.28 14.33 -4.78
N LEU B 111 -2.48 14.39 -4.17
CA LEU B 111 -3.24 15.66 -4.00
C LEU B 111 -2.45 16.61 -3.09
N PHE B 112 -1.94 16.10 -1.96
CA PHE B 112 -1.20 16.89 -0.94
C PHE B 112 0.07 17.50 -1.55
N GLN B 113 0.78 16.76 -2.40
CA GLN B 113 2.04 17.24 -3.04
C GLN B 113 1.68 18.19 -4.19
N ALA B 114 0.64 17.86 -4.97
CA ALA B 114 0.11 18.71 -6.08
C ALA B 114 -0.29 20.08 -5.53
N ALA B 115 -1.12 20.10 -4.48
CA ALA B 115 -1.62 21.31 -3.79
C ALA B 115 -0.44 22.14 -3.27
N SER B 116 0.54 21.49 -2.64
CA SER B 116 1.76 22.11 -2.06
C SER B 116 2.61 22.74 -3.18
N GLN B 117 2.75 22.03 -4.31
CA GLN B 117 3.54 22.49 -5.48
C GLN B 117 2.91 23.76 -6.07
N ASN B 118 1.62 23.68 -6.43
CA ASN B 118 0.83 24.79 -7.03
C ASN B 118 0.91 26.02 -6.13
N ALA B 119 0.62 25.84 -4.84
CA ALA B 119 0.63 26.90 -3.80
C ALA B 119 2.02 27.54 -3.72
N MET B 120 3.08 26.72 -3.72
CA MET B 120 4.51 27.17 -3.65
C MET B 120 4.85 27.97 -4.91
N GLU B 121 4.51 27.44 -6.08
CA GLU B 121 4.79 28.09 -7.40
C GLU B 121 4.04 29.43 -7.47
N THR B 122 2.78 29.47 -7.04
CA THR B 122 1.97 30.73 -6.95
C THR B 122 2.68 31.75 -6.04
N LEU B 123 3.22 31.30 -4.90
CA LEU B 123 3.91 32.15 -3.90
C LEU B 123 5.17 32.77 -4.53
N MET B 124 5.95 31.96 -5.26
CA MET B 124 7.20 32.40 -5.95
C MET B 124 6.87 33.48 -6.99
N VAL B 125 5.66 33.46 -7.55
CA VAL B 125 5.17 34.45 -8.56
C VAL B 125 4.46 35.63 -7.87
N THR B 126 3.96 35.44 -6.64
CA THR B 126 3.16 36.46 -5.90
C THR B 126 4.00 37.68 -5.49
N THR B 127 3.52 38.88 -5.82
CA THR B 127 4.11 40.20 -5.45
C THR B 127 3.43 40.74 -4.19
N VAL B 128 4.03 41.76 -3.57
CA VAL B 128 3.60 42.33 -2.25
C VAL B 128 2.21 43.00 -2.39
N ASP B 129 1.92 43.59 -3.55
CA ASP B 129 0.65 44.35 -3.81
C ASP B 129 -0.57 43.45 -3.58
N LYS B 130 -0.41 42.13 -3.76
CA LYS B 130 -1.47 41.11 -3.50
C LYS B 130 -2.13 41.38 -2.15
N LEU B 131 -1.38 41.85 -1.15
CA LEU B 131 -1.88 42.07 0.24
C LEU B 131 -2.85 43.26 0.29
N THR B 132 -3.01 44.03 -0.79
CA THR B 132 -3.96 45.19 -0.84
C THR B 132 -5.39 44.70 -1.10
N GLN B 133 -5.55 43.44 -1.51
CA GLN B 133 -6.85 42.84 -1.91
C GLN B 133 -7.64 42.38 -0.68
N GLY B 134 -7.04 42.45 0.51
CA GLY B 134 -7.71 42.18 1.79
C GLY B 134 -8.74 43.26 2.12
N ARG B 135 -9.56 43.02 3.15
CA ARG B 135 -10.57 43.99 3.68
C ARG B 135 -9.92 44.78 4.82
N GLN B 136 -10.70 45.23 5.80
CA GLN B 136 -10.20 45.97 6.99
C GLN B 136 -9.13 45.14 7.70
N THR B 137 -7.99 45.76 8.02
CA THR B 137 -6.81 45.13 8.65
C THR B 137 -6.38 45.96 9.87
N PHE B 138 -5.94 45.29 10.94
CA PHE B 138 -5.39 45.93 12.16
C PHE B 138 -4.03 46.53 11.82
N ASP B 139 -3.87 47.84 12.02
CA ASP B 139 -2.59 48.57 11.80
C ASP B 139 -1.90 48.76 13.15
N TRP B 140 -0.86 47.97 13.41
CA TRP B 140 -0.07 47.96 14.67
C TRP B 140 0.58 49.33 14.94
N THR B 141 0.76 50.15 13.90
CA THR B 141 1.43 51.48 13.97
C THR B 141 0.49 52.51 14.62
N VAL B 142 -0.82 52.38 14.42
CA VAL B 142 -1.85 53.34 14.96
C VAL B 142 -2.79 52.63 15.92
N CYS B 143 -2.61 51.32 16.14
CA CYS B 143 -3.47 50.46 17.01
C CYS B 143 -4.96 50.69 16.70
N ARG B 144 -5.29 50.77 15.40
CA ARG B 144 -6.68 50.87 14.87
C ARG B 144 -6.77 50.03 13.59
N ASN B 145 -7.99 49.73 13.15
CA ASN B 145 -8.26 49.06 11.85
C ASN B 145 -8.18 50.12 10.74
N GLN B 146 -7.48 49.80 9.65
CA GLN B 146 -7.43 50.61 8.41
C GLN B 146 -7.60 49.66 7.23
N PRO B 147 -7.89 50.17 6.00
CA PRO B 147 -7.87 49.32 4.82
C PRO B 147 -6.53 48.58 4.65
N ALA B 148 -6.54 47.45 3.96
CA ALA B 148 -5.38 46.55 3.75
C ALA B 148 -4.21 47.33 3.14
N ALA B 149 -4.49 48.14 2.11
CA ALA B 149 -3.50 48.91 1.32
C ALA B 149 -2.82 49.97 2.19
N THR B 150 -3.56 50.54 3.15
CA THR B 150 -3.08 51.58 4.11
C THR B 150 -2.15 50.93 5.14
N ALA B 151 -2.62 49.87 5.80
CA ALA B 151 -1.88 49.09 6.82
C ALA B 151 -0.57 48.55 6.22
N LEU B 152 -0.61 48.10 4.97
CA LEU B 152 0.56 47.58 4.20
C LEU B 152 1.59 48.70 4.04
N ASN B 153 1.15 49.85 3.52
CA ASN B 153 2.00 51.05 3.30
C ASN B 153 2.66 51.48 4.60
N THR B 154 1.87 51.71 5.65
CA THR B 154 2.36 52.20 6.98
C THR B 154 3.35 51.19 7.56
N THR B 155 3.20 49.89 7.25
CA THR B 155 4.14 48.81 7.67
C THR B 155 5.42 48.92 6.83
N ILE B 156 5.30 49.01 5.50
CA ILE B 156 6.46 49.10 4.56
C ILE B 156 7.29 50.35 4.91
N THR B 157 6.66 51.51 5.02
CA THR B 157 7.35 52.81 5.29
C THR B 157 8.01 52.76 6.67
N SER B 158 7.32 52.26 7.68
CA SER B 158 7.84 52.11 9.08
C SER B 158 9.00 51.11 9.10
N PHE B 159 8.92 50.04 8.31
CA PHE B 159 9.97 48.99 8.19
C PHE B 159 11.26 49.62 7.66
N ARG B 160 11.17 50.62 6.79
CA ARG B 160 12.34 51.33 6.21
C ARG B 160 13.15 52.02 7.32
N LEU B 161 12.49 52.49 8.39
CA LEU B 161 13.13 53.20 9.53
C LEU B 161 13.98 52.22 10.37
N ASN B 162 13.86 50.92 10.13
CA ASN B 162 14.53 49.83 10.90
C ASN B 162 15.35 48.96 9.95
N ASP B 163 15.72 49.47 8.78
CA ASP B 163 16.64 48.82 7.80
C ASP B 163 16.00 47.51 7.29
N LEU B 164 14.68 47.53 7.05
CA LEU B 164 13.92 46.39 6.47
C LEU B 164 13.34 46.82 5.12
N ASN B 165 14.03 46.51 4.02
CA ASN B 165 13.71 47.00 2.65
C ASN B 165 13.42 45.82 1.71
N GLY B 166 13.01 44.67 2.27
CA GLY B 166 12.63 43.46 1.52
C GLY B 166 11.44 43.71 0.60
N ALA B 167 10.57 44.65 0.95
CA ALA B 167 9.36 45.04 0.19
C ALA B 167 9.77 45.56 -1.21
N ASP B 168 10.92 46.24 -1.30
CA ASP B 168 11.40 46.90 -2.55
C ASP B 168 11.69 45.85 -3.63
N LYS B 169 12.01 44.61 -3.23
CA LYS B 169 12.36 43.50 -4.17
C LYS B 169 11.13 43.11 -5.00
N GLY B 170 9.92 43.24 -4.44
CA GLY B 170 8.65 43.12 -5.19
C GLY B 170 7.86 41.88 -4.81
N GLY B 171 8.52 40.72 -4.77
CA GLY B 171 7.92 39.43 -4.39
C GLY B 171 7.46 39.42 -2.94
N LEU B 172 6.50 38.57 -2.60
CA LEU B 172 5.92 38.47 -1.23
C LEU B 172 6.95 37.87 -0.26
N ILE B 173 7.73 36.89 -0.72
CA ILE B 173 8.67 36.08 0.11
C ILE B 173 9.67 37.02 0.82
N PRO B 174 10.42 37.89 0.10
CA PRO B 174 11.37 38.78 0.76
C PRO B 174 10.73 39.80 1.72
N PHE B 175 9.45 40.15 1.51
CA PHE B 175 8.66 41.00 2.44
C PHE B 175 8.32 40.18 3.69
N CYS B 176 7.84 38.95 3.50
CA CYS B 176 7.53 37.99 4.60
C CYS B 176 8.80 37.66 5.40
N GLN B 177 9.97 37.66 4.76
CA GLN B 177 11.29 37.46 5.42
C GLN B 177 11.53 38.63 6.38
N ASP B 178 11.19 39.86 5.98
CA ASP B 178 11.32 41.08 6.82
C ASP B 178 10.38 40.99 8.04
N ILE B 179 9.18 40.42 7.84
CA ILE B 179 8.11 40.34 8.86
C ILE B 179 8.59 39.47 10.03
N ILE B 180 9.15 38.29 9.75
CA ILE B 180 9.68 37.36 10.81
C ILE B 180 10.98 37.93 11.38
N ASP B 181 11.78 38.62 10.56
CA ASP B 181 13.08 39.22 10.97
C ASP B 181 12.85 40.43 11.88
N SER B 182 11.71 41.12 11.74
CA SER B 182 11.31 42.30 12.55
C SER B 182 11.12 41.89 14.02
N LEU B 183 10.78 40.63 14.27
CA LEU B 183 10.55 40.06 15.64
C LEU B 183 11.87 39.97 16.41
N ASP B 184 13.00 40.06 15.71
CA ASP B 184 14.38 39.97 16.28
C ASP B 184 14.95 41.37 16.55
N ARG B 185 14.44 42.41 15.88
CA ARG B 185 14.90 43.82 16.04
C ARG B 185 14.78 44.23 17.51
N PRO B 186 15.87 44.69 18.17
CA PRO B 186 15.84 45.02 19.59
C PRO B 186 14.85 46.15 19.93
N GLU B 187 14.64 47.07 18.98
CA GLU B 187 13.66 48.19 19.07
C GLU B 187 13.06 48.45 17.68
N MET B 188 11.79 48.88 17.64
CA MET B 188 11.06 49.23 16.40
C MET B 188 10.62 50.69 16.45
N THR B 189 11.15 51.51 15.54
CA THR B 189 10.69 52.89 15.24
C THR B 189 9.64 52.80 14.12
N PHE B 190 8.52 53.49 14.29
CA PHE B 190 7.38 53.46 13.33
C PHE B 190 6.69 54.83 13.27
N PHE B 191 6.04 55.09 12.13
CA PHE B 191 5.17 56.27 11.89
C PHE B 191 3.80 56.03 12.53
N SER B 192 3.48 56.74 13.62
CA SER B 192 2.18 56.74 14.31
C SER B 192 1.48 58.09 14.07
N VAL B 193 0.29 58.26 14.68
CA VAL B 193 -0.55 59.49 14.61
C VAL B 193 -0.92 59.91 16.03
N LYS B 194 -0.68 61.17 16.37
CA LYS B 194 -1.06 61.79 17.69
C LYS B 194 -1.73 63.13 17.40
N ASN B 195 -2.76 63.49 18.16
CA ASN B 195 -3.61 64.69 17.88
C ASN B 195 -3.37 65.78 18.92
N ILE B 196 -3.26 67.03 18.46
CA ILE B 196 -3.10 68.25 19.30
C ILE B 196 -4.49 68.69 19.76
N LYS B 197 -4.69 68.90 21.07
CA LYS B 197 -5.98 69.34 21.67
C LYS B 197 -6.01 70.86 21.81
N LYS B 198 -7.10 71.50 21.35
CA LYS B 198 -7.34 72.97 21.49
C LYS B 198 -8.74 73.19 22.10
N LYS B 199 -8.80 73.64 23.36
CA LYS B 199 -10.07 73.83 24.12
C LYS B 199 -10.77 75.10 23.62
N LEU B 200 -11.98 74.96 23.05
CA LEU B 200 -12.80 76.07 22.49
C LEU B 200 -14.07 76.23 23.33
N PRO B 201 -14.81 77.36 23.20
CA PRO B 201 -16.10 77.51 23.86
C PRO B 201 -17.20 76.70 23.16
N ALA B 202 -18.30 76.40 23.86
CA ALA B 202 -19.44 75.61 23.35
C ALA B 202 -20.74 76.03 24.05
N LYS B 203 -21.87 75.92 23.33
CA LYS B 203 -23.24 76.21 23.84
C LYS B 203 -23.84 74.91 24.38
N ASN B 204 -23.32 74.40 25.49
CA ASN B 204 -23.78 73.14 26.14
C ASN B 204 -23.45 73.14 27.63
N ARG B 205 -24.06 72.21 28.37
CA ARG B 205 -23.99 72.04 29.84
C ARG B 205 -22.52 72.13 30.31
N LYS B 206 -21.62 71.38 29.67
CA LYS B 206 -20.19 71.26 30.05
C LYS B 206 -19.45 72.57 29.72
N GLY B 207 -20.00 73.40 28.82
CA GLY B 207 -19.59 74.80 28.62
C GLY B 207 -18.50 74.97 27.57
N PHE B 208 -17.69 73.94 27.32
CA PHE B 208 -16.49 74.03 26.44
C PHE B 208 -16.45 72.83 25.47
N LEU B 209 -15.38 72.78 24.67
CA LEU B 209 -15.18 71.87 23.51
C LEU B 209 -13.71 71.43 23.48
N ILE B 210 -13.41 70.29 22.89
CA ILE B 210 -12.02 69.80 22.66
C ILE B 210 -11.86 69.50 21.16
N LYS B 211 -11.28 70.45 20.42
CA LYS B 211 -10.92 70.33 18.98
C LYS B 211 -9.56 69.63 18.85
N ARG B 212 -9.53 68.46 18.23
CA ARG B 212 -8.31 67.63 18.03
C ARG B 212 -7.79 67.84 16.60
N ILE B 213 -6.47 68.00 16.48
CA ILE B 213 -5.74 68.06 15.17
C ILE B 213 -4.74 66.92 15.12
N PRO B 214 -5.08 65.76 14.50
CA PRO B 214 -4.13 64.66 14.34
C PRO B 214 -2.95 65.04 13.43
N MET B 215 -1.75 64.62 13.81
CA MET B 215 -0.49 64.82 13.05
C MET B 215 0.33 63.54 13.06
N LYS B 216 1.05 63.27 11.96
CA LYS B 216 2.00 62.14 11.80
C LYS B 216 3.15 62.36 12.79
N VAL B 217 3.56 61.30 13.52
CA VAL B 217 4.75 61.36 14.43
C VAL B 217 5.63 60.14 14.18
N LYS B 218 6.81 60.09 14.81
CA LYS B 218 7.66 58.87 14.92
C LYS B 218 7.59 58.39 16.36
N ASP B 219 7.36 57.09 16.56
CA ASP B 219 7.27 56.46 17.90
C ASP B 219 8.19 55.23 17.91
N LYS B 220 8.83 54.96 19.06
CA LYS B 220 9.76 53.82 19.27
C LYS B 220 9.15 52.88 20.31
N ILE B 221 9.19 51.57 20.03
CA ILE B 221 8.68 50.51 20.95
C ILE B 221 9.76 49.43 21.07
N THR B 222 9.79 48.71 22.20
CA THR B 222 10.81 47.66 22.49
C THR B 222 10.42 46.37 21.74
N LYS B 223 11.33 45.40 21.68
CA LYS B 223 11.15 44.13 20.92
C LYS B 223 9.90 43.39 21.44
N VAL B 224 9.81 43.18 22.76
CA VAL B 224 8.69 42.45 23.43
C VAL B 224 7.37 43.18 23.14
N GLU B 225 7.36 44.50 23.33
CA GLU B 225 6.21 45.41 23.04
C GLU B 225 5.78 45.22 21.57
N TYR B 226 6.74 45.20 20.64
CA TYR B 226 6.45 45.03 19.18
C TYR B 226 5.89 43.63 18.92
N ILE B 227 6.55 42.58 19.40
CA ILE B 227 6.12 41.16 19.22
C ILE B 227 4.64 41.05 19.62
N LYS B 228 4.29 41.58 20.80
CA LYS B 228 2.90 41.61 21.33
C LYS B 228 1.95 42.30 20.34
N ARG B 229 2.37 43.43 19.75
CA ARG B 229 1.57 44.19 18.76
C ARG B 229 1.39 43.35 17.49
N ALA B 230 2.47 42.74 17.00
CA ALA B 230 2.50 41.91 15.77
C ALA B 230 1.65 40.66 15.96
N LEU B 231 1.54 40.14 17.19
CA LEU B 231 0.72 38.93 17.51
C LEU B 231 -0.73 39.32 17.84
N SER B 232 -1.05 40.62 17.94
CA SER B 232 -2.33 41.14 18.48
C SER B 232 -3.45 41.09 17.43
N LEU B 233 -4.68 40.82 17.90
CA LEU B 233 -5.94 40.92 17.13
C LEU B 233 -6.75 42.09 17.69
N ASN B 234 -7.37 42.88 16.81
CA ASN B 234 -8.37 43.92 17.18
C ASN B 234 -9.73 43.21 17.28
N THR B 235 -10.57 43.60 18.25
CA THR B 235 -11.90 42.98 18.49
C THR B 235 -12.99 44.04 18.43
N MET B 236 -14.10 43.73 17.76
CA MET B 236 -15.35 44.52 17.73
C MET B 236 -16.54 43.55 17.68
N THR B 237 -17.75 44.05 17.92
CA THR B 237 -19.01 43.28 17.88
C THR B 237 -19.51 43.23 16.43
N LYS B 238 -20.02 42.07 15.99
CA LYS B 238 -20.58 41.90 14.63
C LYS B 238 -21.95 42.59 14.58
N ASP B 239 -22.13 43.51 13.63
CA ASP B 239 -23.39 44.28 13.43
C ASP B 239 -24.16 43.69 12.24
N ALA B 240 -25.51 43.73 12.32
CA ALA B 240 -26.44 43.39 11.22
C ALA B 240 -26.38 41.89 10.91
N GLU B 241 -25.99 41.06 11.87
CA GLU B 241 -26.03 39.58 11.74
C GLU B 241 -27.46 39.10 12.00
N ARG B 242 -27.93 38.16 11.19
CA ARG B 242 -29.35 37.74 11.12
C ARG B 242 -29.54 36.44 11.92
N GLY B 243 -30.77 36.19 12.37
CA GLY B 243 -31.20 34.92 13.01
C GLY B 243 -30.57 34.67 14.38
N LYS B 244 -30.22 35.72 15.13
CA LYS B 244 -29.52 35.59 16.45
C LYS B 244 -30.02 36.68 17.41
N LEU B 245 -30.41 36.27 18.63
CA LEU B 245 -30.92 37.17 19.71
C LEU B 245 -29.78 37.98 20.32
N LYS B 246 -28.63 37.34 20.59
CA LYS B 246 -27.49 37.94 21.32
C LYS B 246 -26.33 38.23 20.35
N ARG B 247 -25.57 39.29 20.60
CA ARG B 247 -24.41 39.73 19.77
C ARG B 247 -23.21 38.83 20.09
N ARG B 248 -22.20 38.83 19.21
CA ARG B 248 -20.95 38.06 19.37
C ARG B 248 -19.76 38.94 18.99
N ALA B 249 -18.61 38.67 19.61
CA ALA B 249 -17.31 39.32 19.30
C ALA B 249 -16.73 38.72 18.02
N ILE B 250 -16.16 39.56 17.15
CA ILE B 250 -15.35 39.14 15.98
C ILE B 250 -13.97 39.81 16.10
N ALA B 251 -12.97 39.31 15.36
CA ALA B 251 -11.56 39.76 15.47
C ALA B 251 -11.01 40.05 14.07
N THR B 252 -10.08 41.02 14.00
CA THR B 252 -9.29 41.42 12.81
C THR B 252 -7.81 41.25 13.15
N ALA B 253 -7.07 40.59 12.26
CA ALA B 253 -5.63 40.29 12.38
C ALA B 253 -4.82 41.46 11.79
N GLY B 254 -3.53 41.53 12.13
CA GLY B 254 -2.58 42.51 11.58
C GLY B 254 -2.23 42.19 10.13
N ILE B 255 -1.45 43.06 9.50
CA ILE B 255 -1.00 42.93 8.08
C ILE B 255 0.10 41.87 7.98
N GLN B 256 0.94 41.74 9.01
CA GLN B 256 2.12 40.83 9.06
C GLN B 256 1.72 39.41 8.64
N ILE B 257 0.67 38.85 9.24
CA ILE B 257 0.27 37.42 9.12
C ILE B 257 -0.43 37.15 7.77
N ARG B 258 -0.92 38.19 7.10
CA ARG B 258 -1.84 38.06 5.93
C ARG B 258 -1.16 37.28 4.79
N GLY B 259 0.12 37.58 4.52
CA GLY B 259 0.92 36.91 3.48
C GLY B 259 1.02 35.42 3.70
N PHE B 260 1.21 35.00 4.96
CA PHE B 260 1.36 33.59 5.38
C PHE B 260 0.00 32.88 5.28
N VAL B 261 -1.07 33.54 5.77
CA VAL B 261 -2.47 33.02 5.73
C VAL B 261 -2.87 32.81 4.27
N LEU B 262 -2.59 33.79 3.41
CA LEU B 262 -2.87 33.74 1.94
C LEU B 262 -2.39 32.40 1.36
N VAL B 263 -1.15 32.01 1.65
CA VAL B 263 -0.49 30.79 1.10
C VAL B 263 -1.14 29.53 1.69
N VAL B 264 -1.37 29.52 3.00
CA VAL B 264 -1.99 28.37 3.73
C VAL B 264 -3.42 28.14 3.19
N GLU B 265 -4.17 29.23 2.96
CA GLU B 265 -5.56 29.17 2.42
C GLU B 265 -5.52 28.74 0.95
N ASN B 266 -4.52 29.21 0.20
CA ASN B 266 -4.29 28.84 -1.22
C ASN B 266 -4.00 27.33 -1.28
N LEU B 267 -3.16 26.83 -0.37
CA LEU B 267 -2.84 25.38 -0.23
C LEU B 267 -4.13 24.59 0.03
N ALA B 268 -4.93 25.04 0.99
CA ALA B 268 -6.19 24.39 1.44
C ALA B 268 -7.24 24.42 0.31
N LYS B 269 -7.26 25.51 -0.48
CA LYS B 269 -8.18 25.70 -1.63
C LYS B 269 -7.91 24.61 -2.68
N ASN B 270 -6.64 24.40 -3.00
CA ASN B 270 -6.18 23.37 -3.99
C ASN B 270 -6.71 21.99 -3.57
N ILE B 271 -6.58 21.67 -2.28
CA ILE B 271 -7.08 20.39 -1.69
C ILE B 271 -8.62 20.37 -1.79
N CYS B 272 -9.28 21.40 -1.23
CA CYS B 272 -10.77 21.53 -1.18
C CYS B 272 -11.38 21.36 -2.58
N GLU B 273 -10.78 21.97 -3.60
CA GLU B 273 -11.24 21.91 -5.02
C GLU B 273 -11.41 20.46 -5.48
N ASN B 274 -10.53 19.57 -5.02
CA ASN B 274 -10.45 18.15 -5.47
C ASN B 274 -11.16 17.21 -4.50
N LEU B 275 -11.71 17.72 -3.40
CA LEU B 275 -12.52 16.94 -2.42
C LEU B 275 -13.98 16.93 -2.88
N GLU B 276 -14.56 15.74 -3.05
CA GLU B 276 -15.93 15.53 -3.59
C GLU B 276 -16.96 16.07 -2.59
N GLN B 277 -16.59 16.17 -1.30
CA GLN B 277 -17.52 16.51 -0.19
C GLN B 277 -17.26 17.94 0.32
N SER B 278 -16.43 18.74 -0.35
CA SER B 278 -16.20 20.16 0.02
C SER B 278 -17.26 21.05 -0.65
N GLY B 279 -17.97 21.86 0.15
CA GLY B 279 -18.86 22.93 -0.33
C GLY B 279 -18.11 24.24 -0.55
N LEU B 280 -16.81 24.27 -0.21
CA LEU B 280 -15.87 25.39 -0.45
C LEU B 280 -14.76 24.87 -1.37
N PRO B 281 -14.15 25.71 -2.25
CA PRO B 281 -14.52 27.11 -2.42
C PRO B 281 -15.70 27.35 -3.37
N VAL B 282 -16.26 26.27 -3.92
CA VAL B 282 -17.50 26.22 -4.77
C VAL B 282 -18.56 27.15 -4.15
N GLY B 283 -19.40 27.75 -4.98
CA GLY B 283 -20.46 28.67 -4.53
C GLY B 283 -21.61 28.75 -5.52
N GLY B 284 -22.77 29.22 -5.04
CA GLY B 284 -23.99 29.43 -5.84
C GLY B 284 -24.46 28.16 -6.53
N ASN B 285 -24.56 28.21 -7.86
CA ASN B 285 -25.17 27.13 -8.70
C ASN B 285 -24.21 25.94 -8.79
N GLU B 286 -22.89 26.18 -8.78
CA GLU B 286 -21.86 25.11 -8.82
C GLU B 286 -21.98 24.27 -7.54
N LYS B 287 -22.19 24.91 -6.39
CA LYS B 287 -22.40 24.23 -5.08
C LYS B 287 -23.67 23.37 -5.17
N LYS B 288 -24.79 24.00 -5.54
CA LYS B 288 -26.14 23.35 -5.65
C LYS B 288 -26.04 22.06 -6.48
N ALA B 289 -25.45 22.14 -7.67
CA ALA B 289 -25.24 21.00 -8.59
C ALA B 289 -24.47 19.89 -7.87
N LYS B 290 -23.32 20.26 -7.27
CA LYS B 290 -22.41 19.35 -6.52
C LYS B 290 -23.20 18.64 -5.41
N LEU B 291 -23.96 19.39 -4.61
CA LEU B 291 -24.73 18.82 -3.47
C LEU B 291 -25.83 17.88 -4.01
N SER B 292 -26.59 18.36 -5.00
CA SER B 292 -27.69 17.62 -5.70
C SER B 292 -27.16 16.30 -6.26
N ASN B 293 -25.97 16.31 -6.88
CA ASN B 293 -25.29 15.09 -7.40
C ASN B 293 -24.99 14.14 -6.22
N ALA B 294 -24.37 14.67 -5.16
CA ALA B 294 -23.97 13.91 -3.94
C ALA B 294 -25.20 13.27 -3.29
N VAL B 295 -26.36 13.96 -3.31
CA VAL B 295 -27.63 13.41 -2.74
C VAL B 295 -28.14 12.25 -3.62
N ALA B 296 -28.09 12.41 -4.94
CA ALA B 296 -28.56 11.43 -5.95
C ALA B 296 -27.72 10.14 -5.87
N LYS B 297 -26.40 10.28 -5.70
CA LYS B 297 -25.42 9.17 -5.51
C LYS B 297 -25.86 8.32 -4.31
N MET B 298 -25.92 8.95 -3.14
CA MET B 298 -26.19 8.29 -1.83
C MET B 298 -27.57 7.63 -1.84
N LEU B 299 -28.53 8.21 -2.54
CA LEU B 299 -29.91 7.68 -2.72
C LEU B 299 -29.86 6.36 -3.49
N SER B 300 -29.17 6.35 -4.65
CA SER B 300 -29.03 5.17 -5.54
C SER B 300 -28.15 4.10 -4.89
N ASN B 301 -27.11 4.51 -4.14
CA ASN B 301 -26.14 3.58 -3.50
C ASN B 301 -26.63 3.12 -2.12
N CYS B 302 -27.94 3.21 -1.86
CA CYS B 302 -28.59 2.77 -0.59
C CYS B 302 -28.84 1.27 -0.65
N PRO B 303 -28.48 0.48 0.39
CA PRO B 303 -28.74 -0.96 0.39
C PRO B 303 -30.23 -1.26 0.28
N PRO B 304 -30.64 -2.21 -0.62
CA PRO B 304 -32.06 -2.54 -0.77
C PRO B 304 -32.59 -3.23 0.49
N GLY B 305 -33.70 -2.73 1.03
CA GLY B 305 -34.24 -3.11 2.36
C GLY B 305 -33.66 -2.24 3.46
N GLY B 306 -32.60 -1.47 3.17
CA GLY B 306 -31.96 -0.56 4.14
C GLY B 306 -32.61 0.82 4.15
N ILE B 307 -32.03 1.78 4.88
CA ILE B 307 -32.53 3.18 4.95
C ILE B 307 -31.35 4.14 4.81
N SER B 308 -31.55 5.24 4.08
CA SER B 308 -30.62 6.40 3.98
C SER B 308 -31.16 7.55 4.83
N MET B 309 -30.31 8.15 5.68
CA MET B 309 -30.70 9.25 6.58
C MET B 309 -29.72 10.43 6.43
N THR B 310 -30.24 11.66 6.51
CA THR B 310 -29.48 12.92 6.36
C THR B 310 -29.53 13.72 7.68
N VAL B 311 -28.36 14.00 8.26
CA VAL B 311 -28.18 14.90 9.43
C VAL B 311 -28.03 16.33 8.90
N THR B 312 -29.04 17.17 9.15
CA THR B 312 -28.97 18.65 8.94
C THR B 312 -28.05 19.20 10.04
N GLY B 313 -26.76 19.27 9.75
CA GLY B 313 -25.65 19.42 10.71
C GLY B 313 -25.31 20.86 10.98
N ASP B 314 -25.13 21.19 12.26
CA ASP B 314 -24.61 22.49 12.77
C ASP B 314 -23.50 22.16 13.78
N ASN B 315 -22.36 22.83 13.69
CA ASN B 315 -21.27 22.73 14.71
C ASN B 315 -21.39 23.91 15.67
N THR B 316 -21.03 23.70 16.94
CA THR B 316 -21.05 24.72 18.02
C THR B 316 -19.62 25.03 18.48
N LYS B 317 -19.32 26.30 18.73
CA LYS B 317 -18.02 26.80 19.26
C LYS B 317 -16.89 26.38 18.29
N TRP B 318 -17.21 26.34 16.99
CA TRP B 318 -16.30 25.94 15.89
C TRP B 318 -14.95 26.63 16.06
N ASN B 319 -14.93 27.95 15.99
CA ASN B 319 -13.69 28.77 16.10
C ASN B 319 -13.10 28.62 17.51
N GLU B 320 -13.94 28.63 18.55
CA GLU B 320 -13.49 28.57 19.97
C GLU B 320 -12.66 27.30 20.21
N CYS B 321 -13.03 26.18 19.59
CA CYS B 321 -12.47 24.83 19.90
C CYS B 321 -11.33 24.46 18.94
N LEU B 322 -11.40 24.83 17.66
CA LEU B 322 -10.30 24.60 16.67
C LEU B 322 -9.01 25.21 17.22
N ASN B 323 -7.85 24.59 16.95
CA ASN B 323 -6.56 24.94 17.62
C ASN B 323 -5.46 25.17 16.57
N PRO B 324 -4.74 26.32 16.64
CA PRO B 324 -3.65 26.62 15.72
C PRO B 324 -2.59 25.51 15.63
N ARG B 325 -2.32 24.85 16.77
CA ARG B 325 -1.32 23.75 16.88
C ARG B 325 -1.74 22.60 15.96
N ILE B 326 -3.04 22.37 15.79
CA ILE B 326 -3.59 21.30 14.90
C ILE B 326 -3.35 21.70 13.44
N PHE B 327 -3.62 22.97 13.11
CA PHE B 327 -3.38 23.53 11.75
C PHE B 327 -1.87 23.48 11.43
N LEU B 328 -1.03 23.80 12.42
CA LEU B 328 0.45 23.68 12.30
C LEU B 328 0.81 22.25 11.88
N ALA B 329 0.17 21.25 12.50
CA ALA B 329 0.34 19.81 12.19
C ALA B 329 -0.19 19.52 10.78
N MET B 330 -1.36 20.09 10.44
CA MET B 330 -1.99 19.92 9.10
C MET B 330 -1.03 20.41 8.01
N THR B 331 -0.49 21.63 8.15
CA THR B 331 0.49 22.22 7.19
C THR B 331 1.71 21.30 7.08
N GLU B 332 2.20 20.81 8.21
CA GLU B 332 3.36 19.87 8.29
C GLU B 332 3.05 18.61 7.50
N ARG B 333 1.91 17.96 7.75
CA ARG B 333 1.57 16.65 7.12
C ARG B 333 1.23 16.86 5.64
N ILE B 334 0.65 18.01 5.28
CA ILE B 334 0.25 18.32 3.88
C ILE B 334 1.51 18.59 3.03
N THR B 335 2.48 19.33 3.57
CA THR B 335 3.72 19.74 2.84
C THR B 335 4.84 18.71 3.08
N ARG B 336 4.51 17.43 3.17
CA ARG B 336 5.43 16.30 3.48
C ARG B 336 6.63 16.34 2.53
N ASP B 337 6.38 16.30 1.22
CA ASP B 337 7.40 16.12 0.15
C ASP B 337 7.81 17.50 -0.42
N SER B 338 7.80 18.55 0.40
CA SER B 338 8.05 19.95 -0.02
C SER B 338 9.43 20.40 0.43
N PRO B 339 10.04 21.39 -0.26
CA PRO B 339 11.28 22.02 0.21
C PRO B 339 11.14 22.66 1.60
N ILE B 340 12.15 22.47 2.44
CA ILE B 340 12.17 22.87 3.88
C ILE B 340 11.72 24.33 4.01
N TRP B 341 12.16 25.21 3.09
CA TRP B 341 11.83 26.66 3.10
C TRP B 341 10.31 26.84 3.03
N PHE B 342 9.62 26.08 2.18
CA PHE B 342 8.17 26.21 1.94
C PHE B 342 7.40 25.60 3.12
N ARG B 343 7.89 24.47 3.65
CA ARG B 343 7.35 23.83 4.88
C ARG B 343 7.44 24.84 6.03
N ASP B 344 8.59 25.53 6.14
CA ASP B 344 8.86 26.58 7.17
C ASP B 344 7.94 27.78 6.92
N PHE B 345 7.71 28.15 5.65
CA PHE B 345 6.83 29.29 5.27
C PHE B 345 5.40 29.03 5.75
N CYS B 346 4.86 27.86 5.40
CA CYS B 346 3.48 27.41 5.73
C CYS B 346 3.28 27.27 7.26
N SER B 347 4.37 27.07 8.01
CA SER B 347 4.34 26.81 9.48
C SER B 347 4.10 28.11 10.27
N ILE B 348 4.26 29.28 9.66
CA ILE B 348 4.36 30.57 10.39
C ILE B 348 2.99 31.09 10.79
N ALA B 349 2.01 31.06 9.88
CA ALA B 349 0.63 31.57 10.12
C ALA B 349 0.04 30.84 11.33
N PRO B 350 0.03 29.49 11.37
CA PRO B 350 -0.42 28.75 12.57
C PRO B 350 0.36 29.09 13.84
N VAL B 351 1.67 29.31 13.73
CA VAL B 351 2.58 29.61 14.89
C VAL B 351 2.24 30.99 15.45
N LEU B 352 2.00 31.98 14.58
CA LEU B 352 1.60 33.36 14.99
C LEU B 352 0.23 33.30 15.69
N PHE B 353 -0.68 32.46 15.20
CA PHE B 353 -2.03 32.25 15.79
C PHE B 353 -1.91 31.53 17.13
N SER B 354 -0.97 30.60 17.26
CA SER B 354 -0.73 29.82 18.51
C SER B 354 -0.32 30.75 19.66
N ASN B 355 0.27 31.91 19.35
CA ASN B 355 0.81 32.88 20.34
C ASN B 355 0.08 34.22 20.20
N LYS B 356 -1.16 34.21 19.70
CA LYS B 356 -1.96 35.44 19.43
C LYS B 356 -2.46 36.03 20.74
N ILE B 357 -2.60 37.37 20.77
CA ILE B 357 -3.10 38.19 21.91
C ILE B 357 -4.33 38.96 21.43
N ALA B 358 -5.44 38.89 22.16
CA ALA B 358 -6.70 39.62 21.84
C ALA B 358 -6.68 40.99 22.53
N ARG B 359 -6.85 42.06 21.75
CA ARG B 359 -7.18 43.41 22.27
C ARG B 359 -8.65 43.38 22.71
N LEU B 360 -8.96 43.96 23.87
CA LEU B 360 -10.27 43.77 24.57
C LEU B 360 -11.23 44.95 24.29
N GLY B 361 -10.91 45.82 23.33
CA GLY B 361 -11.82 46.88 22.84
C GLY B 361 -11.79 48.12 23.72
N LYS B 362 -12.93 48.81 23.83
CA LYS B 362 -13.06 50.19 24.41
C LYS B 362 -13.09 50.14 25.93
N GLY B 363 -13.40 49.00 26.53
CA GLY B 363 -13.56 48.83 27.99
C GLY B 363 -15.00 49.01 28.40
N PHE B 364 -15.26 49.21 29.70
CA PHE B 364 -16.63 49.33 30.28
C PHE B 364 -16.90 50.78 30.70
N MET B 365 -18.16 51.20 30.66
CA MET B 365 -18.63 52.56 31.02
C MET B 365 -19.28 52.51 32.41
N ILE B 366 -18.76 53.30 33.36
CA ILE B 366 -19.36 53.43 34.73
C ILE B 366 -20.09 54.78 34.80
N THR B 367 -21.24 54.83 35.50
CA THR B 367 -22.17 55.98 35.51
C THR B 367 -22.68 56.25 36.93
N SER B 368 -23.08 57.50 37.20
CA SER B 368 -23.88 57.92 38.37
C SER B 368 -25.25 58.41 37.88
N LYS B 369 -26.30 57.65 38.16
CA LYS B 369 -27.70 57.98 37.77
C LYS B 369 -28.14 59.26 38.50
N THR B 370 -27.70 59.41 39.76
CA THR B 370 -28.00 60.56 40.65
C THR B 370 -27.41 61.85 40.06
N LYS B 371 -26.11 61.85 39.76
CA LYS B 371 -25.34 63.04 39.30
C LYS B 371 -25.43 63.17 37.78
N ARG B 372 -26.00 62.17 37.08
CA ARG B 372 -26.12 62.11 35.60
C ARG B 372 -24.73 62.29 34.99
N LEU B 373 -23.78 61.43 35.38
CA LEU B 373 -22.40 61.40 34.86
C LEU B 373 -22.11 60.00 34.31
N LYS B 374 -21.31 59.92 33.24
CA LYS B 374 -20.82 58.65 32.65
C LYS B 374 -19.32 58.79 32.36
N ALA B 375 -18.58 57.69 32.44
CA ALA B 375 -17.12 57.65 32.17
C ALA B 375 -16.75 56.30 31.53
N GLN B 376 -15.86 56.35 30.53
CA GLN B 376 -15.27 55.17 29.87
C GLN B 376 -14.01 54.76 30.63
N ILE B 377 -14.02 53.54 31.19
CA ILE B 377 -12.86 52.88 31.84
C ILE B 377 -12.17 52.01 30.78
N PRO B 378 -11.01 52.44 30.22
CA PRO B 378 -10.31 51.65 29.21
C PRO B 378 -9.76 50.35 29.82
N CYS B 379 -9.38 49.40 28.95
CA CYS B 379 -9.01 48.01 29.33
C CYS B 379 -7.81 48.00 30.28
N PRO B 380 -6.74 48.81 30.05
CA PRO B 380 -5.63 48.89 30.99
C PRO B 380 -6.06 49.18 32.44
N ASP B 381 -7.11 49.99 32.61
CA ASP B 381 -7.63 50.46 33.92
C ASP B 381 -8.83 49.63 34.37
N LEU B 382 -9.05 48.45 33.77
CA LEU B 382 -10.25 47.60 34.03
C LEU B 382 -10.30 47.19 35.50
N PHE B 383 -9.14 47.01 36.15
CA PHE B 383 -9.01 46.54 37.55
C PHE B 383 -8.57 47.71 38.47
N SER B 384 -8.59 48.95 37.97
CA SER B 384 -8.23 50.18 38.74
C SER B 384 -9.34 50.51 39.74
N ILE B 385 -10.54 49.94 39.57
CA ILE B 385 -11.71 50.11 40.48
C ILE B 385 -12.04 48.74 41.09
N PRO B 386 -12.62 48.69 42.31
CA PRO B 386 -13.05 47.42 42.90
C PRO B 386 -14.21 46.78 42.13
N LEU B 387 -14.15 45.46 41.94
CA LEU B 387 -15.06 44.70 41.04
C LEU B 387 -16.49 44.69 41.59
N GLU B 388 -16.70 45.20 42.81
CA GLU B 388 -18.05 45.40 43.42
C GLU B 388 -18.80 46.49 42.65
N ARG B 389 -18.08 47.40 41.99
CA ARG B 389 -18.64 48.58 41.26
C ARG B 389 -19.02 48.18 39.82
N TYR B 390 -18.70 46.95 39.39
CA TYR B 390 -19.20 46.37 38.12
C TYR B 390 -20.47 45.56 38.42
N ASN B 391 -21.32 45.34 37.41
CA ASN B 391 -22.55 44.50 37.52
C ASN B 391 -22.13 43.03 37.65
N GLU B 392 -23.08 42.17 38.02
CA GLU B 392 -22.84 40.75 38.39
C GLU B 392 -22.19 39.99 37.22
N GLU B 393 -22.61 40.27 35.98
CA GLU B 393 -22.14 39.56 34.75
C GLU B 393 -20.67 39.90 34.50
N THR B 394 -20.33 41.20 34.58
CA THR B 394 -18.97 41.75 34.34
C THR B 394 -18.03 41.34 35.48
N ARG B 395 -18.50 41.48 36.73
CA ARG B 395 -17.74 41.08 37.95
C ARG B 395 -17.25 39.63 37.81
N ALA B 396 -18.13 38.75 37.31
CA ALA B 396 -17.86 37.30 37.08
C ALA B 396 -16.83 37.13 35.95
N LYS B 397 -17.05 37.81 34.82
CA LYS B 397 -16.18 37.79 33.61
C LYS B 397 -14.75 38.17 33.98
N LEU B 398 -14.56 39.35 34.58
CA LEU B 398 -13.24 39.95 34.89
C LEU B 398 -12.46 39.05 35.86
N LYS B 399 -13.16 38.39 36.79
CA LYS B 399 -12.57 37.43 37.75
C LYS B 399 -11.97 36.24 37.00
N LYS B 400 -12.67 35.75 35.96
CA LYS B 400 -12.24 34.60 35.12
C LYS B 400 -11.21 35.06 34.08
N LEU B 401 -11.21 36.35 33.70
CA LEU B 401 -10.24 36.95 32.74
C LEU B 401 -8.86 37.08 33.40
N LYS B 402 -8.81 37.39 34.70
CA LYS B 402 -7.59 37.73 35.50
C LYS B 402 -6.37 36.94 35.01
N PRO B 403 -6.39 35.58 35.02
CA PRO B 403 -5.19 34.81 34.70
C PRO B 403 -4.63 35.03 33.29
N PHE B 404 -5.49 35.42 32.33
CA PHE B 404 -5.14 35.61 30.90
C PHE B 404 -4.97 37.11 30.58
N PHE B 405 -5.22 37.99 31.56
CA PHE B 405 -5.14 39.46 31.41
C PHE B 405 -3.68 39.91 31.43
N ASN B 406 -3.30 40.79 30.50
CA ASN B 406 -1.96 41.45 30.43
C ASN B 406 -2.11 42.90 30.90
N GLU B 407 -1.06 43.45 31.53
CA GLU B 407 -1.03 44.79 32.16
C GLU B 407 -1.57 45.88 31.22
N GLU B 408 -1.31 45.75 29.91
CA GLU B 408 -1.55 46.82 28.90
C GLU B 408 -2.98 46.72 28.34
N GLY B 409 -3.84 45.92 28.96
CA GLY B 409 -5.29 45.84 28.70
C GLY B 409 -5.64 44.86 27.60
N THR B 410 -4.71 43.95 27.26
CA THR B 410 -4.92 42.87 26.27
C THR B 410 -5.06 41.54 27.02
N ALA B 411 -5.50 40.48 26.33
CA ALA B 411 -5.64 39.13 26.89
C ALA B 411 -4.83 38.13 26.05
N SER B 412 -4.19 37.16 26.68
CA SER B 412 -3.56 36.00 25.99
C SER B 412 -4.66 35.07 25.49
N LEU B 413 -4.56 34.59 24.27
CA LEU B 413 -5.57 33.73 23.61
C LEU B 413 -4.86 32.71 22.70
N SER B 414 -4.06 31.82 23.29
CA SER B 414 -3.32 30.75 22.58
C SER B 414 -4.30 29.80 21.88
N PRO B 415 -5.34 29.28 22.56
CA PRO B 415 -6.27 28.35 21.94
C PRO B 415 -7.31 29.12 21.11
N GLY B 416 -8.09 28.39 20.29
CA GLY B 416 -9.19 28.97 19.49
C GLY B 416 -8.68 29.69 18.24
N MET B 417 -9.61 30.10 17.38
CA MET B 417 -9.37 30.83 16.11
C MET B 417 -10.38 31.98 16.01
N MET B 418 -10.27 32.97 16.90
CA MET B 418 -11.24 34.10 17.00
C MET B 418 -11.31 34.86 15.67
N MET B 419 -10.17 35.07 14.99
CA MET B 419 -10.06 35.84 13.72
C MET B 419 -10.66 35.05 12.55
N GLY B 420 -10.77 33.72 12.69
CA GLY B 420 -11.11 32.79 11.59
C GLY B 420 -9.94 32.66 10.63
N MET B 421 -10.17 32.95 9.34
CA MET B 421 -9.12 33.13 8.30
C MET B 421 -8.62 31.78 7.75
N PHE B 422 -8.90 30.66 8.43
CA PHE B 422 -8.54 29.29 7.99
C PHE B 422 -9.81 28.50 7.65
N ASN B 423 -10.70 29.11 6.86
CA ASN B 423 -12.03 28.55 6.49
C ASN B 423 -11.83 27.29 5.65
N MET B 424 -10.89 27.32 4.71
CA MET B 424 -10.58 26.20 3.78
C MET B 424 -9.89 25.08 4.55
N LEU B 425 -8.89 25.41 5.38
CA LEU B 425 -8.07 24.42 6.12
C LEU B 425 -8.95 23.74 7.18
N SER B 426 -9.84 24.51 7.81
CA SER B 426 -10.85 23.99 8.78
C SER B 426 -11.87 23.11 8.04
N THR B 427 -12.19 23.43 6.79
CA THR B 427 -13.05 22.60 5.90
C THR B 427 -12.33 21.28 5.60
N VAL B 428 -11.04 21.34 5.22
CA VAL B 428 -10.18 20.14 4.95
C VAL B 428 -10.25 19.21 6.17
N LEU B 429 -10.17 19.78 7.39
CA LEU B 429 -10.26 19.04 8.68
C LEU B 429 -11.64 18.37 8.81
N GLY B 430 -12.71 19.09 8.47
CA GLY B 430 -14.09 18.58 8.52
C GLY B 430 -14.30 17.44 7.53
N VAL B 431 -13.79 17.61 6.31
CA VAL B 431 -13.88 16.60 5.21
C VAL B 431 -13.07 15.36 5.62
N ALA B 432 -11.99 15.54 6.39
CA ALA B 432 -11.18 14.45 6.96
C ALA B 432 -12.09 13.52 7.79
N ALA B 433 -12.90 14.10 8.68
CA ALA B 433 -13.88 13.37 9.53
C ALA B 433 -14.89 12.61 8.65
N LEU B 434 -15.49 13.30 7.68
CA LEU B 434 -16.43 12.70 6.68
C LEU B 434 -15.75 11.52 5.97
N GLY B 435 -14.45 11.66 5.69
CA GLY B 435 -13.62 10.68 4.95
C GLY B 435 -13.47 9.35 5.68
N ILE B 436 -13.62 9.32 7.01
CA ILE B 436 -13.45 8.08 7.83
C ILE B 436 -14.53 7.06 7.44
N LYS B 437 -15.77 7.52 7.23
CA LYS B 437 -16.92 6.74 6.66
C LYS B 437 -17.44 5.68 7.64
N ASN B 438 -16.56 4.96 8.35
CA ASN B 438 -16.92 3.77 9.18
C ASN B 438 -15.93 3.63 10.35
N ILE B 439 -16.40 3.06 11.46
CA ILE B 439 -15.58 2.69 12.66
C ILE B 439 -15.87 1.23 13.02
N GLY B 440 -14.81 0.43 13.20
CA GLY B 440 -14.85 -0.95 13.74
C GLY B 440 -15.61 -1.91 12.85
N ASN B 441 -15.67 -1.64 11.54
CA ASN B 441 -16.34 -2.50 10.51
C ASN B 441 -17.81 -2.73 10.91
N LYS B 442 -18.48 -1.71 11.44
CA LYS B 442 -19.91 -1.76 11.83
C LYS B 442 -20.77 -1.72 10.56
N GLU B 443 -22.04 -2.08 10.66
CA GLU B 443 -22.96 -2.31 9.52
C GLU B 443 -23.60 -0.99 9.07
N TYR B 444 -22.79 0.06 8.89
CA TYR B 444 -23.22 1.41 8.40
C TYR B 444 -22.09 2.05 7.59
N LEU B 445 -22.43 2.99 6.71
CA LEU B 445 -21.46 3.87 5.99
C LEU B 445 -21.93 5.32 6.08
N TRP B 446 -21.01 6.26 6.35
CA TRP B 446 -21.32 7.71 6.36
C TRP B 446 -20.49 8.44 5.30
N ASP B 447 -21.04 9.56 4.81
CA ASP B 447 -20.39 10.52 3.88
C ASP B 447 -21.10 11.87 4.11
N GLY B 448 -20.78 12.92 3.35
CA GLY B 448 -21.48 14.20 3.51
C GLY B 448 -20.89 15.34 2.70
N LEU B 449 -21.28 16.56 3.07
CA LEU B 449 -20.78 17.84 2.53
C LEU B 449 -20.27 18.66 3.71
N GLN B 450 -19.21 19.47 3.51
CA GLN B 450 -18.62 20.35 4.55
C GLN B 450 -18.33 21.71 3.91
N SER B 451 -18.93 22.77 4.45
CA SER B 451 -18.61 24.18 4.16
C SER B 451 -18.29 24.88 5.49
N SER B 452 -17.00 25.04 5.78
CA SER B 452 -16.46 25.58 7.06
C SER B 452 -17.11 24.85 8.24
N ASP B 453 -17.96 25.51 9.03
CA ASP B 453 -18.59 24.96 10.25
C ASP B 453 -19.94 24.30 9.92
N ASP B 454 -20.37 24.35 8.65
CA ASP B 454 -21.67 23.79 8.18
C ASP B 454 -21.41 22.43 7.53
N PHE B 455 -22.25 21.43 7.82
CA PHE B 455 -22.11 20.06 7.28
C PHE B 455 -23.48 19.40 7.13
N ALA B 456 -23.62 18.55 6.12
CA ALA B 456 -24.70 17.55 5.97
C ALA B 456 -24.05 16.16 5.98
N LEU B 457 -24.53 15.26 6.85
CA LEU B 457 -24.00 13.88 6.95
C LEU B 457 -25.05 12.91 6.41
N PHE B 458 -24.72 12.15 5.36
CA PHE B 458 -25.56 11.05 4.84
C PHE B 458 -25.07 9.74 5.47
N VAL B 459 -25.99 8.98 6.08
CA VAL B 459 -25.68 7.67 6.73
C VAL B 459 -26.56 6.59 6.10
N ASN B 460 -25.93 5.52 5.59
CA ASN B 460 -26.60 4.34 5.00
C ASN B 460 -26.40 3.15 5.93
N ALA B 461 -27.47 2.38 6.18
CA ALA B 461 -27.50 1.19 7.06
C ALA B 461 -28.80 0.40 6.84
N LYS B 462 -28.92 -0.73 7.55
CA LYS B 462 -30.06 -1.70 7.44
C LYS B 462 -31.30 -1.09 8.08
N ASP B 463 -31.15 -0.48 9.26
CA ASP B 463 -32.24 0.18 10.02
C ASP B 463 -31.73 1.54 10.52
N GLU B 464 -32.65 2.39 10.99
CA GLU B 464 -32.34 3.75 11.51
C GLU B 464 -31.58 3.63 12.84
N GLU B 465 -31.85 2.56 13.60
CA GLU B 465 -31.15 2.24 14.88
C GLU B 465 -29.64 2.14 14.61
N THR B 466 -29.24 1.44 13.55
CA THR B 466 -27.82 1.26 13.14
C THR B 466 -27.29 2.58 12.56
N CYS B 467 -28.12 3.32 11.81
CA CYS B 467 -27.80 4.69 11.31
C CYS B 467 -27.40 5.58 12.49
N MET B 468 -28.19 5.57 13.57
CA MET B 468 -27.94 6.40 14.78
C MET B 468 -26.56 6.03 15.38
N GLU B 469 -26.17 4.75 15.33
CA GLU B 469 -24.84 4.28 15.79
C GLU B 469 -23.74 4.98 14.99
N GLY B 470 -23.95 5.10 13.67
CA GLY B 470 -23.02 5.79 12.75
C GLY B 470 -22.91 7.27 13.09
N ILE B 471 -24.05 7.91 13.34
CA ILE B 471 -24.15 9.34 13.72
C ILE B 471 -23.43 9.54 15.06
N ASN B 472 -23.62 8.61 16.00
CA ASN B 472 -22.98 8.67 17.34
C ASN B 472 -21.47 8.50 17.18
N ASP B 473 -21.03 7.60 16.30
CA ASP B 473 -19.59 7.36 16.02
C ASP B 473 -19.00 8.59 15.35
N PHE B 474 -19.71 9.19 14.39
CA PHE B 474 -19.30 10.45 13.71
C PHE B 474 -19.16 11.57 14.76
N TYR B 475 -20.18 11.74 15.61
CA TYR B 475 -20.20 12.72 16.73
C TYR B 475 -18.89 12.62 17.52
N ARG B 476 -18.54 11.39 17.92
CA ARG B 476 -17.39 11.06 18.80
C ARG B 476 -16.08 11.28 18.03
N THR B 477 -16.00 10.80 16.79
CA THR B 477 -14.81 10.95 15.89
C THR B 477 -14.43 12.43 15.77
N CYS B 478 -15.42 13.31 15.61
CA CYS B 478 -15.24 14.78 15.45
C CYS B 478 -14.55 15.37 16.69
N LYS B 479 -14.95 14.93 17.88
CA LYS B 479 -14.39 15.42 19.18
C LYS B 479 -12.87 15.24 19.18
N LEU B 480 -12.37 14.19 18.51
CA LEU B 480 -10.93 13.83 18.43
C LEU B 480 -10.19 14.82 17.52
N LEU B 481 -10.91 15.58 16.69
CA LEU B 481 -10.33 16.59 15.76
C LEU B 481 -10.57 18.01 16.29
N GLY B 482 -11.22 18.14 17.45
CA GLY B 482 -11.58 19.43 18.08
C GLY B 482 -12.83 20.03 17.47
N ILE B 483 -13.68 19.20 16.85
CA ILE B 483 -14.95 19.61 16.18
C ILE B 483 -16.14 19.14 17.04
N ASN B 484 -17.06 20.06 17.35
CA ASN B 484 -18.19 19.82 18.29
C ASN B 484 -19.53 20.00 17.56
N MET B 485 -20.15 18.89 17.17
CA MET B 485 -21.51 18.84 16.60
C MET B 485 -22.50 19.40 17.63
N SER B 486 -23.32 20.38 17.24
CA SER B 486 -24.41 20.95 18.06
C SER B 486 -25.56 19.94 18.13
N LYS B 487 -25.88 19.44 19.32
CA LYS B 487 -27.04 18.53 19.55
C LYS B 487 -28.32 19.37 19.62
N LYS B 488 -28.19 20.66 19.96
CA LYS B 488 -29.33 21.60 20.11
C LYS B 488 -29.85 22.02 18.73
N LYS B 489 -28.95 22.26 17.76
CA LYS B 489 -29.27 22.88 16.45
C LYS B 489 -29.24 21.83 15.32
N SER B 490 -28.61 20.67 15.53
CA SER B 490 -28.59 19.55 14.56
C SER B 490 -29.83 18.68 14.74
N TYR B 491 -30.33 18.11 13.64
CA TYR B 491 -31.41 17.10 13.63
C TYR B 491 -31.22 16.17 12.42
N CYS B 492 -31.94 15.04 12.43
CA CYS B 492 -31.80 13.93 11.46
C CYS B 492 -33.18 13.56 10.92
N ASN B 493 -33.22 13.00 9.70
CA ASN B 493 -34.44 12.41 9.09
C ASN B 493 -34.03 11.52 7.92
N GLU B 494 -34.96 10.68 7.44
CA GLU B 494 -34.76 9.82 6.25
C GLU B 494 -34.46 10.74 5.06
N THR B 495 -33.48 10.37 4.22
CA THR B 495 -32.97 11.20 3.09
C THR B 495 -34.14 11.57 2.18
N GLY B 496 -34.11 12.79 1.63
CA GLY B 496 -35.19 13.40 0.83
C GLY B 496 -35.29 14.90 1.11
N MET B 497 -35.02 15.32 2.35
CA MET B 497 -34.96 16.74 2.77
C MET B 497 -33.84 16.96 3.77
N PHE B 498 -33.24 18.15 3.72
CA PHE B 498 -32.21 18.67 4.66
C PHE B 498 -32.00 20.16 4.36
N GLU B 499 -31.30 20.84 5.26
CA GLU B 499 -30.85 22.25 5.11
C GLU B 499 -29.32 22.25 5.16
N PHE B 500 -28.68 23.05 4.30
CA PHE B 500 -27.21 23.20 4.24
C PHE B 500 -26.88 24.64 3.85
N THR B 501 -26.17 25.37 4.72
CA THR B 501 -25.79 26.80 4.56
C THR B 501 -27.01 27.60 4.06
N SER B 502 -28.14 27.45 4.76
CA SER B 502 -29.42 28.18 4.52
C SER B 502 -30.00 27.86 3.13
N MET B 503 -29.53 26.79 2.49
CA MET B 503 -30.16 26.21 1.26
C MET B 503 -30.99 25.00 1.68
N PHE B 504 -32.24 24.94 1.21
CA PHE B 504 -33.28 23.98 1.65
C PHE B 504 -33.56 22.97 0.53
N TYR B 505 -33.36 21.69 0.86
CA TYR B 505 -33.56 20.53 -0.04
C TYR B 505 -34.88 19.83 0.31
N ARG B 506 -35.71 19.59 -0.70
CA ARG B 506 -36.95 18.75 -0.61
C ARG B 506 -37.15 18.08 -1.97
N ASP B 507 -36.57 16.90 -2.17
CA ASP B 507 -36.51 16.19 -3.48
C ASP B 507 -35.97 17.18 -4.53
N GLY B 508 -34.90 17.90 -4.16
CA GLY B 508 -34.30 18.99 -4.95
C GLY B 508 -34.23 20.26 -4.12
N PHE B 509 -33.33 21.18 -4.46
CA PHE B 509 -33.16 22.48 -3.78
C PHE B 509 -34.33 23.40 -4.15
N VAL B 510 -34.96 24.00 -3.14
CA VAL B 510 -36.10 24.95 -3.35
C VAL B 510 -35.57 26.38 -3.34
N SER B 511 -36.32 27.31 -3.95
CA SER B 511 -35.99 28.76 -3.97
C SER B 511 -36.19 29.32 -2.56
N ASN B 512 -35.33 30.24 -2.14
CA ASN B 512 -35.43 30.99 -0.87
C ASN B 512 -35.25 32.48 -1.20
N PHE B 513 -36.31 33.11 -1.68
CA PHE B 513 -36.31 34.48 -2.27
C PHE B 513 -35.96 35.52 -1.19
N ALA B 514 -36.46 35.34 0.03
CA ALA B 514 -36.34 36.28 1.17
C ALA B 514 -34.85 36.53 1.51
N MET B 515 -33.99 35.52 1.37
CA MET B 515 -32.53 35.62 1.64
C MET B 515 -31.91 36.75 0.80
N GLU B 516 -32.42 36.96 -0.42
CA GLU B 516 -31.88 37.89 -1.43
C GLU B 516 -32.56 39.25 -1.35
N LEU B 517 -33.62 39.40 -0.53
CA LEU B 517 -34.56 40.54 -0.58
C LEU B 517 -33.81 41.85 -0.31
N PRO B 518 -32.98 41.96 0.75
CA PRO B 518 -32.27 43.20 1.05
C PRO B 518 -31.36 43.70 -0.08
N SER B 519 -30.92 42.82 -0.98
CA SER B 519 -29.99 43.12 -2.10
C SER B 519 -30.72 43.83 -3.24
N PHE B 520 -32.06 43.87 -3.21
CA PHE B 520 -32.91 44.54 -4.24
C PHE B 520 -32.88 46.05 -4.07
N GLY B 521 -32.53 46.54 -2.88
CA GLY B 521 -32.48 47.98 -2.55
C GLY B 521 -31.45 48.74 -3.38
N VAL B 522 -31.43 50.07 -3.25
CA VAL B 522 -30.46 50.97 -3.94
C VAL B 522 -29.08 50.74 -3.29
N ALA B 523 -28.13 50.24 -4.07
CA ALA B 523 -26.82 49.70 -3.61
C ALA B 523 -26.03 50.77 -2.86
N GLY B 524 -26.03 52.02 -3.35
CA GLY B 524 -25.35 53.17 -2.74
C GLY B 524 -23.93 53.34 -3.26
N VAL B 525 -23.70 53.04 -4.55
CA VAL B 525 -22.43 53.30 -5.27
C VAL B 525 -22.54 54.69 -5.92
N ASN B 526 -23.44 54.82 -6.91
CA ASN B 526 -23.87 56.10 -7.52
C ASN B 526 -25.10 55.81 -8.40
N GLU B 527 -25.78 56.86 -8.88
CA GLU B 527 -27.07 56.74 -9.60
C GLU B 527 -26.88 55.94 -10.90
N SER B 528 -25.70 55.99 -11.53
CA SER B 528 -25.39 55.19 -12.75
C SER B 528 -25.29 53.70 -12.39
N ALA B 529 -24.27 53.34 -11.60
CA ALA B 529 -23.99 51.95 -11.15
C ALA B 529 -25.23 51.32 -10.53
N ASP B 530 -25.93 52.06 -9.66
CA ASP B 530 -27.08 51.56 -8.87
C ASP B 530 -28.21 51.11 -9.81
N MET B 531 -28.36 51.78 -10.97
CA MET B 531 -29.41 51.45 -11.97
C MET B 531 -29.11 50.09 -12.59
N ALA B 532 -27.88 49.88 -13.05
CA ALA B 532 -27.36 48.60 -13.59
C ALA B 532 -27.49 47.50 -12.52
N ILE B 533 -26.95 47.76 -11.33
CA ILE B 533 -26.97 46.80 -10.17
C ILE B 533 -28.43 46.39 -9.93
N GLY B 534 -29.31 47.38 -9.70
CA GLY B 534 -30.73 47.18 -9.41
C GLY B 534 -31.42 46.26 -10.43
N MET B 535 -31.21 46.52 -11.72
CA MET B 535 -31.80 45.74 -12.84
C MET B 535 -31.17 44.34 -12.92
N THR B 536 -29.86 44.26 -12.71
CA THR B 536 -29.10 42.97 -12.74
C THR B 536 -29.57 42.06 -11.61
N ILE B 537 -29.76 42.61 -10.39
CA ILE B 537 -30.27 41.85 -9.21
C ILE B 537 -31.60 41.18 -9.58
N ILE B 538 -32.51 41.94 -10.20
CA ILE B 538 -33.84 41.45 -10.66
C ILE B 538 -33.61 40.33 -11.68
N LYS B 539 -32.85 40.62 -12.75
CA LYS B 539 -32.50 39.66 -13.83
C LYS B 539 -32.01 38.34 -13.22
N ASN B 540 -31.08 38.41 -12.25
CA ASN B 540 -30.39 37.23 -11.67
C ASN B 540 -31.36 36.46 -10.75
N ASN B 541 -32.27 37.14 -10.07
CA ASN B 541 -33.23 36.50 -9.12
C ASN B 541 -34.32 35.80 -9.92
N MET B 542 -34.63 36.28 -11.13
CA MET B 542 -35.52 35.58 -12.09
C MET B 542 -34.89 34.24 -12.46
N ILE B 543 -33.58 34.24 -12.76
CA ILE B 543 -32.81 33.04 -13.21
C ILE B 543 -32.66 32.05 -12.05
N ASN B 544 -32.28 32.52 -10.85
CA ASN B 544 -31.70 31.67 -9.79
C ASN B 544 -32.66 31.40 -8.62
N ASN B 545 -33.48 32.39 -8.22
CA ASN B 545 -34.22 32.35 -6.92
C ASN B 545 -35.73 32.37 -7.17
N GLY B 546 -36.18 31.84 -8.30
CA GLY B 546 -37.59 31.55 -8.62
C GLY B 546 -38.48 32.78 -8.58
N MET B 547 -37.98 33.95 -8.98
CA MET B 547 -38.80 35.19 -9.07
C MET B 547 -39.52 35.20 -10.41
N GLY B 548 -40.85 35.10 -10.39
CA GLY B 548 -41.70 35.04 -11.59
C GLY B 548 -41.80 36.40 -12.28
N PRO B 549 -42.34 36.43 -13.51
CA PRO B 549 -42.41 37.66 -14.31
C PRO B 549 -43.23 38.79 -13.65
N ALA B 550 -44.33 38.45 -12.99
CA ALA B 550 -45.22 39.40 -12.29
C ALA B 550 -44.44 40.09 -11.17
N THR B 551 -43.73 39.32 -10.35
CA THR B 551 -42.89 39.81 -9.22
C THR B 551 -41.70 40.60 -9.77
N ALA B 552 -41.04 40.06 -10.80
CA ALA B 552 -39.87 40.70 -11.47
C ALA B 552 -40.24 42.12 -11.91
N GLN B 553 -41.40 42.28 -12.54
CA GLN B 553 -41.89 43.59 -13.09
C GLN B 553 -42.18 44.55 -11.93
N THR B 554 -42.87 44.07 -10.88
CA THR B 554 -43.17 44.83 -9.64
C THR B 554 -41.85 45.29 -8.99
N ALA B 555 -40.83 44.43 -9.01
CA ALA B 555 -39.47 44.74 -8.50
C ALA B 555 -38.92 45.96 -9.25
N ILE B 556 -39.11 46.03 -10.56
CA ILE B 556 -38.65 47.16 -11.43
C ILE B 556 -39.30 48.45 -10.90
N GLN B 557 -40.60 48.42 -10.66
CA GLN B 557 -41.41 49.56 -10.12
C GLN B 557 -40.88 49.96 -8.75
N LEU B 558 -40.82 49.00 -7.81
CA LEU B 558 -40.34 49.24 -6.42
C LEU B 558 -38.94 49.88 -6.48
N PHE B 559 -38.04 49.31 -7.27
CA PHE B 559 -36.65 49.80 -7.40
C PHE B 559 -36.66 51.26 -7.86
N ILE B 560 -37.45 51.59 -8.89
CA ILE B 560 -37.54 52.97 -9.48
C ILE B 560 -38.13 53.91 -8.42
N ALA B 561 -39.19 53.50 -7.73
CA ALA B 561 -39.76 54.26 -6.58
C ALA B 561 -38.65 54.57 -5.58
N ASP B 562 -37.91 53.54 -5.14
CA ASP B 562 -36.81 53.69 -4.13
C ASP B 562 -35.73 54.63 -4.68
N TYR B 563 -35.32 54.42 -5.93
CA TYR B 563 -34.25 55.15 -6.67
C TYR B 563 -34.60 56.64 -6.74
N ARG B 564 -35.85 56.93 -7.16
CA ARG B 564 -36.36 58.31 -7.37
C ARG B 564 -36.38 59.08 -6.05
N TYR B 565 -36.81 58.43 -4.95
CA TYR B 565 -36.84 59.04 -3.59
C TYR B 565 -35.42 59.15 -3.03
N THR B 566 -34.56 58.15 -3.26
CA THR B 566 -33.16 58.11 -2.76
C THR B 566 -32.35 59.23 -3.42
N TYR B 567 -32.36 59.29 -4.76
CA TYR B 567 -31.55 60.26 -5.55
C TYR B 567 -32.38 61.49 -5.92
N LYS B 568 -33.55 61.67 -5.29
CA LYS B 568 -34.42 62.87 -5.43
C LYS B 568 -34.56 63.23 -6.91
N CYS B 569 -34.91 62.25 -7.75
CA CYS B 569 -34.91 62.41 -9.24
C CYS B 569 -36.23 61.90 -9.81
N HIS B 570 -37.36 62.38 -9.27
CA HIS B 570 -38.73 62.03 -9.70
C HIS B 570 -38.95 62.50 -11.14
N ARG B 571 -40.02 62.03 -11.77
CA ARG B 571 -40.35 62.26 -13.20
C ARG B 571 -40.55 63.77 -13.44
N GLY B 572 -39.99 64.28 -14.54
CA GLY B 572 -40.03 65.72 -14.88
C GLY B 572 -41.44 66.29 -14.90
N ASP B 573 -42.46 65.46 -15.18
CA ASP B 573 -43.89 65.89 -15.27
C ASP B 573 -44.58 65.75 -13.91
N SER B 574 -43.88 65.25 -12.89
CA SER B 574 -44.37 65.22 -11.48
C SER B 574 -44.31 66.64 -10.91
N LYS B 575 -45.10 66.89 -9.86
CA LYS B 575 -45.17 68.21 -9.18
C LYS B 575 -44.45 68.11 -7.83
N VAL B 576 -43.37 67.32 -7.75
CA VAL B 576 -42.63 67.04 -6.50
C VAL B 576 -41.63 68.18 -6.25
N GLU B 577 -41.66 68.76 -5.05
CA GLU B 577 -40.76 69.87 -4.62
C GLU B 577 -39.34 69.33 -4.43
N GLY B 578 -38.32 70.11 -4.80
CA GLY B 578 -36.91 69.75 -4.64
C GLY B 578 -35.97 70.67 -5.41
N LYS B 579 -34.75 70.84 -4.89
CA LYS B 579 -33.68 71.68 -5.49
C LYS B 579 -33.28 71.07 -6.84
N ARG B 580 -33.02 69.76 -6.86
CA ARG B 580 -32.72 68.98 -8.09
C ARG B 580 -33.97 68.94 -8.97
N MET B 581 -35.13 68.67 -8.37
CA MET B 581 -36.45 68.58 -9.06
C MET B 581 -36.73 69.87 -9.83
N LYS B 582 -36.37 71.04 -9.28
CA LYS B 582 -36.55 72.36 -9.95
C LYS B 582 -35.83 72.36 -11.31
N ILE B 583 -34.60 71.85 -11.37
CA ILE B 583 -33.77 71.80 -12.61
C ILE B 583 -34.25 70.63 -13.49
N ILE B 584 -34.63 69.50 -12.88
CA ILE B 584 -35.24 68.34 -13.59
C ILE B 584 -36.48 68.83 -14.38
N LYS B 585 -37.34 69.62 -13.72
CA LYS B 585 -38.60 70.17 -14.32
C LYS B 585 -38.24 71.05 -15.52
N GLU B 586 -37.18 71.87 -15.40
CA GLU B 586 -36.68 72.72 -16.53
C GLU B 586 -36.17 71.81 -17.65
N LEU B 587 -35.31 70.84 -17.32
CA LEU B 587 -34.75 69.87 -18.30
C LEU B 587 -35.89 69.16 -19.05
N TRP B 588 -36.95 68.78 -18.33
CA TRP B 588 -38.17 68.15 -18.89
C TRP B 588 -38.78 69.05 -19.97
N GLU B 589 -38.91 70.36 -19.68
CA GLU B 589 -39.53 71.37 -20.59
C GLU B 589 -38.60 71.62 -21.77
N ASN B 590 -37.29 71.76 -21.51
CA ASN B 590 -36.26 72.13 -22.52
C ASN B 590 -36.00 70.97 -23.50
N THR B 591 -36.35 69.73 -23.13
CA THR B 591 -36.03 68.49 -23.91
C THR B 591 -37.21 68.12 -24.82
N LYS B 592 -36.91 67.75 -26.07
CA LYS B 592 -37.90 67.29 -27.09
C LYS B 592 -38.06 65.77 -26.98
N GLY B 593 -36.96 65.03 -27.07
CA GLY B 593 -36.90 63.57 -26.90
C GLY B 593 -36.75 63.18 -25.44
N ARG B 594 -37.86 63.22 -24.69
CA ARG B 594 -37.91 62.97 -23.22
C ARG B 594 -37.74 61.47 -22.93
N ASP B 595 -38.07 60.61 -23.91
CA ASP B 595 -37.82 59.14 -23.84
C ASP B 595 -36.32 58.87 -23.66
N GLY B 596 -35.48 59.76 -24.20
CA GLY B 596 -34.00 59.66 -24.16
C GLY B 596 -33.42 60.04 -22.80
N LEU B 597 -34.17 60.77 -21.97
CA LEU B 597 -33.72 61.24 -20.63
C LEU B 597 -33.61 60.04 -19.68
N LEU B 598 -32.52 59.95 -18.93
CA LEU B 598 -32.31 58.93 -17.88
C LEU B 598 -33.26 59.23 -16.72
N VAL B 599 -33.63 58.19 -15.96
CA VAL B 599 -34.53 58.28 -14.78
C VAL B 599 -33.93 59.28 -13.78
N ALA B 600 -32.59 59.31 -13.66
CA ALA B 600 -31.81 60.21 -12.78
C ALA B 600 -31.96 61.67 -13.24
N ASP B 601 -32.33 61.90 -14.51
CA ASP B 601 -32.56 63.25 -15.09
C ASP B 601 -34.07 63.50 -15.23
N GLY B 602 -34.88 62.85 -14.39
CA GLY B 602 -36.35 62.96 -14.38
C GLY B 602 -36.99 62.28 -15.58
N GLY B 603 -36.26 61.40 -16.27
CA GLY B 603 -36.72 60.70 -17.48
C GLY B 603 -37.65 59.53 -17.15
N PRO B 604 -38.36 58.97 -18.16
CA PRO B 604 -39.25 57.84 -17.95
C PRO B 604 -38.47 56.52 -17.81
N ASN B 605 -39.02 55.57 -17.04
CA ASN B 605 -38.51 54.18 -16.94
C ASN B 605 -39.04 53.38 -18.13
N ILE B 606 -38.15 52.83 -18.96
CA ILE B 606 -38.50 51.99 -20.14
C ILE B 606 -37.97 50.56 -19.95
N TYR B 607 -37.43 50.24 -18.77
CA TYR B 607 -36.96 48.87 -18.43
C TYR B 607 -38.17 47.94 -18.27
N ASN B 608 -38.09 46.78 -18.92
CA ASN B 608 -39.01 45.62 -18.72
C ASN B 608 -38.14 44.36 -18.70
N LEU B 609 -38.76 43.20 -18.50
CA LEU B 609 -38.07 41.89 -18.34
C LEU B 609 -37.02 41.69 -19.45
N ARG B 610 -37.36 42.03 -20.70
CA ARG B 610 -36.58 41.63 -21.91
C ARG B 610 -35.27 42.43 -22.02
N ASN B 611 -35.16 43.61 -21.39
CA ASN B 611 -34.02 44.55 -21.63
C ASN B 611 -33.27 44.88 -20.33
N LEU B 612 -33.48 44.08 -19.27
CA LEU B 612 -32.87 44.29 -17.92
C LEU B 612 -31.33 44.35 -18.03
N HIS B 613 -30.76 43.68 -19.04
CA HIS B 613 -29.30 43.45 -19.19
C HIS B 613 -28.64 44.55 -20.03
N ILE B 614 -29.40 45.52 -20.56
CA ILE B 614 -28.86 46.58 -21.45
C ILE B 614 -28.69 47.87 -20.66
N PRO B 615 -27.45 48.41 -20.57
CA PRO B 615 -27.20 49.70 -19.90
C PRO B 615 -28.17 50.81 -20.35
N GLU B 616 -28.74 51.54 -19.39
CA GLU B 616 -29.84 52.53 -19.59
C GLU B 616 -29.46 53.53 -20.69
N ILE B 617 -28.22 54.03 -20.67
CA ILE B 617 -27.72 55.02 -21.67
C ILE B 617 -27.81 54.38 -23.06
N VAL B 618 -27.49 53.09 -23.18
CA VAL B 618 -27.46 52.34 -24.47
C VAL B 618 -28.90 52.15 -24.99
N LEU B 619 -29.84 51.82 -24.09
CA LEU B 619 -31.28 51.66 -24.39
C LEU B 619 -31.83 52.97 -24.99
N LYS B 620 -31.46 54.11 -24.41
CA LYS B 620 -32.09 55.44 -24.65
C LYS B 620 -31.27 56.26 -25.66
N TYR B 621 -30.05 55.84 -25.98
CA TYR B 621 -29.05 56.59 -26.80
C TYR B 621 -29.71 57.19 -28.05
N ASN B 622 -30.38 56.37 -28.86
CA ASN B 622 -30.94 56.80 -30.17
C ASN B 622 -32.18 57.69 -29.98
N LEU B 623 -32.73 57.77 -28.76
CA LEU B 623 -33.91 58.62 -28.43
C LEU B 623 -33.47 59.95 -27.81
N MET B 624 -32.17 60.13 -27.55
CA MET B 624 -31.61 61.31 -26.83
C MET B 624 -31.50 62.51 -27.77
N ASP B 625 -31.60 63.72 -27.21
CA ASP B 625 -31.27 65.00 -27.89
C ASP B 625 -29.75 65.15 -27.91
N PRO B 626 -29.14 65.54 -29.06
CA PRO B 626 -27.69 65.59 -29.18
C PRO B 626 -27.00 66.60 -28.23
N GLU B 627 -27.74 67.59 -27.73
CA GLU B 627 -27.25 68.54 -26.67
C GLU B 627 -27.22 67.82 -25.32
N TYR B 628 -28.29 67.08 -24.97
CA TYR B 628 -28.39 66.27 -23.73
C TYR B 628 -27.31 65.17 -23.75
N LYS B 629 -27.23 64.43 -24.85
CA LYS B 629 -26.27 63.31 -25.06
C LYS B 629 -24.84 63.86 -24.93
N GLY B 630 -24.57 65.04 -25.51
CA GLY B 630 -23.26 65.71 -25.45
C GLY B 630 -22.86 66.08 -24.03
N ARG B 631 -23.82 66.60 -23.24
CA ARG B 631 -23.60 66.98 -21.82
C ARG B 631 -23.41 65.71 -20.97
N LEU B 632 -24.39 64.81 -21.02
CA LEU B 632 -24.44 63.53 -20.25
C LEU B 632 -23.13 62.75 -20.37
N LEU B 633 -22.57 62.68 -21.58
CA LEU B 633 -21.38 61.83 -21.93
C LEU B 633 -20.15 62.70 -22.20
N HIS B 634 -20.10 63.93 -21.69
CA HIS B 634 -18.97 64.87 -21.90
C HIS B 634 -17.66 64.20 -21.48
N PRO B 635 -16.72 63.94 -22.43
CA PRO B 635 -15.49 63.21 -22.12
C PRO B 635 -14.64 63.77 -20.96
N GLN B 636 -14.67 65.08 -20.74
CA GLN B 636 -13.86 65.77 -19.68
C GLN B 636 -14.77 66.32 -18.57
N ASN B 637 -15.87 65.65 -18.25
CA ASN B 637 -16.83 66.10 -17.21
C ASN B 637 -16.13 66.03 -15.85
N PRO B 638 -16.46 66.94 -14.90
CA PRO B 638 -15.72 67.04 -13.63
C PRO B 638 -16.26 66.19 -12.47
N PHE B 639 -17.23 65.30 -12.74
CA PHE B 639 -17.93 64.46 -11.72
C PHE B 639 -17.25 63.09 -11.60
N VAL B 640 -16.76 62.57 -12.73
CA VAL B 640 -15.95 61.32 -12.84
C VAL B 640 -14.48 61.70 -12.58
N GLY B 641 -13.88 61.12 -11.54
CA GLY B 641 -12.46 61.33 -11.18
C GLY B 641 -11.56 60.34 -11.90
N HIS B 642 -10.41 60.01 -11.31
CA HIS B 642 -9.45 59.00 -11.82
C HIS B 642 -10.05 57.60 -11.66
N LEU B 643 -10.56 57.03 -12.77
CA LEU B 643 -11.25 55.71 -12.80
C LEU B 643 -10.22 54.58 -12.82
N SER B 644 -10.35 53.63 -11.89
CA SER B 644 -9.64 52.33 -11.89
C SER B 644 -10.50 51.30 -12.62
N ILE B 645 -9.87 50.23 -13.14
CA ILE B 645 -10.57 49.11 -13.85
C ILE B 645 -11.63 48.52 -12.91
N GLU B 646 -11.35 48.48 -11.60
CA GLU B 646 -12.29 48.12 -10.52
C GLU B 646 -13.42 49.14 -10.47
N GLY B 647 -13.06 50.44 -10.46
CA GLY B 647 -14.00 51.58 -10.38
C GLY B 647 -15.21 51.41 -11.29
N ILE B 648 -15.01 51.01 -12.54
CA ILE B 648 -16.08 51.00 -13.60
C ILE B 648 -16.94 49.74 -13.46
N LYS B 649 -16.33 48.56 -13.22
CA LYS B 649 -17.02 47.24 -13.31
C LYS B 649 -17.50 46.76 -11.94
N GLU B 650 -16.70 46.96 -10.88
CA GLU B 650 -16.87 46.32 -9.55
C GLU B 650 -17.69 47.21 -8.61
N ALA B 651 -18.44 46.58 -7.71
CA ALA B 651 -19.26 47.19 -6.64
C ALA B 651 -19.45 46.14 -5.53
N ASP B 652 -19.15 46.52 -4.28
CA ASP B 652 -19.36 45.68 -3.08
C ASP B 652 -20.87 45.59 -2.80
N ILE B 653 -21.44 44.39 -2.92
CA ILE B 653 -22.88 44.14 -2.62
C ILE B 653 -22.95 43.28 -1.36
N THR B 654 -23.80 43.69 -0.41
CA THR B 654 -23.91 43.14 0.96
C THR B 654 -25.14 42.26 1.04
N PRO B 655 -25.02 40.92 1.00
CA PRO B 655 -26.18 40.05 1.19
C PRO B 655 -26.62 40.02 2.67
N ALA B 656 -27.87 39.59 2.92
CA ALA B 656 -28.42 39.35 4.28
C ALA B 656 -27.51 38.37 5.03
N HIS B 657 -27.16 37.26 4.38
CA HIS B 657 -26.34 36.13 4.90
C HIS B 657 -25.06 35.98 4.08
N GLY B 658 -23.89 36.15 4.72
CA GLY B 658 -22.57 35.84 4.15
C GLY B 658 -21.59 37.02 4.24
N PRO B 659 -20.33 36.84 3.78
CA PRO B 659 -19.36 37.94 3.73
C PRO B 659 -19.63 38.89 2.56
N VAL B 660 -19.30 40.18 2.73
CA VAL B 660 -19.53 41.27 1.73
C VAL B 660 -18.75 40.95 0.46
N LYS B 661 -19.44 40.57 -0.63
CA LYS B 661 -18.81 40.13 -1.91
C LYS B 661 -18.96 41.25 -2.95
N LYS B 662 -18.04 41.31 -3.91
CA LYS B 662 -18.04 42.27 -5.04
C LYS B 662 -18.79 41.64 -6.22
N MET B 663 -19.68 42.40 -6.88
CA MET B 663 -20.39 41.95 -8.10
C MET B 663 -20.06 42.89 -9.27
N ASP B 664 -20.07 42.37 -10.50
CA ASP B 664 -19.88 43.15 -11.75
C ASP B 664 -21.23 43.72 -12.20
N TYR B 665 -21.21 44.91 -12.79
CA TYR B 665 -22.35 45.62 -13.40
C TYR B 665 -21.85 46.28 -14.70
N ASP B 666 -22.76 46.43 -15.67
CA ASP B 666 -22.50 47.11 -16.97
C ASP B 666 -23.20 48.46 -16.98
N ALA B 667 -22.43 49.55 -16.99
CA ALA B 667 -22.90 50.95 -17.03
C ALA B 667 -21.92 51.78 -17.86
N VAL B 668 -22.44 52.64 -18.74
CA VAL B 668 -21.65 53.63 -19.52
C VAL B 668 -21.21 54.74 -18.56
N SER B 669 -19.93 55.15 -18.65
CA SER B 669 -19.33 56.24 -17.84
C SER B 669 -19.90 57.59 -18.28
N GLY B 670 -20.57 58.30 -17.37
CA GLY B 670 -21.19 59.61 -17.63
C GLY B 670 -21.25 60.48 -16.37
N THR B 671 -21.97 61.60 -16.43
CA THR B 671 -22.05 62.62 -15.35
C THR B 671 -22.76 62.07 -14.10
N HIS B 672 -23.47 60.94 -14.23
CA HIS B 672 -24.13 60.22 -13.11
C HIS B 672 -23.17 59.20 -12.48
N SER B 673 -22.01 58.95 -13.10
CA SER B 673 -21.00 57.97 -12.63
C SER B 673 -20.05 58.62 -11.62
N TRP B 674 -20.60 59.42 -10.70
CA TRP B 674 -19.83 60.29 -9.76
C TRP B 674 -19.37 59.48 -8.55
N ARG B 675 -18.68 60.13 -7.61
CA ARG B 675 -18.19 59.54 -6.34
C ARG B 675 -18.39 60.55 -5.22
N THR B 676 -18.97 60.11 -4.09
CA THR B 676 -19.15 60.91 -2.85
C THR B 676 -17.78 61.22 -2.26
N LYS B 677 -17.63 62.43 -1.70
CA LYS B 677 -16.42 62.90 -0.98
C LYS B 677 -16.05 61.86 0.09
N ARG B 678 -14.76 61.63 0.30
CA ARG B 678 -14.21 60.69 1.34
C ARG B 678 -14.74 61.14 2.71
N ASN B 679 -14.97 60.18 3.62
CA ASN B 679 -15.53 60.45 4.97
C ASN B 679 -14.44 61.14 5.81
N ARG B 680 -14.14 62.40 5.49
CA ARG B 680 -13.24 63.30 6.27
C ARG B 680 -14.12 64.34 6.98
N SER B 681 -15.19 63.88 7.62
CA SER B 681 -16.24 64.70 8.28
C SER B 681 -16.43 64.23 9.72
N ILE B 682 -15.38 64.32 10.55
CA ILE B 682 -15.38 63.87 11.97
C ILE B 682 -15.51 65.10 12.88
N LEU B 683 -16.41 65.03 13.87
CA LEU B 683 -16.82 66.18 14.73
C LEU B 683 -15.62 66.64 15.58
N ASN B 684 -15.36 67.96 15.58
CA ASN B 684 -14.31 68.62 16.39
C ASN B 684 -12.93 68.01 16.07
N THR B 685 -12.71 67.62 14.80
CA THR B 685 -11.44 67.07 14.29
C THR B 685 -11.04 67.83 13.02
N ASP B 686 -9.81 68.35 12.97
CA ASP B 686 -9.19 68.94 11.74
C ASP B 686 -8.26 67.89 11.12
N GLN B 687 -8.62 67.35 9.96
CA GLN B 687 -7.93 66.22 9.27
C GLN B 687 -6.86 66.74 8.29
N ARG B 688 -6.53 68.04 8.38
CA ARG B 688 -5.71 68.77 7.36
C ARG B 688 -4.41 68.01 7.07
N ASN B 689 -3.80 67.41 8.09
CA ASN B 689 -2.52 66.66 7.99
C ASN B 689 -2.76 65.33 7.27
N MET B 690 -3.84 64.62 7.63
CA MET B 690 -4.18 63.28 7.05
C MET B 690 -4.58 63.46 5.58
N ILE B 691 -5.32 64.53 5.27
CA ILE B 691 -5.81 64.84 3.90
C ILE B 691 -4.62 65.18 2.99
N LEU B 692 -3.67 65.97 3.49
CA LEU B 692 -2.43 66.39 2.75
C LEU B 692 -1.63 65.14 2.36
N GLU B 693 -1.48 64.20 3.29
CA GLU B 693 -0.79 62.89 3.08
C GLU B 693 -1.49 62.13 1.94
N GLU B 694 -2.83 62.03 2.01
CA GLU B 694 -3.67 61.39 0.96
C GLU B 694 -3.44 62.09 -0.38
N GLN B 695 -3.49 63.42 -0.41
CA GLN B 695 -3.36 64.25 -1.64
C GLN B 695 -1.96 64.10 -2.23
N CYS B 696 -0.92 63.99 -1.37
CA CYS B 696 0.49 63.83 -1.78
C CYS B 696 0.66 62.54 -2.60
N TYR B 697 0.20 61.40 -2.08
CA TYR B 697 0.24 60.07 -2.75
C TYR B 697 -0.53 60.15 -4.07
N ALA B 698 -1.70 60.81 -4.05
CA ALA B 698 -2.61 60.98 -5.21
C ALA B 698 -1.91 61.78 -6.31
N LYS B 699 -1.30 62.93 -5.95
CA LYS B 699 -0.52 63.79 -6.88
C LYS B 699 0.53 62.93 -7.60
N CYS B 700 1.34 62.20 -6.83
CA CYS B 700 2.45 61.32 -7.31
C CYS B 700 1.90 60.26 -8.27
N CYS B 701 0.77 59.63 -7.92
CA CYS B 701 0.16 58.52 -8.70
C CYS B 701 -0.49 59.05 -9.99
N ASN B 702 -1.16 60.21 -9.92
CA ASN B 702 -1.79 60.87 -11.10
C ASN B 702 -0.72 61.25 -12.12
N LEU B 703 0.35 61.90 -11.65
CA LEU B 703 1.48 62.36 -12.52
C LEU B 703 2.16 61.15 -13.15
N PHE B 704 2.33 60.05 -12.40
CA PHE B 704 2.87 58.76 -12.90
C PHE B 704 1.98 58.24 -14.05
N GLU B 705 0.66 58.31 -13.87
CA GLU B 705 -0.36 57.90 -14.87
C GLU B 705 -0.34 58.87 -16.06
N ALA B 706 0.10 60.12 -15.85
CA ALA B 706 0.27 61.12 -16.94
C ALA B 706 1.39 60.67 -17.89
N CYS B 707 2.47 60.08 -17.35
CA CYS B 707 3.67 59.59 -18.09
C CYS B 707 3.41 58.19 -18.63
N PHE B 708 2.80 57.33 -17.82
CA PHE B 708 2.49 55.91 -18.14
C PHE B 708 0.97 55.70 -18.14
N ASN B 709 0.35 55.82 -19.32
CA ASN B 709 -1.13 55.80 -19.50
C ASN B 709 -1.67 54.39 -19.25
N SER B 710 -0.82 53.36 -19.32
CA SER B 710 -1.19 51.92 -19.16
C SER B 710 -1.36 51.56 -17.68
N ALA B 711 -0.75 52.34 -16.78
CA ALA B 711 -0.69 52.11 -15.32
C ALA B 711 -2.08 51.78 -14.74
N SER B 712 -3.11 52.52 -15.15
CA SER B 712 -4.52 52.33 -14.73
C SER B 712 -4.99 50.91 -15.05
N TYR B 713 -4.58 50.37 -16.20
CA TYR B 713 -5.04 49.08 -16.77
C TYR B 713 -4.13 47.94 -16.32
N ARG B 714 -2.86 47.96 -16.76
CA ARG B 714 -1.83 46.95 -16.42
C ARG B 714 -1.00 47.43 -15.23
N LYS B 715 -0.79 46.56 -14.24
CA LYS B 715 0.09 46.82 -13.06
C LYS B 715 1.50 47.15 -13.55
N PRO B 716 2.03 48.37 -13.26
CA PRO B 716 3.44 48.68 -13.54
C PRO B 716 4.39 47.77 -12.74
N VAL B 717 5.47 47.31 -13.40
CA VAL B 717 6.51 46.41 -12.81
C VAL B 717 7.84 47.17 -12.72
N GLY B 718 8.66 46.86 -11.73
CA GLY B 718 10.02 47.42 -11.57
C GLY B 718 10.38 47.68 -10.11
N GLN B 719 11.63 47.41 -9.73
CA GLN B 719 12.17 47.62 -8.36
C GLN B 719 12.89 48.97 -8.30
N HIS B 720 12.97 49.68 -9.43
CA HIS B 720 13.54 51.05 -9.55
C HIS B 720 12.51 52.08 -9.09
N SER B 721 12.97 53.29 -8.74
CA SER B 721 12.16 54.43 -8.23
C SER B 721 11.10 54.84 -9.26
N MET B 722 9.94 55.31 -8.80
CA MET B 722 8.86 55.90 -9.65
C MET B 722 9.45 57.08 -10.46
N LEU B 723 10.23 57.93 -9.78
CA LEU B 723 10.87 59.14 -10.36
C LEU B 723 11.80 58.74 -11.51
N GLU B 724 12.67 57.75 -11.29
CA GLU B 724 13.62 57.23 -12.32
C GLU B 724 12.84 56.85 -13.58
N ALA B 725 11.71 56.13 -13.41
CA ALA B 725 10.81 55.68 -14.50
C ALA B 725 10.16 56.90 -15.18
N MET B 726 9.67 57.85 -14.38
CA MET B 726 8.95 59.06 -14.90
C MET B 726 9.91 59.95 -15.70
N ALA B 727 11.13 60.13 -15.21
CA ALA B 727 12.19 60.98 -15.80
C ALA B 727 12.62 60.41 -17.16
N HIS B 728 13.03 59.14 -17.19
CA HIS B 728 13.44 58.40 -18.42
C HIS B 728 12.35 58.52 -19.50
N ARG B 729 11.08 58.35 -19.12
CA ARG B 729 9.92 58.42 -20.04
C ARG B 729 9.82 59.82 -20.64
N LEU B 730 9.80 60.86 -19.79
CA LEU B 730 9.63 62.27 -20.20
C LEU B 730 10.86 62.74 -21.01
N ARG B 731 12.05 62.24 -20.69
CA ARG B 731 13.31 62.53 -21.43
C ARG B 731 13.17 62.05 -22.88
N MET B 732 12.68 60.82 -23.07
CA MET B 732 12.42 60.21 -24.40
C MET B 732 11.28 60.95 -25.08
N ASP B 733 10.16 61.17 -24.37
CA ASP B 733 9.01 61.98 -24.85
C ASP B 733 9.54 63.28 -25.46
N ALA B 734 10.35 64.02 -24.69
CA ALA B 734 10.92 65.34 -25.05
C ALA B 734 11.78 65.21 -26.33
N ARG B 735 12.79 64.35 -26.30
CA ARG B 735 13.76 64.16 -27.41
C ARG B 735 12.98 63.88 -28.71
N LEU B 736 12.04 62.93 -28.66
CA LEU B 736 11.30 62.43 -29.85
C LEU B 736 10.18 63.42 -30.23
N ASP B 737 9.76 64.30 -29.33
CA ASP B 737 8.84 65.43 -29.63
C ASP B 737 9.61 66.54 -30.35
N TYR B 738 10.88 66.76 -29.98
CA TYR B 738 11.78 67.77 -30.61
C TYR B 738 12.23 67.28 -31.98
N GLU B 739 12.69 66.02 -32.08
CA GLU B 739 13.24 65.44 -33.34
C GLU B 739 12.13 65.11 -34.33
N SER B 740 10.85 65.18 -33.92
CA SER B 740 9.66 64.99 -34.79
C SER B 740 9.05 66.33 -35.19
N GLY B 741 9.27 67.39 -34.39
CA GLY B 741 8.80 68.76 -34.68
C GLY B 741 7.47 69.08 -34.03
N ARG B 742 7.08 68.29 -33.03
CA ARG B 742 5.92 68.56 -32.13
C ARG B 742 6.34 69.60 -31.08
N MET B 743 7.60 69.54 -30.61
CA MET B 743 8.15 70.48 -29.60
C MET B 743 9.17 71.42 -30.26
N SER B 744 9.15 72.70 -29.87
CA SER B 744 10.03 73.77 -30.39
C SER B 744 11.41 73.69 -29.71
N LYS B 745 12.43 74.25 -30.38
CA LYS B 745 13.84 74.22 -29.95
C LYS B 745 13.97 74.82 -28.54
N ASP B 746 13.25 75.92 -28.27
CA ASP B 746 13.24 76.63 -26.97
C ASP B 746 12.63 75.73 -25.89
N ASP B 747 11.45 75.14 -26.19
CA ASP B 747 10.72 74.21 -25.29
C ASP B 747 11.61 73.01 -24.94
N PHE B 748 12.32 72.47 -25.94
CA PHE B 748 13.23 71.31 -25.75
C PHE B 748 14.34 71.67 -24.76
N GLU B 749 14.98 72.84 -24.94
CA GLU B 749 16.06 73.35 -24.07
C GLU B 749 15.55 73.53 -22.63
N LYS B 750 14.34 74.08 -22.48
CA LYS B 750 13.66 74.28 -21.17
C LYS B 750 13.41 72.90 -20.53
N ALA B 751 12.82 71.98 -21.30
CA ALA B 751 12.51 70.59 -20.88
C ALA B 751 13.79 69.90 -20.38
N MET B 752 14.84 69.87 -21.21
CA MET B 752 16.11 69.18 -20.91
C MET B 752 16.83 69.85 -19.73
N ALA B 753 16.64 71.17 -19.55
CA ALA B 753 17.18 71.94 -18.41
C ALA B 753 16.46 71.50 -17.13
N HIS B 754 15.12 71.52 -17.14
CA HIS B 754 14.26 71.02 -16.03
C HIS B 754 14.62 69.57 -15.68
N LEU B 755 14.78 68.71 -16.70
CA LEU B 755 15.11 67.27 -16.52
C LEU B 755 16.49 67.12 -15.87
N GLY B 756 17.43 68.02 -16.16
CA GLY B 756 18.77 68.06 -15.56
C GLY B 756 18.71 68.27 -14.06
N GLU B 757 17.82 69.16 -13.61
CA GLU B 757 17.60 69.48 -12.17
C GLU B 757 16.98 68.25 -11.47
N ILE B 758 15.99 67.63 -12.12
CA ILE B 758 15.30 66.40 -11.64
C ILE B 758 16.33 65.27 -11.52
N GLY B 759 17.15 65.07 -12.57
CA GLY B 759 18.24 64.08 -12.61
C GLY B 759 19.18 64.22 -11.43
N TYR B 760 19.44 65.45 -10.98
CA TYR B 760 20.31 65.78 -9.83
C TYR B 760 19.58 65.42 -8.51
N ILE B 761 18.30 65.79 -8.39
CA ILE B 761 17.48 65.60 -7.15
C ILE B 761 17.38 64.11 -6.82
N GLY B 762 17.32 63.24 -7.83
CA GLY B 762 17.10 61.78 -7.68
C GLY B 762 18.39 61.00 -7.47
N SER B 763 19.54 61.68 -7.33
CA SER B 763 20.86 61.06 -7.04
C SER B 763 21.68 61.98 -6.13
N MET C 10 2.13 69.17 -23.60
CA MET C 10 1.99 67.77 -23.09
C MET C 10 3.25 67.40 -22.31
N THR C 11 4.36 67.12 -23.01
CA THR C 11 5.64 66.63 -22.44
C THR C 11 6.20 67.69 -21.50
N LEU C 12 6.37 68.93 -22.00
CA LEU C 12 6.90 70.08 -21.23
C LEU C 12 6.02 70.35 -20.00
N ALA C 13 4.69 70.35 -20.18
CA ALA C 13 3.68 70.52 -19.11
C ALA C 13 3.92 69.49 -18.00
N LYS C 14 4.12 68.22 -18.37
CA LYS C 14 4.36 67.10 -17.41
C LYS C 14 5.66 67.36 -16.63
N ILE C 15 6.74 67.71 -17.34
CA ILE C 15 8.10 67.98 -16.78
C ILE C 15 8.01 69.17 -15.81
N GLU C 16 7.34 70.24 -16.23
CA GLU C 16 7.11 71.47 -15.41
C GLU C 16 6.29 71.09 -14.17
N LEU C 17 5.27 70.24 -14.33
CA LEU C 17 4.41 69.79 -13.18
C LEU C 17 5.21 68.88 -12.23
N LEU C 18 6.14 68.07 -12.76
CA LEU C 18 7.03 67.20 -11.93
C LEU C 18 7.94 68.06 -11.04
N LYS C 19 8.52 69.12 -11.61
CA LYS C 19 9.42 70.08 -10.92
C LYS C 19 8.64 70.74 -9.77
N GLN C 20 7.44 71.25 -10.05
CA GLN C 20 6.53 71.87 -9.06
C GLN C 20 6.24 70.87 -7.93
N LEU C 21 6.03 69.61 -8.27
CA LEU C 21 5.70 68.50 -7.32
C LEU C 21 6.92 68.19 -6.46
N LEU C 22 8.11 68.14 -7.07
CA LEU C 22 9.39 67.80 -6.37
C LEU C 22 9.81 68.94 -5.42
N ARG C 23 9.21 70.14 -5.53
CA ARG C 23 9.41 71.25 -4.56
C ARG C 23 8.95 70.80 -3.16
N ASP C 24 7.79 70.14 -3.09
CA ASP C 24 7.26 69.48 -1.86
C ASP C 24 8.19 68.33 -1.49
N ASN C 25 8.81 68.41 -0.30
CA ASN C 25 9.84 67.44 0.17
C ASN C 25 9.17 66.10 0.48
N GLU C 26 7.88 66.10 0.84
CA GLU C 26 7.07 64.88 1.09
C GLU C 26 6.90 64.11 -0.23
N ALA C 27 6.45 64.79 -1.29
CA ALA C 27 6.30 64.24 -2.65
C ALA C 27 7.65 63.71 -3.15
N LYS C 28 8.71 64.51 -2.96
CA LYS C 28 10.11 64.15 -3.33
C LYS C 28 10.48 62.81 -2.67
N THR C 29 10.15 62.64 -1.38
CA THR C 29 10.40 61.38 -0.61
C THR C 29 9.59 60.24 -1.22
N VAL C 30 8.28 60.43 -1.43
CA VAL C 30 7.35 59.41 -1.99
C VAL C 30 7.90 58.93 -3.34
N LEU C 31 8.15 59.88 -4.26
CA LEU C 31 8.60 59.59 -5.65
C LEU C 31 9.94 58.82 -5.65
N LYS C 32 10.88 59.20 -4.77
CA LYS C 32 12.23 58.61 -4.67
C LYS C 32 12.16 57.22 -4.01
N GLN C 33 11.45 57.10 -2.89
CA GLN C 33 11.43 55.89 -2.01
C GLN C 33 10.48 54.83 -2.59
N THR C 34 9.36 55.23 -3.21
CA THR C 34 8.33 54.31 -3.76
C THR C 34 8.85 53.70 -5.07
N THR C 35 9.00 52.37 -5.10
CA THR C 35 9.38 51.59 -6.32
C THR C 35 8.17 51.55 -7.26
N VAL C 36 8.40 51.28 -8.55
CA VAL C 36 7.32 51.20 -9.58
C VAL C 36 6.30 50.14 -9.15
N ASP C 37 6.77 49.00 -8.62
CA ASP C 37 5.93 47.95 -7.97
C ASP C 37 5.00 48.62 -6.95
N GLN C 38 5.57 49.46 -6.09
CA GLN C 38 4.88 50.01 -4.88
C GLN C 38 3.91 51.14 -5.26
N TYR C 39 3.86 51.54 -6.53
CA TYR C 39 2.81 52.43 -7.08
C TYR C 39 1.44 51.83 -6.80
N ASN C 40 1.33 50.51 -7.03
CA ASN C 40 0.09 49.70 -6.93
C ASN C 40 -0.45 49.71 -5.49
N ILE C 41 0.43 49.88 -4.51
CA ILE C 41 0.10 49.94 -3.06
C ILE C 41 -0.37 51.35 -2.71
N ILE C 42 0.42 52.38 -3.04
CA ILE C 42 0.14 53.80 -2.70
C ILE C 42 -1.05 54.33 -3.53
N ARG C 43 -1.39 53.68 -4.64
CA ARG C 43 -2.56 54.05 -5.47
C ARG C 43 -3.86 53.84 -4.69
N LYS C 44 -3.87 52.90 -3.74
CA LYS C 44 -5.10 52.50 -2.98
C LYS C 44 -5.06 53.05 -1.55
N PHE C 45 -4.05 53.86 -1.20
CA PHE C 45 -3.84 54.44 0.14
C PHE C 45 -5.11 55.20 0.57
N ASN C 46 -5.62 54.92 1.77
CA ASN C 46 -6.91 55.45 2.26
C ASN C 46 -6.95 55.40 3.79
N THR C 47 -6.88 56.57 4.44
CA THR C 47 -6.87 56.74 5.92
C THR C 47 -8.28 57.13 6.39
N SER C 48 -9.14 57.62 5.50
CA SER C 48 -10.58 57.92 5.76
C SER C 48 -11.27 56.67 6.35
N ARG C 49 -12.20 56.86 7.28
CA ARG C 49 -12.91 55.75 7.97
C ARG C 49 -13.82 55.06 6.96
N ILE C 50 -13.67 53.73 6.81
CA ILE C 50 -14.31 52.93 5.74
C ILE C 50 -15.82 52.80 6.07
N GLU C 51 -16.67 52.96 5.06
CA GLU C 51 -18.15 52.92 5.21
C GLU C 51 -18.63 51.47 5.27
N LYS C 52 -19.35 51.10 6.34
CA LYS C 52 -19.82 49.71 6.60
C LYS C 52 -21.24 49.53 6.05
N ASN C 53 -21.98 50.62 5.81
CA ASN C 53 -23.40 50.60 5.34
C ASN C 53 -23.55 51.55 4.15
N PRO C 54 -23.09 51.15 2.93
CA PRO C 54 -23.15 52.02 1.76
C PRO C 54 -24.58 52.43 1.37
N SER C 55 -25.55 51.51 1.46
CA SER C 55 -26.97 51.73 1.09
C SER C 55 -27.60 52.78 2.01
N LEU C 56 -27.30 52.72 3.32
CA LEU C 56 -27.72 53.73 4.32
C LEU C 56 -26.97 55.05 4.08
N ARG C 57 -25.64 54.98 3.95
CA ARG C 57 -24.79 56.20 3.80
C ARG C 57 -25.27 57.02 2.60
N MET C 58 -25.74 56.38 1.53
CA MET C 58 -26.21 57.06 0.29
C MET C 58 -27.54 57.76 0.56
N LYS C 59 -28.50 57.05 1.20
CA LYS C 59 -29.82 57.63 1.58
C LYS C 59 -29.60 58.84 2.50
N TRP C 60 -28.60 58.77 3.39
CA TRP C 60 -28.22 59.88 4.31
C TRP C 60 -27.59 61.02 3.52
N ALA C 61 -26.53 60.73 2.75
CA ALA C 61 -25.69 61.72 2.03
C ALA C 61 -26.52 62.53 1.02
N MET C 62 -27.54 61.92 0.41
CA MET C 62 -28.38 62.57 -0.65
C MET C 62 -29.29 63.65 -0.04
N CYS C 63 -29.44 63.67 1.29
CA CYS C 63 -30.21 64.68 2.05
C CYS C 63 -29.30 65.84 2.49
N SER C 64 -27.98 65.70 2.35
CA SER C 64 -26.97 66.75 2.68
C SER C 64 -26.80 67.70 1.49
N ASN C 65 -26.09 68.82 1.70
CA ASN C 65 -26.03 69.97 0.76
C ASN C 65 -25.09 69.64 -0.41
N PHE C 66 -23.84 69.26 -0.11
CA PHE C 66 -22.76 69.01 -1.11
C PHE C 66 -22.10 67.65 -0.84
N PRO C 67 -22.78 66.52 -1.17
CA PRO C 67 -22.20 65.20 -0.90
C PRO C 67 -21.20 64.69 -1.95
N LEU C 68 -21.20 65.24 -3.17
CA LEU C 68 -20.38 64.75 -4.30
C LEU C 68 -19.00 65.42 -4.29
N ALA C 69 -18.01 64.74 -4.88
CA ALA C 69 -16.63 65.25 -5.08
C ALA C 69 -16.50 65.80 -6.51
N LEU C 70 -15.98 67.03 -6.65
CA LEU C 70 -15.71 67.69 -7.95
C LEU C 70 -14.23 67.51 -8.30
N THR C 71 -13.93 67.12 -9.55
CA THR C 71 -12.56 67.15 -10.13
C THR C 71 -12.18 68.61 -10.40
N LYS C 72 -11.13 69.12 -9.75
CA LYS C 72 -10.62 70.50 -9.97
C LYS C 72 -10.16 70.61 -11.42
N GLY C 73 -10.61 71.65 -12.14
CA GLY C 73 -10.25 71.92 -13.54
C GLY C 73 -11.06 73.07 -14.11
N ASP C 74 -10.97 73.27 -15.43
CA ASP C 74 -11.67 74.34 -16.19
C ASP C 74 -13.17 74.03 -16.26
N MET C 75 -13.51 72.74 -16.41
CA MET C 75 -14.91 72.25 -16.61
C MET C 75 -15.71 72.41 -15.31
N ALA C 76 -15.11 72.08 -14.15
CA ALA C 76 -15.70 72.31 -12.82
C ALA C 76 -16.09 73.78 -12.67
N ASN C 77 -15.23 74.69 -13.14
CA ASN C 77 -15.40 76.17 -13.03
C ASN C 77 -16.54 76.64 -13.94
N ARG C 78 -16.86 75.89 -15.01
CA ARG C 78 -17.99 76.19 -15.93
C ARG C 78 -19.33 75.99 -15.21
N ILE C 79 -19.33 75.33 -14.04
CA ILE C 79 -20.51 75.20 -13.14
C ILE C 79 -20.57 76.44 -12.24
N PRO C 80 -21.71 77.18 -12.21
CA PRO C 80 -21.83 78.35 -11.34
C PRO C 80 -21.99 77.96 -9.86
N LEU C 81 -21.71 78.89 -8.95
CA LEU C 81 -21.82 78.68 -7.47
C LEU C 81 -23.26 78.31 -7.11
N GLU C 82 -24.24 78.99 -7.73
CA GLU C 82 -25.68 78.70 -7.56
C GLU C 82 -26.43 78.94 -8.87
N TYR C 83 -27.61 78.34 -9.01
CA TYR C 83 -28.56 78.53 -10.13
C TYR C 83 -29.96 78.77 -9.54
N LYS C 84 -30.54 79.94 -9.84
CA LYS C 84 -31.88 80.39 -9.36
C LYS C 84 -32.04 80.05 -7.87
N GLY C 85 -31.03 80.36 -7.05
CA GLY C 85 -31.06 80.20 -5.59
C GLY C 85 -30.49 78.87 -5.12
N ILE C 86 -30.44 77.86 -6.00
CA ILE C 86 -29.97 76.48 -5.67
C ILE C 86 -28.43 76.47 -5.72
N GLN C 87 -27.78 76.33 -4.56
CA GLN C 87 -26.31 76.24 -4.42
C GLN C 87 -25.82 74.95 -5.09
N LEU C 88 -24.99 75.09 -6.13
CA LEU C 88 -24.52 73.95 -6.97
C LEU C 88 -23.24 73.34 -6.38
N LYS C 89 -22.26 74.18 -6.02
CA LYS C 89 -20.95 73.72 -5.48
C LYS C 89 -20.59 74.55 -4.24
N THR C 90 -19.63 74.04 -3.44
CA THR C 90 -19.18 74.64 -2.17
C THR C 90 -18.54 76.01 -2.46
N ASN C 91 -18.68 76.96 -1.53
CA ASN C 91 -18.16 78.35 -1.65
C ASN C 91 -16.63 78.33 -1.57
N ALA C 92 -15.97 79.34 -2.13
CA ALA C 92 -14.49 79.51 -2.16
C ALA C 92 -13.95 79.71 -0.73
N GLU C 93 -14.78 80.23 0.18
CA GLU C 93 -14.42 80.49 1.61
C GLU C 93 -14.63 79.23 2.46
N ASP C 94 -15.19 78.16 1.88
CA ASP C 94 -15.43 76.85 2.55
C ASP C 94 -14.40 75.81 2.09
N ILE C 95 -13.74 76.03 0.94
CA ILE C 95 -12.67 75.15 0.38
C ILE C 95 -11.42 75.32 1.24
N GLY C 96 -10.54 74.31 1.25
CA GLY C 96 -9.23 74.34 1.93
C GLY C 96 -9.12 73.23 2.98
N THR C 97 -8.16 72.32 2.81
CA THR C 97 -7.93 71.13 3.69
C THR C 97 -9.18 70.24 3.70
N LYS C 98 -9.90 70.19 2.57
CA LYS C 98 -11.06 69.30 2.33
C LYS C 98 -11.30 69.18 0.82
N GLY C 99 -11.45 70.32 0.13
CA GLY C 99 -11.56 70.42 -1.35
C GLY C 99 -12.89 71.01 -1.78
N GLN C 100 -13.12 71.11 -3.10
CA GLN C 100 -14.40 71.62 -3.67
C GLN C 100 -15.37 70.45 -3.86
N MET C 101 -16.52 70.51 -3.19
CA MET C 101 -17.65 69.54 -3.27
C MET C 101 -18.78 70.20 -4.06
N CYS C 102 -19.74 69.39 -4.53
CA CYS C 102 -20.96 69.84 -5.25
C CYS C 102 -22.19 69.04 -4.79
N SER C 103 -23.36 69.64 -4.99
CA SER C 103 -24.70 69.03 -4.76
C SER C 103 -25.06 68.13 -5.94
N ILE C 104 -26.06 67.28 -5.79
CA ILE C 104 -26.61 66.40 -6.86
C ILE C 104 -27.26 67.30 -7.94
N ALA C 105 -27.78 68.47 -7.54
CA ALA C 105 -28.40 69.48 -8.44
C ALA C 105 -27.39 69.96 -9.49
N ALA C 106 -26.10 69.97 -9.14
CA ALA C 106 -24.98 70.38 -10.03
C ALA C 106 -24.94 69.47 -11.27
N VAL C 107 -25.03 68.15 -11.06
CA VAL C 107 -25.06 67.12 -12.13
C VAL C 107 -26.24 67.43 -13.06
N THR C 108 -27.42 67.60 -12.47
CA THR C 108 -28.68 67.96 -13.16
C THR C 108 -28.42 69.21 -14.01
N TRP C 109 -27.82 70.25 -13.40
CA TRP C 109 -27.48 71.52 -14.08
C TRP C 109 -26.54 71.24 -15.27
N TRP C 110 -25.55 70.36 -15.10
CA TRP C 110 -24.59 70.01 -16.18
C TRP C 110 -25.35 69.36 -17.33
N ASN C 111 -26.30 68.46 -17.03
CA ASN C 111 -27.05 67.69 -18.04
C ASN C 111 -28.12 68.57 -18.70
N THR C 112 -28.36 69.77 -18.17
CA THR C 112 -29.40 70.73 -18.63
C THR C 112 -28.77 71.88 -19.41
N TYR C 113 -27.76 72.55 -18.83
CA TYR C 113 -27.18 73.83 -19.33
C TYR C 113 -25.64 73.79 -19.36
N GLY C 114 -25.03 72.60 -19.24
CA GLY C 114 -23.56 72.43 -19.20
C GLY C 114 -22.95 72.44 -20.61
N PRO C 115 -21.60 72.33 -20.72
CA PRO C 115 -20.94 72.22 -22.02
C PRO C 115 -21.39 70.98 -22.80
N ILE C 116 -21.59 71.12 -24.11
CA ILE C 116 -21.92 70.02 -25.06
C ILE C 116 -20.60 69.47 -25.63
N GLY C 117 -20.19 68.28 -25.19
CA GLY C 117 -18.91 67.64 -25.56
C GLY C 117 -19.03 66.77 -26.81
N ASP C 118 -17.88 66.31 -27.32
CA ASP C 118 -17.76 65.42 -28.50
C ASP C 118 -18.16 63.99 -28.11
N THR C 119 -19.06 63.37 -28.87
CA THR C 119 -19.56 61.99 -28.65
C THR C 119 -19.18 61.08 -29.84
N GLU C 120 -18.18 61.48 -30.63
CA GLU C 120 -17.76 60.78 -31.86
C GLU C 120 -16.90 59.58 -31.46
N GLY C 121 -17.29 58.37 -31.85
CA GLY C 121 -16.59 57.10 -31.53
C GLY C 121 -17.28 56.34 -30.41
N PHE C 122 -18.23 56.98 -29.72
CA PHE C 122 -18.97 56.42 -28.55
C PHE C 122 -19.51 55.02 -28.88
N GLU C 123 -20.29 54.93 -29.96
CA GLU C 123 -20.97 53.68 -30.40
C GLU C 123 -19.93 52.61 -30.76
N ARG C 124 -18.74 53.02 -31.21
CA ARG C 124 -17.63 52.12 -31.61
C ARG C 124 -16.86 51.66 -30.36
N VAL C 125 -16.81 52.51 -29.33
CA VAL C 125 -16.17 52.18 -28.01
C VAL C 125 -17.07 51.18 -27.27
N TYR C 126 -18.40 51.41 -27.29
CA TYR C 126 -19.41 50.59 -26.56
C TYR C 126 -20.13 49.64 -27.53
N GLU C 127 -19.37 49.09 -28.50
CA GLU C 127 -19.91 48.20 -29.57
C GLU C 127 -20.54 46.96 -28.91
N SER C 128 -19.82 46.36 -27.96
CA SER C 128 -20.25 45.16 -27.19
C SER C 128 -21.68 45.34 -26.68
N PHE C 129 -21.98 46.45 -26.00
CA PHE C 129 -23.31 46.77 -25.43
C PHE C 129 -24.33 47.05 -26.55
N PHE C 130 -23.90 47.70 -27.65
CA PHE C 130 -24.80 48.12 -28.75
C PHE C 130 -25.22 46.90 -29.59
N LEU C 131 -24.35 45.91 -29.74
CA LEU C 131 -24.68 44.59 -30.36
C LEU C 131 -25.71 43.87 -29.47
N ARG C 132 -25.44 43.82 -28.16
CA ARG C 132 -26.35 43.24 -27.14
C ARG C 132 -27.77 43.77 -27.35
N LYS C 133 -27.89 45.07 -27.67
CA LYS C 133 -29.19 45.76 -27.89
C LYS C 133 -29.77 45.35 -29.25
N MET C 134 -28.94 45.27 -30.30
CA MET C 134 -29.42 44.96 -31.67
C MET C 134 -29.88 43.50 -31.73
N ARG C 135 -29.26 42.62 -30.92
CA ARG C 135 -29.64 41.19 -30.80
C ARG C 135 -31.07 41.10 -30.23
N LEU C 136 -31.41 41.96 -29.28
CA LEU C 136 -32.78 42.05 -28.68
C LEU C 136 -33.73 42.72 -29.68
N ASP C 137 -33.30 43.84 -30.27
CA ASP C 137 -34.14 44.69 -31.17
C ASP C 137 -34.49 43.91 -32.45
N ASN C 138 -33.59 43.05 -32.93
CA ASN C 138 -33.77 42.25 -34.17
C ASN C 138 -34.28 40.84 -33.84
N ALA C 139 -34.66 40.58 -32.59
CA ALA C 139 -35.11 39.26 -32.10
C ALA C 139 -36.56 39.02 -32.53
N THR C 140 -36.97 37.75 -32.57
CA THR C 140 -38.39 37.33 -32.74
C THR C 140 -38.77 36.43 -31.57
N TRP C 141 -39.98 36.62 -31.02
CA TRP C 141 -40.53 35.87 -29.88
C TRP C 141 -41.57 34.88 -30.39
N GLY C 142 -41.47 33.62 -30.00
CA GLY C 142 -42.47 32.57 -30.29
C GLY C 142 -43.54 32.55 -29.21
N ARG C 143 -44.16 31.38 -29.02
CA ARG C 143 -45.15 31.13 -27.96
C ARG C 143 -44.46 31.06 -26.59
N ILE C 144 -45.18 31.41 -25.53
CA ILE C 144 -44.91 30.95 -24.13
C ILE C 144 -45.85 29.76 -23.87
N THR C 145 -45.31 28.68 -23.29
CA THR C 145 -46.09 27.46 -22.96
C THR C 145 -45.90 27.15 -21.46
N PHE C 146 -46.93 26.56 -20.84
CA PHE C 146 -46.98 26.26 -19.39
C PHE C 146 -46.90 24.75 -19.19
N GLY C 147 -45.75 24.27 -18.73
CA GLY C 147 -45.47 22.84 -18.48
C GLY C 147 -44.16 22.66 -17.74
N PRO C 148 -43.82 21.41 -17.35
CA PRO C 148 -42.61 21.15 -16.57
C PRO C 148 -41.34 21.44 -17.38
N VAL C 149 -40.39 22.13 -16.77
CA VAL C 149 -39.05 22.41 -17.38
C VAL C 149 -37.96 21.89 -16.43
N GLU C 150 -37.33 20.78 -16.78
CA GLU C 150 -36.15 20.22 -16.08
C GLU C 150 -34.93 21.05 -16.47
N ARG C 151 -34.51 21.96 -15.60
CA ARG C 151 -33.33 22.83 -15.80
C ARG C 151 -32.10 22.14 -15.19
N VAL C 152 -30.97 22.21 -15.89
CA VAL C 152 -29.67 21.62 -15.46
C VAL C 152 -28.70 22.78 -15.23
N ARG C 153 -27.92 22.73 -14.15
CA ARG C 153 -26.92 23.78 -13.80
C ARG C 153 -25.60 23.46 -14.49
N LYS C 154 -25.26 24.22 -15.53
CA LYS C 154 -24.06 24.03 -16.37
C LYS C 154 -23.25 25.34 -16.41
N ARG C 155 -21.94 25.23 -16.60
CA ARG C 155 -21.01 26.37 -16.82
C ARG C 155 -21.20 26.88 -18.24
N VAL C 156 -21.73 28.10 -18.40
CA VAL C 156 -22.12 28.69 -19.71
C VAL C 156 -21.51 30.10 -19.82
N LEU C 157 -21.27 30.54 -21.06
CA LEU C 157 -20.73 31.89 -21.41
C LEU C 157 -21.86 32.92 -21.25
N LEU C 158 -21.63 33.97 -20.46
CA LEU C 158 -22.66 34.99 -20.11
C LEU C 158 -22.94 35.93 -21.30
N ASN C 159 -21.91 36.28 -22.08
CA ASN C 159 -21.98 37.30 -23.16
C ASN C 159 -21.17 36.85 -24.37
N PRO C 160 -21.67 37.07 -25.61
CA PRO C 160 -20.88 36.80 -26.81
C PRO C 160 -19.61 37.67 -26.88
N LEU C 161 -18.57 37.17 -27.55
CA LEU C 161 -17.22 37.81 -27.66
C LEU C 161 -16.92 38.10 -29.13
N THR C 162 -16.08 39.11 -29.39
CA THR C 162 -15.56 39.45 -30.74
C THR C 162 -14.64 38.31 -31.20
N LYS C 163 -13.67 37.96 -30.36
CA LYS C 163 -12.72 36.82 -30.52
C LYS C 163 -12.20 36.43 -29.13
N GLU C 164 -12.61 35.26 -28.63
CA GLU C 164 -12.29 34.77 -27.27
C GLU C 164 -10.78 34.50 -27.14
N MET C 165 -10.17 34.96 -26.04
CA MET C 165 -8.73 34.75 -25.74
C MET C 165 -8.54 34.44 -24.26
N PRO C 166 -7.42 33.78 -23.89
CA PRO C 166 -6.97 33.79 -22.49
C PRO C 166 -6.75 35.22 -22.00
N PRO C 167 -7.03 35.52 -20.71
CA PRO C 167 -6.88 36.88 -20.18
C PRO C 167 -5.50 37.50 -20.45
N ASP C 168 -4.43 36.73 -20.19
CA ASP C 168 -3.02 37.13 -20.39
C ASP C 168 -2.80 37.51 -21.87
N GLU C 169 -3.37 36.74 -22.79
CA GLU C 169 -3.30 36.99 -24.26
C GLU C 169 -4.08 38.26 -24.58
N ALA C 170 -5.36 38.32 -24.15
CA ALA C 170 -6.27 39.47 -24.38
C ALA C 170 -5.62 40.77 -23.89
N SER C 171 -5.01 40.72 -22.70
CA SER C 171 -4.29 41.85 -22.05
C SER C 171 -3.26 42.43 -23.02
N ASN C 172 -2.41 41.58 -23.61
CA ASN C 172 -1.34 41.98 -24.55
C ASN C 172 -1.96 42.67 -25.77
N VAL C 173 -3.03 42.11 -26.32
CA VAL C 173 -3.72 42.64 -27.53
C VAL C 173 -4.23 44.06 -27.24
N ILE C 174 -4.80 44.29 -26.06
CA ILE C 174 -5.34 45.61 -25.61
C ILE C 174 -4.17 46.60 -25.49
N MET C 175 -3.04 46.15 -24.94
CA MET C 175 -1.80 46.96 -24.79
C MET C 175 -1.33 47.43 -26.18
N GLU C 176 -1.30 46.53 -27.15
CA GLU C 176 -0.88 46.83 -28.56
C GLU C 176 -1.84 47.85 -29.19
N ILE C 177 -3.14 47.80 -28.83
CA ILE C 177 -4.20 48.69 -29.37
C ILE C 177 -4.08 50.08 -28.71
N LEU C 178 -3.99 50.14 -27.38
CA LEU C 178 -4.14 51.42 -26.62
C LEU C 178 -2.78 52.03 -26.27
N PHE C 179 -1.84 51.24 -25.73
CA PHE C 179 -0.54 51.71 -25.16
C PHE C 179 0.63 50.92 -25.74
N PRO C 180 0.98 51.11 -27.04
CA PRO C 180 1.99 50.27 -27.68
C PRO C 180 3.40 50.49 -27.09
N LYS C 181 3.73 51.75 -26.77
CA LYS C 181 5.06 52.17 -26.23
C LYS C 181 5.34 51.45 -24.90
N GLU C 182 4.29 51.08 -24.16
CA GLU C 182 4.39 50.45 -22.81
C GLU C 182 4.07 48.95 -22.88
N ALA C 183 3.89 48.40 -24.08
CA ALA C 183 3.47 47.00 -24.32
C ALA C 183 4.56 46.01 -23.87
N GLY C 184 5.83 46.45 -23.85
CA GLY C 184 6.96 45.66 -23.33
C GLY C 184 7.45 44.62 -24.33
N ILE C 185 7.90 43.46 -23.85
CA ILE C 185 8.49 42.36 -24.67
C ILE C 185 7.50 41.99 -25.78
N PRO C 186 7.88 42.07 -27.07
CA PRO C 186 6.99 41.66 -28.16
C PRO C 186 6.51 40.21 -27.99
N ARG C 187 5.22 39.97 -28.24
CA ARG C 187 4.56 38.64 -28.11
C ARG C 187 4.09 38.18 -29.50
N GLU C 188 4.01 36.85 -29.69
CA GLU C 188 3.64 36.21 -30.99
C GLU C 188 2.16 36.46 -31.30
N SER C 189 1.36 36.70 -30.25
CA SER C 189 -0.10 37.02 -30.32
C SER C 189 -0.35 38.27 -31.16
N THR C 190 0.59 39.23 -31.17
CA THR C 190 0.51 40.50 -31.95
C THR C 190 0.33 40.18 -33.44
N TRP C 191 1.09 39.19 -33.95
CA TRP C 191 1.05 38.73 -35.36
C TRP C 191 -0.25 37.98 -35.64
N ILE C 192 -0.69 37.14 -34.70
CA ILE C 192 -1.92 36.31 -34.79
C ILE C 192 -3.15 37.23 -34.86
N HIS C 193 -3.18 38.29 -34.00
CA HIS C 193 -4.34 39.21 -33.88
C HIS C 193 -4.07 40.54 -34.60
N ARG C 194 -3.18 40.54 -35.58
CA ARG C 194 -2.75 41.75 -36.33
C ARG C 194 -3.98 42.41 -36.97
N GLU C 195 -4.89 41.61 -37.52
CA GLU C 195 -6.10 42.07 -38.26
C GLU C 195 -7.14 42.61 -37.27
N LEU C 196 -7.15 42.10 -36.03
CA LEU C 196 -8.00 42.61 -34.93
C LEU C 196 -7.43 43.97 -34.46
N ILE C 197 -6.15 43.97 -34.06
CA ILE C 197 -5.44 45.20 -33.58
C ILE C 197 -5.71 46.34 -34.56
N LYS C 198 -5.27 46.18 -35.82
CA LYS C 198 -5.46 47.15 -36.93
C LYS C 198 -6.91 47.68 -36.93
N GLU C 199 -7.88 46.78 -36.88
CA GLU C 199 -9.34 47.10 -36.95
C GLU C 199 -9.72 47.96 -35.74
N LYS C 200 -9.30 47.54 -34.54
CA LYS C 200 -9.61 48.22 -33.26
C LYS C 200 -8.96 49.61 -33.23
N ARG C 201 -7.73 49.74 -33.74
CA ARG C 201 -6.98 51.03 -33.79
C ARG C 201 -7.80 52.08 -34.58
N GLU C 202 -8.37 51.66 -35.71
CA GLU C 202 -9.16 52.51 -36.64
C GLU C 202 -10.48 52.91 -35.97
N LYS C 203 -11.13 51.98 -35.27
CA LYS C 203 -12.40 52.22 -34.52
C LYS C 203 -12.13 53.20 -33.37
N LEU C 204 -11.07 52.94 -32.59
CA LEU C 204 -10.71 53.71 -31.36
C LEU C 204 -9.72 54.83 -31.69
N LYS C 205 -9.57 55.18 -32.98
CA LYS C 205 -8.89 56.42 -33.45
C LYS C 205 -9.86 57.61 -33.34
N GLY C 206 -9.43 58.69 -32.67
CA GLY C 206 -10.08 60.00 -32.72
C GLY C 206 -11.08 60.24 -31.61
N THR C 207 -11.28 59.27 -30.71
CA THR C 207 -12.22 59.37 -29.55
C THR C 207 -11.46 59.97 -28.35
N MET C 208 -12.14 60.80 -27.55
CA MET C 208 -11.55 61.55 -26.41
C MET C 208 -11.88 60.85 -25.09
N ILE C 209 -12.58 59.71 -25.14
CA ILE C 209 -12.96 58.89 -23.94
C ILE C 209 -11.69 58.32 -23.30
N THR C 210 -11.63 58.29 -21.96
CA THR C 210 -10.48 57.84 -21.16
C THR C 210 -10.03 56.46 -21.63
N PRO C 211 -8.72 56.25 -21.91
CA PRO C 211 -8.22 54.94 -22.35
C PRO C 211 -8.60 53.75 -21.45
N ILE C 212 -8.72 53.98 -20.13
CA ILE C 212 -9.11 52.94 -19.13
C ILE C 212 -10.50 52.39 -19.48
N VAL C 213 -11.41 53.26 -19.94
CA VAL C 213 -12.79 52.87 -20.37
C VAL C 213 -12.69 52.01 -21.63
N LEU C 214 -11.89 52.46 -22.60
CA LEU C 214 -11.59 51.71 -23.86
C LEU C 214 -11.06 50.32 -23.49
N ALA C 215 -10.08 50.26 -22.58
CA ALA C 215 -9.42 49.02 -22.11
C ALA C 215 -10.48 48.05 -21.55
N TYR C 216 -11.32 48.52 -20.63
CA TYR C 216 -12.41 47.73 -20.00
C TYR C 216 -13.35 47.18 -21.09
N MET C 217 -13.80 48.04 -22.01
CA MET C 217 -14.77 47.69 -23.08
C MET C 217 -14.11 46.76 -24.11
N LEU C 218 -12.79 46.81 -24.29
CA LEU C 218 -12.03 45.83 -25.10
C LEU C 218 -11.96 44.50 -24.34
N GLU C 219 -11.70 44.56 -23.03
CA GLU C 219 -11.64 43.37 -22.14
C GLU C 219 -13.00 42.65 -22.15
N ARG C 220 -14.09 43.40 -22.25
CA ARG C 220 -15.48 42.85 -22.24
C ARG C 220 -15.72 41.94 -23.45
N GLU C 221 -15.10 42.25 -24.61
CA GLU C 221 -15.41 41.54 -25.89
C GLU C 221 -14.27 40.57 -26.24
N LEU C 222 -13.24 40.46 -25.40
CA LEU C 222 -12.08 39.54 -25.60
C LEU C 222 -11.98 38.52 -24.46
N VAL C 223 -12.11 38.97 -23.20
CA VAL C 223 -12.05 38.09 -21.99
C VAL C 223 -13.46 37.57 -21.68
N ALA C 224 -13.61 36.24 -21.62
CA ALA C 224 -14.88 35.51 -21.42
C ALA C 224 -15.32 35.59 -19.96
N ARG C 225 -16.63 35.58 -19.72
CA ARG C 225 -17.26 35.44 -18.37
C ARG C 225 -18.16 34.20 -18.40
N ARG C 226 -17.69 33.11 -17.78
CA ARG C 226 -18.42 31.81 -17.68
C ARG C 226 -18.90 31.66 -16.23
N ARG C 227 -20.17 31.27 -16.06
CA ARG C 227 -20.77 30.97 -14.73
C ARG C 227 -21.66 29.75 -14.84
N PHE C 228 -21.94 29.11 -13.70
CA PHE C 228 -22.95 28.05 -13.53
C PHE C 228 -24.33 28.70 -13.46
N LEU C 229 -25.22 28.36 -14.40
CA LEU C 229 -26.62 28.86 -14.45
C LEU C 229 -27.56 27.68 -14.77
N PRO C 230 -28.81 27.69 -14.26
CA PRO C 230 -29.80 26.70 -14.67
C PRO C 230 -30.22 26.96 -16.12
N VAL C 231 -29.98 25.99 -17.01
CA VAL C 231 -30.29 26.06 -18.46
C VAL C 231 -31.26 24.92 -18.82
N ALA C 232 -31.93 25.04 -19.97
CA ALA C 232 -32.86 24.03 -20.50
C ALA C 232 -32.86 24.05 -22.04
N GLY C 233 -31.78 23.57 -22.66
CA GLY C 233 -31.69 23.28 -24.11
C GLY C 233 -31.30 24.48 -24.96
N ALA C 234 -30.82 25.57 -24.33
CA ALA C 234 -30.27 26.78 -25.00
C ALA C 234 -29.08 27.30 -24.19
N THR C 235 -27.86 27.06 -24.68
CA THR C 235 -26.58 27.23 -23.92
C THR C 235 -25.73 28.34 -24.54
N SER C 236 -25.96 28.73 -25.80
CA SER C 236 -25.15 29.78 -26.49
C SER C 236 -25.36 31.13 -25.80
N ALA C 237 -24.29 31.94 -25.72
CA ALA C 237 -24.24 33.23 -25.00
C ALA C 237 -25.42 34.11 -25.41
N GLU C 238 -25.73 34.15 -26.71
CA GLU C 238 -26.83 34.95 -27.32
C GLU C 238 -28.18 34.56 -26.69
N PHE C 239 -28.32 33.31 -26.25
CA PHE C 239 -29.50 32.82 -25.48
C PHE C 239 -29.29 33.10 -23.99
N ILE C 240 -28.09 32.80 -23.49
CA ILE C 240 -27.74 32.95 -22.04
C ILE C 240 -28.04 34.38 -21.58
N GLU C 241 -27.77 35.39 -22.42
CA GLU C 241 -27.98 36.81 -22.03
C GLU C 241 -29.48 37.15 -21.97
N MET C 242 -30.36 36.26 -22.45
CA MET C 242 -31.84 36.39 -22.34
C MET C 242 -32.40 35.29 -21.42
N LEU C 243 -31.52 34.58 -20.69
CA LEU C 243 -31.87 33.36 -19.91
C LEU C 243 -33.05 33.64 -18.96
N HIS C 244 -33.12 34.85 -18.40
CA HIS C 244 -34.17 35.29 -17.44
C HIS C 244 -35.56 35.23 -18.10
N CYS C 245 -35.65 35.38 -19.42
CA CYS C 245 -36.93 35.40 -20.18
C CYS C 245 -37.17 34.06 -20.91
N LEU C 246 -36.18 33.17 -20.96
CA LEU C 246 -36.25 31.92 -21.76
C LEU C 246 -37.12 30.88 -21.04
N GLN C 247 -36.97 30.69 -19.73
CA GLN C 247 -37.79 29.73 -18.94
C GLN C 247 -37.65 29.96 -17.44
N GLY C 248 -38.63 29.45 -16.68
CA GLY C 248 -38.53 29.07 -15.27
C GLY C 248 -38.62 27.55 -15.14
N GLU C 249 -38.97 27.04 -13.97
CA GLU C 249 -39.13 25.57 -13.71
C GLU C 249 -40.46 25.09 -14.32
N ASN C 250 -41.40 26.01 -14.57
CA ASN C 250 -42.83 25.69 -14.85
C ASN C 250 -43.34 26.36 -16.13
N TRP C 251 -42.47 26.93 -16.97
CA TRP C 251 -42.88 27.58 -18.25
C TRP C 251 -41.67 27.73 -19.18
N ARG C 252 -41.94 27.80 -20.48
CA ARG C 252 -40.95 27.98 -21.58
C ARG C 252 -41.41 29.13 -22.46
N GLN C 253 -40.48 29.99 -22.89
CA GLN C 253 -40.68 31.10 -23.84
C GLN C 253 -39.74 30.90 -25.04
N ILE C 254 -40.29 30.70 -26.24
CA ILE C 254 -39.49 30.58 -27.49
C ILE C 254 -38.94 31.97 -27.84
N TYR C 255 -37.61 32.06 -28.03
CA TYR C 255 -36.87 33.31 -28.33
C TYR C 255 -35.84 33.03 -29.42
N HIS C 256 -35.91 33.75 -30.53
CA HIS C 256 -34.89 33.74 -31.62
C HIS C 256 -34.11 35.06 -31.57
N PRO C 257 -32.86 35.05 -31.06
CA PRO C 257 -32.05 36.28 -30.99
C PRO C 257 -31.66 36.79 -32.38
N GLY C 258 -31.43 38.10 -32.49
CA GLY C 258 -30.92 38.75 -33.71
C GLY C 258 -29.44 38.46 -33.92
N GLY C 259 -28.89 38.94 -35.04
CA GLY C 259 -27.49 38.68 -35.44
C GLY C 259 -27.33 37.29 -36.03
N ASN C 260 -26.09 36.91 -36.37
CA ASN C 260 -25.75 35.60 -36.99
C ASN C 260 -25.18 34.68 -35.92
N LYS C 261 -25.35 33.37 -36.12
CA LYS C 261 -24.92 32.28 -35.21
C LYS C 261 -23.82 31.49 -35.89
N LEU C 262 -22.87 30.95 -35.10
CA LEU C 262 -21.73 30.13 -35.57
C LEU C 262 -22.28 28.81 -36.15
N THR C 263 -21.57 28.21 -37.11
CA THR C 263 -21.93 26.91 -37.72
C THR C 263 -21.70 25.81 -36.68
N GLU C 264 -20.66 25.96 -35.84
CA GLU C 264 -20.30 25.02 -34.75
C GLU C 264 -21.46 24.92 -33.73
N SER C 265 -22.20 26.01 -33.54
CA SER C 265 -23.40 26.06 -32.66
C SER C 265 -24.54 25.24 -33.28
N ARG C 266 -24.74 25.41 -34.60
CA ARG C 266 -25.77 24.67 -35.39
C ARG C 266 -25.42 23.17 -35.40
N SER C 267 -24.15 22.83 -35.64
CA SER C 267 -23.61 21.45 -35.67
C SER C 267 -23.91 20.73 -34.34
N GLN C 268 -23.59 21.38 -33.22
CA GLN C 268 -23.73 20.82 -31.85
C GLN C 268 -25.22 20.54 -31.58
N SER C 269 -26.11 21.47 -31.94
CA SER C 269 -27.58 21.40 -31.71
C SER C 269 -28.18 20.32 -32.63
N MET C 270 -27.76 20.31 -33.90
CA MET C 270 -28.02 19.27 -34.92
C MET C 270 -27.89 17.88 -34.28
N ILE C 271 -26.72 17.61 -33.66
CA ILE C 271 -26.38 16.30 -33.05
C ILE C 271 -27.34 16.00 -31.88
N VAL C 272 -27.52 16.98 -30.98
CA VAL C 272 -28.46 16.85 -29.81
C VAL C 272 -29.86 16.48 -30.33
N ALA C 273 -30.36 17.20 -31.34
CA ALA C 273 -31.68 17.00 -31.95
C ALA C 273 -31.81 15.57 -32.49
N CYS C 274 -30.86 15.15 -33.33
CA CYS C 274 -30.86 13.81 -33.99
C CYS C 274 -30.84 12.69 -32.93
N ARG C 275 -30.00 12.82 -31.91
CA ARG C 275 -29.88 11.84 -30.78
C ARG C 275 -31.22 11.72 -30.06
N LYS C 276 -31.95 12.83 -29.88
CA LYS C 276 -33.26 12.85 -29.16
C LYS C 276 -34.33 12.14 -30.00
N ILE C 277 -34.33 12.36 -31.32
CA ILE C 277 -35.33 11.78 -32.27
C ILE C 277 -35.17 10.25 -32.29
N ILE C 278 -33.93 9.77 -32.37
CA ILE C 278 -33.60 8.31 -32.40
C ILE C 278 -34.00 7.69 -31.06
N ARG C 279 -33.72 8.34 -29.93
CA ARG C 279 -34.02 7.80 -28.56
C ARG C 279 -35.51 7.60 -28.38
N ARG C 280 -36.35 8.47 -28.97
CA ARG C 280 -37.83 8.36 -28.88
C ARG C 280 -38.35 7.42 -29.98
N SER C 281 -37.76 7.47 -31.18
CA SER C 281 -38.15 6.65 -32.35
C SER C 281 -37.90 5.16 -32.07
N ILE C 282 -36.74 4.83 -31.51
CA ILE C 282 -36.23 3.43 -31.31
C ILE C 282 -37.30 2.60 -30.60
N VAL C 283 -38.13 3.20 -29.74
CA VAL C 283 -39.10 2.49 -28.87
C VAL C 283 -40.42 2.24 -29.62
N ALA C 284 -40.61 2.87 -30.79
CA ALA C 284 -41.82 2.77 -31.61
C ALA C 284 -41.81 1.49 -32.46
N SER C 285 -42.99 1.00 -32.84
CA SER C 285 -43.17 -0.01 -33.92
C SER C 285 -43.09 0.73 -35.26
N ASN C 286 -41.99 0.52 -35.99
CA ASN C 286 -41.58 1.34 -37.17
C ASN C 286 -40.88 2.62 -36.70
N PRO C 287 -39.71 2.51 -36.02
CA PRO C 287 -38.92 3.69 -35.65
C PRO C 287 -38.63 4.66 -36.82
N LEU C 288 -38.35 4.10 -37.99
CA LEU C 288 -38.02 4.88 -39.22
C LEU C 288 -39.18 5.80 -39.59
N GLU C 289 -40.43 5.34 -39.42
CA GLU C 289 -41.64 6.13 -39.74
C GLU C 289 -41.69 7.36 -38.82
N LEU C 290 -41.64 7.15 -37.51
CA LEU C 290 -41.71 8.21 -36.48
C LEU C 290 -40.50 9.15 -36.60
N ALA C 291 -39.30 8.60 -36.75
CA ALA C 291 -38.05 9.38 -36.94
C ALA C 291 -38.26 10.42 -38.05
N VAL C 292 -38.86 10.00 -39.17
CA VAL C 292 -39.13 10.85 -40.37
C VAL C 292 -40.18 11.89 -40.01
N GLU C 293 -41.25 11.46 -39.34
CA GLU C 293 -42.38 12.33 -38.90
C GLU C 293 -41.81 13.47 -38.03
N ILE C 294 -40.99 13.13 -37.04
CA ILE C 294 -40.43 14.11 -36.05
C ILE C 294 -39.36 14.95 -36.75
N ALA C 295 -38.36 14.32 -37.37
CA ALA C 295 -37.20 14.98 -38.02
C ALA C 295 -37.68 16.11 -38.94
N ASN C 296 -38.77 15.88 -39.69
CA ASN C 296 -39.35 16.84 -40.66
C ASN C 296 -39.85 18.09 -39.93
N LYS C 297 -40.39 17.92 -38.73
CA LYS C 297 -41.08 18.98 -37.93
C LYS C 297 -40.17 19.55 -36.84
N THR C 298 -38.91 19.10 -36.70
CA THR C 298 -37.96 19.69 -35.71
C THR C 298 -37.20 20.86 -36.36
N VAL C 299 -37.01 21.93 -35.59
CA VAL C 299 -36.33 23.20 -36.00
C VAL C 299 -35.23 23.51 -34.97
N ILE C 300 -34.01 23.78 -35.45
CA ILE C 300 -32.86 24.24 -34.62
C ILE C 300 -32.80 25.76 -34.70
N ASP C 301 -33.26 26.42 -33.62
CA ASP C 301 -33.57 27.87 -33.58
C ASP C 301 -34.67 28.13 -34.62
N THR C 302 -34.33 28.65 -35.80
CA THR C 302 -35.30 28.99 -36.89
C THR C 302 -35.07 28.08 -38.11
N GLU C 303 -33.90 27.44 -38.23
CA GLU C 303 -33.53 26.58 -39.38
C GLU C 303 -34.11 25.18 -39.17
N PRO C 304 -34.90 24.65 -40.14
CA PRO C 304 -35.30 23.23 -40.12
C PRO C 304 -34.11 22.27 -40.05
N LEU C 305 -34.27 21.20 -39.27
CA LEU C 305 -33.23 20.15 -39.04
C LEU C 305 -32.66 19.67 -40.39
N LYS C 306 -33.54 19.33 -41.35
CA LYS C 306 -33.17 18.82 -42.70
C LYS C 306 -32.22 19.81 -43.37
N SER C 307 -32.47 21.12 -43.24
CA SER C 307 -31.64 22.20 -43.84
C SER C 307 -30.24 22.19 -43.24
N CYS C 308 -30.12 22.06 -41.91
CA CYS C 308 -28.82 22.05 -41.18
C CYS C 308 -27.99 20.85 -41.60
N LEU C 309 -28.61 19.66 -41.65
CA LEU C 309 -27.94 18.38 -41.99
C LEU C 309 -27.39 18.46 -43.42
N ALA C 310 -28.20 19.00 -44.35
CA ALA C 310 -27.85 19.17 -45.79
C ALA C 310 -26.75 20.23 -45.94
N ALA C 311 -26.72 21.23 -45.05
CA ALA C 311 -25.85 22.43 -45.14
C ALA C 311 -24.48 22.17 -44.49
N ILE C 312 -24.45 21.43 -43.37
CA ILE C 312 -23.22 21.20 -42.56
C ILE C 312 -22.62 19.83 -42.92
N ASP C 313 -21.32 19.81 -43.23
CA ASP C 313 -20.56 18.60 -43.64
C ASP C 313 -19.89 18.00 -42.39
N GLY C 314 -20.70 17.46 -41.48
CA GLY C 314 -20.25 16.89 -40.20
C GLY C 314 -21.39 16.34 -39.38
N GLY C 315 -21.11 15.93 -38.14
CA GLY C 315 -22.10 15.40 -37.19
C GLY C 315 -21.62 14.13 -36.51
N ASP C 316 -22.51 13.15 -36.38
CA ASP C 316 -22.23 11.83 -35.75
C ASP C 316 -23.15 10.77 -36.37
N VAL C 317 -23.11 9.57 -35.81
CA VAL C 317 -23.93 8.39 -36.23
C VAL C 317 -25.40 8.84 -36.35
N ALA C 318 -25.94 9.44 -35.27
CA ALA C 318 -27.35 9.87 -35.15
C ALA C 318 -27.74 10.76 -36.34
N CYS C 319 -26.88 11.74 -36.67
CA CYS C 319 -27.10 12.70 -37.78
C CYS C 319 -27.22 11.97 -39.11
N ASP C 320 -26.27 11.08 -39.41
CA ASP C 320 -26.24 10.26 -40.65
C ASP C 320 -27.51 9.40 -40.75
N ILE C 321 -27.92 8.77 -39.65
CA ILE C 321 -29.15 7.92 -39.59
C ILE C 321 -30.35 8.76 -40.00
N ILE C 322 -30.48 9.98 -39.47
CA ILE C 322 -31.61 10.93 -39.78
C ILE C 322 -31.47 11.41 -41.23
N ARG C 323 -30.24 11.70 -41.68
CA ARG C 323 -29.92 12.05 -43.09
C ARG C 323 -30.49 10.95 -44.01
N ALA C 324 -30.14 9.69 -43.76
CA ALA C 324 -30.60 8.52 -44.55
C ALA C 324 -32.14 8.44 -44.53
N ALA C 325 -32.76 8.79 -43.41
CA ALA C 325 -34.23 8.78 -43.21
C ALA C 325 -34.88 9.92 -44.00
N LEU C 326 -34.22 11.08 -44.10
CA LEU C 326 -34.76 12.28 -44.79
C LEU C 326 -34.43 12.23 -46.29
N GLY C 327 -33.62 11.27 -46.73
CA GLY C 327 -33.18 11.09 -48.13
C GLY C 327 -32.01 11.98 -48.50
N LEU C 328 -31.18 12.35 -47.53
CA LEU C 328 -29.93 13.15 -47.75
C LEU C 328 -28.74 12.18 -47.84
N LYS C 329 -27.71 12.56 -48.60
CA LYS C 329 -26.41 11.84 -48.67
C LYS C 329 -25.78 11.85 -47.28
N ILE C 330 -25.47 10.67 -46.72
CA ILE C 330 -24.78 10.54 -45.41
C ILE C 330 -23.33 11.02 -45.58
N ARG C 331 -22.88 11.91 -44.70
CA ARG C 331 -21.45 12.23 -44.48
C ARG C 331 -20.90 11.21 -43.48
N GLN C 332 -19.62 10.83 -43.57
CA GLN C 332 -18.94 10.05 -42.51
C GLN C 332 -17.76 10.88 -42.01
N ARG C 333 -18.05 12.12 -41.63
CA ARG C 333 -17.08 13.15 -41.19
C ARG C 333 -16.90 13.07 -39.67
N GLN C 334 -15.65 13.08 -39.19
CA GLN C 334 -15.27 13.16 -37.77
C GLN C 334 -14.30 14.32 -37.59
N ARG C 335 -14.50 15.12 -36.55
CA ARG C 335 -13.65 16.28 -36.19
C ARG C 335 -12.95 15.98 -34.86
N PHE C 336 -11.66 15.64 -34.91
CA PHE C 336 -10.79 15.37 -33.74
C PHE C 336 -9.94 16.62 -33.46
N GLY C 337 -10.61 17.69 -33.03
CA GLY C 337 -9.99 19.00 -32.70
C GLY C 337 -9.48 19.72 -33.93
N ARG C 338 -8.20 19.53 -34.24
CA ARG C 338 -7.49 20.18 -35.38
C ARG C 338 -7.29 19.17 -36.52
N LEU C 339 -7.85 17.96 -36.38
CA LEU C 339 -7.85 16.90 -37.43
C LEU C 339 -9.29 16.71 -37.94
N GLU C 340 -9.47 16.65 -39.26
CA GLU C 340 -10.77 16.37 -39.93
C GLU C 340 -10.63 15.09 -40.75
N LEU C 341 -11.41 14.04 -40.39
CA LEU C 341 -11.39 12.71 -41.06
C LEU C 341 -12.74 12.48 -41.75
N LYS C 342 -12.75 11.73 -42.86
CA LYS C 342 -13.98 11.28 -43.56
C LYS C 342 -13.81 9.79 -43.90
N ARG C 343 -14.70 8.92 -43.42
CA ARG C 343 -14.56 7.45 -43.57
C ARG C 343 -14.48 7.08 -45.06
N ILE C 344 -13.47 6.26 -45.42
CA ILE C 344 -13.26 5.70 -46.79
C ILE C 344 -13.80 4.26 -46.81
N SER C 345 -13.39 3.43 -45.84
CA SER C 345 -13.82 2.02 -45.67
C SER C 345 -13.70 1.58 -44.21
N GLY C 346 -14.33 0.45 -43.87
CA GLY C 346 -14.26 -0.19 -42.54
C GLY C 346 -15.42 0.24 -41.66
N ARG C 347 -15.53 -0.37 -40.47
CA ARG C 347 -16.54 -0.05 -39.43
C ARG C 347 -15.91 -0.29 -38.06
N GLY C 348 -16.02 0.69 -37.15
CA GLY C 348 -15.44 0.65 -35.80
C GLY C 348 -16.53 0.68 -34.74
N PHE C 349 -16.40 -0.14 -33.70
CA PHE C 349 -17.26 -0.12 -32.50
C PHE C 349 -16.40 0.18 -31.26
N LYS C 350 -16.92 1.05 -30.39
CA LYS C 350 -16.26 1.56 -29.16
C LYS C 350 -16.60 0.66 -27.97
N ASN C 351 -15.58 0.27 -27.19
CA ASN C 351 -15.72 -0.56 -25.96
C ASN C 351 -14.89 0.07 -24.84
N ASP C 352 -15.56 0.77 -23.92
CA ASP C 352 -14.95 1.48 -22.76
C ASP C 352 -14.37 0.45 -21.79
N GLU C 353 -13.04 0.42 -21.66
CA GLU C 353 -12.29 -0.51 -20.78
C GLU C 353 -11.24 0.29 -19.99
N GLU C 354 -10.94 -0.17 -18.77
CA GLU C 354 -10.05 0.54 -17.81
C GLU C 354 -8.59 0.21 -18.14
N ILE C 355 -8.03 0.87 -19.16
CA ILE C 355 -6.63 0.68 -19.63
C ILE C 355 -5.71 1.46 -18.68
N LEU C 356 -4.63 0.82 -18.21
CA LEU C 356 -3.56 1.41 -17.37
C LEU C 356 -2.67 2.32 -18.24
N ILE C 357 -2.54 3.59 -17.86
CA ILE C 357 -1.78 4.64 -18.61
C ILE C 357 -0.45 4.91 -17.89
N GLY C 358 0.58 5.31 -18.66
CA GLY C 358 1.99 5.25 -18.24
C GLY C 358 2.40 6.34 -17.26
N ASN C 359 1.49 7.22 -16.84
CA ASN C 359 1.76 8.28 -15.83
C ASN C 359 1.62 7.70 -14.42
N GLY C 360 0.62 6.82 -14.19
CA GLY C 360 0.37 6.15 -12.91
C GLY C 360 -1.06 6.34 -12.41
N THR C 361 -2.04 6.07 -13.28
CA THR C 361 -3.51 6.10 -13.00
C THR C 361 -4.20 5.10 -13.91
N ILE C 362 -5.48 4.78 -13.64
CA ILE C 362 -6.35 3.93 -14.52
C ILE C 362 -7.57 4.77 -14.95
N GLN C 363 -7.58 5.22 -16.22
CA GLN C 363 -8.68 6.01 -16.82
C GLN C 363 -9.50 5.12 -17.77
N LYS C 364 -10.82 5.29 -17.79
CA LYS C 364 -11.77 4.49 -18.59
C LYS C 364 -11.84 5.08 -20.01
N ILE C 365 -11.02 4.56 -20.93
CA ILE C 365 -10.89 5.04 -22.34
C ILE C 365 -11.57 4.02 -23.27
N GLY C 366 -12.08 4.50 -24.40
CA GLY C 366 -12.91 3.74 -25.36
C GLY C 366 -12.06 3.15 -26.48
N ILE C 367 -11.95 1.83 -26.51
CA ILE C 367 -11.20 1.03 -27.54
C ILE C 367 -12.09 0.85 -28.77
N TRP C 368 -11.64 1.34 -29.94
CA TRP C 368 -12.33 1.24 -31.25
C TRP C 368 -11.87 -0.02 -31.98
N ASP C 369 -12.70 -1.08 -31.98
CA ASP C 369 -12.41 -2.38 -32.64
C ASP C 369 -12.64 -2.25 -34.16
N GLY C 370 -11.99 -3.12 -34.94
CA GLY C 370 -12.18 -3.25 -36.40
C GLY C 370 -11.12 -2.49 -37.19
N GLU C 371 -10.93 -2.87 -38.46
CA GLU C 371 -9.96 -2.26 -39.41
C GLU C 371 -10.69 -1.18 -40.22
N GLU C 372 -10.24 0.08 -40.10
CA GLU C 372 -10.89 1.26 -40.75
C GLU C 372 -9.88 1.99 -41.63
N GLU C 373 -10.34 2.64 -42.70
CA GLU C 373 -9.55 3.61 -43.52
C GLU C 373 -10.27 4.97 -43.48
N PHE C 374 -9.51 6.05 -43.31
CA PHE C 374 -10.04 7.43 -43.16
C PHE C 374 -9.34 8.39 -44.13
N HIS C 375 -10.05 9.46 -44.51
CA HIS C 375 -9.59 10.55 -45.41
C HIS C 375 -9.22 11.76 -44.54
N VAL C 376 -8.02 11.74 -43.96
CA VAL C 376 -7.53 12.77 -42.98
C VAL C 376 -7.19 14.05 -43.75
N ARG C 377 -7.36 15.21 -43.11
CA ARG C 377 -7.09 16.54 -43.72
C ARG C 377 -6.67 17.53 -42.62
N CYS C 378 -5.70 18.40 -42.90
CA CYS C 378 -5.21 19.46 -41.97
C CYS C 378 -4.65 20.65 -42.76
N GLY C 379 -5.53 21.48 -43.34
CA GLY C 379 -5.17 22.72 -44.07
C GLY C 379 -4.49 22.42 -45.39
N GLU C 380 -3.17 22.19 -45.37
CA GLU C 380 -2.33 21.85 -46.55
C GLU C 380 -2.27 20.33 -46.71
N CYS C 381 -2.17 19.58 -45.60
CA CYS C 381 -2.00 18.11 -45.55
C CYS C 381 -3.32 17.40 -45.91
N ARG C 382 -3.27 16.53 -46.92
CA ARG C 382 -4.35 15.58 -47.31
C ARG C 382 -3.75 14.17 -47.36
N GLY C 383 -4.34 13.21 -46.63
CA GLY C 383 -3.81 11.84 -46.53
C GLY C 383 -4.90 10.79 -46.36
N ILE C 384 -4.55 9.52 -46.57
CA ILE C 384 -5.41 8.32 -46.35
C ILE C 384 -4.80 7.48 -45.21
N LEU C 385 -5.53 7.33 -44.10
CA LEU C 385 -5.12 6.57 -42.89
C LEU C 385 -5.67 5.14 -42.99
N LYS C 386 -5.09 4.21 -42.23
CA LYS C 386 -5.54 2.80 -42.10
C LYS C 386 -5.17 2.29 -40.70
N LYS C 387 -6.14 2.27 -39.77
CA LYS C 387 -5.95 1.85 -38.35
C LYS C 387 -6.76 0.58 -38.07
N SER C 388 -6.20 -0.29 -37.22
CA SER C 388 -6.83 -1.50 -36.66
C SER C 388 -7.10 -1.29 -35.16
N LYS C 389 -7.47 -2.35 -34.43
CA LYS C 389 -7.77 -2.28 -32.97
C LYS C 389 -6.49 -1.92 -32.21
N MET C 390 -6.43 -0.69 -31.71
CA MET C 390 -5.36 -0.17 -30.78
C MET C 390 -4.01 -0.13 -31.50
N LYS C 391 -3.99 0.28 -32.77
CA LYS C 391 -2.79 0.21 -33.64
C LYS C 391 -2.95 1.13 -34.86
N LEU C 392 -1.82 1.57 -35.43
CA LEU C 392 -1.72 2.24 -36.75
C LEU C 392 -0.86 1.36 -37.68
N GLU C 393 -1.39 1.03 -38.85
CA GLU C 393 -0.78 0.04 -39.79
C GLU C 393 -0.21 0.77 -41.01
N LYS C 394 -1.00 1.63 -41.66
CA LYS C 394 -0.56 2.50 -42.79
C LYS C 394 -1.00 3.95 -42.53
N LEU C 395 -0.37 4.90 -43.22
CA LEU C 395 -0.65 6.37 -43.12
C LEU C 395 -0.02 7.08 -44.31
N LEU C 396 -0.72 7.15 -45.45
CA LEU C 396 -0.21 7.77 -46.70
C LEU C 396 -0.57 9.26 -46.67
N ILE C 397 0.41 10.16 -46.48
CA ILE C 397 0.18 11.63 -46.30
C ILE C 397 0.95 12.41 -47.36
N ASN C 398 0.38 13.53 -47.82
CA ASN C 398 0.97 14.42 -48.86
C ASN C 398 1.95 15.40 -48.20
N SER C 399 2.87 15.97 -49.00
CA SER C 399 3.89 16.96 -48.57
C SER C 399 3.22 18.31 -48.27
N ALA C 400 3.56 18.91 -47.12
CA ALA C 400 3.04 20.21 -46.64
C ALA C 400 4.03 20.83 -45.65
N LYS C 401 3.68 21.99 -45.08
CA LYS C 401 4.54 22.76 -44.13
C LYS C 401 4.80 21.94 -42.86
N LYS C 402 5.88 22.31 -42.15
CA LYS C 402 6.32 21.72 -40.86
C LYS C 402 5.16 21.77 -39.86
N GLU C 403 4.55 22.94 -39.70
CA GLU C 403 3.43 23.23 -38.76
C GLU C 403 2.23 22.32 -39.09
N ASP C 404 1.89 22.17 -40.38
CA ASP C 404 0.70 21.42 -40.85
C ASP C 404 0.96 19.92 -40.71
N MET C 405 2.21 19.46 -40.90
CA MET C 405 2.61 18.03 -40.78
C MET C 405 2.73 17.64 -39.30
N ARG C 406 3.29 18.53 -38.47
CA ARG C 406 3.51 18.28 -37.01
C ARG C 406 2.18 17.92 -36.33
N ASP C 407 1.11 18.63 -36.69
CA ASP C 407 -0.26 18.40 -36.16
C ASP C 407 -0.76 17.02 -36.61
N LEU C 408 -0.89 16.82 -37.93
CA LEU C 408 -1.49 15.61 -38.56
C LEU C 408 -0.80 14.33 -38.05
N ILE C 409 0.53 14.30 -38.02
CA ILE C 409 1.32 13.07 -37.70
C ILE C 409 1.07 12.65 -36.24
N ILE C 410 0.97 13.61 -35.31
CA ILE C 410 0.69 13.35 -33.85
C ILE C 410 -0.80 13.02 -33.70
N LEU C 411 -1.66 13.80 -34.38
CA LEU C 411 -3.15 13.64 -34.33
C LEU C 411 -3.55 12.24 -34.81
N CYS C 412 -2.95 11.77 -35.92
CA CYS C 412 -3.19 10.43 -36.52
C CYS C 412 -2.80 9.33 -35.52
N MET C 413 -1.69 9.50 -34.82
CA MET C 413 -1.15 8.51 -33.85
C MET C 413 -1.89 8.61 -32.51
N VAL C 414 -2.55 9.75 -32.23
CA VAL C 414 -3.40 9.91 -31.01
C VAL C 414 -4.81 9.34 -31.26
N PHE C 415 -5.43 9.67 -32.41
CA PHE C 415 -6.80 9.21 -32.78
C PHE C 415 -6.83 7.69 -32.99
N SER C 416 -5.74 7.11 -33.51
CA SER C 416 -5.59 5.64 -33.73
C SER C 416 -5.55 4.91 -32.38
N GLN C 417 -5.17 5.62 -31.31
CA GLN C 417 -5.13 5.13 -29.91
C GLN C 417 -4.12 3.97 -29.83
N ASP C 418 -2.91 4.20 -30.35
CA ASP C 418 -1.81 3.21 -30.36
C ASP C 418 -1.34 2.98 -28.92
N THR C 419 -0.96 1.73 -28.60
CA THR C 419 -0.64 1.27 -27.21
C THR C 419 0.67 1.92 -26.73
N ARG C 420 1.50 2.38 -27.66
CA ARG C 420 2.77 3.12 -27.40
C ARG C 420 2.44 4.49 -26.80
N MET C 421 1.35 5.14 -27.24
CA MET C 421 0.94 6.50 -26.80
C MET C 421 0.47 6.48 -25.33
N PHE C 422 -0.33 5.47 -24.96
CA PHE C 422 -0.91 5.30 -23.60
C PHE C 422 0.21 5.01 -22.57
N GLN C 423 1.28 4.32 -22.99
CA GLN C 423 2.44 3.97 -22.13
C GLN C 423 3.59 4.97 -22.36
N GLY C 424 3.25 6.27 -22.44
CA GLY C 424 4.22 7.37 -22.65
C GLY C 424 3.68 8.70 -22.14
N VAL C 425 3.07 8.70 -20.95
CA VAL C 425 2.47 9.90 -20.29
C VAL C 425 3.28 10.23 -19.04
N ARG C 426 3.73 11.48 -18.93
CA ARG C 426 4.53 12.00 -17.78
C ARG C 426 3.88 13.28 -17.25
N GLY C 427 3.39 13.25 -16.00
CA GLY C 427 2.79 14.40 -15.30
C GLY C 427 1.29 14.25 -15.09
N GLU C 428 0.68 15.25 -14.44
CA GLU C 428 -0.75 15.26 -14.05
C GLU C 428 -1.56 15.96 -15.15
N ILE C 429 -2.36 15.19 -15.90
CA ILE C 429 -3.30 15.68 -16.95
C ILE C 429 -4.52 16.35 -16.29
N SER C 440 -14.08 15.05 -21.76
CA SER C 440 -13.77 13.72 -22.32
C SER C 440 -12.27 13.41 -22.13
N PRO C 441 -11.91 12.16 -21.78
CA PRO C 441 -10.51 11.82 -21.51
C PRO C 441 -9.63 11.76 -22.77
N MET C 442 -10.20 11.36 -23.91
CA MET C 442 -9.47 11.17 -25.20
C MET C 442 -9.04 12.52 -25.77
N TYR C 443 -9.91 13.54 -25.73
CA TYR C 443 -9.62 14.91 -26.25
C TYR C 443 -8.57 15.62 -25.38
N GLN C 444 -8.50 15.26 -24.09
CA GLN C 444 -7.48 15.80 -23.14
C GLN C 444 -6.08 15.37 -23.58
N LEU C 445 -5.94 14.14 -24.10
CA LEU C 445 -4.66 13.57 -24.60
C LEU C 445 -4.20 14.35 -25.84
N GLN C 446 -5.15 14.81 -26.68
CA GLN C 446 -4.85 15.61 -27.90
C GLN C 446 -4.15 16.91 -27.49
N ARG C 447 -4.74 17.66 -26.55
CA ARG C 447 -4.27 19.00 -26.11
C ARG C 447 -3.00 18.88 -25.25
N TYR C 448 -2.72 17.69 -24.71
CA TYR C 448 -1.51 17.35 -23.91
C TYR C 448 -0.29 17.25 -24.85
N PHE C 449 -0.38 16.39 -25.86
CA PHE C 449 0.74 15.96 -26.75
C PHE C 449 0.97 16.99 -27.87
N LEU C 450 0.05 17.95 -28.03
CA LEU C 450 0.16 19.07 -29.01
C LEU C 450 1.12 20.13 -28.45
N ASN C 451 1.02 20.43 -27.15
CA ASN C 451 1.84 21.47 -26.46
C ASN C 451 3.29 20.97 -26.35
N ARG C 452 3.48 19.79 -25.74
CA ARG C 452 4.78 19.11 -25.59
C ARG C 452 4.75 17.80 -26.38
N SER C 453 5.56 17.68 -27.45
CA SER C 453 5.65 16.51 -28.35
C SER C 453 6.97 15.74 -28.15
N ASN C 454 8.01 16.37 -27.57
CA ASN C 454 9.36 15.77 -27.40
C ASN C 454 9.33 14.69 -26.31
N ASP C 455 8.19 14.52 -25.62
CA ASP C 455 7.95 13.48 -24.58
C ASP C 455 7.37 12.22 -25.24
N LEU C 456 6.53 12.37 -26.27
CA LEU C 456 5.75 11.26 -26.89
C LEU C 456 6.58 10.53 -27.95
N PHE C 457 7.44 11.25 -28.68
CA PHE C 457 8.29 10.68 -29.77
C PHE C 457 9.35 9.73 -29.20
N ASP C 458 9.85 10.04 -28.00
CA ASP C 458 10.83 9.20 -27.25
C ASP C 458 10.16 7.89 -26.83
N GLN C 459 8.84 7.93 -26.56
CA GLN C 459 8.01 6.76 -26.18
C GLN C 459 7.24 6.24 -27.40
N TRP C 460 7.92 6.14 -28.55
CA TRP C 460 7.39 5.56 -29.81
C TRP C 460 8.44 4.64 -30.44
N GLY C 461 9.61 5.19 -30.81
CA GLY C 461 10.67 4.48 -31.56
C GLY C 461 10.71 4.92 -33.01
N TYR C 462 11.90 4.84 -33.64
CA TYR C 462 12.15 5.27 -35.04
C TYR C 462 12.54 4.04 -35.88
N GLU C 463 12.29 4.12 -37.20
CA GLU C 463 12.63 3.05 -38.18
C GLU C 463 13.25 3.70 -39.43
N GLU C 464 13.47 2.89 -40.48
CA GLU C 464 14.13 3.29 -41.75
C GLU C 464 13.13 4.07 -42.63
N SER C 465 13.67 4.89 -43.54
CA SER C 465 12.92 5.72 -44.52
C SER C 465 12.95 5.03 -45.89
N PRO C 466 11.83 5.01 -46.65
CA PRO C 466 11.84 4.42 -47.99
C PRO C 466 12.50 5.35 -49.02
N LYS C 467 13.40 4.80 -49.85
CA LYS C 467 14.13 5.52 -50.92
C LYS C 467 13.45 5.27 -52.27
N ALA C 468 12.11 5.41 -52.34
CA ALA C 468 11.28 5.23 -53.55
C ALA C 468 11.22 6.55 -54.33
N SER C 469 10.46 6.56 -55.44
CA SER C 469 10.31 7.72 -56.36
C SER C 469 9.60 8.88 -55.66
N GLU C 470 8.55 8.59 -54.89
CA GLU C 470 7.67 9.60 -54.22
C GLU C 470 7.85 9.55 -52.70
N LEU C 471 8.32 8.42 -52.14
CA LEU C 471 8.39 8.17 -50.68
C LEU C 471 9.63 8.86 -50.09
N HIS C 472 9.49 9.37 -48.86
CA HIS C 472 10.52 10.05 -48.05
C HIS C 472 10.10 9.98 -46.57
N GLY C 473 11.02 10.30 -45.66
CA GLY C 473 10.81 10.23 -44.19
C GLY C 473 11.31 11.49 -43.49
N ILE C 474 10.71 11.81 -42.33
CA ILE C 474 11.07 12.98 -41.49
C ILE C 474 11.22 12.54 -40.02
N ASN C 475 12.00 13.28 -39.24
CA ASN C 475 12.28 12.98 -37.80
C ASN C 475 11.69 14.12 -36.94
N GLU C 476 12.11 14.21 -35.66
CA GLU C 476 11.55 15.15 -34.64
C GLU C 476 11.92 16.60 -34.96
N SER C 477 12.96 16.84 -35.75
CA SER C 477 13.49 18.18 -36.09
C SER C 477 12.64 18.85 -37.19
N MET C 478 11.53 18.22 -37.59
CA MET C 478 10.51 18.76 -38.54
C MET C 478 11.07 18.76 -39.98
N ASN C 479 12.14 18.01 -40.23
CA ASN C 479 12.86 17.95 -41.54
C ASN C 479 13.12 16.50 -41.94
N ALA C 480 13.61 16.29 -43.17
CA ALA C 480 13.82 14.97 -43.80
C ALA C 480 15.05 14.29 -43.20
N SER C 481 14.91 13.04 -42.74
CA SER C 481 15.97 12.21 -42.13
C SER C 481 15.64 10.72 -42.30
N ASP C 482 16.62 9.85 -42.10
CA ASP C 482 16.53 8.38 -42.27
C ASP C 482 15.91 7.75 -41.02
N TYR C 483 15.93 8.45 -39.88
CA TYR C 483 15.33 8.01 -38.59
C TYR C 483 13.93 8.63 -38.45
N THR C 484 12.99 8.17 -39.29
CA THR C 484 11.56 8.57 -39.28
C THR C 484 10.79 7.71 -38.26
N LEU C 485 9.62 8.17 -37.81
CA LEU C 485 8.75 7.43 -36.84
C LEU C 485 8.27 6.12 -37.47
N LYS C 486 7.95 5.13 -36.63
CA LYS C 486 7.49 3.76 -37.03
C LYS C 486 6.13 3.85 -37.74
N GLY C 487 6.13 3.65 -39.07
CA GLY C 487 4.92 3.54 -39.90
C GLY C 487 4.68 4.77 -40.77
N VAL C 488 5.63 5.71 -40.80
CA VAL C 488 5.54 6.97 -41.60
C VAL C 488 5.75 6.63 -43.09
N VAL C 489 4.81 7.04 -43.95
CA VAL C 489 4.88 6.90 -45.44
C VAL C 489 4.35 8.19 -46.08
N VAL C 490 5.23 9.14 -46.39
CA VAL C 490 4.90 10.49 -46.94
C VAL C 490 5.15 10.48 -48.45
N THR C 491 4.22 10.99 -49.26
CA THR C 491 4.33 11.06 -50.75
C THR C 491 4.56 12.52 -51.19
N GLU C 504 -21.46 5.46 -52.47
CA GLU C 504 -21.86 5.42 -51.04
C GLU C 504 -23.40 5.33 -50.93
N LYS C 505 -24.06 4.79 -51.97
CA LYS C 505 -25.54 4.76 -52.11
C LYS C 505 -26.13 3.78 -51.09
N VAL C 506 -26.43 4.29 -49.89
CA VAL C 506 -26.83 3.50 -48.68
C VAL C 506 -28.36 3.48 -48.55
N SER C 507 -28.88 2.44 -47.89
CA SER C 507 -30.32 2.23 -47.58
C SER C 507 -30.52 2.23 -46.05
N ILE C 508 -31.73 2.48 -45.57
CA ILE C 508 -32.05 2.56 -44.11
C ILE C 508 -33.23 1.63 -43.80
N THR C 509 -33.11 0.81 -42.75
CA THR C 509 -34.14 -0.17 -42.33
C THR C 509 -35.17 0.51 -41.42
N LYS C 510 -36.30 -0.18 -41.20
CA LYS C 510 -37.36 0.17 -40.22
C LYS C 510 -36.73 0.46 -38.84
N ASN C 511 -35.70 -0.30 -38.48
CA ASN C 511 -35.00 -0.26 -37.16
C ASN C 511 -33.82 0.73 -37.18
N LEU C 512 -33.73 1.60 -38.20
CA LEU C 512 -32.76 2.73 -38.29
C LEU C 512 -31.33 2.21 -38.45
N SER C 513 -31.15 1.06 -39.12
CA SER C 513 -29.82 0.52 -39.51
C SER C 513 -29.54 0.90 -40.97
N LEU C 514 -28.34 1.42 -41.25
CA LEU C 514 -27.85 1.80 -42.60
C LEU C 514 -27.12 0.61 -43.23
N ILE C 515 -27.70 0.07 -44.31
CA ILE C 515 -27.25 -1.18 -45.01
C ILE C 515 -26.78 -0.81 -46.42
N LYS C 516 -25.60 -1.29 -46.81
CA LYS C 516 -25.08 -1.20 -48.20
C LYS C 516 -25.84 -2.18 -49.10
N ARG C 517 -25.65 -2.09 -50.41
CA ARG C 517 -26.31 -2.97 -51.42
C ARG C 517 -25.90 -4.43 -51.19
N THR C 518 -24.71 -4.65 -50.59
CA THR C 518 -24.10 -5.98 -50.30
C THR C 518 -24.66 -6.59 -49.01
N GLY C 519 -25.53 -5.89 -48.28
CA GLY C 519 -26.12 -6.35 -47.01
C GLY C 519 -25.32 -5.90 -45.80
N GLU C 520 -24.10 -5.39 -46.02
CA GLU C 520 -23.20 -4.87 -44.96
C GLU C 520 -23.84 -3.65 -44.28
N VAL C 521 -24.21 -3.79 -43.00
CA VAL C 521 -24.71 -2.66 -42.16
C VAL C 521 -23.48 -1.87 -41.68
N ILE C 522 -23.45 -0.57 -41.96
CA ILE C 522 -22.25 0.30 -41.69
C ILE C 522 -22.55 1.27 -40.55
N MET C 523 -23.75 1.21 -39.97
CA MET C 523 -24.24 2.15 -38.93
C MET C 523 -25.59 1.68 -38.38
N GLY C 524 -25.81 1.79 -37.08
CA GLY C 524 -27.05 1.36 -36.40
C GLY C 524 -27.45 2.32 -35.29
N ALA C 525 -28.69 2.18 -34.80
CA ALA C 525 -29.25 2.96 -33.67
C ALA C 525 -28.37 2.75 -32.43
N ASN C 526 -27.89 1.51 -32.22
CA ASN C 526 -27.05 1.12 -31.06
C ASN C 526 -25.66 1.77 -31.17
N ASP C 527 -25.31 2.36 -32.32
CA ASP C 527 -24.02 3.06 -32.52
C ASP C 527 -24.14 4.54 -32.10
N VAL C 528 -25.35 5.03 -31.78
CA VAL C 528 -25.57 6.46 -31.39
C VAL C 528 -25.16 6.63 -29.93
N SER C 529 -24.45 7.72 -29.62
CA SER C 529 -23.97 8.09 -28.26
C SER C 529 -25.13 8.14 -27.26
N GLU C 530 -24.90 7.67 -26.03
CA GLU C 530 -25.88 7.69 -24.91
C GLU C 530 -25.84 9.06 -24.19
N LEU C 531 -24.80 9.86 -24.45
CA LEU C 531 -24.52 11.15 -23.77
C LEU C 531 -25.69 12.13 -23.99
N GLU C 532 -26.38 12.51 -22.91
CA GLU C 532 -27.47 13.52 -22.91
C GLU C 532 -26.87 14.89 -22.56
N SER C 533 -26.82 15.81 -23.53
CA SER C 533 -26.18 17.14 -23.42
C SER C 533 -27.18 18.25 -23.79
N GLN C 534 -26.86 19.50 -23.45
CA GLN C 534 -27.70 20.70 -23.71
C GLN C 534 -27.36 21.27 -25.09
N ALA C 535 -28.37 21.47 -25.94
CA ALA C 535 -28.24 22.14 -27.25
C ALA C 535 -27.77 23.59 -27.04
N GLN C 536 -26.82 24.06 -27.85
CA GLN C 536 -26.31 25.46 -27.82
C GLN C 536 -27.40 26.40 -28.34
N LEU C 537 -28.16 25.95 -29.34
CA LEU C 537 -29.32 26.68 -29.92
C LEU C 537 -30.62 25.99 -29.48
N MET C 538 -31.67 26.78 -29.23
CA MET C 538 -33.02 26.34 -28.76
C MET C 538 -33.66 25.46 -29.85
N ILE C 539 -33.93 24.18 -29.54
CA ILE C 539 -34.59 23.22 -30.46
C ILE C 539 -36.10 23.25 -30.21
N THR C 540 -36.90 23.44 -31.26
CA THR C 540 -38.39 23.37 -31.17
C THR C 540 -38.89 22.22 -32.06
N TYR C 541 -40.01 21.59 -31.68
CA TYR C 541 -40.69 20.52 -32.44
C TYR C 541 -42.10 21.00 -32.80
N ASP C 542 -42.29 21.40 -34.07
CA ASP C 542 -43.56 21.93 -34.62
C ASP C 542 -44.56 20.78 -34.74
N THR C 543 -45.00 20.24 -33.60
CA THR C 543 -45.88 19.05 -33.48
C THR C 543 -46.58 19.07 -32.13
N PRO C 544 -47.87 18.65 -32.05
CA PRO C 544 -48.52 18.44 -30.75
C PRO C 544 -47.84 17.33 -29.93
N LYS C 545 -46.94 16.56 -30.56
CA LYS C 545 -46.15 15.46 -29.94
C LYS C 545 -44.87 16.00 -29.29
N MET C 546 -44.64 17.32 -29.31
CA MET C 546 -43.37 17.95 -28.83
C MET C 546 -43.07 17.53 -27.40
N TRP C 547 -44.10 17.34 -26.56
CA TRP C 547 -43.96 16.92 -25.14
C TRP C 547 -43.27 15.56 -25.06
N GLU C 548 -43.44 14.70 -26.08
CA GLU C 548 -42.84 13.34 -26.14
C GLU C 548 -41.31 13.43 -26.26
N MET C 549 -40.78 14.61 -26.59
CA MET C 549 -39.33 14.87 -26.75
C MET C 549 -38.73 15.42 -25.44
N GLY C 550 -39.49 15.42 -24.34
CA GLY C 550 -39.03 15.92 -23.03
C GLY C 550 -37.93 15.07 -22.44
N THR C 551 -37.28 15.55 -21.37
CA THR C 551 -36.29 14.80 -20.55
C THR C 551 -37.06 13.90 -19.57
N THR C 552 -36.35 13.04 -18.82
CA THR C 552 -36.97 12.01 -17.94
C THR C 552 -38.05 12.67 -17.08
N LYS C 553 -37.68 13.67 -16.28
CA LYS C 553 -38.57 14.32 -15.27
C LYS C 553 -39.73 15.02 -15.98
N GLU C 554 -39.49 15.59 -17.16
CA GLU C 554 -40.52 16.25 -18.00
C GLU C 554 -41.55 15.20 -18.45
N LEU C 555 -41.06 14.12 -19.06
CA LEU C 555 -41.90 13.00 -19.60
C LEU C 555 -42.68 12.33 -18.47
N VAL C 556 -42.00 12.02 -17.36
CA VAL C 556 -42.61 11.41 -16.14
C VAL C 556 -43.82 12.26 -15.71
N GLN C 557 -43.60 13.55 -15.54
CA GLN C 557 -44.62 14.53 -15.07
C GLN C 557 -45.81 14.57 -16.02
N ASN C 558 -45.55 14.70 -17.32
CA ASN C 558 -46.62 14.79 -18.36
C ASN C 558 -47.38 13.47 -18.43
N THR C 559 -46.67 12.34 -18.58
CA THR C 559 -47.26 10.98 -18.64
C THR C 559 -48.29 10.82 -17.51
N TYR C 560 -47.84 11.01 -16.26
CA TYR C 560 -48.69 10.86 -15.05
C TYR C 560 -49.85 11.88 -15.08
N GLN C 561 -49.64 13.04 -15.71
CA GLN C 561 -50.71 14.06 -15.85
C GLN C 561 -51.78 13.54 -16.81
N TRP C 562 -51.35 12.91 -17.91
CA TRP C 562 -52.26 12.28 -18.91
C TRP C 562 -53.12 11.23 -18.20
N VAL C 563 -52.48 10.38 -17.37
CA VAL C 563 -53.18 9.34 -16.56
C VAL C 563 -54.24 10.02 -15.69
N LEU C 564 -53.86 11.07 -14.94
CA LEU C 564 -54.76 11.81 -14.00
C LEU C 564 -55.91 12.48 -14.78
N LYS C 565 -55.65 13.01 -15.98
CA LYS C 565 -56.66 13.68 -16.83
C LYS C 565 -57.71 12.68 -17.33
N ASN C 566 -57.33 11.41 -17.55
CA ASN C 566 -58.23 10.36 -18.14
C ASN C 566 -58.49 9.24 -17.11
N LEU C 567 -58.20 9.51 -15.84
CA LEU C 567 -58.27 8.50 -14.74
C LEU C 567 -59.65 7.86 -14.68
N VAL C 568 -60.72 8.65 -14.83
CA VAL C 568 -62.15 8.23 -14.70
C VAL C 568 -62.43 7.09 -15.70
N THR C 569 -62.18 7.34 -16.99
CA THR C 569 -62.41 6.38 -18.10
C THR C 569 -61.38 5.24 -18.00
N LEU C 570 -60.10 5.60 -17.76
CA LEU C 570 -58.98 4.61 -17.66
C LEU C 570 -59.31 3.57 -16.58
N LYS C 571 -59.79 4.00 -15.42
CA LYS C 571 -60.06 3.12 -14.24
C LYS C 571 -61.34 2.32 -14.47
N ALA C 572 -62.39 2.98 -14.97
CA ALA C 572 -63.70 2.38 -15.31
C ALA C 572 -63.48 1.22 -16.30
N GLN C 573 -62.84 1.50 -17.45
CA GLN C 573 -62.62 0.47 -18.52
C GLN C 573 -61.83 -0.73 -17.95
N PHE C 574 -60.84 -0.47 -17.10
CA PHE C 574 -59.98 -1.51 -16.47
C PHE C 574 -60.83 -2.42 -15.56
N LEU C 575 -61.80 -1.84 -14.84
CA LEU C 575 -62.68 -2.59 -13.90
C LEU C 575 -63.73 -3.40 -14.67
N LEU C 576 -64.03 -3.00 -15.92
CA LEU C 576 -64.98 -3.75 -16.81
C LEU C 576 -64.29 -4.99 -17.39
N GLY C 577 -62.98 -5.15 -17.19
CA GLY C 577 -62.20 -6.33 -17.59
C GLY C 577 -61.25 -6.06 -18.74
N LYS C 578 -61.46 -4.95 -19.47
CA LYS C 578 -60.62 -4.61 -20.67
C LYS C 578 -59.23 -4.19 -20.20
N GLU C 579 -58.19 -4.48 -20.99
CA GLU C 579 -56.78 -4.13 -20.67
C GLU C 579 -56.10 -3.48 -21.89
N ASP C 580 -56.88 -2.80 -22.74
CA ASP C 580 -56.37 -2.09 -23.94
C ASP C 580 -55.56 -0.86 -23.51
N MET C 581 -55.89 -0.28 -22.33
CA MET C 581 -55.22 0.94 -21.80
C MET C 581 -53.72 0.65 -21.61
N PHE C 582 -53.34 -0.60 -21.33
CA PHE C 582 -51.93 -1.03 -21.16
C PHE C 582 -51.07 -0.48 -22.31
N GLN C 583 -51.59 -0.54 -23.54
CA GLN C 583 -50.84 -0.16 -24.78
C GLN C 583 -51.45 1.12 -25.38
N TRP C 584 -51.73 2.11 -24.54
CA TRP C 584 -52.24 3.46 -24.90
C TRP C 584 -51.06 4.30 -25.40
N ASP C 585 -51.16 4.84 -26.62
CA ASP C 585 -50.11 5.62 -27.36
C ASP C 585 -49.35 6.54 -26.41
N ALA C 586 -50.07 7.17 -25.49
CA ALA C 586 -49.57 8.19 -24.53
C ALA C 586 -48.40 7.65 -23.70
N PHE C 587 -48.29 6.31 -23.54
CA PHE C 587 -47.25 5.66 -22.71
C PHE C 587 -46.00 5.31 -23.53
N GLU C 588 -46.04 5.44 -24.87
CA GLU C 588 -44.90 5.02 -25.73
C GLU C 588 -43.68 5.90 -25.41
N ALA C 589 -43.85 7.22 -25.39
CA ALA C 589 -42.78 8.21 -25.07
C ALA C 589 -42.15 7.85 -23.72
N PHE C 590 -42.96 7.55 -22.70
CA PHE C 590 -42.52 7.15 -21.34
C PHE C 590 -41.53 5.99 -21.44
N GLU C 591 -41.87 4.96 -22.22
CA GLU C 591 -41.03 3.73 -22.40
C GLU C 591 -39.61 4.13 -22.81
N SER C 592 -39.47 5.17 -23.64
CA SER C 592 -38.18 5.62 -24.22
C SER C 592 -37.19 6.06 -23.12
N ILE C 593 -37.66 6.40 -21.91
CA ILE C 593 -36.77 6.81 -20.78
C ILE C 593 -36.73 5.69 -19.72
N ILE C 594 -37.27 4.51 -20.03
CA ILE C 594 -37.05 3.26 -19.24
C ILE C 594 -35.90 2.48 -19.89
N PRO C 595 -34.83 2.12 -19.15
CA PRO C 595 -33.72 1.35 -19.72
C PRO C 595 -34.18 0.12 -20.52
N GLN C 596 -33.75 0.03 -21.79
CA GLN C 596 -34.18 -0.97 -22.80
C GLN C 596 -34.18 -2.37 -22.18
N LYS C 597 -33.22 -2.68 -21.32
CA LYS C 597 -33.11 -3.96 -20.58
C LYS C 597 -34.39 -4.25 -19.81
N MET C 598 -34.83 -3.32 -18.96
CA MET C 598 -35.78 -3.60 -17.84
C MET C 598 -37.24 -3.31 -18.25
N ALA C 599 -37.46 -2.56 -19.33
CA ALA C 599 -38.78 -2.08 -19.79
C ALA C 599 -39.78 -3.25 -19.79
N GLY C 600 -39.42 -4.34 -20.48
CA GLY C 600 -40.25 -5.55 -20.63
C GLY C 600 -40.53 -6.22 -19.29
N GLN C 601 -39.51 -6.34 -18.45
CA GLN C 601 -39.61 -7.00 -17.11
C GLN C 601 -40.52 -6.17 -16.20
N TYR C 602 -40.38 -4.84 -16.21
CA TYR C 602 -41.22 -3.89 -15.43
C TYR C 602 -42.70 -4.05 -15.84
N SER C 603 -42.97 -4.14 -17.15
CA SER C 603 -44.33 -4.32 -17.72
C SER C 603 -44.95 -5.62 -17.19
N GLY C 604 -44.18 -6.72 -17.23
CA GLY C 604 -44.59 -8.03 -16.70
C GLY C 604 -45.11 -7.93 -15.27
N PHE C 605 -44.32 -7.29 -14.40
CA PHE C 605 -44.65 -7.03 -12.98
C PHE C 605 -45.88 -6.12 -12.87
N ALA C 606 -45.84 -4.98 -13.59
CA ALA C 606 -46.87 -3.92 -13.58
C ALA C 606 -48.24 -4.50 -13.95
N ARG C 607 -48.34 -5.16 -15.10
CA ARG C 607 -49.61 -5.74 -15.63
C ARG C 607 -50.19 -6.73 -14.60
N ALA C 608 -49.32 -7.61 -14.07
CA ALA C 608 -49.66 -8.63 -13.05
C ALA C 608 -50.27 -7.94 -11.83
N VAL C 609 -49.53 -7.00 -11.22
CA VAL C 609 -49.94 -6.25 -10.00
C VAL C 609 -51.29 -5.57 -10.26
N LEU C 610 -51.46 -4.93 -11.42
CA LEU C 610 -52.72 -4.24 -11.82
C LEU C 610 -53.84 -5.29 -11.89
N LYS C 611 -53.72 -6.28 -12.77
CA LYS C 611 -54.74 -7.36 -12.94
C LYS C 611 -55.12 -7.93 -11.57
N GLN C 612 -54.12 -8.21 -10.74
CA GLN C 612 -54.27 -8.77 -9.36
C GLN C 612 -55.17 -7.86 -8.52
N MET C 613 -55.05 -6.53 -8.68
CA MET C 613 -55.81 -5.53 -7.88
C MET C 613 -57.30 -5.60 -8.22
N ARG C 614 -57.66 -5.73 -9.50
CA ARG C 614 -59.07 -5.78 -9.96
C ARG C 614 -59.63 -7.20 -9.78
N ASP C 615 -58.79 -8.23 -9.98
CA ASP C 615 -59.22 -9.66 -9.95
C ASP C 615 -59.51 -10.10 -8.51
N GLN C 616 -58.80 -9.54 -7.52
CA GLN C 616 -58.98 -9.90 -6.07
C GLN C 616 -59.69 -8.77 -5.32
N GLU C 617 -60.28 -7.80 -6.04
CA GLU C 617 -61.08 -6.69 -5.46
C GLU C 617 -60.27 -5.97 -4.37
N VAL C 618 -58.98 -5.73 -4.62
CA VAL C 618 -58.04 -5.04 -3.69
C VAL C 618 -57.41 -3.83 -4.40
N MET C 619 -58.24 -3.02 -5.06
CA MET C 619 -57.80 -1.88 -5.90
C MET C 619 -57.22 -0.76 -5.02
N LYS C 620 -56.12 -0.15 -5.50
CA LYS C 620 -55.47 1.05 -4.93
C LYS C 620 -55.16 2.01 -6.08
N THR C 621 -55.87 3.15 -6.14
CA THR C 621 -55.89 4.09 -7.30
C THR C 621 -54.51 4.75 -7.46
N ASP C 622 -53.88 5.15 -6.35
CA ASP C 622 -52.51 5.74 -6.34
C ASP C 622 -51.54 4.74 -7.00
N GLN C 623 -51.60 3.46 -6.63
CA GLN C 623 -50.73 2.38 -7.17
C GLN C 623 -51.10 2.09 -8.63
N PHE C 624 -52.41 2.07 -8.94
CA PHE C 624 -52.94 1.95 -10.32
C PHE C 624 -52.29 3.02 -11.19
N ILE C 625 -52.40 4.29 -10.78
CA ILE C 625 -51.80 5.47 -11.48
C ILE C 625 -50.28 5.24 -11.62
N LYS C 626 -49.60 4.90 -10.52
CA LYS C 626 -48.13 4.75 -10.47
C LYS C 626 -47.64 3.78 -11.56
N LEU C 627 -48.25 2.60 -11.64
CA LEU C 627 -47.70 1.44 -12.42
C LEU C 627 -48.26 1.41 -13.84
N LEU C 628 -49.46 1.97 -14.08
CA LEU C 628 -50.16 1.88 -15.39
C LEU C 628 -49.21 2.21 -16.54
N PRO C 629 -48.44 3.33 -16.49
CA PRO C 629 -47.55 3.69 -17.60
C PRO C 629 -46.47 2.63 -17.91
N PHE C 630 -46.09 1.82 -16.92
CA PHE C 630 -45.04 0.77 -17.06
C PHE C 630 -45.60 -0.46 -17.78
N CYS C 631 -46.93 -0.53 -17.98
CA CYS C 631 -47.66 -1.69 -18.58
C CYS C 631 -47.55 -1.70 -20.10
N PHE C 632 -47.07 -0.61 -20.73
CA PHE C 632 -47.03 -0.43 -22.21
C PHE C 632 -46.14 -1.48 -22.88
N SER C 633 -44.90 -1.63 -22.40
CA SER C 633 -43.85 -2.50 -23.00
C SER C 633 -44.38 -3.93 -23.17
N PRO C 634 -43.93 -4.67 -24.21
CA PRO C 634 -44.25 -6.09 -24.34
C PRO C 634 -43.72 -6.87 -23.14
N PRO C 635 -44.59 -7.50 -22.32
CA PRO C 635 -44.15 -8.11 -21.06
C PRO C 635 -43.06 -9.18 -21.24
N LYS C 636 -42.08 -9.21 -20.32
CA LYS C 636 -41.04 -10.27 -20.24
C LYS C 636 -41.14 -10.91 -18.85
N LEU C 637 -41.56 -12.19 -18.81
CA LEU C 637 -41.72 -12.99 -17.56
C LEU C 637 -40.47 -13.86 -17.35
N ARG C 638 -40.29 -14.38 -16.14
CA ARG C 638 -39.15 -15.29 -15.78
C ARG C 638 -39.27 -16.59 -16.57
N SER C 639 -38.19 -17.39 -16.59
CA SER C 639 -38.10 -18.71 -17.26
C SER C 639 -39.30 -19.59 -16.85
N ASN C 640 -39.68 -19.53 -15.56
CA ASN C 640 -40.78 -20.36 -14.98
C ASN C 640 -42.16 -19.73 -15.30
N GLY C 641 -42.21 -18.59 -15.98
CA GLY C 641 -43.46 -18.02 -16.54
C GLY C 641 -44.15 -17.03 -15.62
N GLU C 642 -43.62 -16.84 -14.39
CA GLU C 642 -44.10 -15.81 -13.43
C GLU C 642 -43.31 -14.53 -13.64
N PRO C 643 -43.88 -13.34 -13.34
CA PRO C 643 -43.20 -12.07 -13.58
C PRO C 643 -42.07 -11.81 -12.59
N TYR C 644 -41.07 -11.01 -12.99
CA TYR C 644 -39.96 -10.54 -12.12
C TYR C 644 -40.56 -9.63 -11.03
N GLN C 645 -40.12 -9.79 -9.79
CA GLN C 645 -40.53 -8.93 -8.65
C GLN C 645 -39.56 -7.75 -8.56
N PHE C 646 -40.05 -6.59 -8.11
CA PHE C 646 -39.29 -5.31 -8.08
C PHE C 646 -39.61 -4.53 -6.80
N LEU C 647 -38.58 -3.83 -6.30
CA LEU C 647 -38.61 -2.94 -5.12
C LEU C 647 -38.73 -1.50 -5.61
N LYS C 648 -37.92 -1.13 -6.62
CA LYS C 648 -37.96 0.18 -7.30
C LYS C 648 -37.82 -0.02 -8.82
N LEU C 649 -38.49 0.82 -9.60
CA LEU C 649 -38.42 0.88 -11.08
C LEU C 649 -37.51 2.05 -11.46
N VAL C 650 -36.31 1.76 -11.98
CA VAL C 650 -35.23 2.77 -12.28
C VAL C 650 -35.44 3.32 -13.69
N LEU C 651 -35.52 4.65 -13.81
CA LEU C 651 -35.67 5.38 -15.10
C LEU C 651 -34.30 5.99 -15.47
N LYS C 652 -34.17 6.51 -16.70
CA LYS C 652 -32.88 7.05 -17.21
C LYS C 652 -32.53 8.35 -16.49
N GLY C 653 -31.23 8.66 -16.42
CA GLY C 653 -30.70 9.90 -15.80
C GLY C 653 -30.05 9.63 -14.44
N GLY C 654 -30.14 10.62 -13.54
CA GLY C 654 -29.48 10.61 -12.22
C GLY C 654 -30.10 9.61 -11.26
N GLY C 655 -29.47 9.44 -10.09
CA GLY C 655 -29.86 8.46 -9.06
C GLY C 655 -31.25 8.70 -8.49
N GLU C 656 -31.78 9.92 -8.60
CA GLU C 656 -33.13 10.30 -8.07
C GLU C 656 -34.22 9.84 -9.04
N ASN C 657 -33.86 9.48 -10.28
CA ASN C 657 -34.83 9.09 -11.35
C ASN C 657 -35.24 7.63 -11.17
N PHE C 658 -36.14 7.36 -10.21
CA PHE C 658 -36.74 6.03 -9.97
C PHE C 658 -38.13 6.19 -9.34
N ILE C 659 -38.98 5.18 -9.54
CA ILE C 659 -40.31 5.01 -8.86
C ILE C 659 -40.16 3.93 -7.80
N GLU C 660 -40.79 4.11 -6.64
CA GLU C 660 -40.80 3.11 -5.53
C GLU C 660 -42.14 2.36 -5.58
N VAL C 661 -42.09 1.03 -5.63
CA VAL C 661 -43.30 0.14 -5.69
C VAL C 661 -44.05 0.24 -4.36
N ARG C 662 -43.34 0.07 -3.26
CA ARG C 662 -43.92 0.01 -1.88
C ARG C 662 -43.98 1.42 -1.27
N LYS C 663 -42.93 2.21 -1.51
CA LYS C 663 -42.65 3.51 -0.84
C LYS C 663 -43.07 4.67 -1.74
N GLY C 664 -42.90 5.90 -1.26
CA GLY C 664 -42.81 7.13 -2.08
C GLY C 664 -41.38 7.37 -2.54
N SER C 665 -41.21 7.99 -3.71
CA SER C 665 -39.90 8.34 -4.33
C SER C 665 -39.88 9.83 -4.65
N PRO C 666 -38.70 10.41 -5.00
CA PRO C 666 -38.62 11.81 -5.41
C PRO C 666 -39.57 12.17 -6.57
N LEU C 667 -39.85 11.22 -7.47
CA LEU C 667 -40.68 11.43 -8.69
C LEU C 667 -42.17 11.28 -8.37
N PHE C 668 -42.54 10.40 -7.44
CA PHE C 668 -43.95 9.97 -7.19
C PHE C 668 -44.14 9.72 -5.70
N SER C 669 -45.05 10.45 -5.05
CA SER C 669 -45.42 10.24 -3.63
C SER C 669 -46.91 10.56 -3.42
N TYR C 670 -47.62 9.75 -2.64
CA TYR C 670 -49.06 9.95 -2.34
C TYR C 670 -49.26 10.05 -0.83
N ASN C 671 -50.03 11.06 -0.40
CA ASN C 671 -50.40 11.31 1.02
C ASN C 671 -51.90 11.04 1.19
N PRO C 672 -52.31 9.91 1.82
CA PRO C 672 -53.72 9.63 2.04
C PRO C 672 -54.39 10.59 3.03
N GLN C 673 -53.60 11.26 3.88
CA GLN C 673 -54.08 12.25 4.89
C GLN C 673 -54.86 13.36 4.18
N THR C 674 -54.27 13.94 3.13
CA THR C 674 -54.80 15.11 2.38
C THR C 674 -55.18 14.71 0.95
N GLU C 675 -55.03 13.43 0.58
CA GLU C 675 -55.34 12.86 -0.76
C GLU C 675 -54.55 13.63 -1.83
N VAL C 676 -53.33 14.06 -1.50
CA VAL C 676 -52.42 14.80 -2.41
C VAL C 676 -51.39 13.83 -2.99
N LEU C 677 -51.24 13.88 -4.31
CA LEU C 677 -50.26 13.14 -5.14
C LEU C 677 -49.21 14.14 -5.63
N THR C 678 -47.99 14.04 -5.11
CA THR C 678 -46.81 14.84 -5.53
C THR C 678 -46.02 14.07 -6.60
N ILE C 679 -45.94 14.66 -7.79
CA ILE C 679 -45.14 14.16 -8.95
C ILE C 679 -44.12 15.24 -9.31
N CYS C 680 -42.83 14.98 -9.07
CA CYS C 680 -41.69 15.88 -9.37
C CYS C 680 -41.93 17.27 -8.77
N GLY C 681 -42.43 17.32 -7.52
CA GLY C 681 -42.68 18.57 -6.78
C GLY C 681 -44.09 19.10 -6.98
N ARG C 682 -44.74 18.81 -8.13
CA ARG C 682 -46.10 19.31 -8.43
C ARG C 682 -47.11 18.47 -7.63
N MET C 683 -48.03 19.14 -6.92
CA MET C 683 -49.06 18.51 -6.04
C MET C 683 -50.41 18.53 -6.77
N MET C 684 -51.05 17.36 -6.93
CA MET C 684 -52.41 17.21 -7.52
C MET C 684 -53.31 16.49 -6.51
N SER C 685 -54.58 16.90 -6.42
CA SER C 685 -55.60 16.31 -5.49
C SER C 685 -56.26 15.10 -6.16
N LEU C 686 -56.37 13.98 -5.44
CA LEU C 686 -57.14 12.78 -5.88
C LEU C 686 -58.54 12.79 -5.23
N LYS C 687 -58.91 13.90 -4.57
CA LYS C 687 -60.22 14.08 -3.89
C LYS C 687 -61.35 13.78 -4.87
N GLY C 688 -62.19 12.78 -4.55
CA GLY C 688 -63.34 12.35 -5.36
C GLY C 688 -62.97 11.28 -6.37
N LYS C 689 -61.72 10.80 -6.38
CA LYS C 689 -61.24 9.73 -7.29
C LYS C 689 -60.72 8.55 -6.45
N ILE C 690 -61.21 8.40 -5.21
CA ILE C 690 -60.78 7.34 -4.25
C ILE C 690 -62.03 6.68 -3.66
N GLU C 691 -62.05 5.34 -3.65
CA GLU C 691 -63.12 4.50 -3.04
C GLU C 691 -62.92 4.52 -1.52
N ASP C 692 -64.00 4.73 -0.76
CA ASP C 692 -63.96 4.86 0.74
C ASP C 692 -63.25 3.65 1.35
N GLU C 693 -63.55 2.43 0.87
CA GLU C 693 -62.98 1.16 1.38
C GLU C 693 -61.50 1.03 0.98
N GLU C 694 -61.01 1.92 0.12
CA GLU C 694 -59.61 1.89 -0.43
C GLU C 694 -58.64 2.48 0.60
N ARG C 695 -59.08 3.44 1.42
CA ARG C 695 -58.21 4.20 2.35
C ARG C 695 -57.68 3.24 3.43
N ASN C 696 -58.48 2.27 3.87
CA ASN C 696 -58.10 1.29 4.93
C ASN C 696 -57.39 0.07 4.31
N ARG C 697 -57.46 -0.10 2.99
CA ARG C 697 -56.77 -1.18 2.25
C ARG C 697 -55.25 -0.97 2.30
N SER C 698 -54.50 -1.96 2.80
CA SER C 698 -53.02 -2.00 2.84
C SER C 698 -52.45 -2.12 1.42
N MET C 699 -51.29 -1.51 1.18
CA MET C 699 -50.60 -1.47 -0.14
C MET C 699 -49.96 -2.83 -0.43
N GLY C 700 -49.79 -3.67 0.61
CA GLY C 700 -49.20 -5.03 0.52
C GLY C 700 -49.86 -5.91 -0.54
N ASN C 701 -51.13 -5.66 -0.87
CA ASN C 701 -51.90 -6.40 -1.89
C ASN C 701 -51.46 -6.00 -3.32
N ALA C 702 -50.88 -4.81 -3.47
CA ALA C 702 -50.52 -4.22 -4.78
C ALA C 702 -49.01 -3.93 -4.85
N VAL C 703 -48.20 -4.78 -4.23
CA VAL C 703 -46.72 -4.58 -4.06
C VAL C 703 -45.93 -5.74 -4.69
N LEU C 704 -46.45 -6.97 -4.62
CA LEU C 704 -45.80 -8.18 -5.20
C LEU C 704 -46.80 -8.94 -6.07
N ALA C 705 -46.39 -9.31 -7.29
CA ALA C 705 -47.20 -10.03 -8.30
C ALA C 705 -47.42 -11.48 -7.85
N GLY C 706 -48.68 -11.90 -7.70
CA GLY C 706 -49.05 -13.25 -7.24
C GLY C 706 -48.91 -13.41 -5.73
N PHE C 707 -48.94 -12.29 -4.99
CA PHE C 707 -48.89 -12.23 -3.51
C PHE C 707 -50.07 -11.39 -3.01
N LEU C 708 -50.56 -11.68 -1.80
CA LEU C 708 -51.63 -10.91 -1.11
C LEU C 708 -51.33 -10.87 0.40
N VAL C 709 -51.91 -9.89 1.10
CA VAL C 709 -51.77 -9.71 2.57
C VAL C 709 -52.45 -10.90 3.27
N SER C 710 -51.67 -11.73 3.96
CA SER C 710 -52.15 -12.90 4.75
C SER C 710 -52.69 -12.40 6.09
N GLY C 711 -51.86 -11.70 6.86
CA GLY C 711 -52.21 -11.10 8.15
C GLY C 711 -51.14 -10.13 8.64
N LYS C 712 -51.03 -9.96 9.97
CA LYS C 712 -50.04 -9.07 10.61
C LYS C 712 -48.69 -9.79 10.72
N TYR C 713 -47.61 -9.03 10.90
CA TYR C 713 -46.20 -9.50 11.02
C TYR C 713 -46.13 -10.67 12.01
N ASP C 714 -45.45 -11.75 11.61
CA ASP C 714 -45.32 -13.01 12.41
C ASP C 714 -43.84 -13.25 12.68
N PRO C 715 -43.33 -12.90 13.89
CA PRO C 715 -41.91 -13.04 14.21
C PRO C 715 -41.30 -14.42 13.93
N ASP C 716 -42.13 -15.47 13.92
CA ASP C 716 -41.71 -16.89 13.72
C ASP C 716 -41.22 -17.10 12.27
N LEU C 717 -41.69 -16.28 11.33
CA LEU C 717 -41.34 -16.35 9.89
C LEU C 717 -39.96 -15.69 9.63
N GLY C 718 -39.41 -15.01 10.64
CA GLY C 718 -38.03 -14.50 10.65
C GLY C 718 -37.93 -13.06 10.15
N ASP C 719 -36.81 -12.72 9.51
CA ASP C 719 -36.52 -11.37 8.94
C ASP C 719 -37.40 -11.12 7.71
N PHE C 720 -37.41 -9.87 7.24
CA PHE C 720 -38.10 -9.43 5.99
C PHE C 720 -37.37 -10.06 4.79
N LYS C 721 -38.12 -10.71 3.90
CA LYS C 721 -37.55 -11.46 2.74
C LYS C 721 -37.11 -10.46 1.67
N THR C 722 -35.99 -10.75 1.01
CA THR C 722 -35.45 -10.00 -0.15
C THR C 722 -36.25 -10.39 -1.40
N ILE C 723 -36.08 -9.66 -2.50
CA ILE C 723 -36.73 -9.94 -3.81
C ILE C 723 -36.30 -11.34 -4.28
N GLU C 724 -35.02 -11.66 -4.12
CA GLU C 724 -34.40 -12.98 -4.44
C GLU C 724 -35.19 -14.09 -3.71
N GLU C 725 -35.23 -14.00 -2.37
CA GLU C 725 -35.90 -14.98 -1.47
C GLU C 725 -37.40 -15.03 -1.79
N LEU C 726 -38.01 -13.87 -2.09
CA LEU C 726 -39.46 -13.77 -2.45
C LEU C 726 -39.70 -14.47 -3.80
N GLU C 727 -38.74 -14.39 -4.73
CA GLU C 727 -38.80 -15.06 -6.06
C GLU C 727 -38.55 -16.55 -5.88
N LYS C 728 -37.69 -16.94 -4.91
CA LYS C 728 -37.37 -18.36 -4.60
C LYS C 728 -38.31 -18.87 -3.49
N LEU C 729 -39.60 -18.54 -3.57
CA LEU C 729 -40.66 -19.01 -2.62
C LEU C 729 -41.69 -19.85 -3.40
N LYS C 730 -42.03 -21.02 -2.86
CA LYS C 730 -43.00 -21.97 -3.48
C LYS C 730 -44.42 -21.52 -3.11
N PRO C 731 -45.38 -21.52 -4.06
CA PRO C 731 -46.73 -21.02 -3.80
C PRO C 731 -47.39 -21.67 -2.57
N GLY C 732 -48.08 -20.85 -1.75
CA GLY C 732 -48.76 -21.26 -0.53
C GLY C 732 -48.05 -20.78 0.72
N GLU C 733 -46.72 -20.57 0.64
CA GLU C 733 -45.87 -20.13 1.77
C GLU C 733 -46.13 -18.66 2.10
N LYS C 734 -46.02 -18.30 3.38
CA LYS C 734 -46.18 -16.92 3.91
C LYS C 734 -44.78 -16.33 4.18
N ALA C 735 -44.69 -14.99 4.27
CA ALA C 735 -43.41 -14.25 4.47
C ALA C 735 -43.69 -12.87 5.06
N ASN C 736 -42.68 -12.28 5.70
CA ASN C 736 -42.72 -10.90 6.27
C ASN C 736 -42.14 -9.93 5.24
N ILE C 737 -42.91 -8.89 4.88
CA ILE C 737 -42.52 -7.81 3.93
C ILE C 737 -42.57 -6.48 4.68
N LEU C 738 -41.61 -5.59 4.43
CA LEU C 738 -41.60 -4.19 4.92
C LEU C 738 -41.95 -3.25 3.75
N LEU C 739 -43.14 -2.65 3.79
CA LEU C 739 -43.59 -1.64 2.79
C LEU C 739 -42.67 -0.42 2.88
N TYR C 740 -42.55 0.14 4.09
CA TYR C 740 -41.66 1.28 4.44
C TYR C 740 -41.59 1.39 5.97
N GLN C 741 -40.65 2.21 6.47
CA GLN C 741 -40.32 2.36 7.91
C GLN C 741 -41.62 2.36 8.73
N GLY C 742 -41.79 1.33 9.56
CA GLY C 742 -42.91 1.19 10.51
C GLY C 742 -44.16 0.62 9.89
N LYS C 743 -44.06 -0.11 8.77
CA LYS C 743 -45.21 -0.82 8.13
C LYS C 743 -44.79 -2.22 7.71
N PRO C 744 -44.57 -3.14 8.68
CA PRO C 744 -44.34 -4.55 8.35
C PRO C 744 -45.67 -5.30 8.17
N VAL C 745 -45.75 -6.16 7.15
CA VAL C 745 -46.98 -6.91 6.75
C VAL C 745 -46.60 -8.36 6.44
N LYS C 746 -47.46 -9.31 6.82
CA LYS C 746 -47.33 -10.75 6.49
C LYS C 746 -48.11 -11.03 5.20
N VAL C 747 -47.41 -11.56 4.18
CA VAL C 747 -47.91 -11.75 2.79
C VAL C 747 -47.84 -13.24 2.45
N VAL C 748 -48.81 -13.76 1.69
CA VAL C 748 -48.91 -15.19 1.26
C VAL C 748 -48.93 -15.24 -0.27
N LYS C 749 -48.40 -16.32 -0.85
CA LYS C 749 -48.37 -16.56 -2.32
C LYS C 749 -49.52 -17.49 -2.71
N SER D 14 51.82 14.22 -12.38
CA SER D 14 51.65 12.75 -12.28
C SER D 14 52.31 12.23 -11.00
N MET D 15 51.53 11.63 -10.09
CA MET D 15 52.02 11.07 -8.80
C MET D 15 52.60 9.67 -9.03
N ASP D 16 51.91 8.82 -9.80
CA ASP D 16 52.32 7.41 -10.08
C ASP D 16 53.74 7.41 -10.66
N THR D 17 54.02 8.33 -11.60
CA THR D 17 55.32 8.45 -12.32
C THR D 17 56.45 8.80 -11.33
N PHE D 18 56.15 9.62 -10.32
CA PHE D 18 57.11 10.07 -9.27
C PHE D 18 57.64 8.85 -8.50
N ILE D 19 56.72 8.11 -7.88
CA ILE D 19 57.02 6.95 -6.99
C ILE D 19 57.82 5.89 -7.76
N THR D 20 57.54 5.74 -9.07
CA THR D 20 58.23 4.79 -9.98
C THR D 20 59.72 5.14 -10.06
N ARG D 21 60.05 6.42 -10.29
CA ARG D 21 61.43 6.93 -10.45
C ARG D 21 62.11 6.98 -9.09
N ASN D 22 61.48 7.63 -8.09
CA ASN D 22 62.15 7.96 -6.80
C ASN D 22 62.37 6.70 -5.94
N PHE D 23 61.35 5.83 -5.83
CA PHE D 23 61.41 4.60 -4.98
C PHE D 23 61.90 3.40 -5.80
N GLN D 24 62.29 2.33 -5.11
CA GLN D 24 62.81 1.07 -5.69
C GLN D 24 61.64 0.18 -6.12
N THR D 25 61.86 -0.70 -7.10
CA THR D 25 60.81 -1.56 -7.71
C THR D 25 60.31 -2.58 -6.69
N THR D 26 61.21 -3.10 -5.84
CA THR D 26 60.92 -4.07 -4.74
C THR D 26 60.00 -3.41 -3.71
N ILE D 27 60.31 -2.17 -3.32
CA ILE D 27 59.51 -1.34 -2.35
C ILE D 27 58.09 -1.13 -2.92
N ILE D 28 57.99 -0.74 -4.20
CA ILE D 28 56.70 -0.51 -4.92
C ILE D 28 55.84 -1.77 -4.82
N GLN D 29 56.37 -2.91 -5.28
CA GLN D 29 55.65 -4.22 -5.32
C GLN D 29 55.13 -4.56 -3.91
N LYS D 30 56.01 -4.57 -2.90
CA LYS D 30 55.66 -4.95 -1.50
C LYS D 30 54.55 -4.03 -0.97
N ALA D 31 54.55 -2.75 -1.36
CA ALA D 31 53.53 -1.75 -0.99
C ALA D 31 52.20 -2.06 -1.71
N LYS D 32 52.27 -2.24 -3.04
CA LYS D 32 51.10 -2.53 -3.90
C LYS D 32 50.43 -3.85 -3.47
N ASN D 33 51.23 -4.83 -3.02
CA ASN D 33 50.76 -6.18 -2.61
C ASN D 33 50.07 -6.10 -1.24
N THR D 34 50.62 -5.30 -0.30
CA THR D 34 50.03 -5.05 1.04
C THR D 34 48.77 -4.17 0.90
N MET D 35 48.76 -3.25 -0.07
CA MET D 35 47.56 -2.42 -0.39
C MET D 35 46.43 -3.33 -0.90
N ALA D 36 46.76 -4.32 -1.73
CA ALA D 36 45.84 -5.32 -2.32
C ALA D 36 45.23 -6.18 -1.21
N GLU D 37 46.03 -6.52 -0.19
CA GLU D 37 45.60 -7.31 1.00
C GLU D 37 44.56 -6.51 1.80
N PHE D 38 44.68 -5.18 1.82
CA PHE D 38 43.75 -4.25 2.52
C PHE D 38 42.66 -3.79 1.55
N SER D 39 42.60 -4.40 0.35
CA SER D 39 41.62 -4.14 -0.73
C SER D 39 41.59 -2.66 -1.11
N GLU D 40 42.77 -2.05 -1.28
CA GLU D 40 42.93 -0.66 -1.79
C GLU D 40 43.70 -0.69 -3.11
N ASP D 41 43.36 0.24 -4.02
CA ASP D 41 43.87 0.31 -5.41
C ASP D 41 45.02 1.32 -5.48
N PRO D 42 46.26 0.88 -5.79
CA PRO D 42 47.39 1.80 -5.94
C PRO D 42 47.23 2.75 -7.12
N GLU D 43 46.71 2.27 -8.25
CA GLU D 43 46.49 3.04 -9.51
C GLU D 43 45.38 4.10 -9.31
N LEU D 44 44.63 4.01 -8.20
CA LEU D 44 43.48 4.90 -7.88
C LEU D 44 43.81 5.79 -6.66
N GLN D 45 44.62 5.30 -5.71
CA GLN D 45 44.98 6.05 -4.47
C GLN D 45 46.51 6.09 -4.30
N PRO D 46 47.24 6.84 -5.17
CA PRO D 46 48.70 6.89 -5.11
C PRO D 46 49.26 7.66 -3.90
N ALA D 47 48.40 8.42 -3.20
CA ALA D 47 48.77 9.17 -1.97
C ALA D 47 49.15 8.17 -0.88
N MET D 48 48.34 7.12 -0.71
CA MET D 48 48.56 6.05 0.32
C MET D 48 49.70 5.13 -0.15
N LEU D 49 49.81 4.87 -1.45
CA LEU D 49 50.94 4.13 -2.06
C LEU D 49 52.28 4.71 -1.58
N PHE D 50 52.42 6.04 -1.65
CA PHE D 50 53.62 6.79 -1.21
C PHE D 50 53.90 6.51 0.28
N ASN D 51 52.90 6.78 1.14
CA ASN D 51 53.02 6.71 2.61
C ASN D 51 53.52 5.33 3.06
N ILE D 52 53.07 4.26 2.39
CA ILE D 52 53.51 2.85 2.67
C ILE D 52 54.95 2.67 2.19
N CYS D 53 55.25 3.13 0.97
CA CYS D 53 56.59 3.05 0.33
C CYS D 53 57.64 3.72 1.24
N VAL D 54 57.37 4.95 1.66
CA VAL D 54 58.28 5.76 2.54
C VAL D 54 58.47 5.00 3.87
N HIS D 55 57.37 4.54 4.47
CA HIS D 55 57.34 3.81 5.76
C HIS D 55 58.14 2.50 5.65
N LEU D 56 58.10 1.85 4.49
CA LEU D 56 58.89 0.61 4.20
C LEU D 56 60.37 0.97 4.02
N GLU D 57 60.66 1.99 3.19
CA GLU D 57 62.02 2.54 2.96
C GLU D 57 62.69 2.80 4.32
N VAL D 58 62.01 3.57 5.19
CA VAL D 58 62.51 3.96 6.54
C VAL D 58 62.82 2.69 7.36
N CYS D 59 61.91 1.70 7.34
CA CYS D 59 62.04 0.40 8.03
C CYS D 59 63.31 -0.32 7.54
N TYR D 60 63.52 -0.34 6.22
CA TYR D 60 64.71 -0.99 5.59
C TYR D 60 65.98 -0.22 5.93
N VAL D 61 65.90 1.12 6.08
CA VAL D 61 67.07 1.98 6.45
C VAL D 61 67.58 1.55 7.83
N ILE D 62 66.68 1.30 8.79
CA ILE D 62 66.98 0.93 10.20
C ILE D 62 67.64 -0.46 10.23
N SER D 63 67.16 -1.39 9.40
CA SER D 63 67.61 -2.81 9.34
C SER D 63 68.95 -2.92 8.60
N ASP D 64 69.07 -2.24 7.45
CA ASP D 64 70.19 -2.38 6.47
C ASP D 64 71.55 -2.36 7.18
N MET D 65 72.37 -3.39 6.94
CA MET D 65 73.83 -3.49 7.28
C MET D 65 74.05 -3.56 8.80
N ASN D 66 72.99 -3.75 9.59
CA ASN D 66 73.07 -3.95 11.06
C ASN D 66 72.92 -5.45 11.35
N PHE D 67 74.03 -6.13 11.65
CA PHE D 67 74.09 -7.59 11.87
C PHE D 67 74.48 -7.87 13.33
N LEU D 68 74.36 -9.14 13.75
CA LEU D 68 74.73 -9.62 15.12
C LEU D 68 75.68 -10.81 14.98
N ASP D 69 76.72 -10.88 15.83
CA ASP D 69 77.66 -12.05 15.89
C ASP D 69 77.07 -13.14 16.80
N GLU D 70 77.83 -14.20 17.08
CA GLU D 70 77.39 -15.42 17.82
C GLU D 70 77.07 -15.07 19.28
N GLU D 71 77.77 -14.09 19.86
CA GLU D 71 77.58 -13.63 21.26
C GLU D 71 76.39 -12.66 21.34
N GLY D 72 75.87 -12.21 20.19
CA GLY D 72 74.69 -11.33 20.10
C GLY D 72 75.07 -9.86 20.16
N LYS D 73 76.28 -9.51 19.71
CA LYS D 73 76.81 -8.12 19.70
C LYS D 73 76.72 -7.56 18.27
N ALA D 74 76.61 -6.24 18.14
CA ALA D 74 76.55 -5.49 16.86
C ALA D 74 77.89 -5.63 16.12
N TYR D 75 77.89 -5.32 14.81
CA TYR D 75 79.03 -5.59 13.89
C TYR D 75 79.50 -4.29 13.22
N GLU D 84 86.65 -15.48 12.65
CA GLU D 84 85.39 -15.03 12.01
C GLU D 84 84.19 -15.63 12.76
N GLN D 85 83.04 -14.97 12.67
CA GLN D 85 81.78 -15.32 13.39
C GLN D 85 80.63 -15.52 12.38
N ASN D 86 79.50 -16.01 12.87
CA ASN D 86 78.22 -16.14 12.12
C ASN D 86 77.39 -14.87 12.32
N LEU D 87 76.99 -14.23 11.22
CA LEU D 87 76.27 -12.93 11.24
C LEU D 87 74.82 -13.11 10.72
N ARG D 88 73.84 -12.69 11.53
CA ARG D 88 72.40 -12.68 11.20
C ARG D 88 71.90 -11.26 11.44
N PRO D 89 70.95 -10.73 10.65
CA PRO D 89 70.51 -9.33 10.78
C PRO D 89 69.97 -9.02 12.19
N GLN D 90 70.23 -7.80 12.68
CA GLN D 90 69.81 -7.33 14.04
C GLN D 90 68.29 -7.19 14.07
N TYR D 91 67.68 -6.81 12.95
CA TYR D 91 66.22 -6.51 12.82
C TYR D 91 65.54 -7.54 11.92
N GLU D 92 64.28 -7.84 12.23
CA GLU D 92 63.34 -8.62 11.37
C GLU D 92 62.29 -7.66 10.81
N VAL D 93 62.33 -7.37 9.50
CA VAL D 93 61.40 -6.41 8.84
C VAL D 93 60.06 -7.12 8.60
N ILE D 94 59.16 -7.03 9.59
CA ILE D 94 57.80 -7.67 9.57
C ILE D 94 56.91 -6.86 8.62
N GLU D 95 57.05 -5.54 8.61
CA GLU D 95 56.38 -4.62 7.65
C GLU D 95 56.75 -5.04 6.22
N GLY D 96 55.77 -5.02 5.31
CA GLY D 96 55.94 -5.35 3.88
C GLY D 96 55.58 -6.79 3.58
N MET D 97 55.72 -7.70 4.55
CA MET D 97 55.44 -9.15 4.39
C MET D 97 53.93 -9.37 4.31
N PRO D 98 53.45 -10.43 3.62
CA PRO D 98 52.04 -10.79 3.62
C PRO D 98 51.50 -11.08 5.04
N ARG D 99 50.29 -10.60 5.33
CA ARG D 99 49.65 -10.61 6.68
C ARG D 99 49.94 -11.93 7.40
N THR D 100 49.65 -13.07 6.75
CA THR D 100 49.72 -14.43 7.35
C THR D 100 51.16 -14.85 7.61
N ILE D 101 52.12 -14.36 6.81
CA ILE D 101 53.59 -14.58 7.02
C ILE D 101 54.04 -13.66 8.16
N ALA D 102 53.70 -12.38 8.07
CA ALA D 102 53.99 -11.33 9.09
C ALA D 102 53.55 -11.84 10.47
N TRP D 103 52.33 -12.38 10.57
CA TRP D 103 51.78 -12.89 11.86
C TRP D 103 52.55 -14.13 12.33
N MET D 104 52.86 -15.06 11.41
CA MET D 104 53.65 -16.28 11.70
C MET D 104 55.00 -15.89 12.31
N VAL D 105 55.71 -14.94 11.67
CA VAL D 105 57.01 -14.40 12.15
C VAL D 105 56.83 -13.87 13.58
N GLN D 106 55.90 -12.92 13.75
CA GLN D 106 55.60 -12.24 15.04
C GLN D 106 55.30 -13.27 16.14
N ARG D 107 54.49 -14.30 15.82
CA ARG D 107 54.05 -15.32 16.81
C ARG D 107 55.18 -16.31 17.07
N SER D 108 56.02 -16.61 16.07
CA SER D 108 57.24 -17.45 16.23
C SER D 108 58.22 -16.74 17.17
N LEU D 109 58.54 -15.48 16.86
CA LEU D 109 59.49 -14.64 17.64
C LEU D 109 59.02 -14.50 19.10
N ALA D 110 57.77 -14.08 19.29
CA ALA D 110 57.16 -13.82 20.62
C ALA D 110 57.14 -15.10 21.46
N GLN D 111 56.73 -16.21 20.85
CA GLN D 111 56.63 -17.55 21.49
C GLN D 111 58.04 -18.07 21.80
N GLU D 112 59.02 -17.80 20.93
CA GLU D 112 60.43 -18.21 21.12
C GLU D 112 61.05 -17.47 22.31
N HIS D 113 60.94 -16.15 22.34
CA HIS D 113 61.61 -15.26 23.33
C HIS D 113 60.72 -15.02 24.56
N GLY D 114 59.69 -15.85 24.76
CA GLY D 114 58.78 -15.82 25.93
C GLY D 114 58.28 -14.42 26.24
N ILE D 115 57.82 -13.69 25.21
CA ILE D 115 57.24 -12.31 25.35
C ILE D 115 55.80 -12.33 24.83
N GLU D 116 54.97 -11.40 25.35
CA GLU D 116 53.53 -11.24 24.98
C GLU D 116 53.44 -10.94 23.48
N THR D 117 52.62 -11.70 22.74
CA THR D 117 52.30 -11.45 21.31
C THR D 117 51.50 -10.15 21.22
N PRO D 118 52.04 -9.06 20.63
CA PRO D 118 51.28 -7.82 20.49
C PRO D 118 50.00 -8.03 19.66
N LYS D 119 48.90 -7.39 20.07
CA LYS D 119 47.56 -7.53 19.46
C LYS D 119 47.57 -6.98 18.02
N TYR D 120 48.47 -6.03 17.73
CA TYR D 120 48.66 -5.40 16.40
C TYR D 120 49.95 -5.94 15.75
N LEU D 121 50.11 -5.70 14.45
CA LEU D 121 51.25 -6.20 13.62
C LEU D 121 52.41 -5.20 13.73
N ALA D 122 53.55 -5.64 14.30
CA ALA D 122 54.77 -4.84 14.54
C ALA D 122 55.47 -4.57 13.19
N ASP D 123 56.27 -3.50 13.13
CA ASP D 123 56.97 -3.05 11.89
C ASP D 123 58.36 -3.67 11.83
N LEU D 124 59.03 -3.82 12.99
CA LEU D 124 60.37 -4.44 13.12
C LEU D 124 60.42 -5.26 14.41
N PHE D 125 61.44 -6.12 14.53
CA PHE D 125 61.80 -6.84 15.79
C PHE D 125 63.32 -6.81 15.96
N ASP D 126 63.80 -6.13 17.01
CA ASP D 126 65.23 -6.05 17.39
C ASP D 126 65.61 -7.33 18.15
N TYR D 127 66.50 -8.14 17.59
CA TYR D 127 66.95 -9.44 18.14
C TYR D 127 67.86 -9.22 19.36
N LYS D 128 68.58 -8.10 19.41
CA LYS D 128 69.49 -7.74 20.53
C LYS D 128 68.65 -7.43 21.78
N THR D 129 67.78 -6.42 21.71
CA THR D 129 66.91 -5.98 22.82
C THR D 129 65.82 -7.05 23.06
N LYS D 130 65.42 -7.78 22.02
CA LYS D 130 64.32 -8.79 22.04
C LYS D 130 63.00 -8.05 22.29
N ARG D 131 62.73 -7.03 21.45
CA ARG D 131 61.54 -6.15 21.55
C ARG D 131 60.99 -5.87 20.15
N PHE D 132 59.66 -5.89 19.99
CA PHE D 132 58.95 -5.48 18.76
C PHE D 132 59.01 -3.95 18.66
N ILE D 133 59.00 -3.41 17.44
CA ILE D 133 59.14 -1.96 17.15
C ILE D 133 58.02 -1.52 16.20
N GLU D 134 57.46 -0.33 16.46
CA GLU D 134 56.44 0.32 15.60
C GLU D 134 57.03 1.64 15.06
N VAL D 135 57.17 1.75 13.74
CA VAL D 135 57.77 2.92 13.03
C VAL D 135 56.63 3.85 12.61
N GLY D 136 56.84 5.17 12.70
CA GLY D 136 55.85 6.22 12.43
C GLY D 136 56.42 7.36 11.61
N ILE D 137 55.75 7.69 10.48
CA ILE D 137 56.10 8.81 9.57
C ILE D 137 54.95 9.83 9.60
N THR D 138 55.15 10.94 10.30
CA THR D 138 54.14 12.01 10.56
C THR D 138 54.56 13.30 9.83
N LYS D 139 53.58 14.13 9.44
CA LYS D 139 53.79 15.43 8.74
C LYS D 139 53.73 16.59 9.75
N GLY D 140 53.49 16.28 11.03
CA GLY D 140 53.38 17.26 12.12
C GLY D 140 54.44 17.05 13.19
N LEU D 141 54.01 16.97 14.45
CA LEU D 141 54.89 16.82 15.63
C LEU D 141 55.08 15.33 15.97
N ALA D 142 56.34 14.91 16.11
CA ALA D 142 56.74 13.54 16.49
C ALA D 142 56.12 13.19 17.85
N ASP D 143 56.14 14.14 18.80
CA ASP D 143 55.61 13.97 20.18
C ASP D 143 54.10 13.71 20.13
N ASP D 144 53.38 14.38 19.22
CA ASP D 144 51.92 14.21 19.01
C ASP D 144 51.64 12.78 18.53
N TYR D 145 52.36 12.32 17.52
CA TYR D 145 52.22 10.96 16.92
C TYR D 145 52.61 9.89 17.97
N PHE D 146 53.70 10.13 18.70
CA PHE D 146 54.26 9.25 19.75
C PHE D 146 53.17 8.90 20.77
N TRP D 147 52.61 9.92 21.44
CA TRP D 147 51.62 9.77 22.54
C TRP D 147 50.28 9.24 22.03
N LYS D 148 49.94 9.52 20.76
CA LYS D 148 48.72 9.01 20.07
C LYS D 148 48.81 7.49 19.89
N LYS D 149 50.00 6.98 19.55
CA LYS D 149 50.27 5.54 19.33
C LYS D 149 50.64 4.87 20.66
N LYS D 150 51.09 5.64 21.65
CA LYS D 150 51.38 5.17 23.03
C LYS D 150 50.07 4.74 23.72
N GLU D 151 48.94 5.37 23.38
CA GLU D 151 47.59 5.04 23.90
C GLU D 151 47.12 3.71 23.29
N LYS D 152 47.36 3.52 21.99
CA LYS D 152 46.84 2.36 21.19
C LYS D 152 47.74 1.13 21.39
N LEU D 153 49.06 1.31 21.45
CA LEU D 153 50.04 0.18 21.47
C LEU D 153 50.59 -0.07 22.88
N GLY D 154 50.33 0.84 23.83
CA GLY D 154 50.74 0.70 25.24
C GLY D 154 52.25 0.59 25.40
N ASN D 155 52.73 -0.51 25.99
CA ASN D 155 54.17 -0.84 26.15
C ASN D 155 54.47 -2.19 25.46
N SER D 156 53.67 -2.58 24.47
CA SER D 156 53.83 -3.85 23.71
C SER D 156 55.05 -3.76 22.80
N MET D 157 55.23 -2.62 22.12
CA MET D 157 56.32 -2.35 21.15
C MET D 157 57.08 -1.09 21.57
N GLU D 158 58.35 -0.98 21.14
CA GLU D 158 59.14 0.27 21.20
C GLU D 158 58.73 1.14 20.01
N LEU D 159 58.70 2.46 20.19
CA LEU D 159 58.28 3.44 19.15
C LEU D 159 59.54 4.10 18.54
N MET D 160 59.55 4.24 17.22
CA MET D 160 60.58 4.96 16.42
C MET D 160 59.86 5.90 15.45
N ILE D 161 59.54 7.11 15.92
CA ILE D 161 58.72 8.12 15.17
C ILE D 161 59.66 9.15 14.53
N PHE D 162 59.46 9.44 13.25
CA PHE D 162 60.22 10.44 12.46
C PHE D 162 59.24 11.35 11.70
N SER D 163 59.53 12.64 11.62
CA SER D 163 58.67 13.68 10.97
C SER D 163 59.45 14.41 9.88
N TYR D 164 58.71 14.97 8.90
CA TYR D 164 59.26 15.68 7.72
C TYR D 164 59.87 17.04 8.12
N ASN D 165 59.61 17.49 9.36
CA ASN D 165 60.12 18.78 9.91
C ASN D 165 61.20 18.49 10.97
N GLN D 166 61.98 17.41 10.77
CA GLN D 166 63.25 17.10 11.50
C GLN D 166 62.97 16.70 12.97
N ASP D 167 61.71 16.68 13.41
CA ASP D 167 61.32 16.26 14.79
C ASP D 167 61.29 14.73 14.83
N TYR D 168 62.09 14.14 15.72
CA TYR D 168 62.24 12.66 15.92
C TYR D 168 61.83 12.31 17.34
N SER D 169 61.33 11.08 17.55
CA SER D 169 60.86 10.57 18.87
C SER D 169 61.11 9.06 18.98
N LEU D 170 62.10 8.67 19.78
CA LEU D 170 62.45 7.26 20.10
C LEU D 170 62.17 6.98 21.57
N SER D 171 61.60 5.81 21.89
CA SER D 171 61.23 5.38 23.27
C SER D 171 62.48 4.97 24.05
N ASN D 172 63.54 4.58 23.34
CA ASN D 172 64.85 4.15 23.92
C ASN D 172 65.96 4.79 23.07
N GLU D 173 66.84 5.57 23.70
CA GLU D 173 67.92 6.35 23.02
C GLU D 173 69.01 5.42 22.49
N SER D 174 69.24 4.28 23.14
CA SER D 174 70.31 3.29 22.81
C SER D 174 69.91 2.44 21.60
N SER D 175 68.68 2.59 21.11
CA SER D 175 68.09 1.72 20.04
C SER D 175 68.72 2.06 18.68
N LEU D 176 68.66 3.34 18.28
CA LEU D 176 69.12 3.85 16.97
C LEU D 176 70.21 4.92 17.19
N ASP D 177 71.34 4.79 16.48
CA ASP D 177 72.51 5.70 16.58
C ASP D 177 72.29 6.91 15.68
N GLU D 178 72.98 8.02 15.99
CA GLU D 178 72.88 9.33 15.28
C GLU D 178 73.38 9.20 13.84
N GLU D 179 74.11 8.12 13.52
CA GLU D 179 74.52 7.76 12.14
C GLU D 179 73.26 7.49 11.31
N GLY D 180 72.56 6.40 11.61
CA GLY D 180 71.32 5.98 10.94
C GLY D 180 70.22 7.04 11.07
N LYS D 181 70.11 7.65 12.26
CA LYS D 181 69.17 8.76 12.54
C LYS D 181 69.19 9.77 11.39
N GLY D 182 70.37 10.26 11.02
CA GLY D 182 70.59 11.24 9.94
C GLY D 182 70.12 10.75 8.58
N ARG D 183 70.38 9.48 8.25
CA ARG D 183 69.97 8.84 6.97
C ARG D 183 68.45 8.98 6.79
N VAL D 184 67.68 8.77 7.87
CA VAL D 184 66.19 8.77 7.84
C VAL D 184 65.70 10.19 7.54
N LEU D 185 66.15 11.18 8.31
CA LEU D 185 65.74 12.61 8.22
C LEU D 185 66.18 13.21 6.87
N SER D 186 67.27 12.69 6.29
CA SER D 186 67.77 13.08 4.93
C SER D 186 66.71 12.73 3.89
N ARG D 187 66.34 11.45 3.82
CA ARG D 187 65.37 10.87 2.84
C ARG D 187 64.03 11.62 2.95
N LEU D 188 63.53 11.79 4.18
CA LEU D 188 62.23 12.45 4.47
C LEU D 188 62.17 13.83 3.80
N THR D 189 63.20 14.67 4.03
CA THR D 189 63.28 16.07 3.55
C THR D 189 63.60 16.07 2.05
N GLU D 190 64.45 15.14 1.59
CA GLU D 190 64.79 14.94 0.15
C GLU D 190 63.50 14.79 -0.66
N LEU D 191 62.59 13.93 -0.21
CA LEU D 191 61.30 13.60 -0.86
C LEU D 191 60.35 14.79 -0.75
N GLN D 192 60.35 15.49 0.39
CA GLN D 192 59.51 16.69 0.67
C GLN D 192 59.83 17.78 -0.37
N ALA D 193 61.12 18.04 -0.61
CA ALA D 193 61.63 19.04 -1.58
C ALA D 193 61.29 18.60 -3.02
N GLU D 194 61.43 17.30 -3.28
CA GLU D 194 61.19 16.65 -4.60
C GLU D 194 59.71 16.72 -4.95
N LEU D 195 58.82 16.51 -3.97
CA LEU D 195 57.34 16.54 -4.14
C LEU D 195 56.87 17.96 -4.43
N SER D 196 57.42 18.96 -3.72
CA SER D 196 57.11 20.40 -3.89
C SER D 196 57.71 20.92 -5.21
N LEU D 197 58.83 20.33 -5.67
CA LEU D 197 59.50 20.68 -6.96
C LEU D 197 58.59 20.37 -8.15
N LYS D 198 57.83 19.25 -8.09
CA LYS D 198 56.95 18.78 -9.19
C LYS D 198 55.47 19.04 -8.86
N ASN D 199 55.20 19.81 -7.79
CA ASN D 199 53.84 20.24 -7.36
C ASN D 199 52.98 19.01 -7.08
N LEU D 200 53.30 18.28 -6.01
CA LEU D 200 52.62 17.00 -5.64
C LEU D 200 52.46 16.86 -4.11
N TRP D 201 53.06 17.74 -3.30
CA TRP D 201 52.95 17.71 -1.82
C TRP D 201 51.51 18.01 -1.40
N GLN D 202 50.79 18.80 -2.20
CA GLN D 202 49.35 19.16 -2.01
C GLN D 202 48.50 17.89 -1.89
N VAL D 203 48.84 16.84 -2.64
CA VAL D 203 48.08 15.55 -2.71
C VAL D 203 48.24 14.80 -1.38
N LEU D 204 49.44 14.85 -0.79
CA LEU D 204 49.81 14.11 0.46
C LEU D 204 49.04 14.68 1.65
N ILE D 205 48.95 16.01 1.76
CA ILE D 205 48.34 16.74 2.92
C ILE D 205 46.81 16.69 2.79
N GLY D 206 46.29 17.02 1.60
CA GLY D 206 44.84 17.13 1.31
C GLY D 206 44.14 15.78 1.38
N GLU D 207 42.81 15.81 1.52
CA GLU D 207 41.94 14.61 1.68
C GLU D 207 41.92 13.81 0.37
N GLU D 208 41.92 12.47 0.47
CA GLU D 208 41.85 11.52 -0.67
C GLU D 208 41.16 10.24 -0.21
N ASP D 209 39.85 10.12 -0.43
CA ASP D 209 39.04 8.91 -0.10
C ASP D 209 38.01 8.69 -1.21
N VAL D 210 38.27 7.72 -2.11
CA VAL D 210 37.34 7.31 -3.20
C VAL D 210 36.44 6.19 -2.66
N GLU D 211 35.22 6.06 -3.20
CA GLU D 211 34.23 5.02 -2.79
C GLU D 211 34.61 3.70 -3.45
N LYS D 212 34.99 2.69 -2.66
CA LYS D 212 35.50 1.37 -3.14
C LYS D 212 34.33 0.41 -3.36
N GLY D 213 33.36 0.79 -4.20
CA GLY D 213 32.22 -0.08 -4.56
C GLY D 213 32.69 -1.25 -5.38
N ILE D 214 32.16 -2.46 -5.11
CA ILE D 214 32.45 -3.69 -5.90
C ILE D 214 31.88 -3.50 -7.32
N ASP D 215 32.70 -3.76 -8.34
CA ASP D 215 32.33 -3.58 -9.77
C ASP D 215 32.43 -4.93 -10.49
N PHE D 216 31.43 -5.25 -11.32
CA PHE D 216 31.35 -6.50 -12.12
C PHE D 216 30.79 -6.15 -13.52
N LYS D 217 31.69 -5.95 -14.48
CA LYS D 217 31.39 -5.43 -15.85
C LYS D 217 31.21 -6.60 -16.83
N LEU D 218 30.16 -6.54 -17.64
CA LEU D 218 29.77 -7.59 -18.63
C LEU D 218 30.37 -7.23 -20.00
N GLY D 219 31.13 -8.15 -20.59
CA GLY D 219 31.77 -7.99 -21.90
C GLY D 219 30.78 -8.03 -23.05
N GLN D 220 31.26 -7.93 -24.28
CA GLN D 220 30.45 -7.92 -25.53
C GLN D 220 29.66 -9.22 -25.63
N THR D 221 30.34 -10.37 -25.54
CA THR D 221 29.79 -11.72 -25.80
C THR D 221 28.66 -12.04 -24.81
N ILE D 222 28.91 -11.87 -23.50
CA ILE D 222 27.93 -12.20 -22.41
C ILE D 222 26.73 -11.24 -22.50
N SER D 223 26.98 -9.96 -22.78
CA SER D 223 25.93 -8.91 -22.94
C SER D 223 25.04 -9.27 -24.14
N ARG D 224 25.64 -9.71 -25.26
CA ARG D 224 24.89 -10.13 -26.48
C ARG D 224 24.10 -11.41 -26.16
N LEU D 225 24.71 -12.36 -25.46
CA LEU D 225 24.05 -13.61 -24.98
C LEU D 225 22.85 -13.24 -24.10
N ARG D 226 23.00 -12.23 -23.23
CA ARG D 226 21.90 -11.77 -22.34
C ARG D 226 20.79 -11.10 -23.17
N ASP D 227 21.15 -10.35 -24.21
CA ASP D 227 20.18 -9.65 -25.10
C ASP D 227 19.30 -10.67 -25.83
N ILE D 228 19.86 -11.83 -26.20
CA ILE D 228 19.11 -12.92 -26.91
C ILE D 228 18.58 -13.95 -25.90
N SER D 229 18.62 -13.65 -24.59
CA SER D 229 18.10 -14.50 -23.49
C SER D 229 16.81 -13.92 -22.92
N VAL D 230 16.20 -12.94 -23.61
CA VAL D 230 15.00 -12.19 -23.13
C VAL D 230 13.74 -12.88 -23.66
N PRO D 231 12.62 -12.86 -22.91
CA PRO D 231 11.34 -13.37 -23.43
C PRO D 231 10.87 -12.65 -24.70
N ALA D 232 10.00 -13.29 -25.46
CA ALA D 232 9.40 -12.77 -26.72
C ALA D 232 8.63 -11.48 -26.42
N GLY D 233 9.00 -10.39 -27.09
CA GLY D 233 8.41 -9.05 -26.88
C GLY D 233 9.48 -7.98 -26.67
N PHE D 234 10.63 -8.34 -26.09
CA PHE D 234 11.72 -7.38 -25.73
C PHE D 234 12.79 -7.37 -26.82
N SER D 235 13.25 -6.16 -27.19
CA SER D 235 14.32 -5.91 -28.20
C SER D 235 15.68 -6.33 -27.64
N ASN D 236 15.94 -6.03 -26.37
CA ASN D 236 17.22 -6.30 -25.66
C ASN D 236 16.91 -6.52 -24.18
N PHE D 237 17.95 -6.69 -23.35
CA PHE D 237 17.85 -6.94 -21.89
C PHE D 237 17.41 -5.66 -21.16
N GLU D 238 17.94 -4.50 -21.57
CA GLU D 238 17.62 -3.17 -20.97
C GLU D 238 16.09 -3.01 -20.90
N GLY D 239 15.40 -3.35 -21.99
CA GLY D 239 13.94 -3.34 -22.09
C GLY D 239 13.28 -4.30 -21.11
N MET D 240 13.90 -5.47 -20.89
CA MET D 240 13.41 -6.52 -19.96
C MET D 240 13.55 -6.02 -18.51
N ARG D 241 14.73 -5.51 -18.16
CA ARG D 241 15.05 -5.00 -16.80
C ARG D 241 14.10 -3.84 -16.45
N SER D 242 13.89 -2.89 -17.36
CA SER D 242 13.00 -1.71 -17.17
C SER D 242 11.57 -2.18 -16.93
N TYR D 243 11.05 -3.05 -17.80
CA TYR D 243 9.66 -3.59 -17.75
C TYR D 243 9.40 -4.20 -16.37
N ILE D 244 10.21 -5.18 -15.98
CA ILE D 244 10.11 -5.92 -14.68
C ILE D 244 10.14 -4.92 -13.52
N ASP D 245 11.01 -3.91 -13.61
CA ASP D 245 11.22 -2.87 -12.56
C ASP D 245 10.00 -1.95 -12.47
N ASN D 246 9.40 -1.57 -13.61
CA ASN D 246 8.50 -0.40 -13.72
C ASN D 246 7.02 -0.80 -13.83
N ILE D 247 6.68 -1.88 -14.54
CA ILE D 247 5.25 -2.18 -14.88
C ILE D 247 4.60 -3.01 -13.75
N ASP D 248 3.33 -2.74 -13.46
CA ASP D 248 2.49 -3.51 -12.50
C ASP D 248 1.68 -4.55 -13.27
N PRO D 249 1.93 -5.87 -13.10
CA PRO D 249 1.22 -6.90 -13.85
C PRO D 249 -0.04 -7.43 -13.15
N LYS D 250 -0.76 -6.55 -12.44
CA LYS D 250 -1.96 -6.92 -11.66
C LYS D 250 -3.07 -7.35 -12.63
N GLY D 251 -3.76 -8.45 -12.32
CA GLY D 251 -4.90 -8.98 -13.10
C GLY D 251 -4.48 -9.92 -14.22
N ALA D 252 -3.17 -10.04 -14.50
CA ALA D 252 -2.60 -10.81 -15.63
C ALA D 252 -3.05 -12.28 -15.57
N ILE D 253 -2.95 -12.90 -14.40
CA ILE D 253 -3.33 -14.33 -14.16
C ILE D 253 -4.80 -14.53 -14.54
N GLU D 254 -5.71 -13.67 -14.04
CA GLU D 254 -7.17 -13.79 -14.29
C GLU D 254 -7.45 -13.44 -15.77
N ARG D 255 -6.68 -12.51 -16.33
CA ARG D 255 -6.72 -12.13 -17.77
C ARG D 255 -6.44 -13.37 -18.63
N ASN D 256 -5.29 -14.02 -18.42
CA ASN D 256 -4.87 -15.23 -19.19
C ASN D 256 -5.82 -16.39 -18.91
N LEU D 257 -6.19 -16.60 -17.63
CA LEU D 257 -7.10 -17.70 -17.20
C LEU D 257 -8.47 -17.54 -17.88
N ALA D 258 -8.91 -16.31 -18.11
CA ALA D 258 -10.19 -15.99 -18.79
C ALA D 258 -10.13 -16.45 -20.26
N ARG D 259 -9.01 -16.18 -20.94
CA ARG D 259 -8.87 -16.38 -22.40
C ARG D 259 -8.28 -17.77 -22.71
N MET D 260 -7.76 -18.50 -21.72
CA MET D 260 -7.24 -19.87 -21.92
C MET D 260 -8.43 -20.80 -22.22
N SER D 261 -8.24 -21.74 -23.16
CA SER D 261 -9.29 -22.64 -23.70
C SER D 261 -9.88 -23.51 -22.59
N PRO D 262 -11.20 -23.81 -22.63
CA PRO D 262 -11.80 -24.80 -21.74
C PRO D 262 -11.21 -26.21 -21.95
N LEU D 263 -10.57 -26.44 -23.11
CA LEU D 263 -9.88 -27.70 -23.46
C LEU D 263 -8.67 -27.94 -22.55
N VAL D 264 -8.12 -26.90 -21.92
CA VAL D 264 -7.11 -27.00 -20.83
C VAL D 264 -7.86 -27.20 -19.51
N SER D 265 -8.05 -28.46 -19.10
CA SER D 265 -8.82 -28.86 -17.90
C SER D 265 -8.12 -30.04 -17.20
N VAL D 266 -8.28 -30.13 -15.88
CA VAL D 266 -7.72 -31.21 -15.02
C VAL D 266 -8.70 -32.39 -14.97
N THR D 267 -9.87 -32.25 -15.60
CA THR D 267 -10.92 -33.30 -15.78
C THR D 267 -11.11 -34.11 -14.49
N PRO D 268 -11.62 -33.50 -13.40
CA PRO D 268 -11.96 -34.23 -12.19
C PRO D 268 -13.00 -35.34 -12.44
N LYS D 269 -12.76 -36.54 -11.89
CA LYS D 269 -13.71 -37.67 -11.87
C LYS D 269 -13.70 -38.30 -10.48
N LYS D 270 -14.82 -38.25 -9.76
CA LYS D 270 -14.99 -38.90 -8.43
C LYS D 270 -14.87 -40.41 -8.61
N LEU D 271 -13.88 -41.03 -7.97
CA LEU D 271 -13.57 -42.48 -8.12
C LEU D 271 -14.66 -43.30 -7.43
N THR D 272 -15.08 -44.39 -8.08
CA THR D 272 -15.98 -45.43 -7.54
C THR D 272 -15.28 -46.78 -7.67
N TRP D 273 -15.70 -47.78 -6.90
CA TRP D 273 -15.18 -49.17 -6.97
C TRP D 273 -15.35 -49.71 -8.40
N GLU D 274 -16.42 -49.32 -9.09
CA GLU D 274 -16.78 -49.83 -10.44
C GLU D 274 -15.69 -49.40 -11.43
N ASP D 275 -15.10 -48.21 -11.22
CA ASP D 275 -14.04 -47.62 -12.09
C ASP D 275 -12.77 -48.47 -12.02
N LEU D 276 -12.49 -49.09 -10.86
CA LEU D 276 -11.29 -49.92 -10.64
C LEU D 276 -11.49 -51.28 -11.29
N ARG D 277 -11.29 -51.36 -12.61
CA ARG D 277 -11.33 -52.63 -13.38
C ARG D 277 -10.01 -53.36 -13.16
N PRO D 278 -9.94 -54.70 -13.37
CA PRO D 278 -8.71 -55.46 -13.15
C PRO D 278 -7.53 -54.94 -14.00
N ILE D 279 -6.32 -54.95 -13.45
CA ILE D 279 -5.08 -54.49 -14.15
C ILE D 279 -4.55 -55.62 -15.02
N GLY D 280 -3.99 -55.28 -16.19
CA GLY D 280 -3.35 -56.21 -17.14
C GLY D 280 -4.24 -57.39 -17.48
N PRO D 281 -5.42 -57.18 -18.11
CA PRO D 281 -6.33 -58.28 -18.44
C PRO D 281 -5.75 -59.31 -19.43
N HIS D 282 -4.64 -58.97 -20.12
CA HIS D 282 -3.95 -59.85 -21.08
C HIS D 282 -3.34 -61.07 -20.38
N ILE D 283 -3.05 -60.97 -19.07
CA ILE D 283 -2.41 -62.07 -18.29
C ILE D 283 -3.37 -63.26 -18.17
N TYR D 284 -4.64 -63.08 -18.56
CA TYR D 284 -5.68 -64.15 -18.61
C TYR D 284 -5.85 -64.69 -20.04
N ASN D 285 -5.07 -64.17 -21.00
CA ASN D 285 -5.15 -64.55 -22.44
C ASN D 285 -4.33 -65.82 -22.67
N HIS D 286 -5.00 -66.91 -23.07
CA HIS D 286 -4.43 -68.28 -23.21
C HIS D 286 -3.67 -68.43 -24.53
N GLU D 287 -3.74 -67.43 -25.42
CA GLU D 287 -2.92 -67.36 -26.66
C GLU D 287 -1.46 -67.10 -26.29
N LEU D 288 -1.23 -66.28 -25.25
CA LEU D 288 0.13 -65.89 -24.77
C LEU D 288 0.79 -67.10 -24.12
N PRO D 289 2.13 -67.21 -24.17
CA PRO D 289 2.85 -68.25 -23.45
C PRO D 289 2.74 -67.98 -21.94
N GLU D 290 2.62 -69.04 -21.13
CA GLU D 290 2.69 -68.90 -19.65
C GLU D 290 4.13 -68.55 -19.30
N VAL D 291 4.33 -67.52 -18.47
CA VAL D 291 5.66 -66.95 -18.13
C VAL D 291 6.56 -68.08 -17.63
N PRO D 292 7.76 -68.27 -18.22
CA PRO D 292 8.66 -69.34 -17.81
C PRO D 292 9.55 -68.97 -16.62
N TYR D 293 10.05 -69.98 -15.90
CA TYR D 293 11.05 -69.83 -14.81
C TYR D 293 12.34 -69.25 -15.40
N ASN D 294 12.83 -68.16 -14.80
CA ASN D 294 13.98 -67.36 -15.32
C ASN D 294 14.95 -67.00 -14.20
N ALA D 295 14.78 -67.57 -13.00
CA ALA D 295 15.63 -67.29 -11.82
C ALA D 295 17.03 -67.88 -12.05
N PHE D 296 18.01 -67.47 -11.24
CA PHE D 296 19.44 -67.84 -11.37
C PHE D 296 19.65 -69.28 -10.89
N LEU D 297 18.89 -69.70 -9.86
CA LEU D 297 18.92 -71.06 -9.26
C LEU D 297 17.48 -71.54 -9.05
N LEU D 298 17.29 -72.85 -8.88
CA LEU D 298 15.99 -73.46 -8.47
C LEU D 298 15.66 -72.97 -7.06
N MET D 299 14.39 -73.04 -6.67
CA MET D 299 13.91 -72.63 -5.33
C MET D 299 13.14 -73.80 -4.69
N SER D 300 11.83 -73.90 -4.88
CA SER D 300 10.99 -74.97 -4.27
C SER D 300 11.39 -76.34 -4.85
N ASP D 301 11.85 -76.36 -6.10
CA ASP D 301 12.22 -77.61 -6.84
C ASP D 301 13.67 -78.04 -6.53
N GLU D 302 14.37 -77.34 -5.63
CA GLU D 302 15.78 -77.65 -5.29
C GLU D 302 15.83 -79.04 -4.61
N LEU D 303 16.93 -79.76 -4.80
CA LEU D 303 17.26 -80.98 -4.01
C LEU D 303 18.75 -80.91 -3.62
N GLY D 304 19.01 -80.87 -2.31
CA GLY D 304 20.37 -80.89 -1.74
C GLY D 304 20.72 -82.28 -1.25
N LEU D 305 21.87 -82.81 -1.66
CA LEU D 305 22.41 -84.11 -1.17
C LEU D 305 23.10 -83.86 0.16
N ALA D 306 22.51 -84.36 1.26
CA ALA D 306 22.92 -84.08 2.65
C ALA D 306 24.12 -84.96 3.03
N ASN D 307 25.04 -84.39 3.81
CA ASN D 307 26.24 -85.07 4.36
C ASN D 307 26.62 -84.36 5.66
N MET D 308 26.77 -85.13 6.75
CA MET D 308 27.07 -84.60 8.10
C MET D 308 28.37 -83.82 8.02
N THR D 309 28.41 -82.62 8.61
CA THR D 309 29.63 -81.79 8.77
C THR D 309 30.37 -82.35 10.00
N GLU D 310 31.65 -82.69 9.84
CA GLU D 310 32.47 -83.34 10.92
C GLU D 310 33.05 -82.22 11.80
N GLY D 311 32.28 -81.15 12.04
CA GLY D 311 32.71 -79.92 12.74
C GLY D 311 33.26 -78.88 11.79
N LYS D 312 34.00 -79.30 10.75
CA LYS D 312 34.85 -78.42 9.90
C LYS D 312 33.97 -77.56 8.98
N SER D 313 34.57 -76.49 8.44
CA SER D 313 34.05 -75.65 7.32
C SER D 313 34.97 -75.89 6.10
N LYS D 314 35.01 -77.14 5.61
CA LYS D 314 36.04 -77.66 4.68
C LYS D 314 35.90 -77.00 3.31
N LYS D 315 36.88 -77.23 2.41
CA LYS D 315 36.97 -76.62 1.07
C LYS D 315 35.75 -77.01 0.23
N PRO D 316 35.23 -76.08 -0.59
CA PRO D 316 34.00 -76.32 -1.36
C PRO D 316 34.11 -77.55 -2.28
N LYS D 317 35.26 -77.72 -2.94
CA LYS D 317 35.58 -78.88 -3.81
C LYS D 317 35.56 -80.16 -2.97
N THR D 318 36.25 -80.13 -1.82
CA THR D 318 36.36 -81.26 -0.86
C THR D 318 34.98 -81.67 -0.36
N LEU D 319 34.17 -80.71 0.10
CA LEU D 319 32.85 -80.99 0.72
C LEU D 319 31.90 -81.56 -0.35
N ALA D 320 32.02 -81.10 -1.59
CA ALA D 320 31.24 -81.59 -2.76
C ALA D 320 31.71 -83.01 -3.10
N LYS D 321 33.02 -83.22 -3.21
CA LYS D 321 33.66 -84.54 -3.42
C LYS D 321 33.11 -85.53 -2.38
N GLU D 322 33.20 -85.16 -1.09
CA GLU D 322 32.79 -86.02 0.06
C GLU D 322 31.29 -86.30 0.02
N CYS D 323 30.47 -85.32 -0.40
N CYS D 323 30.48 -85.31 -0.39
CA CYS D 323 29.01 -85.45 -0.55
CA CYS D 323 29.00 -85.42 -0.57
C CYS D 323 28.68 -86.42 -1.71
C CYS D 323 28.69 -86.40 -1.71
N LEU D 324 29.36 -86.25 -2.85
CA LEU D 324 29.15 -87.09 -4.06
C LEU D 324 29.56 -88.54 -3.78
N GLU D 325 30.61 -88.75 -2.97
CA GLU D 325 31.10 -90.09 -2.56
C GLU D 325 29.99 -90.86 -1.83
N LYS D 326 29.12 -90.16 -1.09
CA LYS D 326 28.05 -90.77 -0.26
C LYS D 326 26.82 -91.10 -1.12
N TYR D 327 26.60 -90.34 -2.21
CA TYR D 327 25.55 -90.61 -3.23
C TYR D 327 26.23 -91.05 -4.54
N SER D 328 27.14 -92.03 -4.40
CA SER D 328 28.05 -92.56 -5.45
C SER D 328 27.28 -92.95 -6.71
N THR D 329 26.09 -93.54 -6.57
CA THR D 329 25.29 -94.05 -7.71
C THR D 329 24.91 -92.90 -8.64
N LEU D 330 24.39 -91.79 -8.08
CA LEU D 330 24.05 -90.55 -8.82
C LEU D 330 25.32 -89.96 -9.43
N ARG D 331 26.41 -89.94 -8.67
CA ARG D 331 27.74 -89.38 -9.10
C ARG D 331 28.28 -90.17 -10.30
N ASP D 332 28.11 -91.50 -10.30
CA ASP D 332 28.76 -92.43 -11.26
C ASP D 332 27.89 -92.64 -12.50
N GLN D 333 26.64 -92.18 -12.50
CA GLN D 333 25.70 -92.32 -13.64
C GLN D 333 26.34 -91.75 -14.91
N THR D 334 26.53 -92.59 -15.93
CA THR D 334 27.09 -92.23 -17.26
C THR D 334 26.06 -92.51 -18.36
N ASP D 335 24.94 -93.16 -18.03
CA ASP D 335 23.83 -93.51 -18.97
C ASP D 335 22.55 -92.83 -18.51
N PRO D 336 22.42 -91.50 -18.68
CA PRO D 336 21.20 -90.79 -18.30
C PRO D 336 20.13 -90.78 -19.40
N ILE D 337 18.86 -90.66 -19.01
CA ILE D 337 17.69 -90.52 -19.93
C ILE D 337 17.39 -89.02 -20.07
N LEU D 338 17.54 -88.47 -21.28
CA LEU D 338 17.15 -87.07 -21.61
C LEU D 338 15.62 -86.97 -21.53
N ILE D 339 15.11 -86.15 -20.61
CA ILE D 339 13.66 -85.96 -20.33
C ILE D 339 13.16 -84.72 -21.08
N MET D 340 13.93 -83.63 -21.04
CA MET D 340 13.55 -82.30 -21.58
C MET D 340 14.79 -81.67 -22.23
N LYS D 341 14.61 -80.97 -23.36
CA LYS D 341 15.70 -80.25 -24.07
C LYS D 341 15.25 -78.81 -24.38
N SER D 342 16.05 -77.83 -23.95
CA SER D 342 15.86 -76.38 -24.28
C SER D 342 16.18 -76.16 -25.77
N GLU D 343 15.34 -75.37 -26.45
CA GLU D 343 15.31 -75.20 -27.93
C GLU D 343 16.73 -75.22 -28.52
N LYS D 344 17.64 -74.39 -27.99
CA LYS D 344 18.97 -74.11 -28.60
C LYS D 344 20.09 -74.74 -27.77
N ALA D 345 19.75 -75.67 -26.86
CA ALA D 345 20.72 -76.36 -26.00
C ALA D 345 21.28 -77.60 -26.71
N ASN D 346 22.59 -77.82 -26.59
CA ASN D 346 23.32 -79.04 -27.03
C ASN D 346 23.39 -80.00 -25.83
N GLU D 347 22.51 -81.01 -25.82
CA GLU D 347 22.35 -82.01 -24.73
C GLU D 347 23.69 -82.68 -24.42
N ASN D 348 24.32 -83.24 -25.46
CA ASN D 348 25.64 -83.94 -25.38
C ASN D 348 26.64 -83.04 -24.67
N PHE D 349 26.91 -81.86 -25.24
CA PHE D 349 27.87 -80.84 -24.72
C PHE D 349 27.58 -80.54 -23.24
N LEU D 350 26.30 -80.41 -22.86
CA LEU D 350 25.88 -80.17 -21.46
C LEU D 350 26.26 -81.37 -20.58
N TRP D 351 25.85 -82.58 -20.99
CA TRP D 351 26.11 -83.83 -20.22
C TRP D 351 27.63 -84.01 -20.06
N LYS D 352 28.40 -83.83 -21.13
CA LYS D 352 29.89 -83.90 -21.11
C LYS D 352 30.40 -82.90 -20.06
N LEU D 353 29.86 -81.68 -20.05
CA LEU D 353 30.26 -80.60 -19.11
C LEU D 353 29.91 -81.01 -17.67
N TRP D 354 28.75 -81.64 -17.46
CA TRP D 354 28.36 -82.21 -16.14
C TRP D 354 29.39 -83.25 -15.69
N ARG D 355 29.72 -84.20 -16.59
CA ARG D 355 30.71 -85.28 -16.32
C ARG D 355 32.08 -84.67 -16.01
N ASP D 356 32.50 -83.65 -16.76
CA ASP D 356 33.78 -82.93 -16.53
C ASP D 356 33.78 -82.33 -15.12
N CYS D 357 32.68 -81.66 -14.73
CA CYS D 357 32.46 -81.07 -13.38
C CYS D 357 32.62 -82.15 -12.30
N VAL D 358 31.83 -83.23 -12.41
CA VAL D 358 31.83 -84.36 -11.43
C VAL D 358 33.24 -84.95 -11.35
N ASN D 359 33.86 -85.25 -12.49
CA ASN D 359 35.20 -85.88 -12.58
C ASN D 359 36.26 -84.94 -11.97
N THR D 360 36.18 -83.63 -12.25
CA THR D 360 37.11 -82.62 -11.70
C THR D 360 36.92 -82.51 -10.18
N ILE D 361 35.68 -82.30 -9.72
CA ILE D 361 35.36 -82.11 -8.27
C ILE D 361 35.77 -83.37 -7.50
N SER D 362 35.70 -84.55 -8.13
CA SER D 362 35.96 -85.87 -7.48
C SER D 362 37.44 -86.29 -7.57
N ASN D 363 38.29 -85.56 -8.32
CA ASN D 363 39.71 -85.92 -8.49
C ASN D 363 40.51 -85.46 -7.26
N GLU D 364 41.76 -85.91 -7.14
CA GLU D 364 42.59 -85.77 -5.91
C GLU D 364 43.45 -84.49 -5.98
N GLU D 365 43.20 -83.63 -6.98
CA GLU D 365 43.88 -82.31 -7.14
C GLU D 365 43.09 -81.24 -6.37
N MET D 366 43.74 -80.13 -6.02
CA MET D 366 43.14 -78.99 -5.28
C MET D 366 42.36 -78.08 -6.26
N SER D 367 42.79 -78.04 -7.53
CA SER D 367 42.26 -77.10 -8.56
C SER D 367 40.86 -77.51 -9.00
N ASN D 368 39.97 -76.52 -9.16
CA ASN D 368 38.57 -76.69 -9.62
C ASN D 368 38.40 -76.06 -11.01
N GLU D 369 39.51 -75.94 -11.75
CA GLU D 369 39.54 -75.39 -13.13
C GLU D 369 39.14 -76.49 -14.12
N LEU D 370 38.27 -76.16 -15.08
CA LEU D 370 37.92 -77.02 -16.23
C LEU D 370 38.72 -76.56 -17.45
N GLN D 371 39.21 -77.51 -18.25
CA GLN D 371 39.86 -77.24 -19.56
C GLN D 371 38.82 -76.62 -20.50
N LYS D 372 39.23 -75.65 -21.32
CA LYS D 372 38.35 -74.97 -22.29
C LYS D 372 38.13 -75.91 -23.49
N THR D 373 37.35 -76.96 -23.27
CA THR D 373 36.97 -77.99 -24.28
C THR D 373 35.92 -77.38 -25.23
N ASN D 374 35.63 -78.07 -26.32
CA ASN D 374 34.65 -77.61 -27.35
C ASN D 374 33.26 -77.46 -26.70
N TYR D 375 32.92 -78.32 -25.73
CA TYR D 375 31.59 -78.32 -25.05
C TYR D 375 31.54 -77.19 -24.01
N ALA D 376 32.63 -76.98 -23.25
CA ALA D 376 32.76 -75.88 -22.27
C ALA D 376 32.71 -74.53 -23.01
N LYS D 377 33.50 -74.41 -24.08
CA LYS D 377 33.57 -73.21 -24.96
C LYS D 377 32.16 -72.86 -25.44
N TRP D 378 31.38 -73.85 -25.88
CA TRP D 378 29.99 -73.65 -26.38
C TRP D 378 29.10 -73.15 -25.23
N ALA D 379 29.14 -73.85 -24.09
CA ALA D 379 28.29 -73.60 -22.90
C ALA D 379 28.58 -72.22 -22.33
N THR D 380 29.85 -71.79 -22.35
CA THR D 380 30.37 -70.55 -21.74
C THR D 380 30.18 -69.34 -22.68
N GLY D 381 29.93 -69.59 -23.96
CA GLY D 381 29.84 -68.53 -25.00
C GLY D 381 31.20 -67.99 -25.38
N ASP D 382 32.17 -68.89 -25.62
CA ASP D 382 33.55 -68.55 -26.06
C ASP D 382 33.48 -67.87 -27.44
N GLY D 383 34.18 -66.74 -27.57
CA GLY D 383 34.41 -66.00 -28.84
C GLY D 383 33.13 -65.56 -29.53
N LEU D 384 32.11 -65.15 -28.77
CA LEU D 384 30.78 -64.75 -29.30
C LEU D 384 30.68 -63.23 -29.44
N THR D 385 31.54 -62.45 -28.78
CA THR D 385 31.51 -60.96 -28.85
C THR D 385 31.89 -60.55 -30.28
N TYR D 386 31.08 -59.66 -30.88
CA TYR D 386 31.30 -59.09 -32.24
C TYR D 386 32.64 -58.33 -32.22
N GLN D 387 33.39 -58.37 -33.33
CA GLN D 387 34.68 -57.64 -33.44
C GLN D 387 34.37 -56.18 -33.77
N LYS D 388 35.02 -55.24 -33.07
CA LYS D 388 34.87 -53.79 -33.29
C LYS D 388 35.80 -53.38 -34.44
N ILE D 389 35.22 -53.02 -35.59
CA ILE D 389 35.94 -52.46 -36.76
C ILE D 389 35.93 -50.93 -36.66
N MET D 390 36.72 -50.25 -37.50
CA MET D 390 36.82 -48.77 -37.53
C MET D 390 35.54 -48.20 -38.14
N LYS D 391 35.12 -47.02 -37.67
CA LYS D 391 33.83 -46.36 -38.05
C LYS D 391 33.78 -46.16 -39.57
N GLU D 392 34.92 -45.84 -40.20
CA GLU D 392 35.02 -45.53 -41.65
C GLU D 392 34.59 -46.76 -42.47
N VAL D 393 35.11 -47.94 -42.10
CA VAL D 393 34.79 -49.25 -42.76
C VAL D 393 33.30 -49.53 -42.58
N ALA D 394 32.78 -49.32 -41.36
CA ALA D 394 31.38 -49.58 -40.97
C ALA D 394 30.44 -48.67 -41.77
N ILE D 395 30.75 -47.37 -41.86
CA ILE D 395 30.00 -46.36 -42.65
C ILE D 395 29.93 -46.84 -44.11
N ASP D 396 31.07 -47.27 -44.68
CA ASP D 396 31.18 -47.70 -46.09
C ASP D 396 30.49 -49.06 -46.29
N ASP D 397 30.37 -49.88 -45.24
CA ASP D 397 29.71 -51.21 -45.29
C ASP D 397 28.18 -51.04 -45.21
N GLU D 398 27.47 -51.28 -46.32
CA GLU D 398 26.00 -51.10 -46.47
C GLU D 398 25.22 -52.05 -45.56
N THR D 399 25.72 -53.28 -45.37
CA THR D 399 25.01 -54.39 -44.66
C THR D 399 24.95 -54.10 -43.16
N MET D 400 25.84 -53.25 -42.62
CA MET D 400 25.90 -52.90 -41.19
C MET D 400 24.80 -51.90 -40.84
N CYS D 401 23.78 -52.36 -40.10
CA CYS D 401 22.63 -51.56 -39.60
C CYS D 401 22.61 -51.56 -38.08
N GLN D 402 22.02 -50.53 -37.47
CA GLN D 402 21.63 -50.51 -36.04
C GLN D 402 20.48 -51.51 -35.86
N GLU D 403 20.72 -52.61 -35.15
CA GLU D 403 19.72 -53.70 -34.97
C GLU D 403 18.53 -53.17 -34.16
N GLU D 404 17.33 -53.65 -34.46
CA GLU D 404 16.11 -53.43 -33.64
C GLU D 404 16.35 -54.02 -32.26
N PRO D 405 15.94 -53.33 -31.17
CA PRO D 405 16.13 -53.85 -29.82
C PRO D 405 15.14 -54.99 -29.51
N LYS D 406 15.58 -55.99 -28.74
CA LYS D 406 14.69 -57.03 -28.15
C LYS D 406 13.77 -56.34 -27.13
N ILE D 407 12.48 -56.65 -27.20
CA ILE D 407 11.43 -56.15 -26.25
C ILE D 407 10.99 -57.31 -25.37
N PRO D 408 10.81 -57.12 -24.05
CA PRO D 408 10.30 -58.18 -23.19
C PRO D 408 8.96 -58.71 -23.73
N ASN D 409 8.86 -60.03 -23.94
CA ASN D 409 7.69 -60.67 -24.57
C ASN D 409 6.52 -60.65 -23.56
N LYS D 410 5.29 -60.66 -24.08
CA LYS D 410 4.04 -60.62 -23.29
C LYS D 410 3.64 -62.05 -22.92
N CYS D 411 3.59 -62.36 -21.62
CA CYS D 411 3.28 -63.72 -21.10
C CYS D 411 1.97 -63.69 -20.30
N ARG D 412 1.45 -64.89 -19.97
CA ARG D 412 0.22 -65.02 -19.13
C ARG D 412 0.60 -65.63 -17.77
N VAL D 413 -0.37 -65.72 -16.85
CA VAL D 413 -0.17 -66.26 -15.47
C VAL D 413 0.31 -67.70 -15.59
N ALA D 414 1.36 -68.06 -14.85
CA ALA D 414 1.93 -69.41 -14.74
C ALA D 414 1.63 -69.97 -13.33
N ALA D 415 1.00 -71.14 -13.27
CA ALA D 415 0.57 -71.83 -12.04
C ALA D 415 1.74 -71.97 -11.05
N TRP D 416 2.97 -72.07 -11.55
CA TRP D 416 4.17 -72.36 -10.73
C TRP D 416 4.52 -71.19 -9.81
N VAL D 417 4.21 -69.95 -10.21
CA VAL D 417 4.57 -68.74 -9.41
C VAL D 417 3.77 -68.76 -8.11
N GLN D 418 2.52 -69.23 -8.15
CA GLN D 418 1.66 -69.49 -6.96
C GLN D 418 2.30 -70.60 -6.12
N THR D 419 2.64 -71.73 -6.75
CA THR D 419 3.27 -72.92 -6.12
C THR D 419 4.51 -72.50 -5.33
N GLU D 420 5.38 -71.69 -5.95
CA GLU D 420 6.61 -71.15 -5.33
C GLU D 420 6.23 -70.40 -4.05
N MET D 421 5.31 -69.43 -4.14
CA MET D 421 4.82 -68.64 -2.98
C MET D 421 4.32 -69.62 -1.90
N ASN D 422 3.46 -70.56 -2.28
CA ASN D 422 2.84 -71.54 -1.36
C ASN D 422 3.94 -72.33 -0.62
N LEU D 423 4.88 -72.93 -1.36
CA LEU D 423 5.87 -73.88 -0.80
C LEU D 423 7.00 -73.14 -0.08
N LEU D 424 7.44 -71.98 -0.58
CA LEU D 424 8.59 -71.22 -0.01
C LEU D 424 8.20 -70.61 1.35
N SER D 425 6.92 -70.24 1.54
CA SER D 425 6.39 -69.65 2.78
C SER D 425 6.06 -70.73 3.82
N THR D 426 6.37 -72.00 3.53
CA THR D 426 6.03 -73.17 4.37
C THR D 426 7.19 -73.49 5.32
N LEU D 427 6.88 -74.02 6.49
CA LEU D 427 7.85 -74.43 7.55
C LEU D 427 8.50 -75.77 7.16
N THR D 428 9.78 -75.91 7.50
CA THR D 428 10.60 -77.13 7.32
C THR D 428 11.19 -77.50 8.69
N SER D 429 11.99 -78.57 8.74
CA SER D 429 12.68 -79.07 9.97
C SER D 429 14.11 -78.53 10.03
N LYS D 430 14.53 -77.74 9.03
CA LYS D 430 15.95 -77.31 8.84
C LYS D 430 16.07 -75.78 8.92
N ARG D 431 17.22 -75.31 9.39
CA ARG D 431 17.59 -73.89 9.56
C ARG D 431 18.92 -73.66 8.82
N ALA D 432 19.01 -72.59 8.03
CA ALA D 432 20.18 -72.30 7.16
C ALA D 432 20.85 -70.97 7.56
N LEU D 433 20.16 -70.08 8.27
CA LEU D 433 20.70 -68.72 8.62
C LEU D 433 22.07 -68.89 9.30
N ASP D 434 22.97 -67.94 9.05
CA ASP D 434 24.37 -67.94 9.56
C ASP D 434 24.59 -66.70 10.43
N LEU D 435 23.61 -66.41 11.31
CA LEU D 435 23.56 -65.14 12.10
C LEU D 435 24.67 -65.14 13.14
N PRO D 436 25.65 -64.21 13.05
CA PRO D 436 26.70 -64.08 14.05
C PRO D 436 26.17 -63.66 15.43
N GLU D 437 27.08 -63.65 16.41
CA GLU D 437 26.80 -63.28 17.82
C GLU D 437 26.61 -61.75 17.91
N ILE D 438 25.89 -61.32 18.95
CA ILE D 438 25.87 -59.90 19.44
C ILE D 438 26.33 -59.92 20.90
N GLY D 439 26.72 -58.77 21.45
CA GLY D 439 27.10 -58.61 22.86
C GLY D 439 25.96 -59.06 23.77
N PRO D 440 26.24 -59.49 25.02
CA PRO D 440 25.19 -59.92 25.95
C PRO D 440 24.26 -58.76 26.33
N ASP D 441 23.01 -59.08 26.68
CA ASP D 441 21.95 -58.09 27.01
C ASP D 441 22.17 -57.52 28.42
N VAL D 442 21.99 -56.20 28.58
CA VAL D 442 22.02 -55.48 29.88
C VAL D 442 20.67 -54.76 30.05
N ALA D 443 20.31 -53.91 29.09
CA ALA D 443 19.09 -53.07 29.11
C ALA D 443 17.86 -53.96 28.95
N PRO D 444 16.77 -53.71 29.71
CA PRO D 444 15.53 -54.48 29.56
C PRO D 444 15.04 -54.56 28.10
N VAL D 445 15.23 -53.46 27.35
CA VAL D 445 14.86 -53.35 25.91
C VAL D 445 15.73 -54.31 25.09
N GLU D 446 16.99 -54.54 25.48
CA GLU D 446 17.90 -55.51 24.83
C GLU D 446 17.37 -56.93 25.09
N HIS D 447 16.98 -57.22 26.34
CA HIS D 447 16.35 -58.50 26.76
C HIS D 447 15.04 -58.70 26.00
N VAL D 448 14.26 -57.63 25.79
CA VAL D 448 12.96 -57.69 25.04
C VAL D 448 13.23 -58.15 23.61
N GLY D 449 14.20 -57.53 22.93
CA GLY D 449 14.56 -57.85 21.53
C GLY D 449 14.97 -59.30 21.35
N SER D 450 15.78 -59.82 22.28
CA SER D 450 16.35 -61.19 22.27
C SER D 450 15.22 -62.23 22.42
N GLU D 451 14.26 -61.96 23.31
CA GLU D 451 13.09 -62.82 23.57
C GLU D 451 12.16 -62.77 22.35
N ARG D 452 12.08 -61.62 21.67
CA ARG D 452 11.30 -61.43 20.42
C ARG D 452 11.96 -62.22 19.28
N ARG D 453 13.28 -62.09 19.10
CA ARG D 453 14.04 -62.77 18.02
C ARG D 453 13.78 -64.28 18.06
N LYS D 454 13.64 -64.87 19.26
CA LYS D 454 13.31 -66.30 19.46
C LYS D 454 12.04 -66.69 18.69
N TYR D 455 11.09 -65.76 18.53
CA TYR D 455 9.82 -65.96 17.78
C TYR D 455 10.01 -65.58 16.31
N PHE D 456 10.50 -64.36 16.06
CA PHE D 456 10.57 -63.72 14.71
C PHE D 456 11.60 -64.44 13.84
N VAL D 457 12.84 -64.58 14.33
CA VAL D 457 13.98 -65.12 13.54
C VAL D 457 13.76 -66.62 13.30
N ASN D 458 13.35 -67.37 14.34
CA ASN D 458 13.12 -68.83 14.28
C ASN D 458 11.97 -69.14 13.30
N GLU D 459 10.91 -68.32 13.27
CA GLU D 459 9.77 -68.51 12.34
C GLU D 459 10.30 -68.53 10.90
N ILE D 460 11.12 -67.55 10.53
CA ILE D 460 11.67 -67.37 9.16
C ILE D 460 12.75 -68.43 8.90
N ASN D 461 13.66 -68.62 9.85
CA ASN D 461 14.83 -69.53 9.75
C ASN D 461 14.37 -70.93 9.30
N TYR D 462 13.26 -71.42 9.86
CA TYR D 462 12.70 -72.78 9.62
C TYR D 462 11.95 -72.84 8.28
N CYS D 463 11.52 -71.69 7.73
CA CYS D 463 10.69 -71.65 6.49
C CYS D 463 11.58 -71.95 5.28
N LYS D 464 10.99 -72.52 4.23
CA LYS D 464 11.70 -72.98 3.01
C LYS D 464 12.49 -71.81 2.39
N ALA D 465 11.89 -70.63 2.33
CA ALA D 465 12.42 -69.41 1.66
C ALA D 465 13.81 -69.05 2.20
N SER D 466 14.00 -69.13 3.52
CA SER D 466 15.28 -68.79 4.21
C SER D 466 16.43 -69.62 3.61
N THR D 467 16.24 -70.94 3.54
CA THR D 467 17.21 -71.93 3.01
C THR D 467 17.54 -71.58 1.55
N VAL D 468 16.53 -71.22 0.75
CA VAL D 468 16.72 -70.81 -0.67
C VAL D 468 17.55 -69.53 -0.70
N MET D 469 17.19 -68.55 0.13
CA MET D 469 17.88 -67.24 0.27
C MET D 469 19.37 -67.48 0.58
N MET D 470 19.66 -68.31 1.59
CA MET D 470 21.06 -68.57 2.03
C MET D 470 21.87 -69.19 0.88
N LYS D 471 21.26 -70.09 0.11
CA LYS D 471 21.87 -70.74 -1.08
C LYS D 471 22.28 -69.67 -2.09
N TYR D 472 21.35 -68.76 -2.43
CA TYR D 472 21.59 -67.60 -3.32
C TYR D 472 22.74 -66.76 -2.75
N VAL D 473 22.63 -66.38 -1.47
CA VAL D 473 23.64 -65.53 -0.77
C VAL D 473 25.03 -66.16 -0.93
N LEU D 474 25.18 -67.42 -0.51
CA LEU D 474 26.51 -68.10 -0.43
C LEU D 474 27.07 -68.37 -1.82
N PHE D 475 26.23 -68.72 -2.79
CA PHE D 475 26.66 -69.01 -4.19
C PHE D 475 27.24 -67.73 -4.83
N HIS D 476 26.48 -66.63 -4.79
CA HIS D 476 26.90 -65.30 -5.34
C HIS D 476 28.21 -64.86 -4.68
N THR D 477 28.35 -65.09 -3.37
CA THR D 477 29.55 -64.76 -2.56
C THR D 477 30.78 -65.45 -3.16
N SER D 478 30.71 -66.76 -3.39
CA SER D 478 31.81 -67.59 -3.96
C SER D 478 32.02 -67.21 -5.43
N LEU D 479 30.93 -67.03 -6.18
CA LEU D 479 30.93 -66.72 -7.64
C LEU D 479 31.63 -65.38 -7.88
N LEU D 480 31.33 -64.35 -7.08
CA LEU D 480 31.95 -63.01 -7.23
C LEU D 480 33.46 -63.10 -6.97
N ASN D 481 33.86 -63.87 -5.94
CA ASN D 481 35.29 -64.10 -5.60
C ASN D 481 35.98 -64.84 -6.75
N GLU D 482 35.35 -65.92 -7.25
CA GLU D 482 35.88 -66.72 -8.39
C GLU D 482 36.01 -65.82 -9.62
N SER D 483 35.01 -64.96 -9.87
CA SER D 483 34.92 -64.06 -11.05
C SER D 483 36.09 -63.07 -11.07
N ASN D 484 36.56 -62.62 -9.90
CA ASN D 484 37.69 -61.67 -9.78
C ASN D 484 39.02 -62.43 -9.77
N ALA D 485 39.11 -63.51 -8.99
CA ALA D 485 40.35 -64.26 -8.71
C ALA D 485 40.78 -65.10 -9.93
N SER D 486 39.81 -65.59 -10.73
CA SER D 486 40.05 -66.54 -11.85
C SER D 486 39.33 -66.06 -13.13
N MET D 487 39.67 -64.86 -13.60
CA MET D 487 39.02 -64.21 -14.77
C MET D 487 39.21 -65.06 -16.03
N GLY D 488 40.43 -65.60 -16.21
CA GLY D 488 40.87 -66.31 -17.43
C GLY D 488 40.47 -67.77 -17.44
N LYS D 489 40.14 -68.34 -16.28
CA LYS D 489 39.89 -69.79 -16.09
C LYS D 489 38.40 -70.08 -16.07
N TYR D 490 37.98 -71.19 -16.70
CA TYR D 490 36.66 -71.84 -16.50
C TYR D 490 36.70 -72.60 -15.17
N LYS D 491 35.77 -72.35 -14.25
CA LYS D 491 35.84 -72.96 -12.89
C LYS D 491 34.54 -73.70 -12.57
N VAL D 492 34.63 -74.86 -11.92
CA VAL D 492 33.45 -75.59 -11.38
C VAL D 492 33.26 -75.15 -9.92
N ILE D 493 32.10 -74.56 -9.63
CA ILE D 493 31.72 -74.02 -8.29
C ILE D 493 30.53 -74.83 -7.78
N PRO D 494 30.64 -75.47 -6.60
CA PRO D 494 29.52 -76.20 -6.02
C PRO D 494 28.40 -75.24 -5.56
N ILE D 495 27.14 -75.65 -5.74
CA ILE D 495 25.94 -74.94 -5.20
C ILE D 495 25.61 -75.58 -3.85
N THR D 496 26.03 -74.94 -2.76
CA THR D 496 26.09 -75.57 -1.40
C THR D 496 25.32 -74.72 -0.37
N ASN D 497 25.19 -75.27 0.84
CA ASN D 497 24.48 -74.67 2.00
C ASN D 497 24.88 -75.47 3.24
N ARG D 498 24.97 -74.83 4.41
CA ARG D 498 25.13 -75.52 5.72
C ARG D 498 23.79 -75.41 6.47
N VAL D 499 23.08 -76.54 6.60
CA VAL D 499 21.72 -76.63 7.21
C VAL D 499 21.88 -77.28 8.60
N VAL D 500 20.97 -76.97 9.54
CA VAL D 500 20.99 -77.48 10.93
C VAL D 500 19.60 -78.05 11.26
N ASN D 501 19.54 -79.29 11.75
CA ASN D 501 18.28 -80.02 12.10
C ASN D 501 17.81 -79.55 13.48
N GLU D 502 16.78 -80.21 14.02
CA GLU D 502 16.08 -79.79 15.28
C GLU D 502 17.02 -79.96 16.48
N LYS D 503 17.86 -81.01 16.46
CA LYS D 503 18.79 -81.37 17.57
C LYS D 503 20.03 -80.46 17.55
N GLY D 504 20.26 -79.72 16.47
CA GLY D 504 21.39 -78.78 16.31
C GLY D 504 22.54 -79.40 15.52
N GLU D 505 22.28 -80.51 14.82
CA GLU D 505 23.29 -81.23 13.99
C GLU D 505 23.41 -80.52 12.64
N SER D 506 24.65 -80.24 12.20
CA SER D 506 24.98 -79.57 10.92
C SER D 506 25.10 -80.59 9.78
N PHE D 507 24.55 -80.24 8.61
CA PHE D 507 24.67 -81.01 7.35
C PHE D 507 25.05 -80.04 6.21
N ASP D 508 26.05 -80.42 5.42
CA ASP D 508 26.43 -79.74 4.15
C ASP D 508 25.53 -80.26 3.04
N MET D 509 24.75 -79.37 2.40
CA MET D 509 23.84 -79.68 1.28
C MET D 509 24.56 -79.38 -0.03
N LEU D 510 24.50 -80.30 -1.00
CA LEU D 510 24.98 -80.10 -2.39
C LEU D 510 23.75 -80.11 -3.31
N TYR D 511 23.36 -78.93 -3.80
CA TYR D 511 22.18 -78.72 -4.68
C TYR D 511 22.58 -78.96 -6.14
N GLY D 512 23.89 -79.03 -6.40
CA GLY D 512 24.45 -79.29 -7.74
C GLY D 512 25.75 -78.54 -7.95
N LEU D 513 26.20 -78.45 -9.21
CA LEU D 513 27.48 -77.81 -9.60
C LEU D 513 27.19 -76.77 -10.68
N ALA D 514 27.96 -75.68 -10.66
CA ALA D 514 27.87 -74.58 -11.66
C ALA D 514 29.22 -74.44 -12.37
N VAL D 515 29.20 -74.07 -13.65
CA VAL D 515 30.43 -73.73 -14.42
C VAL D 515 30.47 -72.22 -14.60
N LYS D 516 31.43 -71.57 -13.94
CA LYS D 516 31.81 -70.16 -14.18
C LYS D 516 32.67 -70.12 -15.45
N GLY D 517 32.16 -69.48 -16.50
CA GLY D 517 32.91 -69.16 -17.73
C GLY D 517 33.91 -68.05 -17.49
N GLN D 518 34.58 -67.58 -18.55
CA GLN D 518 35.55 -66.45 -18.49
C GLN D 518 34.84 -65.22 -17.92
N SER D 519 35.53 -64.46 -17.07
CA SER D 519 34.95 -63.33 -16.29
C SER D 519 35.91 -62.13 -16.26
N HIS D 520 36.23 -61.57 -17.43
CA HIS D 520 36.95 -60.27 -17.56
C HIS D 520 35.92 -59.15 -17.40
N LEU D 521 35.28 -59.08 -16.23
CA LEU D 521 34.16 -58.16 -15.93
C LEU D 521 34.72 -56.76 -15.65
N ARG D 522 34.84 -55.94 -16.69
CA ARG D 522 35.39 -54.56 -16.63
C ARG D 522 34.27 -53.62 -16.16
N GLY D 523 33.19 -53.53 -16.93
CA GLY D 523 31.97 -52.80 -16.58
C GLY D 523 31.15 -53.55 -15.55
N ASP D 524 30.28 -52.85 -14.83
CA ASP D 524 29.46 -53.42 -13.73
C ASP D 524 28.35 -54.31 -14.30
N THR D 525 27.92 -54.06 -15.54
CA THR D 525 26.82 -54.79 -16.23
C THR D 525 27.37 -55.95 -17.08
N ASP D 526 28.69 -55.99 -17.30
CA ASP D 526 29.37 -57.04 -18.12
C ASP D 526 28.99 -58.43 -17.60
N VAL D 527 28.58 -59.32 -18.51
CA VAL D 527 27.97 -60.64 -18.19
C VAL D 527 29.09 -61.69 -18.09
N VAL D 528 29.00 -62.56 -17.09
CA VAL D 528 29.79 -63.83 -16.98
C VAL D 528 28.80 -64.99 -17.09
N THR D 529 29.04 -65.91 -18.03
CA THR D 529 28.16 -67.08 -18.26
C THR D 529 28.40 -68.10 -17.13
N VAL D 530 27.32 -68.44 -16.41
CA VAL D 530 27.29 -69.51 -15.38
C VAL D 530 26.35 -70.60 -15.89
N VAL D 531 26.87 -71.81 -16.08
CA VAL D 531 26.07 -72.99 -16.55
C VAL D 531 25.70 -73.82 -15.31
N THR D 532 24.41 -73.88 -14.95
CA THR D 532 23.96 -74.51 -13.68
C THR D 532 23.51 -75.95 -13.94
N PHE D 533 23.99 -76.88 -13.11
CA PHE D 533 23.58 -78.31 -13.06
C PHE D 533 23.05 -78.60 -11.65
N GLU D 534 21.73 -78.56 -11.47
CA GLU D 534 21.07 -78.63 -10.13
C GLU D 534 20.17 -79.86 -10.06
N PHE D 535 20.28 -80.62 -8.97
CA PHE D 535 19.46 -81.81 -8.65
C PHE D 535 18.03 -81.38 -8.36
N SER D 536 17.05 -82.21 -8.76
CA SER D 536 15.62 -82.03 -8.36
C SER D 536 14.88 -83.38 -8.35
N SER D 537 13.86 -83.49 -7.51
CA SER D 537 12.88 -84.61 -7.48
C SER D 537 11.74 -84.31 -8.45
N THR D 538 11.59 -83.04 -8.85
CA THR D 538 10.49 -82.54 -9.71
C THR D 538 10.66 -83.08 -11.14
N ASP D 539 9.65 -83.82 -11.62
CA ASP D 539 9.51 -84.24 -13.04
C ASP D 539 9.13 -83.00 -13.86
N PRO D 540 9.95 -82.56 -14.84
CA PRO D 540 9.65 -81.36 -15.62
C PRO D 540 8.40 -81.48 -16.51
N ARG D 541 7.93 -82.70 -16.77
CA ARG D 541 6.77 -82.97 -17.67
C ARG D 541 5.46 -82.65 -16.96
N VAL D 542 5.46 -82.59 -15.62
CA VAL D 542 4.24 -82.33 -14.79
C VAL D 542 3.72 -80.91 -15.07
N ASP D 543 4.63 -79.95 -15.24
CA ASP D 543 4.32 -78.52 -15.53
C ASP D 543 5.35 -77.98 -16.54
N SER D 544 5.30 -78.47 -17.78
CA SER D 544 6.33 -78.26 -18.84
C SER D 544 6.45 -76.78 -19.22
N GLY D 545 5.39 -75.99 -19.02
CA GLY D 545 5.37 -74.55 -19.33
C GLY D 545 6.35 -73.75 -18.48
N LYS D 546 6.75 -74.31 -17.33
CA LYS D 546 7.70 -73.69 -16.38
C LYS D 546 9.14 -73.78 -16.89
N TRP D 547 9.44 -74.79 -17.72
CA TRP D 547 10.82 -75.34 -17.90
C TRP D 547 11.37 -75.21 -19.32
N PRO D 548 10.95 -74.24 -20.17
CA PRO D 548 11.50 -74.16 -21.53
C PRO D 548 12.98 -73.74 -21.60
N LYS D 549 13.52 -73.15 -20.53
CA LYS D 549 14.94 -72.67 -20.49
C LYS D 549 15.89 -73.81 -20.10
N TYR D 550 15.35 -74.98 -19.74
CA TYR D 550 16.07 -76.07 -19.05
C TYR D 550 16.20 -77.31 -19.94
N THR D 551 17.37 -77.96 -19.86
CA THR D 551 17.64 -79.32 -20.39
C THR D 551 17.73 -80.27 -19.20
N VAL D 552 16.82 -81.24 -19.11
CA VAL D 552 16.63 -82.11 -17.91
C VAL D 552 17.00 -83.55 -18.26
N PHE D 553 17.97 -84.13 -17.54
CA PHE D 553 18.31 -85.57 -17.55
C PHE D 553 17.69 -86.24 -16.32
N ARG D 554 17.35 -87.53 -16.41
CA ARG D 554 17.00 -88.39 -15.25
C ARG D 554 18.26 -89.19 -14.89
N ILE D 555 18.89 -88.88 -13.75
CA ILE D 555 20.26 -89.37 -13.43
C ILE D 555 20.19 -90.56 -12.45
N GLY D 556 19.02 -90.81 -11.85
CA GLY D 556 18.83 -91.94 -10.93
C GLY D 556 17.64 -91.76 -10.01
N SER D 557 17.74 -92.28 -8.78
CA SER D 557 16.64 -92.46 -7.81
C SER D 557 17.20 -92.41 -6.38
N LEU D 558 16.40 -91.94 -5.41
CA LEU D 558 16.73 -91.98 -3.96
C LEU D 558 15.52 -92.50 -3.19
N PHE D 559 15.75 -93.27 -2.12
CA PHE D 559 14.69 -93.75 -1.20
C PHE D 559 14.47 -92.69 -0.12
N VAL D 560 13.34 -91.97 -0.20
CA VAL D 560 13.18 -90.64 0.49
C VAL D 560 12.22 -90.75 1.69
N SER D 561 11.11 -91.48 1.56
CA SER D 561 10.12 -91.64 2.66
C SER D 561 9.31 -92.93 2.46
N GLY D 562 10.00 -94.08 2.53
CA GLY D 562 9.43 -95.41 2.25
C GLY D 562 9.06 -95.55 0.78
N ARG D 563 9.64 -94.71 -0.09
CA ARG D 563 9.30 -94.60 -1.54
C ARG D 563 10.56 -94.28 -2.33
N GLU D 564 10.78 -94.98 -3.46
CA GLU D 564 11.80 -94.62 -4.47
C GLU D 564 11.32 -93.38 -5.22
N LYS D 565 12.02 -92.26 -5.06
CA LYS D 565 11.75 -90.96 -5.74
C LYS D 565 12.84 -90.73 -6.79
N SER D 566 12.44 -90.41 -8.02
CA SER D 566 13.33 -90.20 -9.18
C SER D 566 14.12 -88.90 -9.00
N VAL D 567 15.40 -88.90 -9.38
CA VAL D 567 16.31 -87.73 -9.29
C VAL D 567 16.68 -87.27 -10.71
N TYR D 568 16.33 -86.03 -11.03
CA TYR D 568 16.63 -85.35 -12.32
C TYR D 568 17.74 -84.31 -12.10
N LEU D 569 18.53 -84.06 -13.15
CA LEU D 569 19.57 -83.01 -13.22
C LEU D 569 19.09 -81.91 -14.17
N TYR D 570 18.72 -80.75 -13.63
CA TYR D 570 18.27 -79.54 -14.37
C TYR D 570 19.52 -78.77 -14.83
N CYS D 571 19.77 -78.76 -16.14
CA CYS D 571 20.93 -78.08 -16.79
C CYS D 571 20.43 -76.85 -17.54
N ARG D 572 21.13 -75.71 -17.41
CA ARG D 572 20.72 -74.43 -18.03
C ARG D 572 21.93 -73.50 -18.12
N VAL D 573 22.13 -72.92 -19.31
CA VAL D 573 23.09 -71.81 -19.58
C VAL D 573 22.47 -70.54 -19.02
N ASN D 574 23.06 -69.98 -17.96
CA ASN D 574 22.58 -68.73 -17.32
C ASN D 574 23.71 -67.70 -17.39
N GLY D 575 23.46 -66.51 -16.82
CA GLY D 575 24.45 -65.42 -16.75
C GLY D 575 24.11 -64.44 -15.65
N THR D 576 25.12 -63.71 -15.18
CA THR D 576 25.00 -62.65 -14.16
C THR D 576 26.12 -61.63 -14.38
N ASN D 577 25.99 -60.46 -13.75
CA ASN D 577 27.01 -59.39 -13.73
C ASN D 577 27.39 -59.10 -12.27
N LYS D 578 28.38 -58.23 -12.05
CA LYS D 578 28.93 -57.88 -10.71
C LYS D 578 27.81 -57.38 -9.80
N ILE D 579 26.93 -56.51 -10.31
CA ILE D 579 25.85 -55.83 -9.53
C ILE D 579 24.93 -56.90 -8.91
N GLN D 580 24.40 -57.79 -9.74
CA GLN D 580 23.45 -58.87 -9.33
C GLN D 580 24.09 -59.74 -8.24
N MET D 581 25.38 -60.05 -8.36
CA MET D 581 26.14 -60.88 -7.40
C MET D 581 26.22 -60.15 -6.06
N LYS D 582 26.58 -58.86 -6.09
CA LYS D 582 26.73 -57.97 -4.90
C LYS D 582 25.38 -57.85 -4.18
N TRP D 583 24.28 -57.68 -4.91
CA TRP D 583 22.91 -57.62 -4.32
C TRP D 583 22.51 -59.00 -3.77
N GLY D 584 22.87 -60.08 -4.47
CA GLY D 584 22.72 -61.45 -3.96
C GLY D 584 23.42 -61.64 -2.63
N MET D 585 24.68 -61.19 -2.54
CA MET D 585 25.50 -61.22 -1.30
C MET D 585 24.82 -60.46 -0.16
N GLU D 586 23.89 -59.53 -0.48
CA GLU D 586 23.22 -58.64 0.51
C GLU D 586 21.77 -59.08 0.75
N ALA D 587 21.33 -60.20 0.15
CA ALA D 587 19.93 -60.66 0.14
C ALA D 587 19.43 -61.03 1.55
N ARG D 588 20.32 -61.20 2.53
CA ARG D 588 19.97 -61.47 3.96
C ARG D 588 18.99 -60.39 4.47
N ARG D 589 19.12 -59.15 4.00
CA ARG D 589 18.30 -57.99 4.43
C ARG D 589 16.79 -58.24 4.24
N CYS D 590 16.40 -59.25 3.45
CA CYS D 590 14.98 -59.71 3.33
C CYS D 590 14.39 -59.91 4.73
N LEU D 591 15.20 -60.39 5.68
CA LEU D 591 14.87 -60.55 7.11
C LEU D 591 14.33 -59.23 7.69
N LEU D 592 15.09 -58.13 7.51
CA LEU D 592 14.82 -56.82 8.17
C LEU D 592 13.49 -56.24 7.68
N GLN D 593 13.25 -56.26 6.36
CA GLN D 593 12.04 -55.67 5.73
C GLN D 593 10.80 -56.38 6.27
N SER D 594 10.82 -57.70 6.37
CA SER D 594 9.70 -58.53 6.87
C SER D 594 9.57 -58.37 8.40
N MET D 595 10.66 -58.57 9.13
CA MET D 595 10.70 -58.47 10.62
C MET D 595 10.20 -57.08 11.07
N GLN D 596 10.70 -56.00 10.48
CA GLN D 596 10.31 -54.61 10.85
C GLN D 596 8.79 -54.50 10.72
N GLN D 597 8.23 -54.89 9.57
CA GLN D 597 6.79 -54.72 9.26
C GLN D 597 5.93 -55.43 10.31
N MET D 598 6.32 -56.64 10.72
CA MET D 598 5.50 -57.49 11.63
C MET D 598 5.76 -57.11 13.10
N GLU D 599 7.00 -56.74 13.45
CA GLU D 599 7.35 -56.29 14.84
C GLU D 599 6.57 -55.00 15.16
N ALA D 600 6.42 -54.11 14.19
CA ALA D 600 5.64 -52.86 14.29
C ALA D 600 4.21 -53.16 14.76
N ILE D 601 3.61 -54.26 14.29
CA ILE D 601 2.23 -54.69 14.67
C ILE D 601 2.25 -55.16 16.14
N VAL D 602 3.24 -55.98 16.51
CA VAL D 602 3.46 -56.47 17.91
C VAL D 602 3.60 -55.26 18.84
N GLU D 603 4.42 -54.28 18.45
CA GLU D 603 4.67 -53.05 19.26
C GLU D 603 3.36 -52.27 19.44
N GLN D 604 2.58 -52.09 18.37
CA GLN D 604 1.24 -51.44 18.41
C GLN D 604 0.32 -52.22 19.36
N GLU D 605 0.27 -53.55 19.20
CA GLU D 605 -0.60 -54.44 20.01
C GLU D 605 -0.20 -54.33 21.48
N SER D 606 1.11 -54.27 21.77
CA SER D 606 1.68 -54.14 23.13
C SER D 606 1.29 -52.79 23.75
N SER D 607 1.26 -51.73 22.92
CA SER D 607 0.83 -50.36 23.31
C SER D 607 -0.59 -50.40 23.90
N ILE D 608 -1.45 -51.25 23.34
CA ILE D 608 -2.90 -51.35 23.72
C ILE D 608 -3.03 -52.14 25.03
N GLN D 609 -2.32 -53.25 25.15
CA GLN D 609 -2.50 -54.26 26.23
C GLN D 609 -1.66 -53.90 27.45
N GLY D 610 -0.50 -53.27 27.26
CA GLY D 610 0.35 -52.77 28.37
C GLY D 610 1.50 -53.72 28.68
N TYR D 611 1.64 -54.82 27.94
CA TYR D 611 2.74 -55.80 28.05
C TYR D 611 3.14 -56.28 26.64
N ASP D 612 4.35 -56.81 26.51
CA ASP D 612 4.92 -57.32 25.22
C ASP D 612 4.01 -58.42 24.67
N MET D 613 3.35 -58.16 23.54
CA MET D 613 2.29 -59.01 22.95
C MET D 613 2.88 -60.00 21.92
N THR D 614 4.20 -60.23 21.95
CA THR D 614 4.90 -61.11 20.98
C THR D 614 4.29 -62.52 21.05
N LYS D 615 4.41 -63.20 22.20
CA LYS D 615 3.91 -64.58 22.40
C LYS D 615 2.41 -64.63 22.11
N ALA D 616 1.66 -63.62 22.60
CA ALA D 616 0.20 -63.49 22.43
C ALA D 616 -0.16 -63.49 20.94
N CYS D 617 0.49 -62.64 20.16
CA CYS D 617 0.27 -62.50 18.69
C CYS D 617 0.54 -63.83 17.98
N PHE D 618 1.68 -64.46 18.27
CA PHE D 618 2.15 -65.72 17.61
C PHE D 618 1.27 -66.90 18.02
N LYS D 619 1.33 -67.29 19.30
CA LYS D 619 0.72 -68.56 19.82
C LYS D 619 -0.45 -68.28 20.76
N GLY D 620 -0.72 -67.02 21.11
CA GLY D 620 -1.77 -66.64 22.09
C GLY D 620 -1.30 -66.85 23.52
N ASP D 621 -2.07 -66.37 24.50
CA ASP D 621 -1.82 -66.61 25.95
C ASP D 621 -3.17 -66.68 26.69
N ARG D 622 -3.13 -66.77 28.02
CA ARG D 622 -4.32 -67.01 28.88
C ARG D 622 -5.35 -65.87 28.72
N VAL D 623 -4.89 -64.66 28.37
CA VAL D 623 -5.76 -63.45 28.23
C VAL D 623 -6.15 -63.27 26.76
N ASN D 624 -5.17 -63.29 25.84
CA ASN D 624 -5.33 -62.86 24.42
C ASN D 624 -5.23 -64.06 23.48
N SER D 625 -6.21 -64.18 22.58
CA SER D 625 -6.27 -65.15 21.45
C SER D 625 -5.10 -64.89 20.49
N PRO D 626 -4.59 -65.92 19.77
CA PRO D 626 -3.55 -65.71 18.77
C PRO D 626 -4.02 -64.74 17.67
N LYS D 627 -3.14 -63.83 17.25
CA LYS D 627 -3.42 -62.83 16.18
C LYS D 627 -3.39 -63.55 14.83
N THR D 628 -4.45 -63.41 14.04
CA THR D 628 -4.62 -64.07 12.71
C THR D 628 -4.73 -63.00 11.62
N PHE D 629 -4.45 -63.39 10.37
CA PHE D 629 -4.52 -62.53 9.16
C PHE D 629 -5.15 -63.30 8.01
N SER D 630 -5.94 -62.64 7.17
CA SER D 630 -6.40 -63.17 5.86
C SER D 630 -5.15 -63.52 5.05
N ILE D 631 -4.92 -64.81 4.74
CA ILE D 631 -3.61 -65.29 4.23
C ILE D 631 -3.72 -65.67 2.74
N GLY D 632 -4.88 -66.17 2.30
CA GLY D 632 -5.11 -66.63 0.93
C GLY D 632 -6.55 -67.04 0.68
N THR D 633 -6.78 -67.82 -0.38
CA THR D 633 -8.12 -68.28 -0.84
C THR D 633 -8.10 -69.78 -1.06
N GLN D 634 -9.22 -70.45 -0.73
CA GLN D 634 -9.46 -71.89 -1.03
C GLN D 634 -10.87 -72.04 -1.60
N GLU D 635 -10.96 -72.56 -2.83
CA GLU D 635 -12.20 -72.69 -3.64
C GLU D 635 -13.05 -71.42 -3.50
N GLY D 636 -12.43 -70.26 -3.72
CA GLY D 636 -13.10 -68.96 -3.82
C GLY D 636 -13.40 -68.33 -2.48
N LYS D 637 -13.15 -69.04 -1.36
CA LYS D 637 -13.39 -68.51 0.01
C LYS D 637 -12.08 -68.02 0.63
N LEU D 638 -12.17 -66.95 1.43
CA LEU D 638 -11.02 -66.27 2.09
C LEU D 638 -10.58 -67.10 3.31
N VAL D 639 -9.30 -67.47 3.38
CA VAL D 639 -8.71 -68.34 4.43
C VAL D 639 -7.80 -67.50 5.35
N LYS D 640 -8.00 -67.62 6.66
CA LYS D 640 -7.17 -66.93 7.68
C LYS D 640 -6.03 -67.85 8.11
N GLY D 641 -4.87 -67.25 8.43
CA GLY D 641 -3.65 -67.91 8.90
C GLY D 641 -3.02 -67.14 10.04
N SER D 642 -1.93 -67.67 10.60
CA SER D 642 -1.27 -67.18 11.83
C SER D 642 -0.37 -65.97 11.52
N PHE D 643 0.10 -65.32 12.58
CA PHE D 643 1.04 -64.17 12.56
C PHE D 643 2.36 -64.61 11.91
N GLY D 644 2.87 -65.78 12.34
CA GLY D 644 4.08 -66.42 11.79
C GLY D 644 3.95 -66.68 10.30
N LYS D 645 2.81 -67.20 9.86
CA LYS D 645 2.51 -67.45 8.42
C LYS D 645 2.59 -66.13 7.67
N ALA D 646 1.95 -65.08 8.19
CA ALA D 646 1.94 -63.70 7.61
C ALA D 646 3.38 -63.18 7.51
N LEU D 647 4.16 -63.32 8.59
CA LEU D 647 5.62 -62.98 8.59
C LEU D 647 6.31 -63.74 7.45
N ARG D 648 6.09 -65.06 7.39
CA ARG D 648 6.75 -65.98 6.42
C ARG D 648 6.31 -65.64 4.98
N VAL D 649 5.12 -65.07 4.79
CA VAL D 649 4.59 -64.62 3.47
C VAL D 649 5.37 -63.37 3.04
N ILE D 650 5.43 -62.36 3.91
CA ILE D 650 6.13 -61.07 3.62
C ILE D 650 7.61 -61.37 3.33
N PHE D 651 8.27 -62.18 4.17
CA PHE D 651 9.70 -62.54 3.98
C PHE D 651 9.92 -63.15 2.59
N THR D 652 9.10 -64.15 2.20
CA THR D 652 9.16 -64.80 0.87
C THR D 652 9.02 -63.73 -0.21
N LYS D 653 7.93 -62.95 -0.14
CA LYS D 653 7.62 -61.81 -1.05
C LYS D 653 8.88 -60.94 -1.21
N CYS D 654 9.57 -60.64 -0.11
CA CYS D 654 10.79 -59.78 -0.11
C CYS D 654 11.97 -60.50 -0.76
N LEU D 655 12.07 -61.84 -0.65
CA LEU D 655 13.08 -62.65 -1.37
C LEU D 655 12.79 -62.60 -2.86
N MET D 656 11.51 -62.79 -3.23
CA MET D 656 11.03 -62.76 -4.64
C MET D 656 11.36 -61.40 -5.26
N HIS D 657 11.26 -60.31 -4.49
CA HIS D 657 11.67 -58.94 -4.93
C HIS D 657 13.13 -58.95 -5.39
N TYR D 658 14.01 -59.73 -4.74
CA TYR D 658 15.42 -59.89 -5.18
C TYR D 658 15.50 -60.86 -6.36
N VAL D 659 14.91 -62.05 -6.21
CA VAL D 659 15.04 -63.17 -7.19
C VAL D 659 14.52 -62.72 -8.55
N PHE D 660 13.44 -61.93 -8.59
CA PHE D 660 12.74 -61.49 -9.84
C PHE D 660 12.78 -59.96 -10.00
N GLY D 661 13.70 -59.28 -9.31
CA GLY D 661 13.81 -57.80 -9.32
C GLY D 661 14.35 -57.28 -10.64
N ASN D 662 13.66 -56.31 -11.24
CA ASN D 662 14.11 -55.57 -12.44
C ASN D 662 13.15 -54.40 -12.73
N ALA D 663 13.47 -53.62 -13.77
CA ALA D 663 12.75 -52.39 -14.19
C ALA D 663 11.25 -52.63 -14.30
N GLN D 664 10.85 -53.84 -14.73
CA GLN D 664 9.41 -54.23 -14.85
C GLN D 664 8.78 -54.21 -13.45
N LEU D 665 9.42 -54.82 -12.46
CA LEU D 665 8.94 -54.85 -11.05
C LEU D 665 9.03 -53.44 -10.45
N GLU D 666 10.15 -52.75 -10.70
CA GLU D 666 10.36 -51.34 -10.23
C GLU D 666 9.17 -50.48 -10.71
N GLY D 667 8.93 -50.44 -12.02
CA GLY D 667 7.85 -49.68 -12.65
C GLY D 667 6.47 -50.11 -12.15
N PHE D 668 6.22 -51.42 -12.09
CA PHE D 668 4.92 -52.00 -11.68
C PHE D 668 4.60 -51.60 -10.24
N SER D 669 5.54 -51.84 -9.32
CA SER D 669 5.38 -51.59 -7.86
C SER D 669 5.11 -50.10 -7.60
N ALA D 670 5.85 -49.22 -8.27
CA ALA D 670 5.78 -47.75 -8.14
C ALA D 670 4.42 -47.25 -8.64
N GLU D 671 3.97 -47.75 -9.80
CA GLU D 671 2.72 -47.26 -10.47
C GLU D 671 1.48 -47.88 -9.81
N SER D 672 1.53 -49.15 -9.38
CA SER D 672 0.39 -49.85 -8.76
C SER D 672 0.15 -49.33 -7.32
N ARG D 673 1.17 -48.68 -6.73
CA ARG D 673 1.11 -48.11 -5.36
C ARG D 673 0.09 -46.96 -5.29
N ARG D 674 -0.05 -46.19 -6.38
CA ARG D 674 -1.04 -45.08 -6.49
C ARG D 674 -2.44 -45.68 -6.37
N LEU D 675 -2.68 -46.77 -7.10
CA LEU D 675 -3.97 -47.52 -7.15
C LEU D 675 -4.25 -48.10 -5.76
N LEU D 676 -3.23 -48.69 -5.12
CA LEU D 676 -3.32 -49.22 -3.73
C LEU D 676 -3.81 -48.11 -2.78
N LEU D 677 -3.26 -46.90 -2.89
CA LEU D 677 -3.58 -45.76 -2.00
C LEU D 677 -4.99 -45.23 -2.32
N LEU D 678 -5.37 -45.21 -3.60
CA LEU D 678 -6.74 -44.83 -4.02
C LEU D 678 -7.75 -45.83 -3.44
N ILE D 679 -7.51 -47.14 -3.60
CA ILE D 679 -8.36 -48.22 -3.00
C ILE D 679 -8.54 -47.93 -1.50
N GLN D 680 -7.43 -47.64 -0.80
CA GLN D 680 -7.41 -47.29 0.64
C GLN D 680 -8.33 -46.08 0.89
N ALA D 681 -8.33 -45.10 -0.01
CA ALA D 681 -9.16 -43.87 0.12
C ALA D 681 -10.64 -44.24 0.07
N LEU D 682 -11.02 -45.15 -0.83
CA LEU D 682 -12.39 -45.73 -0.93
C LEU D 682 -12.69 -46.52 0.34
N LYS D 683 -11.73 -47.31 0.82
CA LYS D 683 -11.90 -48.12 2.06
C LYS D 683 -12.09 -47.20 3.28
N ASP D 684 -11.45 -46.03 3.30
CA ASP D 684 -11.48 -45.04 4.40
C ASP D 684 -12.69 -44.13 4.28
N ARG D 685 -13.42 -44.20 3.16
CA ARG D 685 -14.53 -43.28 2.81
C ARG D 685 -13.98 -41.85 2.83
N LYS D 686 -12.91 -41.62 2.06
CA LYS D 686 -12.23 -40.30 1.92
C LYS D 686 -12.48 -39.74 0.52
N GLY D 687 -13.49 -40.26 -0.19
CA GLY D 687 -14.01 -39.72 -1.46
C GLY D 687 -12.89 -39.30 -2.40
N PRO D 688 -12.12 -40.26 -2.95
CA PRO D 688 -11.01 -39.93 -3.85
C PRO D 688 -11.50 -39.52 -5.24
N TRP D 689 -10.84 -38.51 -5.82
CA TRP D 689 -11.05 -38.03 -7.21
C TRP D 689 -9.78 -38.30 -8.03
N VAL D 690 -9.96 -38.70 -9.28
CA VAL D 690 -8.85 -38.94 -10.26
C VAL D 690 -9.00 -37.93 -11.40
N PHE D 691 -7.91 -37.72 -12.14
CA PHE D 691 -7.80 -36.70 -13.23
C PHE D 691 -7.61 -37.41 -14.57
N ASP D 692 -6.89 -38.53 -14.59
CA ASP D 692 -6.65 -39.38 -15.79
C ASP D 692 -6.42 -40.82 -15.35
N LEU D 693 -7.50 -41.54 -15.02
CA LEU D 693 -7.45 -42.94 -14.51
C LEU D 693 -6.82 -43.85 -15.58
N GLU D 694 -7.22 -43.71 -16.85
CA GLU D 694 -6.76 -44.61 -17.95
C GLU D 694 -5.28 -44.37 -18.25
N GLY D 695 -4.78 -43.15 -18.00
CA GLY D 695 -3.34 -42.83 -18.05
C GLY D 695 -2.59 -43.50 -16.91
N MET D 696 -3.22 -43.63 -15.75
CA MET D 696 -2.64 -44.28 -14.54
C MET D 696 -2.50 -45.80 -14.79
N TYR D 697 -3.50 -46.42 -15.43
CA TYR D 697 -3.49 -47.86 -15.79
C TYR D 697 -2.40 -48.15 -16.83
N SER D 698 -2.20 -47.25 -17.81
CA SER D 698 -1.16 -47.36 -18.87
C SER D 698 0.21 -47.55 -18.22
N GLY D 699 0.55 -46.68 -17.27
CA GLY D 699 1.85 -46.67 -16.54
C GLY D 699 2.08 -47.97 -15.79
N ILE D 700 1.01 -48.58 -15.26
CA ILE D 700 1.05 -49.91 -14.57
C ILE D 700 1.23 -51.02 -15.61
N GLU D 701 0.37 -51.04 -16.63
CA GLU D 701 0.18 -52.20 -17.54
C GLU D 701 1.36 -52.34 -18.51
N GLU D 702 2.05 -51.24 -18.85
CA GLU D 702 3.25 -51.29 -19.72
C GLU D 702 4.39 -52.02 -19.01
N CYS D 703 4.29 -52.22 -17.68
CA CYS D 703 5.31 -52.92 -16.83
C CYS D 703 4.99 -54.42 -16.70
N ILE D 704 3.86 -54.87 -17.24
CA ILE D 704 3.40 -56.30 -17.17
C ILE D 704 3.74 -56.97 -18.50
N SER D 705 4.84 -57.74 -18.54
CA SER D 705 5.38 -58.38 -19.76
C SER D 705 5.76 -59.85 -19.49
N ASN D 706 6.96 -60.12 -18.98
CA ASN D 706 7.49 -61.50 -18.80
C ASN D 706 8.15 -61.67 -17.42
N ASN D 707 7.92 -60.76 -16.47
CA ASN D 707 8.43 -60.89 -15.08
C ASN D 707 7.46 -61.79 -14.31
N PRO D 708 7.84 -63.04 -13.97
CA PRO D 708 6.94 -63.97 -13.28
C PRO D 708 6.26 -63.37 -12.04
N TRP D 709 6.99 -62.52 -11.29
CA TRP D 709 6.49 -61.93 -10.02
C TRP D 709 5.48 -60.80 -10.32
N VAL D 710 5.73 -60.00 -11.35
CA VAL D 710 4.84 -58.86 -11.75
C VAL D 710 3.49 -59.44 -12.17
N ILE D 711 3.52 -60.46 -13.03
CA ILE D 711 2.32 -61.11 -13.63
C ILE D 711 1.48 -61.73 -12.50
N GLN D 712 2.12 -62.38 -11.52
CA GLN D 712 1.43 -63.03 -10.37
C GLN D 712 0.93 -61.96 -9.40
N SER D 713 1.72 -60.91 -9.17
CA SER D 713 1.34 -59.74 -8.33
C SER D 713 0.08 -59.08 -8.92
N ALA D 714 0.04 -58.91 -10.26
CA ALA D 714 -1.11 -58.36 -11.00
C ALA D 714 -2.35 -59.25 -10.79
N TYR D 715 -2.16 -60.57 -10.88
CA TYR D 715 -3.21 -61.59 -10.63
C TYR D 715 -3.73 -61.44 -9.20
N TRP D 716 -2.82 -61.40 -8.22
CA TRP D 716 -3.15 -61.30 -6.77
C TRP D 716 -3.90 -59.98 -6.48
N PHE D 717 -3.42 -58.87 -7.05
CA PHE D 717 -4.01 -57.51 -6.93
C PHE D 717 -5.50 -57.57 -7.30
N ASN D 718 -5.80 -58.17 -8.46
CA ASN D 718 -7.17 -58.30 -9.01
C ASN D 718 -8.01 -59.20 -8.10
N GLU D 719 -7.44 -60.32 -7.65
CA GLU D 719 -8.10 -61.25 -6.69
C GLU D 719 -8.51 -60.45 -5.44
N TRP D 720 -7.54 -59.81 -4.76
CA TRP D 720 -7.75 -59.01 -3.52
C TRP D 720 -8.76 -57.88 -3.75
N LEU D 721 -8.63 -57.20 -4.91
CA LEU D 721 -9.56 -56.11 -5.32
C LEU D 721 -11.01 -56.63 -5.30
N GLY D 722 -11.24 -57.79 -5.90
CA GLY D 722 -12.57 -58.46 -5.94
C GLY D 722 -13.17 -58.63 -4.55
N PHE D 723 -12.37 -59.13 -3.60
CA PHE D 723 -12.74 -59.30 -2.17
C PHE D 723 -12.93 -57.95 -1.48
N GLU D 724 -12.13 -56.93 -1.83
CA GLU D 724 -12.29 -55.57 -1.27
C GLU D 724 -13.62 -54.98 -1.74
N LYS D 725 -13.97 -55.15 -3.02
CA LYS D 725 -15.24 -54.66 -3.63
C LYS D 725 -16.44 -55.29 -2.89
N GLU D 726 -16.36 -56.58 -2.57
CA GLU D 726 -17.43 -57.33 -1.86
C GLU D 726 -17.61 -56.74 -0.46
N GLY D 727 -16.52 -56.47 0.24
CA GLY D 727 -16.50 -55.88 1.60
C GLY D 727 -17.15 -54.50 1.62
N SER D 728 -16.90 -53.67 0.59
CA SER D 728 -17.38 -52.26 0.49
C SER D 728 -18.90 -52.21 0.57
N LYS D 729 -19.60 -53.29 0.21
CA LYS D 729 -21.08 -53.38 0.19
C LYS D 729 -21.64 -53.27 1.61
N VAL D 730 -20.84 -53.59 2.63
CA VAL D 730 -21.22 -53.49 4.07
C VAL D 730 -21.24 -52.02 4.49
N LEU D 731 -20.41 -51.18 3.85
CA LEU D 731 -20.18 -49.75 4.23
C LEU D 731 -21.21 -48.83 3.57
N GLU D 732 -21.73 -49.19 2.40
CA GLU D 732 -22.62 -48.29 1.60
C GLU D 732 -24.02 -48.23 2.24
N SER D 733 -24.33 -49.13 3.17
CA SER D 733 -25.64 -49.20 3.90
C SER D 733 -25.50 -48.66 5.33
N VAL D 734 -24.43 -47.90 5.62
CA VAL D 734 -24.17 -47.27 6.95
C VAL D 734 -24.72 -45.84 6.92
N ASP D 735 -25.62 -45.51 7.86
CA ASP D 735 -26.25 -44.17 8.03
C ASP D 735 -27.06 -43.82 6.77
N GLU D 736 -27.92 -44.73 6.32
CA GLU D 736 -28.59 -44.68 4.99
C GLU D 736 -30.03 -45.21 5.12
N GLY E 9 -6.67 -76.71 -2.91
CA GLY E 9 -5.49 -76.23 -2.13
C GLY E 9 -5.60 -74.76 -1.75
N MET E 10 -5.03 -74.38 -0.62
CA MET E 10 -5.01 -72.97 -0.11
C MET E 10 -3.93 -72.19 -0.87
N ASN E 11 -4.31 -71.08 -1.49
CA ASN E 11 -3.42 -70.23 -2.35
C ASN E 11 -3.18 -68.89 -1.64
N ILE E 12 -1.93 -68.64 -1.24
CA ILE E 12 -1.50 -67.40 -0.53
C ILE E 12 -1.62 -66.19 -1.48
N ASN E 13 -2.13 -65.07 -0.96
CA ASN E 13 -2.17 -63.76 -1.68
C ASN E 13 -1.55 -62.69 -0.79
N PRO E 14 -0.31 -62.24 -1.08
CA PRO E 14 0.40 -61.30 -0.21
C PRO E 14 -0.30 -59.93 -0.06
N TYR E 15 -1.18 -59.58 -0.99
CA TYR E 15 -2.03 -58.35 -0.94
C TYR E 15 -3.11 -58.48 0.14
N PHE E 16 -3.40 -59.70 0.63
CA PHE E 16 -4.48 -59.92 1.64
C PHE E 16 -4.09 -59.30 2.99
N LEU E 17 -2.79 -59.10 3.22
CA LEU E 17 -2.25 -58.33 4.39
C LEU E 17 -3.02 -57.01 4.54
N PHE E 18 -3.35 -56.37 3.41
CA PHE E 18 -3.99 -55.03 3.33
C PHE E 18 -5.47 -55.11 3.77
N ILE E 19 -6.05 -56.31 3.86
CA ILE E 19 -7.41 -56.50 4.46
C ILE E 19 -7.32 -56.19 5.96
N ASP E 20 -6.22 -56.60 6.59
CA ASP E 20 -5.99 -56.57 8.06
C ASP E 20 -5.18 -55.34 8.46
N VAL E 21 -4.33 -54.80 7.56
CA VAL E 21 -3.45 -53.65 7.84
C VAL E 21 -3.67 -52.58 6.76
N PRO E 22 -3.85 -51.28 7.12
CA PRO E 22 -3.94 -50.22 6.12
C PRO E 22 -2.68 -50.09 5.28
N ILE E 23 -2.84 -49.77 3.99
CA ILE E 23 -1.72 -49.73 3.00
C ILE E 23 -0.57 -48.86 3.55
N GLN E 24 -0.86 -47.64 4.01
CA GLN E 24 0.17 -46.74 4.61
C GLN E 24 0.87 -47.46 5.76
N ALA E 25 0.13 -48.20 6.58
CA ALA E 25 0.64 -48.90 7.79
C ALA E 25 1.55 -50.07 7.37
N ALA E 26 1.45 -50.54 6.11
CA ALA E 26 2.29 -51.61 5.54
C ALA E 26 2.93 -51.17 4.22
N ILE E 27 3.26 -49.88 4.10
CA ILE E 27 3.70 -49.26 2.81
C ILE E 27 5.10 -49.76 2.45
N SER E 28 5.90 -50.15 3.46
CA SER E 28 7.29 -50.65 3.30
C SER E 28 7.30 -51.91 2.42
N THR E 29 6.29 -52.76 2.55
CA THR E 29 6.19 -54.06 1.82
C THR E 29 6.01 -53.82 0.31
N THR E 30 5.61 -52.61 -0.10
CA THR E 30 5.34 -52.24 -1.51
C THR E 30 6.60 -51.68 -2.20
N PHE E 31 7.72 -51.55 -1.47
CA PHE E 31 9.02 -51.08 -2.00
C PHE E 31 9.96 -52.27 -2.18
N PRO E 32 10.25 -52.70 -3.43
CA PRO E 32 11.06 -53.89 -3.68
C PRO E 32 12.57 -53.59 -3.67
N TYR E 33 13.09 -53.12 -2.53
CA TYR E 33 14.43 -52.50 -2.41
C TYR E 33 15.45 -53.55 -1.96
N THR E 34 15.08 -54.84 -2.03
CA THR E 34 16.00 -56.01 -1.98
C THR E 34 16.35 -56.45 -3.41
N GLY E 35 15.57 -55.97 -4.40
CA GLY E 35 15.85 -56.19 -5.83
C GLY E 35 17.03 -55.36 -6.31
N VAL E 36 17.60 -55.71 -7.47
CA VAL E 36 18.68 -54.94 -8.14
C VAL E 36 18.05 -53.72 -8.81
N PRO E 37 18.54 -52.49 -8.56
CA PRO E 37 18.01 -51.31 -9.25
C PRO E 37 18.41 -51.36 -10.72
N PRO E 38 17.60 -50.80 -11.65
CA PRO E 38 17.89 -50.88 -13.07
C PRO E 38 19.15 -50.09 -13.46
N TYR E 39 20.03 -50.72 -14.24
CA TYR E 39 21.25 -50.10 -14.84
C TYR E 39 21.08 -50.03 -16.36
N SER E 40 21.62 -48.98 -16.97
CA SER E 40 21.67 -48.79 -18.44
C SER E 40 22.92 -49.48 -19.00
N HIS E 41 22.84 -49.97 -20.23
CA HIS E 41 23.95 -50.59 -21.00
C HIS E 41 24.21 -49.74 -22.25
N GLY E 42 25.49 -49.58 -22.63
CA GLY E 42 25.90 -48.86 -23.85
C GLY E 42 25.59 -47.38 -23.80
N THR E 43 25.02 -46.84 -24.89
CA THR E 43 24.93 -45.38 -25.19
C THR E 43 23.74 -44.74 -24.48
N GLY E 44 23.83 -43.44 -24.21
CA GLY E 44 22.73 -42.59 -23.70
C GLY E 44 22.25 -41.59 -24.75
N THR E 45 22.80 -41.66 -25.95
CA THR E 45 22.50 -40.76 -27.10
C THR E 45 21.01 -40.86 -27.44
N GLY E 46 20.47 -42.08 -27.48
CA GLY E 46 19.04 -42.35 -27.73
C GLY E 46 18.16 -41.58 -26.77
N TYR E 47 18.51 -41.58 -25.47
CA TYR E 47 17.75 -40.92 -24.39
C TYR E 47 17.98 -39.40 -24.42
N THR E 48 19.23 -38.96 -24.66
CA THR E 48 19.58 -37.52 -24.73
C THR E 48 18.83 -36.88 -25.89
N ILE E 49 18.87 -37.51 -27.08
CA ILE E 49 18.14 -37.03 -28.30
C ILE E 49 16.64 -36.94 -27.99
N ASP E 50 16.08 -37.90 -27.22
CA ASP E 50 14.66 -37.90 -26.78
C ASP E 50 14.37 -36.58 -26.04
N THR E 51 15.22 -36.24 -25.07
CA THR E 51 15.10 -35.03 -24.24
C THR E 51 15.12 -33.78 -25.14
N VAL E 52 16.12 -33.71 -26.03
CA VAL E 52 16.30 -32.56 -26.99
C VAL E 52 15.01 -32.39 -27.80
N ILE E 53 14.43 -33.50 -28.28
CA ILE E 53 13.21 -33.50 -29.14
C ILE E 53 12.00 -33.07 -28.29
N ARG E 54 11.75 -33.77 -27.17
CA ARG E 54 10.59 -33.49 -26.29
C ARG E 54 10.64 -32.03 -25.84
N THR E 55 11.78 -31.59 -25.28
CA THR E 55 11.98 -30.19 -24.79
C THR E 55 11.55 -29.19 -25.86
N HIS E 56 11.84 -29.47 -27.13
CA HIS E 56 11.51 -28.59 -28.30
C HIS E 56 10.05 -28.78 -28.72
N GLU E 57 9.49 -29.97 -28.51
CA GLU E 57 8.07 -30.29 -28.84
C GLU E 57 7.15 -29.44 -27.97
N TYR E 58 7.55 -29.13 -26.73
CA TYR E 58 6.74 -28.39 -25.72
C TYR E 58 6.89 -26.88 -25.89
N SER E 59 7.72 -26.42 -26.84
CA SER E 59 8.03 -24.99 -27.10
C SER E 59 7.98 -24.64 -28.60
N ASN E 60 7.73 -25.62 -29.48
CA ASN E 60 7.87 -25.46 -30.96
C ASN E 60 6.93 -24.36 -31.49
N LYS E 61 5.80 -24.11 -30.84
CA LYS E 61 4.81 -23.07 -31.23
C LYS E 61 5.30 -21.68 -30.80
N GLY E 62 6.44 -21.59 -30.11
CA GLY E 62 7.08 -20.33 -29.71
C GLY E 62 7.90 -19.74 -30.85
N LYS E 63 8.71 -18.71 -30.54
CA LYS E 63 9.57 -18.01 -31.52
C LYS E 63 10.83 -18.85 -31.78
N GLN E 64 11.13 -19.12 -33.05
CA GLN E 64 12.38 -19.80 -33.48
C GLN E 64 13.29 -18.76 -34.16
N TYR E 65 14.58 -18.75 -33.81
CA TYR E 65 15.58 -17.83 -34.41
C TYR E 65 16.98 -18.45 -34.34
N ILE E 66 17.97 -17.84 -35.00
CA ILE E 66 19.38 -18.31 -34.97
C ILE E 66 20.17 -17.39 -34.03
N SER E 67 20.96 -17.98 -33.13
CA SER E 67 21.89 -17.25 -32.23
C SER E 67 23.01 -16.63 -33.09
N ASP E 68 23.24 -15.31 -32.97
CA ASP E 68 24.30 -14.59 -33.73
C ASP E 68 25.63 -14.71 -32.98
N VAL E 69 25.67 -15.50 -31.90
CA VAL E 69 26.90 -15.78 -31.08
C VAL E 69 27.45 -17.17 -31.46
N THR E 70 26.59 -18.19 -31.48
CA THR E 70 26.96 -19.62 -31.69
C THR E 70 26.46 -20.15 -33.04
N GLY E 71 25.48 -19.50 -33.66
CA GLY E 71 24.84 -19.97 -34.91
C GLY E 71 23.83 -21.06 -34.64
N CYS E 72 23.52 -21.31 -33.36
CA CYS E 72 22.60 -22.40 -32.90
C CYS E 72 21.14 -21.99 -33.14
N THR E 73 20.28 -22.99 -33.34
CA THR E 73 18.81 -22.85 -33.50
C THR E 73 18.19 -22.69 -32.10
N MET E 74 17.61 -21.52 -31.83
CA MET E 74 17.05 -21.12 -30.51
C MET E 74 15.52 -21.05 -30.62
N VAL E 75 14.84 -21.65 -29.65
CA VAL E 75 13.36 -21.65 -29.50
C VAL E 75 13.00 -20.99 -28.16
N ASP E 76 12.06 -20.04 -28.19
CA ASP E 76 11.59 -19.25 -27.03
C ASP E 76 10.08 -19.44 -26.89
N PRO E 77 9.61 -20.29 -25.94
CA PRO E 77 8.18 -20.44 -25.69
C PRO E 77 7.57 -19.36 -24.78
N THR E 78 8.40 -18.66 -23.99
CA THR E 78 7.96 -17.65 -22.99
C THR E 78 7.18 -16.53 -23.71
N ASN E 79 6.04 -16.14 -23.16
CA ASN E 79 5.07 -15.17 -23.76
C ASN E 79 4.55 -15.73 -25.10
N GLY E 80 4.65 -17.04 -25.30
CA GLY E 80 4.15 -17.73 -26.51
C GLY E 80 2.65 -17.90 -26.44
N PRO E 81 2.02 -18.61 -27.41
CA PRO E 81 0.58 -18.82 -27.41
C PRO E 81 0.14 -19.79 -26.29
N LEU E 82 -0.93 -19.45 -25.57
CA LEU E 82 -1.52 -20.31 -24.50
C LEU E 82 -1.93 -21.64 -25.11
N PRO E 83 -1.70 -22.78 -24.41
CA PRO E 83 -2.00 -24.10 -24.95
C PRO E 83 -3.52 -24.32 -25.11
N GLU E 84 -3.91 -25.21 -26.03
CA GLU E 84 -5.34 -25.57 -26.29
C GLU E 84 -5.56 -27.06 -26.00
N ASP E 85 -4.62 -27.71 -25.30
CA ASP E 85 -4.69 -29.14 -24.94
C ASP E 85 -4.01 -29.35 -23.57
N ASN E 86 -3.96 -30.60 -23.10
CA ASN E 86 -3.42 -30.97 -21.78
C ASN E 86 -2.03 -31.62 -21.94
N GLU E 87 -1.34 -31.33 -23.04
CA GLU E 87 0.06 -31.78 -23.29
C GLU E 87 1.01 -30.86 -22.53
N PRO E 88 2.27 -31.29 -22.28
CA PRO E 88 3.23 -30.44 -21.57
C PRO E 88 3.44 -29.11 -22.32
N SER E 89 3.16 -27.99 -21.64
CA SER E 89 3.28 -26.60 -22.14
C SER E 89 4.47 -25.90 -21.48
N ALA E 90 5.30 -25.23 -22.28
CA ALA E 90 6.44 -24.40 -21.82
C ALA E 90 6.11 -22.91 -22.02
N TYR E 91 4.87 -22.61 -22.43
CA TYR E 91 4.43 -21.25 -22.85
C TYR E 91 4.02 -20.47 -21.58
N ALA E 92 5.02 -20.17 -20.75
CA ALA E 92 4.88 -19.39 -19.50
C ALA E 92 4.74 -17.91 -19.86
N GLN E 93 3.80 -17.22 -19.21
CA GLN E 93 3.50 -15.78 -19.44
C GLN E 93 4.24 -14.96 -18.37
N LEU E 94 5.22 -14.15 -18.80
CA LEU E 94 6.06 -13.29 -17.91
C LEU E 94 5.16 -12.53 -16.93
N ASP E 95 4.09 -11.90 -17.43
CA ASP E 95 3.10 -11.13 -16.63
C ASP E 95 2.66 -11.94 -15.40
N CYS E 96 2.20 -13.17 -15.61
CA CYS E 96 1.63 -14.06 -14.56
C CYS E 96 2.72 -14.47 -13.57
N VAL E 97 3.93 -14.77 -14.07
CA VAL E 97 5.13 -15.07 -13.23
C VAL E 97 5.40 -13.86 -12.33
N LEU E 98 5.44 -12.65 -12.91
CA LEU E 98 5.69 -11.38 -12.18
C LEU E 98 4.56 -11.12 -11.18
N GLU E 99 3.31 -11.44 -11.54
CA GLU E 99 2.13 -11.26 -10.65
C GLU E 99 2.21 -12.25 -9.49
N ALA E 100 2.66 -13.48 -9.75
CA ALA E 100 2.86 -14.53 -8.72
C ALA E 100 3.95 -14.07 -7.74
N LEU E 101 5.07 -13.56 -8.25
CA LEU E 101 6.21 -13.07 -7.43
C LEU E 101 5.82 -11.79 -6.68
N ASP E 102 4.97 -10.93 -7.28
CA ASP E 102 4.47 -9.70 -6.61
C ASP E 102 3.63 -10.10 -5.39
N ARG E 103 2.80 -11.13 -5.54
CA ARG E 103 1.87 -11.65 -4.50
C ARG E 103 2.69 -12.26 -3.35
N MET E 104 3.82 -12.89 -3.66
CA MET E 104 4.79 -13.44 -2.67
C MET E 104 5.42 -12.28 -1.88
N ASP E 105 5.84 -11.23 -2.60
CA ASP E 105 6.50 -10.01 -2.04
C ASP E 105 5.55 -9.31 -1.05
N GLU E 106 4.26 -9.24 -1.36
CA GLU E 106 3.20 -8.69 -0.46
C GLU E 106 3.15 -9.50 0.83
N GLU E 107 3.07 -10.83 0.71
CA GLU E 107 2.90 -11.78 1.86
C GLU E 107 4.21 -11.85 2.67
N HIS E 108 5.36 -11.55 2.07
CA HIS E 108 6.68 -11.60 2.73
C HIS E 108 7.43 -10.28 2.52
N PRO E 109 7.00 -9.18 3.20
CA PRO E 109 7.60 -7.87 2.99
C PRO E 109 9.07 -7.81 3.44
N GLY E 110 9.98 -7.42 2.54
CA GLY E 110 11.42 -7.26 2.81
C GLY E 110 12.21 -8.54 2.55
N LEU E 111 11.53 -9.65 2.27
CA LEU E 111 12.16 -10.98 2.09
C LEU E 111 13.07 -10.96 0.87
N PHE E 112 12.59 -10.43 -0.26
CA PHE E 112 13.32 -10.38 -1.55
C PHE E 112 14.60 -9.56 -1.40
N GLN E 113 14.56 -8.44 -0.66
CA GLN E 113 15.73 -7.54 -0.46
C GLN E 113 16.66 -8.18 0.59
N ALA E 114 16.10 -8.76 1.66
CA ALA E 114 16.87 -9.48 2.72
C ALA E 114 17.68 -10.61 2.08
N ALA E 115 17.00 -11.47 1.32
CA ALA E 115 17.57 -12.64 0.60
C ALA E 115 18.70 -12.18 -0.33
N SER E 116 18.45 -11.11 -1.10
CA SER E 116 19.40 -10.51 -2.07
C SER E 116 20.63 -9.96 -1.33
N GLN E 117 20.41 -9.27 -0.21
CA GLN E 117 21.49 -8.66 0.62
C GLN E 117 22.36 -9.78 1.22
N ASN E 118 21.72 -10.74 1.91
CA ASN E 118 22.42 -11.90 2.54
C ASN E 118 23.25 -12.64 1.50
N ALA E 119 22.65 -12.99 0.35
CA ALA E 119 23.31 -13.71 -0.77
C ALA E 119 24.49 -12.90 -1.29
N MET E 120 24.31 -11.59 -1.47
CA MET E 120 25.34 -10.66 -2.01
C MET E 120 26.52 -10.58 -1.04
N GLU E 121 26.23 -10.42 0.26
CA GLU E 121 27.28 -10.29 1.31
C GLU E 121 28.11 -11.57 1.39
N THR E 122 27.45 -12.73 1.32
CA THR E 122 28.05 -14.09 1.29
C THR E 122 28.99 -14.19 0.09
N LEU E 123 28.57 -13.67 -1.07
CA LEU E 123 29.34 -13.72 -2.34
C LEU E 123 30.64 -12.92 -2.19
N MET E 124 30.56 -11.72 -1.61
CA MET E 124 31.70 -10.80 -1.36
C MET E 124 32.74 -11.50 -0.46
N VAL E 125 32.28 -12.39 0.42
CA VAL E 125 33.11 -13.16 1.40
C VAL E 125 33.55 -14.50 0.77
N THR E 126 32.83 -15.02 -0.23
CA THR E 126 33.09 -16.35 -0.85
C THR E 126 34.41 -16.35 -1.63
N THR E 127 35.26 -17.35 -1.35
CA THR E 127 36.57 -17.60 -2.03
C THR E 127 36.37 -18.64 -3.15
N VAL E 128 37.36 -18.74 -4.05
CA VAL E 128 37.29 -19.60 -5.28
C VAL E 128 37.22 -21.09 -4.89
N ASP E 129 37.88 -21.49 -3.80
CA ASP E 129 37.99 -22.90 -3.34
C ASP E 129 36.59 -23.49 -3.10
N LYS E 130 35.60 -22.64 -2.79
CA LYS E 130 34.18 -23.03 -2.59
C LYS E 130 33.72 -23.95 -3.72
N LEU E 131 34.18 -23.70 -4.95
CA LEU E 131 33.78 -24.45 -6.18
C LEU E 131 34.31 -25.89 -6.16
N THR E 132 35.16 -26.27 -5.20
CA THR E 132 35.66 -27.66 -5.04
C THR E 132 34.60 -28.52 -4.35
N GLN E 133 33.56 -27.91 -3.77
CA GLN E 133 32.51 -28.63 -2.97
C GLN E 133 31.48 -29.28 -3.89
N GLY E 134 31.53 -29.01 -5.21
CA GLY E 134 30.69 -29.68 -6.22
C GLY E 134 31.05 -31.15 -6.38
N ARG E 135 30.24 -31.91 -7.12
CA ARG E 135 30.50 -33.33 -7.46
C ARG E 135 31.17 -33.36 -8.85
N GLN E 136 30.88 -34.39 -9.66
CA GLN E 136 31.38 -34.50 -11.06
C GLN E 136 31.00 -33.25 -11.83
N THR E 137 31.97 -32.66 -12.54
CA THR E 137 31.84 -31.41 -13.33
C THR E 137 32.40 -31.66 -14.74
N PHE E 138 31.76 -31.10 -15.77
CA PHE E 138 32.23 -31.17 -17.17
C PHE E 138 33.47 -30.28 -17.31
N ASP E 139 34.60 -30.87 -17.74
CA ASP E 139 35.88 -30.15 -17.93
C ASP E 139 36.05 -29.87 -19.43
N TRP E 140 35.80 -28.61 -19.84
CA TRP E 140 35.86 -28.13 -21.25
C TRP E 140 37.26 -28.35 -21.85
N THR E 141 38.30 -28.48 -21.01
CA THR E 141 39.71 -28.63 -21.45
C THR E 141 39.96 -30.05 -21.98
N VAL E 142 39.27 -31.07 -21.44
CA VAL E 142 39.42 -32.50 -21.82
C VAL E 142 38.11 -33.05 -22.41
N CYS E 143 37.06 -32.23 -22.48
CA CYS E 143 35.70 -32.59 -22.98
C CYS E 143 35.23 -33.91 -22.35
N ARG E 144 35.45 -34.08 -21.05
CA ARG E 144 34.89 -35.20 -20.23
C ARG E 144 34.62 -34.68 -18.81
N ASN E 145 33.93 -35.48 -18.00
CA ASN E 145 33.60 -35.15 -16.59
C ASN E 145 34.83 -35.46 -15.73
N GLN E 146 35.19 -34.53 -14.84
CA GLN E 146 36.22 -34.75 -13.78
C GLN E 146 35.65 -34.23 -12.47
N PRO E 147 36.26 -34.54 -11.30
CA PRO E 147 35.86 -33.92 -10.03
C PRO E 147 35.91 -32.38 -10.13
N ALA E 148 35.11 -31.71 -9.31
CA ALA E 148 34.98 -30.23 -9.26
C ALA E 148 36.36 -29.58 -9.08
N ALA E 149 37.16 -30.09 -8.14
CA ALA E 149 38.48 -29.54 -7.75
C ALA E 149 39.48 -29.65 -8.91
N THR E 150 39.36 -30.71 -9.72
CA THR E 150 40.22 -30.97 -10.92
C THR E 150 39.84 -29.99 -12.03
N ALA E 151 38.55 -29.95 -12.38
CA ALA E 151 37.97 -29.06 -13.43
C ALA E 151 38.30 -27.60 -13.13
N LEU E 152 38.23 -27.21 -11.85
CA LEU E 152 38.56 -25.85 -11.35
C LEU E 152 40.03 -25.55 -11.62
N ASN E 153 40.93 -26.46 -11.20
CA ASN E 153 42.40 -26.32 -11.35
C ASN E 153 42.73 -26.21 -12.84
N THR E 154 42.26 -27.16 -13.66
CA THR E 154 42.56 -27.19 -15.12
C THR E 154 42.06 -25.91 -15.78
N THR E 155 40.97 -25.31 -15.27
CA THR E 155 40.42 -24.01 -15.75
C THR E 155 41.33 -22.87 -15.30
N ILE E 156 41.69 -22.83 -14.01
CA ILE E 156 42.56 -21.75 -13.43
C ILE E 156 43.91 -21.75 -14.17
N THR E 157 44.57 -22.91 -14.27
CA THR E 157 45.92 -23.05 -14.88
C THR E 157 45.85 -22.66 -16.37
N SER E 158 44.83 -23.14 -17.08
CA SER E 158 44.59 -22.85 -18.53
C SER E 158 44.30 -21.35 -18.72
N PHE E 159 43.57 -20.74 -17.79
CA PHE E 159 43.21 -19.29 -17.81
C PHE E 159 44.48 -18.44 -17.75
N ARG E 160 45.52 -18.91 -17.03
CA ARG E 160 46.82 -18.21 -16.89
C ARG E 160 47.49 -18.06 -18.26
N LEU E 161 47.30 -19.02 -19.16
CA LEU E 161 47.88 -19.00 -20.54
C LEU E 161 47.20 -17.92 -21.39
N ASN E 162 46.10 -17.31 -20.91
CA ASN E 162 45.33 -16.29 -21.69
C ASN E 162 45.26 -14.98 -20.90
N ASP E 163 46.18 -14.77 -19.96
CA ASP E 163 46.34 -13.52 -19.17
C ASP E 163 45.08 -13.29 -18.32
N LEU E 164 44.53 -14.36 -17.75
CA LEU E 164 43.35 -14.34 -16.84
C LEU E 164 43.79 -14.86 -15.47
N ASN E 165 44.14 -13.95 -14.55
CA ASN E 165 44.75 -14.26 -13.23
C ASN E 165 43.86 -13.75 -12.08
N GLY E 166 42.55 -13.59 -12.35
CA GLY E 166 41.54 -13.17 -11.35
C GLY E 166 41.41 -14.16 -10.20
N ALA E 167 41.72 -15.43 -10.45
CA ALA E 167 41.68 -16.53 -9.45
C ALA E 167 42.66 -16.25 -8.32
N ASP E 168 43.80 -15.62 -8.63
CA ASP E 168 44.91 -15.36 -7.65
C ASP E 168 44.44 -14.40 -6.55
N LYS E 169 43.44 -13.55 -6.82
CA LYS E 169 42.91 -12.55 -5.85
C LYS E 169 42.22 -13.26 -4.68
N GLY E 170 41.61 -14.43 -4.92
CA GLY E 170 41.09 -15.33 -3.88
C GLY E 170 39.57 -15.41 -3.86
N GLY E 171 38.90 -14.25 -3.91
CA GLY E 171 37.43 -14.13 -3.94
C GLY E 171 36.83 -14.75 -5.19
N LEU E 172 35.56 -15.17 -5.14
CA LEU E 172 34.85 -15.80 -6.28
C LEU E 172 34.58 -14.77 -7.39
N ILE E 173 34.25 -13.53 -7.01
CA ILE E 173 33.81 -12.44 -7.94
C ILE E 173 34.89 -12.20 -9.01
N PRO E 174 36.16 -11.92 -8.65
CA PRO E 174 37.20 -11.68 -9.64
C PRO E 174 37.50 -12.90 -10.54
N PHE E 175 37.24 -14.12 -10.05
CA PHE E 175 37.34 -15.37 -10.86
C PHE E 175 36.17 -15.42 -11.85
N CYS E 176 34.95 -15.14 -11.38
CA CYS E 176 33.71 -15.07 -12.19
C CYS E 176 33.84 -13.95 -13.25
N GLN E 177 34.56 -12.87 -12.94
CA GLN E 177 34.87 -11.76 -13.88
C GLN E 177 35.72 -12.31 -15.03
N ASP E 178 36.69 -13.18 -14.73
CA ASP E 178 37.56 -13.83 -15.74
C ASP E 178 36.72 -14.75 -16.64
N ILE E 179 35.73 -15.44 -16.06
CA ILE E 179 34.88 -16.45 -16.75
C ILE E 179 34.09 -15.76 -17.87
N ILE E 180 33.43 -14.64 -17.58
CA ILE E 180 32.63 -13.88 -18.59
C ILE E 180 33.58 -13.17 -19.56
N ASP E 181 34.75 -12.74 -19.09
CA ASP E 181 35.76 -12.01 -19.91
C ASP E 181 36.44 -12.99 -20.89
N SER E 182 36.53 -14.28 -20.54
CA SER E 182 37.12 -15.35 -21.39
C SER E 182 36.32 -15.52 -22.68
N LEU E 183 35.02 -15.20 -22.65
CA LEU E 183 34.08 -15.30 -23.79
C LEU E 183 34.43 -14.25 -24.86
N ASP E 184 35.22 -13.23 -24.51
CA ASP E 184 35.63 -12.12 -25.41
C ASP E 184 37.01 -12.40 -26.03
N ARG E 185 37.81 -13.27 -25.42
CA ARG E 185 39.19 -13.61 -25.89
C ARG E 185 39.10 -14.18 -27.31
N PRO E 186 39.83 -13.61 -28.29
CA PRO E 186 39.72 -14.04 -29.69
C PRO E 186 40.13 -15.50 -29.90
N GLU E 187 41.04 -16.02 -29.08
CA GLU E 187 41.49 -17.43 -29.05
C GLU E 187 41.73 -17.87 -27.60
N MET E 188 41.52 -19.15 -27.30
CA MET E 188 41.77 -19.76 -25.97
C MET E 188 42.81 -20.89 -26.11
N THR E 189 43.96 -20.71 -25.47
CA THR E 189 45.01 -21.74 -25.26
C THR E 189 44.74 -22.40 -23.91
N PHE E 190 44.74 -23.74 -23.86
CA PHE E 190 44.42 -24.53 -22.64
C PHE E 190 45.27 -25.79 -22.59
N PHE E 191 45.50 -26.30 -21.38
CA PHE E 191 46.13 -27.61 -21.08
C PHE E 191 45.10 -28.72 -21.27
N SER E 192 45.30 -29.55 -22.30
CA SER E 192 44.44 -30.70 -22.63
C SER E 192 45.22 -32.00 -22.37
N VAL E 193 44.63 -33.15 -22.75
CA VAL E 193 45.26 -34.50 -22.71
C VAL E 193 45.11 -35.13 -24.09
N LYS E 194 46.21 -35.61 -24.66
CA LYS E 194 46.23 -36.40 -25.93
C LYS E 194 47.01 -37.69 -25.66
N ASN E 195 46.52 -38.82 -26.18
CA ASN E 195 47.09 -40.16 -25.87
C ASN E 195 47.82 -40.71 -27.10
N ILE E 196 49.01 -41.25 -26.88
CA ILE E 196 49.87 -41.90 -27.91
C ILE E 196 49.36 -43.33 -28.11
N LYS E 197 48.94 -43.64 -29.35
CA LYS E 197 48.42 -44.96 -29.77
C LYS E 197 49.61 -45.85 -30.17
N LYS E 198 49.82 -46.94 -29.42
CA LYS E 198 50.94 -47.91 -29.60
C LYS E 198 50.38 -49.34 -29.58
N LYS E 199 51.24 -50.34 -29.77
CA LYS E 199 50.91 -51.78 -29.76
C LYS E 199 51.69 -52.48 -28.63
N ILE E 210 46.01 -52.58 -28.70
CA ILE E 210 46.06 -51.09 -28.86
C ILE E 210 46.34 -50.47 -27.48
N LYS E 211 47.61 -50.20 -27.17
CA LYS E 211 48.05 -49.58 -25.89
C LYS E 211 48.04 -48.06 -26.07
N ARG E 212 47.18 -47.34 -25.32
CA ARG E 212 47.09 -45.85 -25.36
C ARG E 212 47.84 -45.27 -24.15
N ILE E 213 48.65 -44.22 -24.38
CA ILE E 213 49.43 -43.52 -23.32
C ILE E 213 49.02 -42.05 -23.33
N PRO E 214 48.08 -41.61 -22.46
CA PRO E 214 47.72 -40.19 -22.35
C PRO E 214 48.89 -39.34 -21.82
N MET E 215 49.07 -38.15 -22.41
CA MET E 215 50.09 -37.15 -21.99
C MET E 215 49.48 -35.74 -22.00
N LYS E 216 49.93 -34.89 -21.09
CA LYS E 216 49.57 -33.45 -20.99
C LYS E 216 50.12 -32.74 -22.23
N VAL E 217 49.28 -31.91 -22.87
CA VAL E 217 49.62 -31.09 -24.06
C VAL E 217 48.97 -29.70 -23.90
N LYS E 218 49.33 -28.79 -24.80
CA LYS E 218 48.68 -27.45 -24.96
C LYS E 218 47.86 -27.48 -26.26
N ASP E 219 46.62 -27.00 -26.22
CA ASP E 219 45.70 -26.93 -27.38
C ASP E 219 45.13 -25.51 -27.47
N LYS E 220 44.91 -25.02 -28.69
CA LYS E 220 44.35 -23.67 -28.98
C LYS E 220 43.00 -23.85 -29.70
N ILE E 221 41.99 -23.09 -29.28
CA ILE E 221 40.61 -23.13 -29.86
C ILE E 221 40.19 -21.67 -30.13
N THR E 222 39.30 -21.45 -31.11
CA THR E 222 38.79 -20.11 -31.49
C THR E 222 37.75 -19.64 -30.46
N LYS E 223 37.39 -18.36 -30.49
CA LYS E 223 36.42 -17.74 -29.55
C LYS E 223 35.08 -18.48 -29.62
N VAL E 224 34.54 -18.64 -30.83
CA VAL E 224 33.22 -19.29 -31.10
C VAL E 224 33.27 -20.74 -30.58
N GLU E 225 34.33 -21.48 -30.94
CA GLU E 225 34.60 -22.86 -30.48
C GLU E 225 34.59 -22.91 -28.95
N TYR E 226 35.27 -21.97 -28.29
CA TYR E 226 35.35 -21.90 -26.80
C TYR E 226 33.97 -21.60 -26.21
N ILE E 227 33.28 -20.56 -26.72
CA ILE E 227 31.92 -20.16 -26.23
C ILE E 227 31.01 -21.40 -26.19
N LYS E 228 30.99 -22.16 -27.28
CA LYS E 228 30.20 -23.40 -27.45
C LYS E 228 30.58 -24.42 -26.36
N ARG E 229 31.88 -24.58 -26.08
CA ARG E 229 32.39 -25.50 -25.02
C ARG E 229 31.92 -25.01 -23.65
N ALA E 230 32.05 -23.71 -23.38
CA ALA E 230 31.69 -23.05 -22.10
C ALA E 230 30.17 -23.13 -21.87
N LEU E 231 29.37 -23.12 -22.95
CA LEU E 231 27.89 -23.23 -22.88
C LEU E 231 27.42 -24.70 -22.86
N SER E 232 28.34 -25.66 -23.04
CA SER E 232 28.02 -27.09 -23.28
C SER E 232 27.70 -27.82 -21.97
N LEU E 233 26.77 -28.79 -22.03
CA LEU E 233 26.46 -29.79 -21.00
C LEU E 233 26.92 -31.16 -21.49
N ASN E 234 27.51 -31.95 -20.60
CA ASN E 234 27.80 -33.40 -20.84
C ASN E 234 26.53 -34.19 -20.49
N THR E 235 26.21 -35.24 -21.24
CA THR E 235 24.98 -36.06 -21.01
C THR E 235 25.37 -37.53 -20.84
N MET E 236 24.76 -38.18 -19.85
CA MET E 236 24.83 -39.64 -19.60
C MET E 236 23.47 -40.12 -19.11
N THR E 237 23.26 -41.43 -19.08
CA THR E 237 22.02 -42.09 -18.60
C THR E 237 22.10 -42.23 -17.07
N LYS E 238 21.00 -41.99 -16.36
CA LYS E 238 20.94 -42.16 -14.89
C LYS E 238 20.86 -43.65 -14.58
N ASP E 239 21.80 -44.15 -13.77
CA ASP E 239 21.90 -45.57 -13.34
C ASP E 239 21.35 -45.72 -11.92
N ALA E 240 20.75 -46.86 -11.62
CA ALA E 240 20.28 -47.29 -10.29
C ALA E 240 19.11 -46.42 -9.80
N GLU E 241 18.35 -45.83 -10.74
CA GLU E 241 17.11 -45.06 -10.39
C GLU E 241 15.97 -46.06 -10.16
N ARG E 242 15.17 -45.82 -9.12
CA ARG E 242 14.16 -46.76 -8.60
C ARG E 242 12.78 -46.36 -9.11
N GLY E 243 11.84 -47.31 -9.15
CA GLY E 243 10.41 -47.09 -9.47
C GLY E 243 10.16 -46.66 -10.91
N LYS E 244 11.01 -47.05 -11.87
CA LYS E 244 10.90 -46.62 -13.29
C LYS E 244 11.29 -47.77 -14.24
N LEU E 245 10.45 -48.03 -15.25
CA LEU E 245 10.65 -49.08 -16.29
C LEU E 245 11.74 -48.64 -17.27
N LYS E 246 11.71 -47.38 -17.73
CA LYS E 246 12.58 -46.86 -18.81
C LYS E 246 13.62 -45.91 -18.22
N ARG E 247 14.82 -45.88 -18.81
CA ARG E 247 15.95 -45.02 -18.38
C ARG E 247 15.70 -43.59 -18.89
N ARG E 248 16.41 -42.61 -18.34
CA ARG E 248 16.31 -41.19 -18.74
C ARG E 248 17.73 -40.60 -18.82
N ALA E 249 17.90 -39.59 -19.67
CA ALA E 249 19.14 -38.80 -19.82
C ALA E 249 19.24 -37.81 -18.66
N ILE E 250 20.44 -37.64 -18.11
CA ILE E 250 20.78 -36.55 -17.15
C ILE E 250 21.96 -35.76 -17.73
N ALA E 251 22.22 -34.55 -17.21
CA ALA E 251 23.23 -33.63 -17.75
C ALA E 251 24.12 -33.11 -16.62
N THR E 252 25.39 -32.83 -16.94
CA THR E 252 26.41 -32.20 -16.08
C THR E 252 26.90 -30.92 -16.77
N ALA E 253 26.93 -29.82 -16.01
CA ALA E 253 27.34 -28.47 -16.45
C ALA E 253 28.85 -28.31 -16.27
N GLY E 254 29.43 -27.31 -16.95
CA GLY E 254 30.85 -26.94 -16.83
C GLY E 254 31.14 -26.28 -15.50
N ILE E 255 32.41 -25.96 -15.24
CA ILE E 255 32.90 -25.30 -13.98
C ILE E 255 32.55 -23.80 -14.04
N GLN E 256 32.56 -23.21 -15.23
CA GLN E 256 32.34 -21.74 -15.46
C GLN E 256 31.06 -21.28 -14.75
N ILE E 257 29.94 -21.97 -14.96
CA ILE E 257 28.57 -21.53 -14.54
C ILE E 257 28.37 -21.77 -13.03
N ARG E 258 29.17 -22.64 -12.41
CA ARG E 258 28.95 -23.16 -11.03
C ARG E 258 28.92 -22.00 -10.03
N GLY E 259 29.85 -21.04 -10.15
CA GLY E 259 29.95 -19.86 -9.27
C GLY E 259 28.68 -19.03 -9.29
N PHE E 260 28.10 -18.83 -10.48
CA PHE E 260 26.87 -18.04 -10.71
C PHE E 260 25.66 -18.80 -10.15
N VAL E 261 25.58 -20.11 -10.44
CA VAL E 261 24.48 -21.01 -9.95
C VAL E 261 24.48 -21.02 -8.42
N LEU E 262 25.67 -21.16 -7.81
CA LEU E 262 25.87 -21.15 -6.34
C LEU E 262 25.13 -19.96 -5.71
N VAL E 263 25.32 -18.76 -6.26
CA VAL E 263 24.76 -17.48 -5.73
C VAL E 263 23.25 -17.44 -5.94
N VAL E 264 22.77 -17.85 -7.12
CA VAL E 264 21.32 -17.86 -7.47
C VAL E 264 20.60 -18.86 -6.56
N GLU E 265 21.20 -20.02 -6.29
CA GLU E 265 20.64 -21.06 -5.39
C GLU E 265 20.68 -20.56 -3.94
N ASN E 266 21.75 -19.87 -3.56
CA ASN E 266 21.92 -19.24 -2.21
C ASN E 266 20.82 -18.19 -2.02
N LEU E 267 20.55 -17.38 -3.05
CA LEU E 267 19.46 -16.37 -3.07
C LEU E 267 18.11 -17.06 -2.85
N ALA E 268 17.85 -18.13 -3.61
CA ALA E 268 16.58 -18.90 -3.59
C ALA E 268 16.41 -19.61 -2.25
N LYS E 269 17.51 -20.08 -1.66
CA LYS E 269 17.53 -20.78 -0.33
C LYS E 269 17.02 -19.82 0.74
N ASN E 270 17.54 -18.58 0.75
CA ASN E 270 17.17 -17.50 1.72
C ASN E 270 15.65 -17.28 1.64
N ILE E 271 15.09 -17.21 0.44
CA ILE E 271 13.62 -17.05 0.20
C ILE E 271 12.91 -18.30 0.71
N CYS E 272 13.30 -19.49 0.21
CA CYS E 272 12.69 -20.81 0.54
C CYS E 272 12.62 -21.01 2.06
N GLU E 273 13.69 -20.67 2.79
CA GLU E 273 13.78 -20.81 4.27
C GLU E 273 12.60 -20.11 4.95
N ASN E 274 12.16 -18.97 4.41
CA ASN E 274 11.13 -18.07 5.02
C ASN E 274 9.75 -18.31 4.41
N LEU E 275 9.64 -19.22 3.43
CA LEU E 275 8.34 -19.65 2.84
C LEU E 275 7.77 -20.79 3.68
N GLU E 276 6.54 -20.63 4.19
CA GLU E 276 5.87 -21.59 5.10
C GLU E 276 5.58 -22.90 4.34
N GLN E 277 5.48 -22.84 3.00
CA GLN E 277 5.01 -23.97 2.15
C GLN E 277 6.18 -24.58 1.37
N SER E 278 7.44 -24.20 1.66
CA SER E 278 8.64 -24.82 1.04
C SER E 278 9.05 -26.07 1.83
N GLY E 279 9.18 -27.21 1.14
CA GLY E 279 9.78 -28.45 1.67
C GLY E 279 11.30 -28.45 1.52
N LEU E 280 11.85 -27.45 0.83
CA LEU E 280 13.31 -27.20 0.68
C LEU E 280 13.64 -25.86 1.34
N PRO E 281 14.86 -25.65 1.90
CA PRO E 281 15.92 -26.65 1.91
C PRO E 281 15.83 -27.64 3.08
N VAL E 282 14.84 -27.46 3.97
CA VAL E 282 14.63 -28.33 5.17
C VAL E 282 14.61 -29.80 4.70
N GLY E 283 15.04 -30.71 5.58
CA GLY E 283 15.15 -32.15 5.27
C GLY E 283 14.94 -33.01 6.50
N GLY E 284 14.64 -34.29 6.29
CA GLY E 284 14.45 -35.30 7.36
C GLY E 284 13.35 -34.91 8.34
N ASN E 285 13.70 -34.82 9.63
CA ASN E 285 12.76 -34.61 10.76
C ASN E 285 12.26 -33.17 10.76
N GLU E 286 13.10 -32.20 10.36
CA GLU E 286 12.72 -30.77 10.27
C GLU E 286 11.61 -30.61 9.24
N LYS E 287 11.72 -31.30 8.10
CA LYS E 287 10.69 -31.30 7.01
C LYS E 287 9.38 -31.88 7.57
N LYS E 288 9.46 -33.09 8.15
CA LYS E 288 8.30 -33.86 8.68
C LYS E 288 7.49 -32.97 9.63
N ALA E 289 8.16 -32.36 10.61
CA ALA E 289 7.56 -31.45 11.61
C ALA E 289 6.81 -30.33 10.90
N LYS E 290 7.50 -29.64 9.98
CA LYS E 290 6.98 -28.50 9.19
C LYS E 290 5.72 -28.93 8.43
N LEU E 291 5.78 -30.07 7.72
CA LEU E 291 4.64 -30.58 6.91
C LEU E 291 3.48 -30.96 7.82
N SER E 292 3.77 -31.70 8.90
CA SER E 292 2.75 -32.20 9.87
C SER E 292 2.02 -31.01 10.51
N ASN E 293 2.74 -29.94 10.83
CA ASN E 293 2.17 -28.66 11.36
C ASN E 293 1.24 -28.05 10.31
N ALA E 294 1.71 -27.94 9.06
CA ALA E 294 0.97 -27.33 7.93
C ALA E 294 -0.34 -28.08 7.70
N VAL E 295 -0.35 -29.40 7.87
CA VAL E 295 -1.54 -30.28 7.68
C VAL E 295 -2.53 -30.03 8.83
N ALA E 296 -2.02 -29.92 10.07
CA ALA E 296 -2.81 -29.71 11.30
C ALA E 296 -3.51 -28.34 11.24
N LYS E 297 -2.81 -27.32 10.77
CA LYS E 297 -3.34 -25.94 10.55
C LYS E 297 -4.57 -26.00 9.63
N MET E 298 -4.36 -26.49 8.40
CA MET E 298 -5.38 -26.51 7.31
C MET E 298 -6.57 -27.37 7.73
N LEU E 299 -6.34 -28.42 8.52
CA LEU E 299 -7.40 -29.32 9.07
C LEU E 299 -8.30 -28.53 10.02
N SER E 300 -7.70 -27.82 10.97
CA SER E 300 -8.42 -27.02 12.01
C SER E 300 -9.08 -25.79 11.38
N ASN E 301 -8.42 -25.17 10.38
CA ASN E 301 -8.90 -23.93 9.70
C ASN E 301 -9.82 -24.27 8.52
N CYS E 302 -10.45 -25.46 8.54
CA CYS E 302 -11.48 -25.89 7.57
C CYS E 302 -12.83 -25.30 7.97
N PRO E 303 -13.60 -24.69 7.04
CA PRO E 303 -14.92 -24.15 7.38
C PRO E 303 -15.86 -25.22 7.90
N PRO E 304 -16.61 -24.97 9.01
CA PRO E 304 -17.57 -25.95 9.53
C PRO E 304 -18.72 -26.15 8.53
N GLY E 305 -19.02 -27.41 8.20
CA GLY E 305 -19.99 -27.79 7.15
C GLY E 305 -19.34 -27.95 5.79
N GLY E 306 -18.13 -27.41 5.62
CA GLY E 306 -17.30 -27.52 4.41
C GLY E 306 -16.46 -28.78 4.41
N ILE E 307 -15.58 -28.94 3.41
CA ILE E 307 -14.66 -30.11 3.27
C ILE E 307 -13.25 -29.62 2.92
N SER E 308 -12.23 -30.26 3.51
CA SER E 308 -10.79 -30.08 3.19
C SER E 308 -10.32 -31.28 2.36
N MET E 309 -9.65 -31.03 1.23
CA MET E 309 -9.16 -32.08 0.32
C MET E 309 -7.68 -31.86 0.01
N THR E 310 -6.92 -32.96 -0.10
CA THR E 310 -5.46 -32.98 -0.37
C THR E 310 -5.20 -33.64 -1.72
N VAL E 311 -4.57 -32.90 -2.64
CA VAL E 311 -4.03 -33.42 -3.94
C VAL E 311 -2.61 -33.94 -3.66
N THR E 312 -2.43 -35.26 -3.70
CA THR E 312 -1.10 -35.94 -3.76
C THR E 312 -0.50 -35.62 -5.13
N GLY E 313 0.30 -34.54 -5.21
CA GLY E 313 0.65 -33.91 -6.49
C GLY E 313 1.94 -34.45 -7.09
N ASP E 314 1.93 -34.65 -8.40
CA ASP E 314 3.11 -35.01 -9.23
C ASP E 314 3.12 -34.06 -10.43
N ASN E 315 4.26 -33.45 -10.75
CA ASN E 315 4.43 -32.64 -11.98
C ASN E 315 5.11 -33.50 -13.05
N THR E 316 4.76 -33.28 -14.32
CA THR E 316 5.32 -34.02 -15.50
C THR E 316 6.14 -33.04 -16.35
N LYS E 317 7.29 -33.52 -16.86
CA LYS E 317 8.20 -32.78 -17.77
C LYS E 317 8.65 -31.47 -17.10
N TRP E 318 8.79 -31.52 -15.77
CA TRP E 318 9.20 -30.38 -14.90
C TRP E 318 10.38 -29.65 -15.53
N ASN E 319 11.53 -30.34 -15.65
CA ASN E 319 12.78 -29.76 -16.21
C ASN E 319 12.57 -29.40 -17.69
N GLU E 320 11.90 -30.26 -18.46
CA GLU E 320 11.69 -30.07 -19.92
C GLU E 320 10.97 -28.74 -20.18
N CYS E 321 10.00 -28.37 -19.33
CA CYS E 321 9.08 -27.23 -19.58
C CYS E 321 9.58 -25.93 -18.92
N LEU E 322 10.18 -25.98 -17.73
CA LEU E 322 10.77 -24.79 -17.06
C LEU E 322 11.76 -24.12 -18.01
N ASN E 323 11.86 -22.79 -17.98
CA ASN E 323 12.61 -21.99 -19.00
C ASN E 323 13.60 -21.03 -18.34
N PRO E 324 14.89 -21.06 -18.76
CA PRO E 324 15.91 -20.16 -18.22
C PRO E 324 15.53 -18.68 -18.27
N ARG E 325 14.81 -18.28 -19.32
CA ARG E 325 14.32 -16.90 -19.53
C ARG E 325 13.38 -16.52 -18.38
N ILE E 326 12.64 -17.48 -17.82
CA ILE E 326 11.70 -17.21 -16.69
C ILE E 326 12.53 -16.99 -15.41
N PHE E 327 13.56 -17.82 -15.20
CA PHE E 327 14.51 -17.71 -14.06
C PHE E 327 15.25 -16.37 -14.16
N LEU E 328 15.67 -15.98 -15.37
CA LEU E 328 16.30 -14.66 -15.64
C LEU E 328 15.37 -13.55 -15.11
N ALA E 329 14.07 -13.66 -15.39
CA ALA E 329 13.02 -12.71 -14.92
C ALA E 329 12.91 -12.79 -13.39
N MET E 330 12.93 -14.01 -12.83
CA MET E 330 12.82 -14.24 -11.37
C MET E 330 13.99 -13.54 -10.66
N THR E 331 15.23 -13.73 -11.12
CA THR E 331 16.44 -13.10 -10.54
C THR E 331 16.29 -11.57 -10.63
N GLU E 332 15.80 -11.07 -11.77
CA GLU E 332 15.56 -9.62 -12.02
C GLU E 332 14.56 -9.10 -10.99
N ARG E 333 13.41 -9.75 -10.84
CA ARG E 333 12.31 -9.24 -9.96
C ARG E 333 12.71 -9.42 -8.49
N ILE E 334 13.49 -10.45 -8.15
CA ILE E 334 13.93 -10.72 -6.76
C ILE E 334 14.98 -9.68 -6.33
N THR E 335 15.93 -9.33 -7.21
CA THR E 335 17.05 -8.39 -6.91
C THR E 335 16.67 -6.96 -7.30
N ARG E 336 15.40 -6.59 -7.10
CA ARG E 336 14.82 -5.27 -7.49
C ARG E 336 15.69 -4.13 -6.92
N ASP E 337 15.87 -4.12 -5.59
CA ASP E 337 16.50 -3.01 -4.83
C ASP E 337 17.99 -3.29 -4.60
N SER E 338 18.65 -4.00 -5.52
CA SER E 338 20.05 -4.45 -5.38
C SER E 338 20.98 -3.59 -6.26
N PRO E 339 22.28 -3.49 -5.90
CA PRO E 339 23.28 -2.87 -6.77
C PRO E 339 23.39 -3.55 -8.14
N ILE E 340 23.48 -2.74 -9.20
CA ILE E 340 23.45 -3.17 -10.63
C ILE E 340 24.45 -4.32 -10.84
N TRP E 341 25.62 -4.26 -10.22
CA TRP E 341 26.69 -5.30 -10.34
C TRP E 341 26.12 -6.67 -9.91
N PHE E 342 25.38 -6.70 -8.79
CA PHE E 342 24.85 -7.95 -8.20
C PHE E 342 23.66 -8.45 -9.02
N ARG E 343 22.81 -7.53 -9.48
CA ARG E 343 21.69 -7.84 -10.42
C ARG E 343 22.27 -8.47 -11.69
N ASP E 344 23.37 -7.89 -12.20
CA ASP E 344 24.10 -8.38 -13.40
C ASP E 344 24.74 -9.73 -13.10
N PHE E 345 25.28 -9.93 -11.90
CA PHE E 345 25.91 -11.20 -11.46
C PHE E 345 24.88 -12.35 -11.48
N CYS E 346 23.72 -12.12 -10.85
CA CYS E 346 22.60 -13.10 -10.73
C CYS E 346 22.00 -13.42 -12.10
N SER E 347 22.16 -12.53 -13.09
CA SER E 347 21.53 -12.64 -14.43
C SER E 347 22.30 -13.63 -15.33
N ILE E 348 23.51 -14.01 -14.95
CA ILE E 348 24.47 -14.73 -15.87
C ILE E 348 24.14 -16.22 -15.95
N ALA E 349 23.87 -16.88 -14.81
CA ALA E 349 23.57 -18.32 -14.75
C ALA E 349 22.36 -18.63 -15.64
N PRO E 350 21.21 -17.92 -15.48
CA PRO E 350 20.07 -18.10 -16.39
C PRO E 350 20.39 -17.84 -17.86
N VAL E 351 21.23 -16.83 -18.14
CA VAL E 351 21.61 -16.41 -19.52
C VAL E 351 22.46 -17.50 -20.17
N LEU E 352 23.40 -18.09 -19.43
CA LEU E 352 24.26 -19.20 -19.91
C LEU E 352 23.38 -20.43 -20.20
N PHE E 353 22.36 -20.67 -19.37
CA PHE E 353 21.39 -21.78 -19.55
C PHE E 353 20.48 -21.51 -20.75
N SER E 354 20.12 -20.24 -20.99
CA SER E 354 19.25 -19.84 -22.13
C SER E 354 19.94 -20.17 -23.47
N ASN E 355 21.27 -20.22 -23.49
CA ASN E 355 22.09 -20.45 -24.71
C ASN E 355 22.90 -21.74 -24.58
N LYS E 356 22.39 -22.71 -23.80
CA LYS E 356 23.12 -23.97 -23.49
C LYS E 356 23.05 -24.92 -24.70
N ILE E 357 24.10 -25.72 -24.86
CA ILE E 357 24.28 -26.74 -25.93
C ILE E 357 24.46 -28.09 -25.24
N ALA E 358 23.68 -29.10 -25.62
CA ALA E 358 23.77 -30.49 -25.09
C ALA E 358 24.74 -31.31 -25.94
N ARG E 359 25.77 -31.87 -25.31
CA ARG E 359 26.60 -32.94 -25.93
C ARG E 359 25.76 -34.23 -25.96
N LEU E 360 25.79 -34.97 -27.07
CA LEU E 360 24.83 -36.07 -27.35
C LEU E 360 25.42 -37.44 -27.00
N GLY E 361 26.55 -37.50 -26.30
CA GLY E 361 27.13 -38.75 -25.76
C GLY E 361 27.94 -39.52 -26.79
N LYS E 362 27.94 -40.86 -26.68
CA LYS E 362 28.89 -41.78 -27.37
C LYS E 362 28.45 -42.03 -28.82
N GLY E 363 27.18 -41.77 -29.15
CA GLY E 363 26.58 -42.03 -30.46
C GLY E 363 25.93 -43.40 -30.51
N PHE E 364 25.64 -43.91 -31.71
CA PHE E 364 24.94 -45.21 -31.92
C PHE E 364 25.92 -46.25 -32.47
N MET E 365 25.66 -47.52 -32.14
CA MET E 365 26.47 -48.69 -32.57
C MET E 365 25.71 -49.43 -33.67
N ILE E 366 26.31 -49.57 -34.85
CA ILE E 366 25.81 -50.40 -35.99
C ILE E 366 26.61 -51.71 -36.01
N THR E 367 25.93 -52.81 -36.36
CA THR E 367 26.48 -54.20 -36.31
C THR E 367 26.07 -54.97 -37.56
N SER E 368 26.87 -55.98 -37.91
CA SER E 368 26.54 -57.04 -38.90
C SER E 368 26.41 -58.38 -38.15
N LYS E 369 25.19 -58.90 -38.04
CA LYS E 369 24.88 -60.19 -37.37
C LYS E 369 25.56 -61.34 -38.13
N THR E 370 25.60 -61.23 -39.47
CA THR E 370 26.19 -62.22 -40.41
C THR E 370 27.70 -62.32 -40.18
N LYS E 371 28.41 -61.19 -40.21
CA LYS E 371 29.89 -61.11 -40.12
C LYS E 371 30.34 -61.03 -38.66
N ARG E 372 29.40 -60.89 -37.72
CA ARG E 372 29.66 -60.71 -36.26
C ARG E 372 30.64 -59.55 -36.07
N LEU E 373 30.30 -58.37 -36.60
CA LEU E 373 31.09 -57.12 -36.46
C LEU E 373 30.20 -56.04 -35.83
N LYS E 374 30.81 -55.15 -35.04
CA LYS E 374 30.13 -53.98 -34.42
C LYS E 374 31.03 -52.75 -34.60
N ALA E 375 30.43 -51.55 -34.70
CA ALA E 375 31.16 -50.27 -34.82
C ALA E 375 30.39 -49.16 -34.10
N GLN E 376 31.12 -48.30 -33.39
CA GLN E 376 30.60 -47.08 -32.72
C GLN E 376 30.65 -45.91 -33.73
N ILE E 377 29.48 -45.38 -34.08
CA ILE E 377 29.34 -44.13 -34.90
C ILE E 377 29.19 -42.95 -33.95
N PRO E 378 30.26 -42.13 -33.77
CA PRO E 378 30.17 -40.96 -32.89
C PRO E 378 29.19 -39.91 -33.44
N CYS E 379 28.79 -38.96 -32.58
CA CYS E 379 27.71 -37.97 -32.83
C CYS E 379 28.04 -37.12 -34.05
N PRO E 380 29.28 -36.61 -34.23
CA PRO E 380 29.64 -35.85 -35.44
C PRO E 380 29.30 -36.60 -36.74
N ASP E 381 29.41 -37.93 -36.74
CA ASP E 381 29.22 -38.81 -37.93
C ASP E 381 27.83 -39.44 -37.93
N LEU E 382 26.89 -38.91 -37.13
CA LEU E 382 25.54 -39.52 -36.91
C LEU E 382 24.78 -39.58 -38.24
N PHE E 383 25.01 -38.62 -39.14
CA PHE E 383 24.32 -38.48 -40.44
C PHE E 383 25.24 -38.87 -41.61
N SER E 384 26.41 -39.46 -41.31
CA SER E 384 27.40 -39.95 -42.30
C SER E 384 26.87 -41.21 -43.00
N ILE E 385 25.88 -41.89 -42.40
CA ILE E 385 25.21 -43.09 -43.00
C ILE E 385 23.74 -42.74 -43.26
N PRO E 386 23.08 -43.35 -44.28
CA PRO E 386 21.67 -43.10 -44.55
C PRO E 386 20.78 -43.64 -43.42
N LEU E 387 19.75 -42.87 -43.06
CA LEU E 387 18.90 -43.09 -41.85
C LEU E 387 18.08 -44.38 -42.00
N GLU E 388 18.07 -45.00 -43.19
CA GLU E 388 17.48 -46.34 -43.43
C GLU E 388 18.32 -47.40 -42.69
N ARG E 389 19.60 -47.12 -42.40
CA ARG E 389 20.51 -48.10 -41.74
C ARG E 389 20.38 -48.02 -40.21
N TYR E 390 19.59 -47.08 -39.68
CA TYR E 390 19.18 -47.01 -38.26
C TYR E 390 17.83 -47.72 -38.09
N ASN E 391 17.51 -48.14 -36.87
CA ASN E 391 16.20 -48.77 -36.51
C ASN E 391 15.12 -47.68 -36.55
N GLU E 392 13.85 -48.10 -36.52
CA GLU E 392 12.66 -47.22 -36.73
C GLU E 392 12.65 -46.08 -35.71
N GLU E 393 12.99 -46.36 -34.45
CA GLU E 393 12.89 -45.38 -33.33
C GLU E 393 13.96 -44.30 -33.52
N THR E 394 15.19 -44.70 -33.87
CA THR E 394 16.36 -43.81 -34.06
C THR E 394 16.17 -42.96 -35.34
N ARG E 395 15.74 -43.62 -36.43
CA ARG E 395 15.44 -42.98 -37.74
C ARG E 395 14.48 -41.80 -37.52
N ALA E 396 13.46 -41.98 -36.67
CA ALA E 396 12.43 -40.98 -36.30
C ALA E 396 13.07 -39.85 -35.47
N LYS E 397 13.84 -40.23 -34.44
CA LYS E 397 14.56 -39.30 -33.52
C LYS E 397 15.48 -38.36 -34.31
N LEU E 398 16.39 -38.93 -35.10
CA LEU E 398 17.44 -38.17 -35.84
C LEU E 398 16.80 -37.20 -36.83
N LYS E 399 15.66 -37.57 -37.42
CA LYS E 399 14.89 -36.70 -38.36
C LYS E 399 14.39 -35.46 -37.61
N LYS E 400 13.93 -35.64 -36.36
CA LYS E 400 13.40 -34.54 -35.50
C LYS E 400 14.55 -33.77 -34.85
N LEU E 401 15.73 -34.39 -34.69
CA LEU E 401 16.95 -33.76 -34.13
C LEU E 401 17.55 -32.76 -35.14
N LYS E 402 17.48 -33.08 -36.44
CA LYS E 402 18.15 -32.35 -37.57
C LYS E 402 18.20 -30.85 -37.32
N PRO E 403 17.06 -30.15 -37.12
CA PRO E 403 17.05 -28.69 -37.02
C PRO E 403 17.90 -28.14 -35.86
N PHE E 404 18.08 -28.91 -34.79
CA PHE E 404 18.78 -28.49 -33.54
C PHE E 404 20.19 -29.08 -33.50
N PHE E 405 20.55 -29.93 -34.48
CA PHE E 405 21.86 -30.61 -34.58
C PHE E 405 22.93 -29.61 -35.06
N ASN E 406 24.09 -29.62 -34.40
CA ASN E 406 25.29 -28.84 -34.80
C ASN E 406 26.31 -29.81 -35.43
N GLU E 407 27.05 -29.34 -36.42
CA GLU E 407 27.95 -30.16 -37.27
C GLU E 407 28.96 -30.94 -36.42
N GLU E 408 29.34 -30.41 -35.25
CA GLU E 408 30.36 -31.01 -34.35
C GLU E 408 29.72 -32.05 -33.41
N GLY E 409 28.45 -32.44 -33.63
CA GLY E 409 27.84 -33.60 -32.95
C GLY E 409 27.14 -33.23 -31.64
N THR E 410 26.92 -31.94 -31.39
CA THR E 410 26.15 -31.41 -30.24
C THR E 410 24.78 -30.94 -30.73
N ALA E 411 23.87 -30.63 -29.80
CA ALA E 411 22.52 -30.11 -30.11
C ALA E 411 22.30 -28.79 -29.37
N SER E 412 21.62 -27.83 -30.00
CA SER E 412 21.16 -26.58 -29.35
C SER E 412 19.99 -26.92 -28.42
N LEU E 413 19.98 -26.39 -27.19
CA LEU E 413 18.91 -26.70 -26.20
C LEU E 413 18.61 -25.44 -25.38
N SER E 414 18.08 -24.40 -26.04
CA SER E 414 17.72 -23.10 -25.43
C SER E 414 16.63 -23.29 -24.37
N PRO E 415 15.52 -24.02 -24.66
CA PRO E 415 14.46 -24.22 -23.67
C PRO E 415 14.83 -25.35 -22.72
N GLY E 416 14.07 -25.50 -21.63
CA GLY E 416 14.24 -26.60 -20.66
C GLY E 416 15.40 -26.38 -19.70
N MET E 417 15.51 -27.25 -18.70
CA MET E 417 16.55 -27.24 -17.63
C MET E 417 17.08 -28.66 -17.44
N MET E 418 17.72 -29.23 -18.46
CA MET E 418 18.17 -30.65 -18.48
C MET E 418 19.13 -30.92 -17.31
N MET E 419 20.03 -29.97 -17.01
CA MET E 419 21.09 -30.14 -15.98
C MET E 419 20.49 -29.98 -14.58
N GLY E 420 19.31 -29.38 -14.47
CA GLY E 420 18.65 -29.02 -13.20
C GLY E 420 19.32 -27.81 -12.58
N MET E 421 19.84 -27.96 -11.35
CA MET E 421 20.76 -27.00 -10.67
C MET E 421 19.99 -25.83 -10.05
N PHE E 422 18.73 -25.59 -10.46
CA PHE E 422 17.87 -24.49 -9.94
C PHE E 422 16.69 -25.10 -9.17
N ASN E 423 16.97 -26.03 -8.25
CA ASN E 423 15.95 -26.77 -7.46
C ASN E 423 15.20 -25.79 -6.55
N MET E 424 15.94 -24.87 -5.92
CA MET E 424 15.39 -23.89 -4.93
C MET E 424 14.57 -22.83 -5.68
N LEU E 425 15.11 -22.31 -6.80
CA LEU E 425 14.49 -21.22 -7.58
C LEU E 425 13.20 -21.74 -8.25
N SER E 426 13.23 -22.98 -8.72
CA SER E 426 12.07 -23.71 -9.29
C SER E 426 11.05 -24.00 -8.20
N THR E 427 11.50 -24.23 -6.96
CA THR E 427 10.63 -24.37 -5.76
C THR E 427 9.95 -23.03 -5.48
N VAL E 428 10.72 -21.93 -5.47
CA VAL E 428 10.19 -20.54 -5.27
C VAL E 428 9.06 -20.29 -6.29
N LEU E 429 9.25 -20.70 -7.54
CA LEU E 429 8.25 -20.58 -8.64
C LEU E 429 6.99 -21.40 -8.30
N GLY E 430 7.17 -22.62 -7.79
CA GLY E 430 6.06 -23.51 -7.40
C GLY E 430 5.28 -22.93 -6.23
N VAL E 431 5.98 -22.41 -5.23
CA VAL E 431 5.38 -21.78 -4.02
C VAL E 431 4.63 -20.51 -4.44
N ALA E 432 5.10 -19.82 -5.49
CA ALA E 432 4.43 -18.65 -6.10
C ALA E 432 3.01 -19.03 -6.51
N ALA E 433 2.86 -20.16 -7.22
CA ALA E 433 1.56 -20.72 -7.67
C ALA E 433 0.67 -21.02 -6.45
N LEU E 434 1.21 -21.73 -5.46
CA LEU E 434 0.52 -22.06 -4.18
C LEU E 434 0.05 -20.76 -3.51
N GLY E 435 0.86 -19.70 -3.61
CA GLY E 435 0.64 -18.39 -2.99
C GLY E 435 -0.59 -17.65 -3.52
N ILE E 436 -1.04 -17.97 -4.75
CA ILE E 436 -2.21 -17.29 -5.39
C ILE E 436 -3.47 -17.60 -4.59
N LYS E 437 -3.64 -18.84 -4.13
CA LYS E 437 -4.68 -19.30 -3.17
C LYS E 437 -6.08 -19.32 -3.81
N ASN E 438 -6.44 -18.31 -4.61
CA ASN E 438 -7.83 -18.11 -5.12
C ASN E 438 -7.79 -17.39 -6.48
N ILE E 439 -8.79 -17.66 -7.32
CA ILE E 439 -9.03 -16.96 -8.62
C ILE E 439 -10.50 -16.50 -8.67
N GLY E 440 -10.71 -15.21 -9.00
CA GLY E 440 -12.03 -14.61 -9.31
C GLY E 440 -12.95 -14.58 -8.10
N ASN E 441 -12.40 -14.56 -6.88
CA ASN E 441 -13.16 -14.51 -5.60
C ASN E 441 -14.16 -15.67 -5.54
N LYS E 442 -13.76 -16.86 -5.99
CA LYS E 442 -14.60 -18.08 -5.96
C LYS E 442 -14.62 -18.62 -4.52
N GLU E 443 -15.58 -19.49 -4.20
CA GLU E 443 -15.86 -19.95 -2.81
C GLU E 443 -14.96 -21.14 -2.44
N TYR E 444 -13.64 -20.99 -2.67
CA TYR E 444 -12.60 -21.98 -2.29
C TYR E 444 -11.30 -21.23 -1.94
N LEU E 445 -10.44 -21.87 -1.14
CA LEU E 445 -9.04 -21.42 -0.87
C LEU E 445 -8.10 -22.61 -1.03
N TRP E 446 -6.95 -22.40 -1.69
CA TRP E 446 -5.90 -23.43 -1.84
C TRP E 446 -4.60 -22.96 -1.17
N ASP E 447 -3.79 -23.93 -0.72
CA ASP E 447 -2.44 -23.76 -0.14
C ASP E 447 -1.70 -25.09 -0.37
N GLY E 448 -0.47 -25.26 0.10
CA GLY E 448 0.21 -26.56 -0.05
C GLY E 448 1.64 -26.58 0.45
N LEU E 449 2.38 -27.61 0.04
CA LEU E 449 3.83 -27.79 0.22
C LEU E 449 4.44 -27.97 -1.17
N GLN E 450 5.66 -27.48 -1.38
CA GLN E 450 6.41 -27.61 -2.66
C GLN E 450 7.86 -27.98 -2.34
N SER E 451 8.30 -29.13 -2.85
CA SER E 451 9.73 -29.55 -2.87
C SER E 451 10.11 -29.86 -4.32
N SER E 452 10.79 -28.91 -4.97
CA SER E 452 11.17 -28.94 -6.41
C SER E 452 9.92 -29.28 -7.25
N ASP E 453 9.86 -30.47 -7.87
CA ASP E 453 8.76 -30.89 -8.78
C ASP E 453 7.66 -31.62 -8.01
N ASP E 454 7.83 -31.81 -6.69
CA ASP E 454 6.87 -32.53 -5.82
C ASP E 454 6.01 -31.50 -5.07
N PHE E 455 4.71 -31.73 -4.98
CA PHE E 455 3.76 -30.82 -4.31
C PHE E 455 2.59 -31.59 -3.70
N ALA E 456 2.09 -31.08 -2.57
CA ALA E 456 0.77 -31.41 -1.99
C ALA E 456 -0.06 -30.13 -1.98
N LEU E 457 -1.27 -30.17 -2.53
CA LEU E 457 -2.21 -29.02 -2.57
C LEU E 457 -3.37 -29.29 -1.62
N PHE E 458 -3.55 -28.46 -0.59
CA PHE E 458 -4.73 -28.49 0.30
C PHE E 458 -5.75 -27.48 -0.23
N VAL E 459 -6.99 -27.92 -0.45
CA VAL E 459 -8.11 -27.07 -0.97
C VAL E 459 -9.26 -27.15 0.04
N ASN E 460 -9.70 -25.97 0.52
CA ASN E 460 -10.84 -25.80 1.47
C ASN E 460 -11.99 -25.15 0.70
N ALA E 461 -13.21 -25.70 0.84
CA ALA E 461 -14.45 -25.22 0.20
C ALA E 461 -15.69 -25.81 0.88
N LYS E 462 -16.87 -25.41 0.40
CA LYS E 462 -18.20 -25.81 0.94
C LYS E 462 -18.48 -27.28 0.59
N ASP E 463 -18.22 -27.67 -0.66
CA ASP E 463 -18.40 -29.05 -1.17
C ASP E 463 -17.16 -29.43 -1.99
N GLU E 464 -17.02 -30.72 -2.31
CA GLU E 464 -15.89 -31.28 -3.10
C GLU E 464 -15.99 -30.80 -4.55
N GLU E 465 -17.21 -30.57 -5.04
CA GLU E 465 -17.49 -30.01 -6.39
C GLU E 465 -16.76 -28.66 -6.55
N THR E 466 -16.86 -27.78 -5.54
CA THR E 466 -16.20 -26.45 -5.52
C THR E 466 -14.69 -26.64 -5.30
N CYS E 467 -14.28 -27.60 -4.48
CA CYS E 467 -12.85 -27.99 -4.30
C CYS E 467 -12.24 -28.32 -5.67
N MET E 468 -12.93 -29.13 -6.48
CA MET E 468 -12.46 -29.54 -7.83
C MET E 468 -12.25 -28.30 -8.71
N GLU E 469 -13.11 -27.28 -8.58
CA GLU E 469 -13.00 -25.99 -9.32
C GLU E 469 -11.66 -25.34 -8.96
N GLY E 470 -11.30 -25.36 -7.67
CA GLY E 470 -10.03 -24.82 -7.16
C GLY E 470 -8.85 -25.56 -7.73
N ILE E 471 -8.93 -26.90 -7.76
CA ILE E 471 -7.88 -27.80 -8.31
C ILE E 471 -7.74 -27.51 -9.80
N ASN E 472 -8.85 -27.33 -10.51
CA ASN E 472 -8.86 -27.03 -11.96
C ASN E 472 -8.23 -25.65 -12.20
N ASP E 473 -8.55 -24.66 -11.34
CA ASP E 473 -7.97 -23.29 -11.43
C ASP E 473 -6.47 -23.35 -11.14
N PHE E 474 -6.05 -24.12 -10.13
CA PHE E 474 -4.62 -24.36 -9.79
C PHE E 474 -3.92 -24.99 -10.99
N TYR E 475 -4.49 -26.06 -11.55
CA TYR E 475 -3.99 -26.76 -12.76
C TYR E 475 -3.65 -25.73 -13.85
N ARG E 476 -4.61 -24.86 -14.13
CA ARG E 476 -4.57 -23.85 -15.22
C ARG E 476 -3.55 -22.76 -14.89
N THR E 477 -3.57 -22.25 -13.64
CA THR E 477 -2.64 -21.21 -13.13
C THR E 477 -1.19 -21.66 -13.33
N CYS E 478 -0.89 -22.93 -13.03
CA CYS E 478 0.48 -23.53 -13.16
C CYS E 478 0.97 -23.45 -14.61
N LYS E 479 0.10 -23.74 -15.58
CA LYS E 479 0.42 -23.72 -17.04
C LYS E 479 1.00 -22.35 -17.42
N LEU E 480 0.54 -21.28 -16.75
CA LEU E 480 0.96 -19.88 -17.01
C LEU E 480 2.38 -19.64 -16.50
N LEU E 481 2.89 -20.52 -15.62
CA LEU E 481 4.26 -20.43 -15.04
C LEU E 481 5.19 -21.46 -15.69
N GLY E 482 4.67 -22.25 -16.65
CA GLY E 482 5.41 -23.33 -17.33
C GLY E 482 5.48 -24.60 -16.51
N ILE E 483 4.53 -24.77 -15.57
CA ILE E 483 4.45 -25.94 -14.65
C ILE E 483 3.27 -26.83 -15.08
N ASN E 484 3.51 -28.13 -15.26
CA ASN E 484 2.53 -29.09 -15.82
C ASN E 484 2.23 -30.18 -14.78
N MET E 485 1.10 -30.06 -14.09
CA MET E 485 0.54 -31.08 -13.16
C MET E 485 0.27 -32.36 -13.96
N SER E 486 0.79 -33.50 -13.50
CA SER E 486 0.53 -34.84 -14.06
C SER E 486 -0.88 -35.27 -13.65
N LYS E 487 -1.77 -35.46 -14.62
CA LYS E 487 -3.16 -35.97 -14.39
C LYS E 487 -3.11 -37.49 -14.22
N LYS E 488 -2.07 -38.14 -14.77
CA LYS E 488 -1.87 -39.61 -14.74
C LYS E 488 -1.41 -40.03 -13.33
N LYS E 489 -0.53 -39.26 -12.71
CA LYS E 489 0.18 -39.65 -11.45
C LYS E 489 -0.36 -38.88 -10.24
N SER E 490 -1.08 -37.77 -10.45
CA SER E 490 -1.75 -37.00 -9.37
C SER E 490 -3.12 -37.61 -9.08
N TYR E 491 -3.54 -37.55 -7.81
CA TYR E 491 -4.90 -37.94 -7.34
C TYR E 491 -5.24 -37.12 -6.10
N CYS E 492 -6.53 -37.13 -5.73
CA CYS E 492 -7.14 -36.27 -4.69
C CYS E 492 -7.96 -37.13 -3.73
N ASN E 493 -8.12 -36.68 -2.48
CA ASN E 493 -9.02 -37.28 -1.46
C ASN E 493 -9.24 -36.26 -0.34
N GLU E 494 -10.24 -36.51 0.51
CA GLU E 494 -10.54 -35.71 1.72
C GLU E 494 -9.29 -35.75 2.62
N THR E 495 -8.90 -34.61 3.18
CA THR E 495 -7.65 -34.43 3.97
C THR E 495 -7.62 -35.46 5.11
N GLY E 496 -6.44 -35.99 5.41
CA GLY E 496 -6.23 -37.08 6.39
C GLY E 496 -5.13 -38.03 5.95
N MET E 497 -5.01 -38.25 4.63
CA MET E 497 -3.90 -39.03 4.00
C MET E 497 -3.44 -38.37 2.70
N PHE E 498 -2.15 -38.49 2.41
CA PHE E 498 -1.49 -38.05 1.15
C PHE E 498 -0.06 -38.61 1.14
N GLU E 499 0.60 -38.52 -0.02
CA GLU E 499 2.03 -38.87 -0.20
C GLU E 499 2.75 -37.60 -0.68
N PHE E 500 3.96 -37.36 -0.16
CA PHE E 500 4.82 -36.20 -0.53
C PHE E 500 6.28 -36.64 -0.45
N THR E 501 7.00 -36.55 -1.57
CA THR E 501 8.42 -36.97 -1.74
C THR E 501 8.63 -38.33 -1.07
N SER E 502 7.78 -39.32 -1.39
CA SER E 502 7.85 -40.73 -0.92
C SER E 502 7.68 -40.82 0.61
N MET E 503 7.18 -39.76 1.25
CA MET E 503 6.74 -39.78 2.68
C MET E 503 5.22 -39.91 2.70
N PHE E 504 4.70 -40.85 3.50
CA PHE E 504 3.27 -41.27 3.51
C PHE E 504 2.60 -40.78 4.79
N TYR E 505 1.53 -39.98 4.61
CA TYR E 505 0.71 -39.39 5.70
C TYR E 505 -0.60 -40.18 5.82
N ARG E 506 -0.92 -40.59 7.06
CA ARG E 506 -2.22 -41.18 7.44
C ARG E 506 -2.50 -40.78 8.90
N ASP E 507 -3.17 -39.63 9.10
CA ASP E 507 -3.36 -39.02 10.44
C ASP E 507 -2.00 -38.92 11.13
N GLY E 508 -0.99 -38.46 10.37
CA GLY E 508 0.43 -38.40 10.78
C GLY E 508 1.30 -39.14 9.77
N PHE E 509 2.58 -38.80 9.70
CA PHE E 509 3.57 -39.46 8.81
C PHE E 509 3.90 -40.86 9.36
N VAL E 510 3.82 -41.88 8.50
CA VAL E 510 4.13 -43.29 8.89
C VAL E 510 5.59 -43.59 8.52
N SER E 511 6.19 -44.58 9.18
CA SER E 511 7.56 -45.08 8.88
C SER E 511 7.54 -45.82 7.54
N ASN E 512 8.61 -45.67 6.75
CA ASN E 512 8.81 -46.38 5.46
C ASN E 512 10.23 -46.98 5.49
N PHE E 513 10.39 -48.12 6.16
CA PHE E 513 11.68 -48.76 6.50
C PHE E 513 12.43 -49.18 5.22
N ALA E 514 11.72 -49.69 4.23
CA ALA E 514 12.26 -50.26 2.97
C ALA E 514 13.10 -49.23 2.21
N MET E 515 12.70 -47.95 2.26
CA MET E 515 13.41 -46.82 1.60
C MET E 515 14.88 -46.78 2.06
N GLU E 516 15.14 -47.14 3.32
CA GLU E 516 16.46 -47.01 3.99
C GLU E 516 17.26 -48.31 3.89
N LEU E 517 16.65 -49.39 3.41
CA LEU E 517 17.17 -50.78 3.51
C LEU E 517 18.54 -50.89 2.83
N PRO E 518 18.71 -50.40 1.57
CA PRO E 518 20.01 -50.49 0.90
C PRO E 518 21.18 -49.81 1.65
N SER E 519 20.88 -48.88 2.55
CA SER E 519 21.92 -48.11 3.32
C SER E 519 22.46 -48.96 4.47
N PHE E 520 21.84 -50.11 4.77
CA PHE E 520 22.25 -51.02 5.89
C PHE E 520 23.49 -51.83 5.47
N GLY E 521 23.77 -51.96 4.18
CA GLY E 521 24.88 -52.74 3.63
C GLY E 521 26.24 -52.21 4.05
N VAL E 522 27.31 -52.93 3.72
CA VAL E 522 28.73 -52.49 3.97
C VAL E 522 29.02 -51.31 3.03
N ALA E 523 29.29 -50.13 3.60
CA ALA E 523 29.34 -48.83 2.90
C ALA E 523 30.40 -48.84 1.79
N GLY E 524 31.56 -49.44 2.06
CA GLY E 524 32.68 -49.59 1.10
C GLY E 524 33.65 -48.42 1.18
N VAL E 525 33.88 -47.88 2.38
CA VAL E 525 34.92 -46.85 2.69
C VAL E 525 36.19 -47.61 3.11
N ASN E 526 36.14 -48.26 4.28
CA ASN E 526 37.16 -49.23 4.77
C ASN E 526 36.58 -49.95 6.00
N GLU E 527 37.24 -51.01 6.47
CA GLU E 527 36.74 -51.91 7.54
C GLU E 527 36.48 -51.11 8.83
N SER E 528 37.27 -50.07 9.10
CA SER E 528 37.10 -49.19 10.29
C SER E 528 35.82 -48.37 10.15
N ALA E 529 35.78 -47.45 9.18
CA ALA E 529 34.66 -46.53 8.89
C ALA E 529 33.35 -47.33 8.75
N ASP E 530 33.40 -48.43 7.99
CA ASP E 530 32.20 -49.24 7.63
C ASP E 530 31.54 -49.78 8.90
N MET E 531 32.33 -50.10 9.94
CA MET E 531 31.83 -50.64 11.23
C MET E 531 31.00 -49.56 11.94
N ALA E 532 31.56 -48.36 12.07
CA ALA E 532 30.91 -47.16 12.66
C ALA E 532 29.63 -46.85 11.86
N ILE E 533 29.79 -46.71 10.53
CA ILE E 533 28.66 -46.38 9.60
C ILE E 533 27.55 -47.41 9.81
N GLY E 534 27.88 -48.70 9.67
CA GLY E 534 26.94 -49.84 9.81
C GLY E 534 26.12 -49.75 11.09
N MET E 535 26.78 -49.53 12.23
CA MET E 535 26.15 -49.46 13.58
C MET E 535 25.32 -48.18 13.70
N THR E 536 25.83 -47.06 13.17
CA THR E 536 25.14 -45.74 13.20
C THR E 536 23.84 -45.81 12.38
N ILE E 537 23.87 -46.45 11.20
CA ILE E 537 22.68 -46.63 10.32
C ILE E 537 21.58 -47.34 11.13
N ILE E 538 21.93 -48.40 11.85
CA ILE E 538 21.01 -49.18 12.72
C ILE E 538 20.46 -48.23 13.80
N LYS E 539 21.37 -47.60 14.56
CA LYS E 539 21.03 -46.63 15.63
C LYS E 539 20.00 -45.62 15.13
N ASN E 540 20.25 -45.01 13.97
CA ASN E 540 19.43 -43.91 13.40
C ASN E 540 18.07 -44.43 12.91
N ASN E 541 18.03 -45.66 12.39
CA ASN E 541 16.76 -46.26 11.86
C ASN E 541 15.86 -46.68 13.02
N MET E 542 16.44 -47.00 14.18
CA MET E 542 15.69 -47.24 15.43
C MET E 542 14.97 -45.95 15.83
N ILE E 543 15.66 -44.82 15.75
CA ILE E 543 15.16 -43.48 16.17
C ILE E 543 14.10 -42.99 15.17
N ASN E 544 14.35 -43.11 13.86
CA ASN E 544 13.64 -42.32 12.83
C ASN E 544 12.64 -43.16 12.02
N ASN E 545 12.96 -44.42 11.71
CA ASN E 545 12.22 -45.23 10.68
C ASN E 545 11.58 -46.46 11.33
N GLY E 546 11.24 -46.36 12.62
CA GLY E 546 10.40 -47.33 13.35
C GLY E 546 10.96 -48.75 13.35
N MET E 547 12.28 -48.90 13.41
CA MET E 547 12.95 -50.23 13.52
C MET E 547 12.98 -50.64 15.00
N GLY E 548 12.24 -51.70 15.35
CA GLY E 548 12.12 -52.21 16.73
C GLY E 548 13.40 -52.91 17.18
N PRO E 549 13.52 -53.19 18.50
CA PRO E 549 14.73 -53.77 19.07
C PRO E 549 15.10 -55.15 18.48
N ALA E 550 14.10 -56.00 18.20
CA ALA E 550 14.27 -57.35 17.62
C ALA E 550 14.91 -57.23 16.24
N THR E 551 14.38 -56.33 15.39
CA THR E 551 14.89 -56.07 14.02
C THR E 551 16.26 -55.40 14.10
N ALA E 552 16.41 -54.41 14.98
CA ALA E 552 17.68 -53.67 15.22
C ALA E 552 18.81 -54.67 15.53
N GLN E 553 18.54 -55.62 16.44
CA GLN E 553 19.55 -56.63 16.87
C GLN E 553 19.91 -57.55 15.70
N THR E 554 18.91 -58.05 14.96
CA THR E 554 19.06 -58.89 13.75
C THR E 554 19.91 -58.13 12.71
N ALA E 555 19.68 -56.82 12.58
CA ALA E 555 20.46 -55.93 11.68
C ALA E 555 21.95 -56.01 12.05
N ILE E 556 22.27 -56.01 13.35
CA ILE E 556 23.67 -56.10 13.87
C ILE E 556 24.28 -57.41 13.35
N GLN E 557 23.55 -58.52 13.48
CA GLN E 557 23.97 -59.88 13.04
C GLN E 557 24.18 -59.87 11.53
N LEU E 558 23.15 -59.47 10.76
CA LEU E 558 23.21 -59.42 9.27
C LEU E 558 24.43 -58.60 8.84
N PHE E 559 24.61 -57.41 9.44
CA PHE E 559 25.73 -56.50 9.10
C PHE E 559 27.07 -57.22 9.32
N ILE E 560 27.24 -57.90 10.46
CA ILE E 560 28.50 -58.60 10.83
C ILE E 560 28.72 -59.76 9.86
N ALA E 561 27.67 -60.53 9.55
CA ALA E 561 27.71 -61.59 8.51
C ALA E 561 28.23 -60.99 7.19
N ASP E 562 27.62 -59.89 6.72
CA ASP E 562 27.99 -59.21 5.45
C ASP E 562 29.45 -58.73 5.53
N TYR E 563 29.81 -58.08 6.64
CA TYR E 563 31.14 -57.48 6.94
C TYR E 563 32.22 -58.55 6.87
N ARG E 564 31.99 -59.68 7.57
CA ARG E 564 32.94 -60.81 7.71
C ARG E 564 33.20 -61.45 6.34
N TYR E 565 32.16 -61.62 5.52
CA TYR E 565 32.26 -62.18 4.14
C TYR E 565 32.90 -61.15 3.19
N THR E 566 32.54 -59.87 3.33
CA THR E 566 33.06 -58.77 2.47
C THR E 566 34.56 -58.59 2.72
N TYR E 567 34.97 -58.43 3.97
CA TYR E 567 36.38 -58.14 4.37
C TYR E 567 37.11 -59.43 4.75
N LYS E 568 36.53 -60.59 4.46
CA LYS E 568 37.15 -61.93 4.65
C LYS E 568 37.81 -62.00 6.04
N CYS E 569 37.07 -61.63 7.08
CA CYS E 569 37.58 -61.49 8.47
C CYS E 569 36.67 -62.23 9.44
N HIS E 570 36.38 -63.51 9.16
CA HIS E 570 35.55 -64.40 10.00
C HIS E 570 36.23 -64.61 11.36
N ARG E 571 35.49 -65.16 12.33
CA ARG E 571 35.93 -65.34 13.74
C ARG E 571 37.15 -66.26 13.79
N GLY E 572 38.14 -65.91 14.60
CA GLY E 572 39.43 -66.65 14.72
C GLY E 572 39.23 -68.13 15.04
N ASP E 573 38.14 -68.49 15.72
CA ASP E 573 37.83 -69.88 16.14
C ASP E 573 36.99 -70.59 15.05
N SER E 574 36.63 -69.90 13.96
CA SER E 574 35.98 -70.50 12.78
C SER E 574 37.02 -71.31 12.00
N LYS E 575 36.56 -72.25 11.17
CA LYS E 575 37.42 -73.13 10.34
C LYS E 575 37.36 -72.68 8.88
N VAL E 576 37.18 -71.37 8.63
CA VAL E 576 36.98 -70.79 7.28
C VAL E 576 38.34 -70.61 6.61
N GLU E 577 38.50 -71.13 5.39
CA GLU E 577 39.76 -71.06 4.60
C GLU E 577 39.94 -69.64 4.06
N GLY E 578 41.18 -69.15 4.02
CA GLY E 578 41.51 -67.80 3.51
C GLY E 578 42.93 -67.38 3.85
N LYS E 579 43.52 -66.54 2.99
CA LYS E 579 44.89 -65.99 3.14
C LYS E 579 44.94 -65.11 4.40
N ARG E 580 43.97 -64.20 4.54
CA ARG E 580 43.79 -63.35 5.75
C ARG E 580 43.41 -64.24 6.95
N MET E 581 42.46 -65.15 6.73
CA MET E 581 41.95 -66.10 7.76
C MET E 581 43.10 -66.89 8.37
N LYS E 582 44.10 -67.29 7.57
CA LYS E 582 45.30 -68.03 8.05
C LYS E 582 46.01 -67.22 9.14
N ILE E 583 46.18 -65.91 8.94
CA ILE E 583 46.88 -65.00 9.89
C ILE E 583 45.92 -64.64 11.04
N ILE E 584 44.62 -64.47 10.74
CA ILE E 584 43.56 -64.26 11.77
C ILE E 584 43.59 -65.42 12.77
N LYS E 585 43.66 -66.66 12.28
CA LYS E 585 43.71 -67.91 13.09
C LYS E 585 44.94 -67.87 14.00
N GLU E 586 46.09 -67.44 13.48
CA GLU E 586 47.35 -67.30 14.27
C GLU E 586 47.15 -66.22 15.34
N LEU E 587 46.64 -65.04 14.94
CA LEU E 587 46.36 -63.91 15.86
C LEU E 587 45.43 -64.38 16.99
N TRP E 588 44.42 -65.18 16.66
CA TRP E 588 43.46 -65.77 17.64
C TRP E 588 44.23 -66.59 18.68
N GLU E 589 45.17 -67.44 18.24
CA GLU E 589 45.97 -68.35 19.10
C GLU E 589 46.96 -67.52 19.94
N ASN E 590 47.60 -66.53 19.32
CA ASN E 590 48.70 -65.72 19.95
C ASN E 590 48.13 -64.77 21.01
N THR E 591 46.82 -64.48 20.98
CA THR E 591 46.14 -63.44 21.81
C THR E 591 45.51 -64.09 23.05
N LYS E 592 45.68 -63.45 24.21
CA LYS E 592 45.08 -63.87 25.51
C LYS E 592 43.70 -63.21 25.68
N GLY E 593 43.65 -61.88 25.55
CA GLY E 593 42.40 -61.09 25.60
C GLY E 593 41.76 -60.98 24.23
N ARG E 594 41.06 -62.03 23.82
CA ARG E 594 40.43 -62.17 22.47
C ARG E 594 39.19 -61.28 22.38
N ASP E 595 38.57 -60.94 23.52
CA ASP E 595 37.44 -59.98 23.61
C ASP E 595 37.90 -58.61 23.07
N GLY E 596 39.19 -58.29 23.21
CA GLY E 596 39.80 -57.02 22.79
C GLY E 596 40.04 -56.94 21.29
N LEU E 597 40.06 -58.09 20.59
CA LEU E 597 40.30 -58.16 19.13
C LEU E 597 39.09 -57.59 18.38
N LEU E 598 39.34 -56.73 17.39
CA LEU E 598 38.30 -56.17 16.48
C LEU E 598 37.76 -57.30 15.60
N VAL E 599 36.52 -57.17 15.15
CA VAL E 599 35.83 -58.14 14.24
C VAL E 599 36.68 -58.32 12.98
N ALA E 600 37.32 -57.25 12.51
CA ALA E 600 38.20 -57.22 11.31
C ALA E 600 39.46 -58.04 11.55
N ASP E 601 39.83 -58.27 12.82
CA ASP E 601 41.00 -59.10 13.22
C ASP E 601 40.52 -60.46 13.74
N GLY E 602 39.36 -60.92 13.26
CA GLY E 602 38.74 -62.21 13.65
C GLY E 602 38.20 -62.19 15.07
N GLY E 603 38.00 -61.01 15.66
CA GLY E 603 37.53 -60.85 17.05
C GLY E 603 36.02 -61.04 17.16
N PRO E 604 35.49 -61.18 18.40
CA PRO E 604 34.05 -61.34 18.61
C PRO E 604 33.28 -60.01 18.46
N ASN E 605 32.03 -60.08 18.03
CA ASN E 605 31.10 -58.93 17.99
C ASN E 605 30.48 -58.76 19.39
N ILE E 606 30.68 -57.59 20.01
CA ILE E 606 30.14 -57.25 21.36
C ILE E 606 29.15 -56.08 21.24
N TYR E 607 28.82 -55.64 20.02
CA TYR E 607 27.81 -54.57 19.78
C TYR E 607 26.42 -55.10 20.09
N ASN E 608 25.66 -54.33 20.87
CA ASN E 608 24.21 -54.51 21.13
C ASN E 608 23.56 -53.12 21.08
N LEU E 609 22.24 -53.04 21.25
CA LEU E 609 21.46 -51.79 21.11
C LEU E 609 22.10 -50.65 21.90
N ARG E 610 22.58 -50.92 23.13
CA ARG E 610 22.93 -49.87 24.12
C ARG E 610 24.26 -49.19 23.76
N ASN E 611 25.13 -49.83 22.96
CA ASN E 611 26.53 -49.36 22.71
C ASN E 611 26.79 -49.11 21.21
N LEU E 612 25.74 -49.01 20.40
CA LEU E 612 25.83 -48.80 18.93
C LEU E 612 26.67 -47.54 18.61
N HIS E 613 26.68 -46.57 19.51
CA HIS E 613 27.24 -45.21 19.30
C HIS E 613 28.70 -45.13 19.75
N ILE E 614 29.26 -46.20 20.31
CA ILE E 614 30.65 -46.20 20.88
C ILE E 614 31.61 -46.86 19.88
N PRO E 615 32.64 -46.14 19.40
CA PRO E 615 33.64 -46.73 18.50
C PRO E 615 34.22 -48.06 19.03
N GLU E 616 34.28 -49.04 18.13
CA GLU E 616 34.64 -50.45 18.43
C GLU E 616 35.99 -50.50 19.17
N ILE E 617 36.97 -49.71 18.74
CA ILE E 617 38.32 -49.67 19.39
C ILE E 617 38.15 -49.18 20.83
N VAL E 618 37.27 -48.20 21.05
CA VAL E 618 37.00 -47.58 22.38
C VAL E 618 36.25 -48.59 23.25
N LEU E 619 35.27 -49.32 22.67
CA LEU E 619 34.54 -50.41 23.39
C LEU E 619 35.52 -51.46 23.93
N LYS E 620 36.50 -51.86 23.11
CA LYS E 620 37.35 -53.06 23.35
C LYS E 620 38.70 -52.67 23.97
N TYR E 621 39.03 -51.37 24.00
CA TYR E 621 40.37 -50.83 24.39
C TYR E 621 40.88 -51.52 25.68
N ASN E 622 40.08 -51.51 26.74
CA ASN E 622 40.47 -52.01 28.10
C ASN E 622 40.63 -53.54 28.09
N LEU E 623 40.10 -54.23 27.08
CA LEU E 623 40.15 -55.73 26.97
C LEU E 623 41.30 -56.16 26.06
N MET E 624 42.01 -55.22 25.43
CA MET E 624 43.06 -55.48 24.42
C MET E 624 44.38 -55.88 25.10
N ASP E 625 45.18 -56.70 24.41
CA ASP E 625 46.58 -57.02 24.76
C ASP E 625 47.47 -55.84 24.37
N PRO E 626 48.41 -55.41 25.25
CA PRO E 626 49.23 -54.23 24.99
C PRO E 626 50.13 -54.34 23.74
N GLU E 627 50.42 -55.56 23.28
CA GLU E 627 51.15 -55.82 22.00
C GLU E 627 50.20 -55.57 20.83
N TYR E 628 48.96 -56.10 20.90
CA TYR E 628 47.91 -55.94 19.87
C TYR E 628 47.55 -54.46 19.74
N LYS E 629 47.27 -53.81 20.88
CA LYS E 629 46.83 -52.39 20.94
C LYS E 629 47.94 -51.50 20.37
N GLY E 630 49.20 -51.82 20.65
CA GLY E 630 50.39 -51.12 20.15
C GLY E 630 50.52 -51.21 18.63
N ARG E 631 50.28 -52.39 18.07
CA ARG E 631 50.30 -52.64 16.60
C ARG E 631 49.11 -51.94 15.94
N LEU E 632 47.89 -52.27 16.39
CA LEU E 632 46.59 -51.75 15.87
C LEU E 632 46.62 -50.22 15.74
N LEU E 633 47.17 -49.53 16.74
CA LEU E 633 47.13 -48.05 16.88
C LEU E 633 48.52 -47.44 16.67
N HIS E 634 49.43 -48.12 15.98
CA HIS E 634 50.82 -47.64 15.73
C HIS E 634 50.76 -46.27 15.07
N PRO E 635 51.23 -45.19 15.74
CA PRO E 635 51.12 -43.82 15.21
C PRO E 635 51.67 -43.61 13.79
N GLN E 636 52.71 -44.35 13.39
CA GLN E 636 53.38 -44.22 12.06
C GLN E 636 53.12 -45.47 11.20
N ASN E 637 51.94 -46.09 11.30
CA ASN E 637 51.57 -47.27 10.51
C ASN E 637 51.48 -46.88 9.04
N PRO E 638 51.82 -47.79 8.09
CA PRO E 638 51.92 -47.43 6.67
C PRO E 638 50.63 -47.59 5.84
N PHE E 639 49.49 -47.85 6.50
CA PHE E 639 48.19 -48.12 5.85
C PHE E 639 47.34 -46.85 5.75
N VAL E 640 47.50 -45.93 6.70
CA VAL E 640 46.59 -44.75 6.90
C VAL E 640 46.78 -43.73 5.77
N GLY E 641 48.01 -43.23 5.55
CA GLY E 641 48.32 -42.19 4.56
C GLY E 641 47.88 -40.80 5.01
N HIS E 642 47.91 -39.82 4.10
CA HIS E 642 47.60 -38.40 4.38
C HIS E 642 46.11 -38.22 4.63
N LEU E 643 45.73 -38.09 5.91
CA LEU E 643 44.32 -37.89 6.36
C LEU E 643 43.94 -36.41 6.21
N SER E 644 42.83 -36.13 5.52
CA SER E 644 42.12 -34.83 5.54
C SER E 644 41.06 -34.86 6.64
N ILE E 645 40.66 -33.68 7.16
CA ILE E 645 39.61 -33.54 8.22
C ILE E 645 38.32 -34.21 7.72
N GLU E 646 38.05 -34.13 6.41
CA GLU E 646 36.95 -34.86 5.72
C GLU E 646 37.22 -36.37 5.78
N GLY E 647 38.44 -36.77 5.45
CA GLY E 647 38.90 -38.18 5.43
C GLY E 647 38.45 -38.97 6.66
N ILE E 648 38.60 -38.39 7.85
CA ILE E 648 38.39 -39.09 9.16
C ILE E 648 36.89 -39.16 9.49
N LYS E 649 36.13 -38.06 9.29
CA LYS E 649 34.74 -37.91 9.80
C LYS E 649 33.71 -38.26 8.72
N GLU E 650 33.95 -37.85 7.47
CA GLU E 650 32.94 -37.86 6.37
C GLU E 650 33.00 -39.17 5.57
N ALA E 651 31.84 -39.61 5.09
CA ALA E 651 31.68 -40.76 4.15
C ALA E 651 30.45 -40.55 3.28
N ASP E 652 30.58 -40.81 1.98
CA ASP E 652 29.49 -40.70 0.98
C ASP E 652 28.49 -41.85 1.20
N ILE E 653 27.25 -41.51 1.57
CA ILE E 653 26.10 -42.46 1.70
C ILE E 653 25.10 -42.17 0.58
N THR E 654 24.45 -43.22 0.06
CA THR E 654 23.45 -43.19 -1.02
C THR E 654 22.04 -43.24 -0.42
N PRO E 655 21.32 -42.10 -0.34
CA PRO E 655 20.03 -42.04 0.35
C PRO E 655 18.91 -42.70 -0.46
N ALA E 656 17.79 -42.97 0.21
CA ALA E 656 16.59 -43.68 -0.31
C ALA E 656 16.21 -43.17 -1.70
N HIS E 657 16.02 -41.85 -1.82
CA HIS E 657 15.72 -41.12 -3.09
C HIS E 657 16.37 -39.74 -3.01
N GLY E 658 17.24 -39.40 -3.98
CA GLY E 658 17.90 -38.08 -4.07
C GLY E 658 19.40 -38.19 -4.28
N PRO E 659 20.14 -37.06 -4.21
CA PRO E 659 21.57 -37.05 -4.51
C PRO E 659 22.42 -37.62 -3.36
N VAL E 660 23.56 -38.24 -3.70
CA VAL E 660 24.51 -38.92 -2.78
C VAL E 660 25.02 -37.90 -1.76
N LYS E 661 24.60 -38.03 -0.50
CA LYS E 661 24.90 -37.10 0.62
C LYS E 661 26.09 -37.65 1.42
N LYS E 662 26.83 -36.79 2.12
CA LYS E 662 27.91 -37.18 3.05
C LYS E 662 27.32 -37.32 4.46
N MET E 663 27.67 -38.40 5.19
CA MET E 663 27.29 -38.58 6.61
C MET E 663 28.57 -38.65 7.46
N ASP E 664 28.49 -38.21 8.72
CA ASP E 664 29.59 -38.23 9.71
C ASP E 664 29.59 -39.59 10.42
N TYR E 665 30.77 -40.12 10.74
CA TYR E 665 30.93 -41.35 11.56
C TYR E 665 32.06 -41.15 12.58
N ASP E 666 31.97 -41.84 13.72
CA ASP E 666 32.99 -41.82 14.80
C ASP E 666 33.76 -43.14 14.79
N ALA E 667 35.05 -43.08 14.43
CA ALA E 667 35.98 -44.23 14.38
C ALA E 667 37.38 -43.73 14.74
N VAL E 668 38.10 -44.49 15.59
CA VAL E 668 39.53 -44.23 15.94
C VAL E 668 40.39 -44.60 14.72
N SER E 669 41.37 -43.76 14.40
CA SER E 669 42.35 -43.97 13.29
C SER E 669 43.30 -45.11 13.68
N GLY E 670 43.33 -46.17 12.88
CA GLY E 670 44.17 -47.36 13.10
C GLY E 670 44.58 -48.02 11.79
N THR E 671 45.10 -49.25 11.87
CA THR E 671 45.62 -50.02 10.70
C THR E 671 44.47 -50.47 9.80
N HIS E 672 43.23 -50.44 10.30
CA HIS E 672 42.00 -50.79 9.52
C HIS E 672 41.43 -49.57 8.81
N SER E 673 41.95 -48.38 9.12
CA SER E 673 41.52 -47.07 8.54
C SER E 673 42.26 -46.81 7.23
N TRP E 674 42.38 -47.84 6.38
CA TRP E 674 43.23 -47.82 5.15
C TRP E 674 42.46 -47.17 3.99
N ARG E 675 43.08 -47.11 2.81
CA ARG E 675 42.49 -46.57 1.56
C ARG E 675 42.93 -47.47 0.39
N THR E 676 41.98 -47.89 -0.45
CA THR E 676 42.22 -48.68 -1.68
C THR E 676 43.01 -47.83 -2.68
N LYS E 677 43.94 -48.46 -3.42
CA LYS E 677 44.74 -47.81 -4.49
C LYS E 677 43.77 -47.18 -5.50
N ARG E 678 44.13 -46.02 -6.05
CA ARG E 678 43.29 -45.27 -7.03
C ARG E 678 42.98 -46.16 -8.24
N ASN E 679 41.83 -45.94 -8.86
CA ASN E 679 41.14 -46.85 -9.81
C ASN E 679 41.98 -46.98 -11.09
N ILE E 682 42.38 -48.73 -16.28
CA ILE E 682 41.63 -48.99 -17.55
C ILE E 682 42.52 -49.81 -18.50
N LEU E 683 41.92 -50.78 -19.19
CA LEU E 683 42.60 -51.82 -20.00
C LEU E 683 43.38 -51.17 -21.16
N ASN E 684 44.65 -51.57 -21.31
CA ASN E 684 45.56 -51.14 -22.41
C ASN E 684 45.71 -49.61 -22.39
N THR E 685 45.69 -49.00 -21.19
CA THR E 685 45.93 -47.55 -20.97
C THR E 685 47.02 -47.40 -19.91
N ASP E 686 48.09 -46.66 -20.22
CA ASP E 686 49.21 -46.37 -19.28
C ASP E 686 49.04 -44.93 -18.77
N GLN E 687 48.65 -44.78 -17.50
CA GLN E 687 48.28 -43.47 -16.88
C GLN E 687 49.49 -42.86 -16.16
N ARG E 688 50.70 -43.36 -16.47
CA ARG E 688 51.98 -42.97 -15.81
C ARG E 688 52.13 -41.44 -15.82
N ASN E 689 51.68 -40.76 -16.87
CA ASN E 689 51.79 -39.29 -17.02
C ASN E 689 50.77 -38.59 -16.10
N MET E 690 49.55 -39.08 -16.07
CA MET E 690 48.45 -38.53 -15.21
C MET E 690 48.79 -38.75 -13.73
N ILE E 691 49.36 -39.90 -13.39
CA ILE E 691 49.75 -40.26 -11.99
C ILE E 691 50.89 -39.34 -11.51
N LEU E 692 51.89 -39.08 -12.37
CA LEU E 692 53.04 -38.19 -12.09
C LEU E 692 52.54 -36.77 -11.77
N GLU E 693 51.59 -36.27 -12.55
CA GLU E 693 50.92 -34.95 -12.34
C GLU E 693 50.25 -34.95 -10.96
N GLU E 694 49.48 -35.99 -10.63
CA GLU E 694 48.82 -36.17 -9.31
C GLU E 694 49.89 -36.15 -8.20
N GLN E 695 50.97 -36.92 -8.37
CA GLN E 695 52.06 -37.08 -7.37
C GLN E 695 52.80 -35.75 -7.19
N CYS E 696 52.98 -34.97 -8.26
CA CYS E 696 53.65 -33.64 -8.23
C CYS E 696 52.89 -32.69 -7.30
N TYR E 697 51.58 -32.54 -7.49
CA TYR E 697 50.69 -31.70 -6.65
C TYR E 697 50.74 -32.18 -5.20
N ALA E 698 50.71 -33.50 -5.00
CA ALA E 698 50.74 -34.18 -3.69
C ALA E 698 52.05 -33.88 -2.96
N LYS E 699 53.20 -34.03 -3.64
CA LYS E 699 54.55 -33.69 -3.13
C LYS E 699 54.53 -32.25 -2.58
N CYS E 700 54.09 -31.31 -3.41
CA CYS E 700 54.03 -29.86 -3.10
C CYS E 700 53.13 -29.60 -1.89
N CYS E 701 51.97 -30.27 -1.82
CA CYS E 701 50.95 -30.09 -0.75
C CYS E 701 51.43 -30.71 0.56
N ASN E 702 52.07 -31.88 0.50
CA ASN E 702 52.61 -32.59 1.69
C ASN E 702 53.71 -31.73 2.33
N LEU E 703 54.64 -31.23 1.52
CA LEU E 703 55.79 -30.41 1.98
C LEU E 703 55.26 -29.11 2.58
N PHE E 704 54.22 -28.50 1.98
CA PHE E 704 53.53 -27.30 2.52
C PHE E 704 52.97 -27.61 3.90
N GLU E 705 52.34 -28.77 4.06
CA GLU E 705 51.77 -29.27 5.35
C GLU E 705 52.90 -29.60 6.34
N ALA E 706 54.10 -29.92 5.85
CA ALA E 706 55.30 -30.14 6.69
C ALA E 706 55.70 -28.83 7.39
N CYS E 707 55.59 -27.69 6.68
CA CYS E 707 55.96 -26.33 7.15
C CYS E 707 54.80 -25.71 7.94
N PHE E 708 53.57 -25.90 7.44
CA PHE E 708 52.31 -25.38 8.04
C PHE E 708 51.43 -26.55 8.48
N ASN E 709 51.57 -26.96 9.74
CA ASN E 709 50.93 -28.15 10.34
C ASN E 709 49.42 -27.94 10.48
N SER E 710 48.96 -26.67 10.45
CA SER E 710 47.55 -26.26 10.58
C SER E 710 46.78 -26.48 9.26
N ALA E 711 47.48 -26.53 8.13
CA ALA E 711 46.89 -26.53 6.76
C ALA E 711 45.80 -27.60 6.63
N SER E 712 46.04 -28.81 7.16
CA SER E 712 45.10 -29.95 7.16
C SER E 712 43.77 -29.56 7.83
N TYR E 713 43.85 -28.78 8.91
CA TYR E 713 42.72 -28.43 9.81
C TYR E 713 42.07 -27.11 9.36
N ARG E 714 42.82 -26.00 9.42
CA ARG E 714 42.34 -24.66 9.02
C ARG E 714 42.80 -24.37 7.57
N LYS E 715 41.87 -23.89 6.74
CA LYS E 715 42.16 -23.44 5.34
C LYS E 715 43.23 -22.35 5.38
N PRO E 716 44.41 -22.57 4.74
CA PRO E 716 45.41 -21.52 4.58
C PRO E 716 44.88 -20.34 3.76
N VAL E 717 45.19 -19.11 4.18
CA VAL E 717 44.77 -17.83 3.53
C VAL E 717 46.01 -17.13 2.98
N GLY E 718 45.87 -16.41 1.86
CA GLY E 718 46.96 -15.59 1.26
C GLY E 718 46.98 -15.66 -0.26
N GLN E 719 47.25 -14.52 -0.91
CA GLN E 719 47.32 -14.36 -2.38
C GLN E 719 48.78 -14.51 -2.85
N HIS E 720 49.72 -14.66 -1.91
CA HIS E 720 51.16 -14.86 -2.17
C HIS E 720 51.42 -16.34 -2.53
N SER E 721 52.57 -16.61 -3.17
CA SER E 721 53.02 -17.96 -3.63
C SER E 721 53.14 -18.92 -2.44
N MET E 722 52.88 -20.21 -2.65
CA MET E 722 53.10 -21.30 -1.67
C MET E 722 54.59 -21.29 -1.25
N LEU E 723 55.48 -21.17 -2.23
CA LEU E 723 56.96 -21.18 -2.05
C LEU E 723 57.37 -20.02 -1.13
N GLU E 724 56.88 -18.80 -1.39
CA GLU E 724 57.18 -17.60 -0.59
C GLU E 724 56.84 -17.88 0.88
N ALA E 725 55.66 -18.47 1.13
CA ALA E 725 55.15 -18.85 2.47
C ALA E 725 56.04 -19.94 3.08
N MET E 726 56.39 -20.97 2.30
CA MET E 726 57.19 -22.13 2.79
C MET E 726 58.61 -21.66 3.17
N ALA E 727 59.22 -20.80 2.34
CA ALA E 727 60.60 -20.28 2.50
C ALA E 727 60.70 -19.43 3.78
N HIS E 728 59.83 -18.41 3.89
CA HIS E 728 59.76 -17.49 5.06
C HIS E 728 59.62 -18.30 6.36
N ARG E 729 58.76 -19.33 6.36
CA ARG E 729 58.50 -20.21 7.54
C ARG E 729 59.78 -20.95 7.93
N LEU E 730 60.43 -21.62 6.96
CA LEU E 730 61.63 -22.45 7.20
C LEU E 730 62.82 -21.55 7.58
N ARG E 731 62.89 -20.33 7.01
CA ARG E 731 63.94 -19.32 7.34
C ARG E 731 63.82 -18.94 8.82
N MET E 732 62.59 -18.68 9.29
CA MET E 732 62.31 -18.35 10.72
C MET E 732 62.57 -19.59 11.58
N ASP E 733 62.04 -20.76 11.19
CA ASP E 733 62.32 -22.06 11.86
C ASP E 733 63.83 -22.18 12.09
N ALA E 734 64.62 -22.03 11.03
CA ALA E 734 66.10 -22.16 11.02
C ALA E 734 66.73 -21.13 11.97
N ARG E 735 66.44 -19.84 11.75
CA ARG E 735 66.99 -18.71 12.54
C ARG E 735 66.78 -18.98 14.05
N LEU E 736 65.56 -19.34 14.45
CA LEU E 736 65.17 -19.51 15.87
C LEU E 736 65.63 -20.88 16.40
N ASP E 737 65.93 -21.84 15.52
CA ASP E 737 66.51 -23.16 15.89
C ASP E 737 68.00 -22.98 16.24
N TYR E 738 68.69 -22.06 15.57
CA TYR E 738 70.13 -21.79 15.78
C TYR E 738 70.35 -21.02 17.08
N GLU E 739 69.57 -19.97 17.31
CA GLU E 739 69.70 -19.03 18.46
C GLU E 739 69.13 -19.68 19.73
N SER E 740 68.43 -20.81 19.61
CA SER E 740 67.88 -21.61 20.73
C SER E 740 68.80 -22.80 21.04
N GLY E 741 69.57 -23.28 20.04
CA GLY E 741 70.56 -24.35 20.21
C GLY E 741 69.99 -25.71 19.84
N ARG E 742 68.90 -25.72 19.07
CA ARG E 742 68.30 -26.94 18.46
C ARG E 742 69.10 -27.28 17.19
N MET E 743 69.56 -26.25 16.46
CA MET E 743 70.41 -26.40 15.25
C MET E 743 71.85 -25.98 15.56
N SER E 744 72.82 -26.73 15.02
CA SER E 744 74.29 -26.44 15.12
C SER E 744 74.66 -25.36 14.10
N LYS E 745 75.79 -24.67 14.37
CA LYS E 745 76.30 -23.53 13.55
C LYS E 745 76.45 -23.97 12.09
N ASP E 746 76.97 -25.17 11.86
CA ASP E 746 77.19 -25.76 10.50
C ASP E 746 75.84 -25.98 9.81
N ASP E 747 74.90 -26.62 10.53
CA ASP E 747 73.52 -26.91 10.04
C ASP E 747 72.80 -25.60 9.71
N PHE E 748 72.95 -24.56 10.53
CA PHE E 748 72.35 -23.22 10.27
C PHE E 748 72.89 -22.65 8.96
N GLU E 749 74.21 -22.67 8.78
CA GLU E 749 74.90 -22.14 7.57
C GLU E 749 74.49 -22.97 6.35
N LYS E 750 74.37 -24.29 6.50
CA LYS E 750 73.87 -25.20 5.43
C LYS E 750 72.43 -24.82 5.06
N ALA E 751 71.56 -24.68 6.06
CA ALA E 751 70.14 -24.29 5.92
C ALA E 751 70.03 -22.95 5.18
N MET E 752 70.72 -21.92 5.68
CA MET E 752 70.67 -20.54 5.11
C MET E 752 71.29 -20.53 3.71
N ALA E 753 72.27 -21.40 3.44
CA ALA E 753 72.88 -21.59 2.09
C ALA E 753 71.85 -22.20 1.15
N HIS E 754 71.22 -23.31 1.56
CA HIS E 754 70.12 -23.98 0.81
C HIS E 754 68.98 -22.98 0.54
N LEU E 755 68.59 -22.18 1.55
CA LEU E 755 67.50 -21.17 1.42
C LEU E 755 67.89 -20.09 0.40
N GLY E 756 69.19 -19.75 0.31
CA GLY E 756 69.74 -18.81 -0.68
C GLY E 756 69.54 -19.30 -2.10
N GLU E 757 69.74 -20.60 -2.34
CA GLU E 757 69.55 -21.27 -3.66
C GLU E 757 68.07 -21.26 -4.03
N ILE E 758 67.20 -21.57 -3.06
CA ILE E 758 65.71 -21.55 -3.21
C ILE E 758 65.28 -20.11 -3.53
N GLY E 759 65.76 -19.13 -2.77
CA GLY E 759 65.51 -17.70 -2.99
C GLY E 759 65.83 -17.26 -4.42
N TYR E 760 66.88 -17.83 -5.01
CA TYR E 760 67.33 -17.56 -6.42
C TYR E 760 66.36 -18.22 -7.41
N ILE E 761 65.97 -19.47 -7.16
CA ILE E 761 65.10 -20.29 -8.06
C ILE E 761 63.73 -19.60 -8.22
N GLY E 762 63.23 -18.96 -7.16
CA GLY E 762 61.91 -18.28 -7.14
C GLY E 762 62.00 -16.81 -7.54
N SER E 763 63.06 -16.41 -8.24
CA SER E 763 63.37 -15.00 -8.62
C SER E 763 64.09 -14.98 -9.97
N MET F 10 64.34 -31.99 11.27
CA MET F 10 62.99 -31.49 10.86
C MET F 10 63.17 -30.31 9.89
N THR F 11 63.65 -29.17 10.41
CA THR F 11 63.79 -27.89 9.66
C THR F 11 64.73 -28.08 8.46
N LEU F 12 65.96 -28.55 8.70
CA LEU F 12 66.99 -28.76 7.65
C LEU F 12 66.48 -29.80 6.64
N ALA F 13 65.89 -30.89 7.15
CA ALA F 13 65.27 -31.96 6.33
C ALA F 13 64.22 -31.36 5.39
N LYS F 14 63.35 -30.47 5.90
CA LYS F 14 62.29 -29.81 5.08
C LYS F 14 62.93 -28.94 3.98
N ILE F 15 63.93 -28.13 4.35
CA ILE F 15 64.66 -27.19 3.45
C ILE F 15 65.36 -28.01 2.35
N GLU F 16 66.02 -29.10 2.73
CA GLU F 16 66.71 -30.03 1.79
C GLU F 16 65.70 -30.60 0.79
N LEU F 17 64.52 -31.00 1.27
CA LEU F 17 63.43 -31.61 0.46
C LEU F 17 62.83 -30.55 -0.47
N LEU F 18 62.75 -29.29 -0.03
CA LEU F 18 62.23 -28.16 -0.86
C LEU F 18 63.17 -27.95 -2.06
N LYS F 19 64.48 -27.94 -1.82
CA LYS F 19 65.54 -27.77 -2.85
C LYS F 19 65.43 -28.92 -3.87
N GLN F 20 65.38 -30.16 -3.38
CA GLN F 20 65.22 -31.40 -4.19
C GLN F 20 63.91 -31.29 -5.00
N LEU F 21 62.84 -30.78 -4.38
CA LEU F 21 61.51 -30.64 -5.03
C LEU F 21 61.57 -29.59 -6.15
N LEU F 22 62.24 -28.45 -5.90
CA LEU F 22 62.35 -27.32 -6.87
C LEU F 22 63.26 -27.71 -8.06
N ARG F 23 64.00 -28.82 -7.98
CA ARG F 23 64.78 -29.37 -9.12
C ARG F 23 63.80 -29.78 -10.23
N ASP F 24 62.69 -30.42 -9.88
CA ASP F 24 61.57 -30.75 -10.80
C ASP F 24 60.92 -29.44 -11.25
N ASN F 25 60.93 -29.16 -12.56
CA ASN F 25 60.47 -27.88 -13.17
C ASN F 25 58.94 -27.78 -13.04
N GLU F 26 58.25 -28.93 -13.00
CA GLU F 26 56.78 -29.02 -12.84
C GLU F 26 56.41 -28.55 -11.42
N ALA F 27 57.07 -29.11 -10.41
CA ALA F 27 56.92 -28.75 -8.98
C ALA F 27 57.25 -27.27 -8.79
N LYS F 28 58.35 -26.81 -9.39
CA LYS F 28 58.82 -25.39 -9.38
C LYS F 28 57.67 -24.48 -9.83
N THR F 29 57.00 -24.85 -10.93
CA THR F 29 55.87 -24.09 -11.53
C THR F 29 54.70 -24.09 -10.54
N VAL F 30 54.30 -25.27 -10.05
CA VAL F 30 53.17 -25.44 -9.09
C VAL F 30 53.42 -24.56 -7.86
N LEU F 31 54.57 -24.72 -7.21
CA LEU F 31 54.92 -24.01 -5.94
C LEU F 31 54.92 -22.49 -6.15
N LYS F 32 55.44 -22.02 -7.29
CA LYS F 32 55.58 -20.57 -7.60
C LYS F 32 54.21 -19.98 -7.98
N GLN F 33 53.47 -20.65 -8.86
CA GLN F 33 52.23 -20.13 -9.51
C GLN F 33 51.03 -20.33 -8.60
N THR F 34 50.99 -21.41 -7.80
CA THR F 34 49.88 -21.71 -6.86
C THR F 34 49.98 -20.78 -5.64
N THR F 35 48.95 -19.96 -5.41
CA THR F 35 48.82 -19.09 -4.21
C THR F 35 48.48 -19.95 -3.00
N VAL F 36 48.70 -19.44 -1.79
CA VAL F 36 48.41 -20.16 -0.51
C VAL F 36 46.91 -20.53 -0.50
N ASP F 37 46.04 -19.62 -0.93
CA ASP F 37 44.59 -19.87 -1.14
C ASP F 37 44.42 -21.14 -1.99
N GLN F 38 45.14 -21.21 -3.11
CA GLN F 38 44.97 -22.24 -4.17
C GLN F 38 45.57 -23.58 -3.75
N TYR F 39 46.23 -23.66 -2.59
CA TYR F 39 46.65 -24.93 -1.95
C TYR F 39 45.42 -25.83 -1.77
N ASN F 40 44.32 -25.21 -1.31
CA ASN F 40 43.02 -25.88 -0.99
C ASN F 40 42.41 -26.52 -2.24
N ILE F 41 42.72 -26.00 -3.44
CA ILE F 41 42.22 -26.52 -4.74
C ILE F 41 43.11 -27.68 -5.19
N ILE F 42 44.43 -27.48 -5.22
CA ILE F 42 45.42 -28.49 -5.71
C ILE F 42 45.52 -29.66 -4.71
N ARG F 43 45.11 -29.47 -3.45
CA ARG F 43 45.12 -30.54 -2.42
C ARG F 43 44.16 -31.67 -2.81
N LYS F 44 43.10 -31.35 -3.55
CA LYS F 44 41.98 -32.26 -3.90
C LYS F 44 42.06 -32.70 -5.38
N PHE F 45 43.13 -32.32 -6.09
CA PHE F 45 43.37 -32.68 -7.52
C PHE F 45 43.30 -34.20 -7.68
N ASN F 46 42.52 -34.69 -8.65
CA ASN F 46 42.23 -36.13 -8.85
C ASN F 46 41.77 -36.36 -10.30
N THR F 47 42.60 -37.06 -11.09
CA THR F 47 42.35 -37.38 -12.52
C THR F 47 41.78 -38.82 -12.64
N SER F 48 41.99 -39.66 -11.63
CA SER F 48 41.44 -41.04 -11.53
C SER F 48 39.92 -41.01 -11.71
N ARG F 49 39.35 -42.04 -12.34
CA ARG F 49 37.88 -42.15 -12.57
C ARG F 49 37.17 -42.32 -11.22
N ILE F 50 36.19 -41.47 -10.94
CA ILE F 50 35.42 -41.47 -9.66
C ILE F 50 34.53 -42.71 -9.62
N GLU F 51 34.49 -43.40 -8.47
CA GLU F 51 33.72 -44.65 -8.27
C GLU F 51 32.26 -44.32 -7.98
N LYS F 52 31.33 -44.87 -8.77
CA LYS F 52 29.87 -44.59 -8.69
C LYS F 52 29.18 -45.60 -7.74
N ASN F 53 29.80 -46.76 -7.50
CA ASN F 53 29.24 -47.84 -6.63
C ASN F 53 30.31 -48.29 -5.62
N PRO F 54 30.52 -47.50 -4.54
CA PRO F 54 31.56 -47.80 -3.55
C PRO F 54 31.39 -49.17 -2.87
N SER F 55 30.14 -49.52 -2.52
CA SER F 55 29.77 -50.78 -1.81
C SER F 55 30.09 -51.99 -2.68
N LEU F 56 29.83 -51.91 -3.99
CA LEU F 56 30.17 -52.95 -5.00
C LEU F 56 31.69 -53.00 -5.18
N ARG F 57 32.31 -51.84 -5.43
CA ARG F 57 33.76 -51.73 -5.73
C ARG F 57 34.57 -52.38 -4.60
N MET F 58 34.11 -52.26 -3.34
CA MET F 58 34.80 -52.81 -2.15
C MET F 58 34.66 -54.34 -2.14
N LYS F 59 33.45 -54.86 -2.36
CA LYS F 59 33.20 -56.34 -2.44
C LYS F 59 34.04 -56.93 -3.56
N TRP F 60 34.21 -56.20 -4.67
CA TRP F 60 35.06 -56.61 -5.83
C TRP F 60 36.54 -56.56 -5.43
N ALA F 61 37.02 -55.41 -4.95
CA ALA F 61 38.44 -55.12 -4.65
C ALA F 61 39.01 -56.09 -3.60
N MET F 62 38.18 -56.53 -2.64
CA MET F 62 38.61 -57.40 -1.51
C MET F 62 38.89 -58.83 -2.01
N CYS F 63 38.46 -59.17 -3.23
CA CYS F 63 38.74 -60.47 -3.90
C CYS F 63 40.01 -60.39 -4.76
N SER F 64 40.57 -59.20 -4.96
CA SER F 64 41.82 -58.98 -5.73
C SER F 64 43.03 -59.16 -4.80
N ASN F 65 44.24 -59.22 -5.36
CA ASN F 65 45.47 -59.65 -4.66
C ASN F 65 45.99 -58.53 -3.76
N PHE F 66 46.20 -57.33 -4.32
CA PHE F 66 46.79 -56.15 -3.62
C PHE F 66 45.92 -54.91 -3.87
N PRO F 67 44.75 -54.81 -3.20
CA PRO F 67 43.86 -53.67 -3.39
C PRO F 67 44.22 -52.41 -2.59
N LEU F 68 45.01 -52.53 -1.53
CA LEU F 68 45.31 -51.40 -0.59
C LEU F 68 46.53 -50.63 -1.07
N ALA F 69 46.62 -49.35 -0.71
CA ALA F 69 47.78 -48.45 -0.95
C ALA F 69 48.66 -48.42 0.31
N LEU F 70 49.96 -48.62 0.13
CA LEU F 70 51.00 -48.55 1.20
C LEU F 70 51.67 -47.18 1.15
N THR F 71 51.86 -46.55 2.32
CA THR F 71 52.69 -45.33 2.49
C THR F 71 54.17 -45.75 2.37
N LYS F 72 54.88 -45.20 1.38
CA LYS F 72 56.34 -45.42 1.19
C LYS F 72 57.08 -44.92 2.44
N GLY F 73 57.96 -45.76 3.01
CA GLY F 73 58.69 -45.44 4.25
C GLY F 73 59.36 -46.66 4.87
N ASP F 74 59.93 -46.50 6.06
CA ASP F 74 60.71 -47.52 6.79
C ASP F 74 59.75 -48.59 7.35
N MET F 75 58.57 -48.17 7.81
CA MET F 75 57.56 -49.04 8.47
C MET F 75 56.94 -50.01 7.45
N ALA F 76 56.61 -49.52 6.25
CA ALA F 76 56.14 -50.34 5.11
C ALA F 76 57.15 -51.48 4.83
N ASN F 77 58.44 -51.17 4.90
CA ASN F 77 59.55 -52.12 4.61
C ASN F 77 59.66 -53.18 5.71
N ARG F 78 59.17 -52.89 6.93
CA ARG F 78 59.13 -53.86 8.05
C ARG F 78 58.08 -54.95 7.78
N ILE F 79 57.22 -54.77 6.78
CA ILE F 79 56.28 -55.81 6.27
C ILE F 79 57.03 -56.68 5.25
N PRO F 80 57.08 -58.02 5.42
CA PRO F 80 57.76 -58.90 4.45
C PRO F 80 56.95 -59.04 3.15
N LEU F 81 57.60 -59.44 2.06
CA LEU F 81 56.99 -59.65 0.73
C LEU F 81 55.87 -60.69 0.83
N GLU F 82 56.11 -61.76 1.58
CA GLU F 82 55.11 -62.83 1.85
C GLU F 82 55.31 -63.38 3.27
N TYR F 83 54.26 -64.02 3.81
CA TYR F 83 54.26 -64.73 5.11
C TYR F 83 53.61 -66.10 4.89
N LYS F 84 54.37 -67.17 5.15
CA LYS F 84 53.95 -68.59 5.02
C LYS F 84 53.16 -68.79 3.72
N GLY F 85 53.67 -68.25 2.60
CA GLY F 85 53.08 -68.43 1.24
C GLY F 85 52.14 -67.30 0.85
N ILE F 86 51.61 -66.55 1.83
CA ILE F 86 50.64 -65.44 1.59
C ILE F 86 51.42 -64.18 1.19
N GLN F 87 51.31 -63.76 -0.07
CA GLN F 87 51.92 -62.50 -0.60
C GLN F 87 51.28 -61.30 0.10
N LEU F 88 52.08 -60.52 0.84
CA LEU F 88 51.60 -59.39 1.69
C LEU F 88 51.56 -58.09 0.86
N LYS F 89 52.63 -57.79 0.13
CA LYS F 89 52.76 -56.53 -0.66
C LYS F 89 53.28 -56.85 -2.07
N THR F 90 53.12 -55.90 -3.00
CA THR F 90 53.50 -56.05 -4.44
C THR F 90 55.01 -56.27 -4.54
N ASN F 91 55.46 -57.04 -5.54
CA ASN F 91 56.88 -57.41 -5.74
C ASN F 91 57.66 -56.18 -6.21
N ALA F 92 58.98 -56.16 -5.97
CA ALA F 92 59.90 -55.04 -6.26
C ALA F 92 60.00 -54.81 -7.77
N GLU F 93 59.81 -55.87 -8.57
CA GLU F 93 59.90 -55.81 -10.07
C GLU F 93 58.54 -55.43 -10.67
N ASP F 94 57.49 -55.28 -9.84
CA ASP F 94 56.12 -54.87 -10.26
C ASP F 94 55.87 -53.39 -9.90
N ILE F 95 56.67 -52.82 -8.99
CA ILE F 95 56.58 -51.38 -8.57
C ILE F 95 57.10 -50.51 -9.71
N GLY F 96 56.68 -49.23 -9.76
CA GLY F 96 57.20 -48.22 -10.71
C GLY F 96 56.10 -47.60 -11.53
N THR F 97 56.06 -46.27 -11.56
CA THR F 97 55.05 -45.43 -12.28
C THR F 97 53.65 -45.74 -11.76
N LYS F 98 53.53 -46.09 -10.47
CA LYS F 98 52.25 -46.44 -9.79
C LYS F 98 52.48 -46.43 -8.27
N GLY F 99 53.43 -47.23 -7.79
CA GLY F 99 53.80 -47.33 -6.35
C GLY F 99 53.57 -48.72 -5.80
N GLN F 100 53.87 -48.92 -4.51
CA GLN F 100 53.79 -50.23 -3.81
C GLN F 100 52.39 -50.40 -3.21
N MET F 101 51.70 -51.47 -3.58
CA MET F 101 50.36 -51.87 -3.05
C MET F 101 50.54 -53.06 -2.09
N CYS F 102 49.51 -53.32 -1.27
CA CYS F 102 49.48 -54.48 -0.32
C CYS F 102 48.09 -55.13 -0.30
N SER F 103 48.06 -56.40 0.12
CA SER F 103 46.84 -57.22 0.36
C SER F 103 46.25 -56.83 1.72
N ILE F 104 45.00 -57.23 1.97
CA ILE F 104 44.31 -57.06 3.28
C ILE F 104 45.01 -57.90 4.34
N ALA F 105 45.60 -59.02 3.94
CA ALA F 105 46.38 -59.95 4.80
C ALA F 105 47.56 -59.22 5.45
N ALA F 106 48.11 -58.20 4.77
CA ALA F 106 49.24 -57.37 5.25
C ALA F 106 48.85 -56.66 6.55
N VAL F 107 47.66 -56.05 6.58
CA VAL F 107 47.09 -55.35 7.77
C VAL F 107 47.00 -56.37 8.91
N THR F 108 46.39 -57.52 8.64
CA THR F 108 46.28 -58.66 9.60
C THR F 108 47.67 -59.00 10.13
N TRP F 109 48.65 -59.15 9.24
CA TRP F 109 50.06 -59.44 9.60
C TRP F 109 50.61 -58.34 10.52
N TRP F 110 50.33 -57.07 10.21
CA TRP F 110 50.79 -55.92 11.04
C TRP F 110 50.19 -56.03 12.44
N ASN F 111 48.90 -56.38 12.54
CA ASN F 111 48.16 -56.44 13.82
C ASN F 111 48.54 -57.70 14.59
N THR F 112 49.27 -58.63 13.96
CA THR F 112 49.70 -59.93 14.56
C THR F 112 51.18 -59.90 14.96
N TYR F 113 52.07 -59.51 14.04
CA TYR F 113 53.55 -59.62 14.17
C TYR F 113 54.27 -58.32 13.79
N GLY F 114 53.54 -57.20 13.69
CA GLY F 114 54.12 -55.90 13.26
C GLY F 114 54.81 -55.19 14.41
N PRO F 115 55.44 -54.02 14.16
CA PRO F 115 56.03 -53.20 15.22
C PRO F 115 54.99 -52.73 16.25
N ILE F 116 55.37 -52.77 17.54
CA ILE F 116 54.54 -52.28 18.69
C ILE F 116 54.89 -50.81 18.92
N GLY F 117 53.98 -49.90 18.56
CA GLY F 117 54.16 -48.44 18.63
C GLY F 117 53.70 -47.86 19.96
N ASP F 118 54.01 -46.58 20.18
CA ASP F 118 53.67 -45.82 21.42
C ASP F 118 52.18 -45.45 21.37
N THR F 119 51.43 -45.75 22.44
CA THR F 119 49.98 -45.47 22.60
C THR F 119 49.75 -44.54 23.80
N GLU F 120 50.79 -43.80 24.20
CA GLU F 120 50.76 -42.89 25.39
C GLU F 120 50.00 -41.62 24.98
N GLY F 121 48.92 -41.29 25.72
CA GLY F 121 48.07 -40.11 25.48
C GLY F 121 46.79 -40.45 24.74
N PHE F 122 46.67 -41.69 24.25
CA PHE F 122 45.55 -42.18 23.40
C PHE F 122 44.21 -41.84 24.06
N GLU F 123 44.01 -42.29 25.31
CA GLU F 123 42.75 -42.12 26.08
C GLU F 123 42.47 -40.63 26.31
N ARG F 124 43.52 -39.80 26.38
CA ARG F 124 43.42 -38.34 26.63
C ARG F 124 43.11 -37.62 25.30
N VAL F 125 43.53 -38.18 24.17
CA VAL F 125 43.21 -37.66 22.80
C VAL F 125 41.73 -37.96 22.49
N TYR F 126 41.29 -39.18 22.81
CA TYR F 126 39.93 -39.70 22.51
C TYR F 126 39.07 -39.68 23.79
N GLU F 127 39.28 -38.66 24.63
CA GLU F 127 38.54 -38.44 25.90
C GLU F 127 37.03 -38.38 25.62
N SER F 128 36.62 -37.61 24.61
CA SER F 128 35.21 -37.45 24.17
C SER F 128 34.53 -38.82 24.05
N PHE F 129 35.14 -39.76 23.32
CA PHE F 129 34.59 -41.12 23.07
C PHE F 129 34.61 -41.94 24.37
N PHE F 130 35.65 -41.78 25.20
CA PHE F 130 35.87 -42.58 26.43
C PHE F 130 34.89 -42.15 27.53
N LEU F 131 34.52 -40.87 27.58
CA LEU F 131 33.44 -40.35 28.46
C LEU F 131 32.11 -40.95 28.00
N ARG F 132 31.84 -40.90 26.69
CA ARG F 132 30.64 -41.50 26.05
C ARG F 132 30.46 -42.95 26.56
N LYS F 133 31.56 -43.69 26.71
CA LYS F 133 31.57 -45.10 27.17
C LYS F 133 31.31 -45.16 28.68
N MET F 134 31.93 -44.27 29.46
CA MET F 134 31.82 -44.28 30.95
C MET F 134 30.40 -43.88 31.34
N ARG F 135 29.75 -43.02 30.54
CA ARG F 135 28.35 -42.58 30.76
C ARG F 135 27.41 -43.79 30.63
N LEU F 136 27.69 -44.68 29.67
CA LEU F 136 26.94 -45.96 29.47
C LEU F 136 27.32 -46.95 30.57
N ASP F 137 28.62 -47.11 30.85
CA ASP F 137 29.15 -48.13 31.80
C ASP F 137 28.70 -47.82 33.22
N ASN F 138 28.55 -46.53 33.57
CA ASN F 138 28.14 -46.06 34.92
C ASN F 138 26.62 -45.78 34.95
N ALA F 139 25.89 -46.15 33.90
CA ALA F 139 24.43 -45.90 33.78
C ALA F 139 23.66 -46.91 34.62
N THR F 140 22.41 -46.58 34.97
CA THR F 140 21.42 -47.53 35.53
C THR F 140 20.17 -47.53 34.64
N TRP F 141 19.60 -48.72 34.43
CA TRP F 141 18.38 -48.95 33.62
C TRP F 141 17.21 -49.22 34.55
N GLY F 142 16.10 -48.50 34.37
CA GLY F 142 14.82 -48.74 35.07
C GLY F 142 14.00 -49.77 34.33
N ARG F 143 12.68 -49.70 34.48
CA ARG F 143 11.72 -50.59 33.78
C ARG F 143 11.58 -50.15 32.32
N ILE F 144 11.25 -51.10 31.44
CA ILE F 144 10.62 -50.83 30.12
C ILE F 144 9.11 -51.02 30.30
N THR F 145 8.31 -50.08 29.78
CA THR F 145 6.83 -50.11 29.86
C THR F 145 6.25 -49.99 28.45
N PHE F 146 5.10 -50.61 28.22
CA PHE F 146 4.44 -50.73 26.89
C PHE F 146 3.14 -49.89 26.91
N GLY F 147 3.18 -48.74 26.25
CA GLY F 147 2.03 -47.82 26.13
C GLY F 147 2.32 -46.70 25.13
N PRO F 148 1.34 -45.81 24.87
CA PRO F 148 1.50 -44.78 23.84
C PRO F 148 2.57 -43.76 24.23
N VAL F 149 3.44 -43.40 23.27
CA VAL F 149 4.48 -42.35 23.45
C VAL F 149 4.33 -41.32 22.32
N GLU F 150 3.80 -40.14 22.66
CA GLU F 150 3.71 -38.97 21.75
C GLU F 150 5.10 -38.32 21.66
N ARG F 151 5.83 -38.59 20.58
CA ARG F 151 7.19 -38.04 20.33
C ARG F 151 7.06 -36.76 19.52
N VAL F 152 7.85 -35.75 19.87
CA VAL F 152 7.88 -34.41 19.20
C VAL F 152 9.26 -34.24 18.56
N ARG F 153 9.29 -33.75 17.32
CA ARG F 153 10.56 -33.57 16.55
C ARG F 153 11.11 -32.18 16.86
N LYS F 154 12.19 -32.13 17.66
CA LYS F 154 12.84 -30.89 18.15
C LYS F 154 14.34 -30.93 17.79
N ARG F 155 14.94 -29.75 17.64
CA ARG F 155 16.39 -29.55 17.44
C ARG F 155 17.10 -29.79 18.78
N VAL F 156 17.90 -30.85 18.88
CA VAL F 156 18.55 -31.30 20.14
C VAL F 156 20.05 -31.52 19.89
N LEU F 157 20.86 -31.38 20.95
CA LEU F 157 22.32 -31.59 20.92
C LEU F 157 22.60 -33.11 20.89
N LEU F 158 23.38 -33.58 19.92
CA LEU F 158 23.61 -35.03 19.68
C LEU F 158 24.57 -35.60 20.74
N ASN F 159 25.59 -34.83 21.14
CA ASN F 159 26.70 -35.30 22.02
C ASN F 159 27.05 -34.20 23.03
N PRO F 160 27.34 -34.57 24.30
CA PRO F 160 27.83 -33.59 25.29
C PRO F 160 29.17 -32.97 24.88
N LEU F 161 29.42 -31.75 25.35
CA LEU F 161 30.62 -30.94 25.02
C LEU F 161 31.42 -30.67 26.29
N THR F 162 32.74 -30.53 26.17
CA THR F 162 33.67 -30.12 27.26
C THR F 162 33.33 -28.68 27.66
N LYS F 163 33.28 -27.79 26.67
CA LYS F 163 32.89 -26.37 26.83
C LYS F 163 32.31 -25.87 25.49
N GLU F 164 31.00 -25.66 25.43
CA GLU F 164 30.30 -25.22 24.19
C GLU F 164 30.69 -23.77 23.89
N MET F 165 31.01 -23.47 22.63
CA MET F 165 31.38 -22.12 22.13
C MET F 165 31.16 -22.08 20.63
N PRO F 166 30.98 -20.87 20.02
CA PRO F 166 30.76 -20.76 18.57
C PRO F 166 31.87 -21.40 17.75
N PRO F 167 31.58 -21.98 16.57
CA PRO F 167 32.60 -22.66 15.76
C PRO F 167 33.85 -21.81 15.50
N ASP F 168 33.66 -20.55 15.10
CA ASP F 168 34.76 -19.57 14.82
C ASP F 168 35.64 -19.40 16.05
N GLU F 169 35.01 -19.32 17.23
CA GLU F 169 35.70 -19.22 18.55
C GLU F 169 36.44 -20.53 18.84
N ALA F 170 35.75 -21.67 18.77
CA ALA F 170 36.29 -23.03 19.02
C ALA F 170 37.53 -23.26 18.13
N SER F 171 37.42 -22.88 16.85
CA SER F 171 38.50 -23.00 15.85
C SER F 171 39.78 -22.33 16.37
N ASN F 172 39.68 -21.08 16.83
CA ASN F 172 40.80 -20.29 17.39
C ASN F 172 41.41 -21.03 18.58
N VAL F 173 40.58 -21.55 19.50
CA VAL F 173 41.02 -22.27 20.73
C VAL F 173 41.88 -23.48 20.34
N ILE F 174 41.46 -24.23 19.31
CA ILE F 174 42.18 -25.44 18.81
C ILE F 174 43.53 -25.01 18.24
N MET F 175 43.55 -23.89 17.49
CA MET F 175 44.78 -23.31 16.89
C MET F 175 45.77 -22.96 18.02
N GLU F 176 45.30 -22.33 19.10
CA GLU F 176 46.14 -21.94 20.27
C GLU F 176 46.71 -23.20 20.94
N ILE F 177 45.96 -24.30 20.94
CA ILE F 177 46.37 -25.59 21.59
C ILE F 177 47.40 -26.30 20.70
N LEU F 178 47.13 -26.44 19.40
CA LEU F 178 47.90 -27.34 18.50
C LEU F 178 48.97 -26.58 17.70
N PHE F 179 48.59 -25.44 17.09
CA PHE F 179 49.45 -24.69 16.12
C PHE F 179 49.50 -23.21 16.50
N PRO F 180 50.18 -22.83 17.61
CA PRO F 180 50.14 -21.45 18.10
C PRO F 180 50.81 -20.47 17.13
N LYS F 181 51.93 -20.89 16.53
CA LYS F 181 52.76 -20.07 15.60
C LYS F 181 51.93 -19.65 14.37
N GLU F 182 50.91 -20.45 14.01
CA GLU F 182 50.06 -20.24 12.80
C GLU F 182 48.67 -19.70 13.20
N ALA F 183 48.46 -19.41 14.49
CA ALA F 183 47.16 -19.00 15.07
C ALA F 183 46.71 -17.63 14.52
N GLY F 184 47.65 -16.78 14.10
CA GLY F 184 47.37 -15.48 13.47
C GLY F 184 47.01 -14.41 14.49
N ILE F 185 46.11 -13.49 14.12
CA ILE F 185 45.73 -12.29 14.92
C ILE F 185 45.25 -12.75 16.29
N PRO F 186 45.89 -12.29 17.41
CA PRO F 186 45.42 -12.64 18.75
C PRO F 186 43.94 -12.27 18.96
N ARG F 187 43.18 -13.18 19.58
CA ARG F 187 41.72 -13.04 19.83
C ARG F 187 41.47 -12.99 21.35
N GLU F 188 40.37 -12.35 21.76
CA GLU F 188 39.97 -12.16 23.18
C GLU F 188 39.54 -13.52 23.76
N SER F 189 39.08 -14.43 22.91
CA SER F 189 38.60 -15.81 23.25
C SER F 189 39.72 -16.62 23.93
N THR F 190 40.98 -16.37 23.55
CA THR F 190 42.19 -17.01 24.11
C THR F 190 42.24 -16.80 25.62
N TRP F 191 41.92 -15.58 26.09
CA TRP F 191 41.94 -15.19 27.52
C TRP F 191 40.77 -15.83 28.27
N ILE F 192 39.60 -15.90 27.62
CA ILE F 192 38.35 -16.48 28.19
C ILE F 192 38.56 -17.99 28.44
N HIS F 193 39.18 -18.69 27.50
CA HIS F 193 39.36 -20.17 27.50
C HIS F 193 40.81 -20.54 27.86
N ARG F 194 41.51 -19.64 28.55
CA ARG F 194 42.94 -19.80 28.93
C ARG F 194 43.13 -21.09 29.73
N GLU F 195 42.18 -21.40 30.63
CA GLU F 195 42.24 -22.56 31.56
C GLU F 195 41.95 -23.85 30.80
N LEU F 196 41.16 -23.77 29.72
CA LEU F 196 40.91 -24.92 28.80
C LEU F 196 42.18 -25.18 27.99
N ILE F 197 42.66 -24.15 27.28
CA ILE F 197 43.87 -24.22 26.41
C ILE F 197 45.00 -24.87 27.22
N LYS F 198 45.41 -24.24 28.33
CA LYS F 198 46.47 -24.71 29.25
C LYS F 198 46.28 -26.20 29.55
N GLU F 199 45.06 -26.60 29.93
CA GLU F 199 44.70 -27.99 30.32
C GLU F 199 44.91 -28.92 29.14
N LYS F 200 44.41 -28.53 27.96
CA LYS F 200 44.49 -29.33 26.71
C LYS F 200 45.95 -29.47 26.26
N ARG F 201 46.75 -28.42 26.40
CA ARG F 201 48.19 -28.41 26.01
C ARG F 201 48.94 -29.45 26.85
N GLU F 202 48.65 -29.52 28.16
CA GLU F 202 49.27 -30.49 29.11
C GLU F 202 48.75 -31.90 28.82
N LYS F 203 47.45 -32.03 28.52
CA LYS F 203 46.80 -33.34 28.19
C LYS F 203 47.39 -33.92 26.90
N LEU F 204 47.53 -33.10 25.84
CA LEU F 204 47.95 -33.54 24.48
C LEU F 204 49.48 -33.44 24.31
N LYS F 205 50.22 -33.40 25.41
CA LYS F 205 51.69 -33.16 25.42
C LYS F 205 52.39 -34.52 25.39
N GLY F 206 53.28 -34.73 24.42
CA GLY F 206 54.12 -35.94 24.31
C GLY F 206 53.45 -37.09 23.55
N THR F 207 52.30 -36.84 22.93
CA THR F 207 51.60 -37.82 22.05
C THR F 207 52.13 -37.70 20.62
N MET F 208 52.26 -38.82 19.92
CA MET F 208 52.84 -38.91 18.55
C MET F 208 51.74 -38.99 17.48
N ILE F 209 50.46 -38.96 17.90
CA ILE F 209 49.27 -39.03 17.01
C ILE F 209 49.22 -37.75 16.16
N THR F 210 48.85 -37.88 14.89
CA THR F 210 48.80 -36.79 13.88
C THR F 210 47.99 -35.62 14.44
N PRO F 211 48.50 -34.38 14.40
CA PRO F 211 47.77 -33.21 14.91
C PRO F 211 46.35 -33.03 14.34
N ILE F 212 46.12 -33.44 13.09
CA ILE F 212 44.80 -33.38 12.39
C ILE F 212 43.78 -34.20 13.19
N VAL F 213 44.20 -35.35 13.71
CA VAL F 213 43.34 -36.26 14.54
C VAL F 213 43.01 -35.54 15.85
N LEU F 214 44.03 -34.96 16.51
CA LEU F 214 43.88 -34.14 17.73
C LEU F 214 42.86 -33.03 17.47
N ALA F 215 43.03 -32.30 16.36
CA ALA F 215 42.18 -31.15 15.95
C ALA F 215 40.72 -31.61 15.84
N TYR F 216 40.46 -32.69 15.09
CA TYR F 216 39.11 -33.29 14.90
C TYR F 216 38.49 -33.63 16.26
N MET F 217 39.25 -34.34 17.11
CA MET F 217 38.78 -34.81 18.43
C MET F 217 38.58 -33.63 19.39
N LEU F 218 39.31 -32.52 19.21
CA LEU F 218 39.08 -31.26 19.96
C LEU F 218 37.81 -30.60 19.43
N GLU F 219 37.62 -30.60 18.10
CA GLU F 219 36.41 -30.05 17.43
C GLU F 219 35.17 -30.80 17.92
N ARG F 220 35.29 -32.11 18.16
CA ARG F 220 34.15 -32.98 18.59
C ARG F 220 33.59 -32.55 19.96
N GLU F 221 34.45 -32.06 20.85
CA GLU F 221 34.10 -31.74 22.26
C GLU F 221 33.96 -30.22 22.47
N LEU F 222 34.13 -29.41 21.42
CA LEU F 222 33.97 -27.92 21.48
C LEU F 222 32.87 -27.45 20.52
N VAL F 223 32.85 -27.96 19.29
CA VAL F 223 31.83 -27.60 18.24
C VAL F 223 30.63 -28.54 18.39
N ALA F 224 29.44 -27.96 18.56
CA ALA F 224 28.16 -28.67 18.81
C ALA F 224 27.62 -29.27 17.51
N ARG F 225 26.89 -30.39 17.62
CA ARG F 225 26.08 -30.99 16.53
C ARG F 225 24.61 -31.05 17.01
N ARG F 226 23.80 -30.12 16.52
CA ARG F 226 22.35 -30.01 16.83
C ARG F 226 21.56 -30.44 15.59
N ARG F 227 20.61 -31.37 15.78
CA ARG F 227 19.78 -31.95 14.70
C ARG F 227 18.35 -32.17 15.21
N PHE F 228 17.40 -32.27 14.29
CA PHE F 228 15.97 -32.57 14.58
C PHE F 228 15.82 -34.09 14.79
N LEU F 229 15.36 -34.49 15.96
CA LEU F 229 15.08 -35.92 16.31
C LEU F 229 13.75 -36.02 17.05
N PRO F 230 13.01 -37.14 16.90
CA PRO F 230 11.82 -37.38 17.71
C PRO F 230 12.22 -37.65 19.17
N VAL F 231 11.77 -36.79 20.10
CA VAL F 231 12.07 -36.89 21.55
C VAL F 231 10.76 -37.01 22.32
N ALA F 232 10.83 -37.46 23.58
CA ALA F 232 9.68 -37.61 24.50
C ALA F 232 10.13 -37.39 25.95
N GLY F 233 10.44 -36.14 26.31
CA GLY F 233 10.64 -35.69 27.70
C GLY F 233 12.07 -35.89 28.21
N ALA F 234 13.02 -36.19 27.32
CA ALA F 234 14.47 -36.26 27.64
C ALA F 234 15.26 -35.68 26.46
N THR F 235 15.79 -34.47 26.62
CA THR F 235 16.35 -33.61 25.55
C THR F 235 17.86 -33.40 25.73
N SER F 236 18.41 -33.62 26.93
CA SER F 236 19.86 -33.45 27.24
C SER F 236 20.68 -34.43 26.39
N ALA F 237 21.85 -33.98 25.92
CA ALA F 237 22.76 -34.74 25.02
C ALA F 237 23.03 -36.13 25.58
N GLU F 238 23.25 -36.21 26.90
CA GLU F 238 23.56 -37.45 27.65
C GLU F 238 22.42 -38.47 27.48
N PHE F 239 21.18 -37.99 27.28
CA PHE F 239 19.99 -38.81 26.95
C PHE F 239 19.92 -39.00 25.43
N ILE F 240 20.12 -37.92 24.67
CA ILE F 240 20.02 -37.93 23.18
C ILE F 240 20.95 -39.01 22.60
N GLU F 241 22.14 -39.20 23.16
CA GLU F 241 23.12 -40.19 22.63
C GLU F 241 22.64 -41.63 22.93
N MET F 242 21.61 -41.81 23.76
CA MET F 242 20.97 -43.13 24.04
C MET F 242 19.54 -43.13 23.48
N LEU F 243 19.17 -42.14 22.67
CA LEU F 243 17.76 -41.88 22.22
C LEU F 243 17.16 -43.15 21.59
N HIS F 244 17.97 -43.93 20.88
CA HIS F 244 17.56 -45.17 20.18
C HIS F 244 17.03 -46.20 21.19
N CYS F 245 17.48 -46.18 22.45
CA CYS F 245 17.09 -47.13 23.52
C CYS F 245 16.05 -46.52 24.48
N LEU F 246 15.80 -45.20 24.41
CA LEU F 246 14.95 -44.48 25.39
C LEU F 246 13.46 -44.75 25.11
N GLN F 247 13.02 -44.70 23.85
CA GLN F 247 11.61 -44.99 23.48
C GLN F 247 11.44 -45.20 21.98
N GLY F 248 10.34 -45.87 21.60
CA GLY F 248 9.68 -45.76 20.28
C GLY F 248 8.35 -45.05 20.43
N GLU F 249 7.44 -45.25 19.48
CA GLU F 249 6.07 -44.63 19.50
C GLU F 249 5.19 -45.40 20.51
N ASN F 250 5.56 -46.64 20.86
CA ASN F 250 4.69 -47.62 21.56
C ASN F 250 5.36 -48.22 22.82
N TRP F 251 6.47 -47.67 23.30
CA TRP F 251 7.17 -48.17 24.51
C TRP F 251 8.14 -47.11 25.05
N ARG F 252 8.43 -47.19 26.35
CA ARG F 252 9.38 -46.32 27.08
C ARG F 252 10.36 -47.20 27.87
N GLN F 253 11.63 -46.81 27.89
CA GLN F 253 12.72 -47.44 28.68
C GLN F 253 13.32 -46.37 29.59
N ILE F 254 13.22 -46.53 30.92
CA ILE F 254 13.85 -45.60 31.90
C ILE F 254 15.36 -45.84 31.87
N TYR F 255 16.13 -44.77 31.68
CA TYR F 255 17.61 -44.77 31.57
C TYR F 255 18.16 -43.58 32.36
N HIS F 256 19.05 -43.86 33.34
N HIS F 256 19.03 -43.86 33.36
CA HIS F 256 19.82 -42.86 34.11
CA HIS F 256 19.82 -42.85 34.10
C HIS F 256 21.28 -42.91 33.65
C HIS F 256 21.27 -42.90 33.62
N PRO F 257 21.74 -41.93 32.81
CA PRO F 257 23.12 -41.92 32.35
C PRO F 257 24.12 -41.66 33.49
N GLY F 258 25.36 -42.15 33.32
CA GLY F 258 26.47 -41.89 34.25
C GLY F 258 27.01 -40.48 34.08
N GLY F 259 28.04 -40.13 34.85
CA GLY F 259 28.65 -38.79 34.85
C GLY F 259 27.79 -37.78 35.58
N ASN F 260 28.10 -36.49 35.41
CA ASN F 260 27.42 -35.36 36.11
C ASN F 260 26.38 -34.73 35.19
N LYS F 261 25.34 -34.14 35.79
CA LYS F 261 24.30 -33.34 35.09
C LYS F 261 24.47 -31.87 35.49
N LEU F 262 24.26 -30.95 34.55
CA LEU F 262 24.29 -29.48 34.80
C LEU F 262 23.10 -29.11 35.69
N THR F 263 23.24 -28.05 36.48
CA THR F 263 22.15 -27.53 37.37
C THR F 263 21.06 -26.92 36.48
N GLU F 264 21.46 -26.27 35.38
CA GLU F 264 20.55 -25.63 34.38
C GLU F 264 19.63 -26.69 33.77
N SER F 265 20.10 -27.92 33.62
CA SER F 265 19.32 -29.09 33.11
C SER F 265 18.26 -29.48 34.14
N ARG F 266 18.66 -29.54 35.42
CA ARG F 266 17.76 -29.86 36.57
C ARG F 266 16.70 -28.77 36.70
N SER F 267 17.11 -27.51 36.64
CA SER F 267 16.23 -26.30 36.73
C SER F 267 15.14 -26.35 35.66
N GLN F 268 15.52 -26.62 34.41
CA GLN F 268 14.60 -26.65 33.24
C GLN F 268 13.57 -27.76 33.42
N SER F 269 14.00 -28.95 33.86
CA SER F 269 13.16 -30.16 34.06
C SER F 269 12.21 -29.94 35.26
N MET F 270 12.76 -29.39 36.34
CA MET F 270 12.03 -28.87 37.55
C MET F 270 10.76 -28.14 37.11
N ILE F 271 10.92 -27.14 36.23
CA ILE F 271 9.85 -26.22 35.75
C ILE F 271 8.82 -27.04 34.96
N VAL F 272 9.28 -27.86 34.02
CA VAL F 272 8.42 -28.74 33.18
C VAL F 272 7.57 -29.62 34.11
N ALA F 273 8.21 -30.28 35.09
CA ALA F 273 7.56 -31.18 36.07
C ALA F 273 6.45 -30.42 36.83
N CYS F 274 6.80 -29.27 37.43
CA CYS F 274 5.87 -28.44 38.25
C CYS F 274 4.66 -27.99 37.41
N ARG F 275 4.90 -27.53 36.19
CA ARG F 275 3.83 -27.09 35.24
C ARG F 275 2.87 -28.24 34.94
N LYS F 276 3.39 -29.47 34.81
CA LYS F 276 2.57 -30.67 34.49
C LYS F 276 1.68 -31.03 35.69
N ILE F 277 2.23 -30.95 36.91
CA ILE F 277 1.54 -31.31 38.18
C ILE F 277 0.35 -30.36 38.38
N ILE F 278 0.58 -29.06 38.19
CA ILE F 278 -0.47 -28.00 38.34
C ILE F 278 -1.55 -28.21 37.28
N ARG F 279 -1.18 -28.50 36.03
CA ARG F 279 -2.14 -28.68 34.89
C ARG F 279 -3.10 -29.84 35.17
N ARG F 280 -2.63 -30.91 35.82
CA ARG F 280 -3.46 -32.09 36.16
C ARG F 280 -4.20 -31.84 37.50
N SER F 281 -3.53 -31.19 38.46
CA SER F 281 -4.07 -30.89 39.81
C SER F 281 -5.27 -29.93 39.70
N ILE F 282 -5.12 -28.87 38.91
CA ILE F 282 -6.11 -27.76 38.68
C ILE F 282 -7.52 -28.33 38.54
N VAL F 283 -7.67 -29.46 37.86
CA VAL F 283 -8.98 -30.02 37.42
C VAL F 283 -9.60 -30.86 38.54
N ALA F 284 -8.84 -31.17 39.60
CA ALA F 284 -9.28 -32.01 40.74
C ALA F 284 -10.08 -31.17 41.74
N SER F 285 -10.97 -31.82 42.50
CA SER F 285 -11.59 -31.27 43.74
C SER F 285 -10.57 -31.40 44.87
N ASN F 286 -9.99 -30.27 45.30
CA ASN F 286 -8.80 -30.17 46.17
C ASN F 286 -7.53 -30.34 45.34
N PRO F 287 -7.24 -29.41 44.38
CA PRO F 287 -5.99 -29.45 43.63
C PRO F 287 -4.72 -29.55 44.50
N LEU F 288 -4.71 -28.83 45.62
CA LEU F 288 -3.56 -28.79 46.58
C LEU F 288 -3.26 -30.20 47.10
N GLU F 289 -4.29 -31.02 47.35
CA GLU F 289 -4.14 -32.40 47.87
C GLU F 289 -3.39 -33.23 46.82
N LEU F 290 -3.91 -33.27 45.59
CA LEU F 290 -3.35 -34.07 44.46
C LEU F 290 -1.95 -33.55 44.10
N ALA F 291 -1.79 -32.22 44.00
CA ALA F 291 -0.48 -31.58 43.72
C ALA F 291 0.59 -32.13 44.66
N VAL F 292 0.26 -32.23 45.96
CA VAL F 292 1.17 -32.72 47.04
C VAL F 292 1.42 -34.21 46.83
N GLU F 293 0.36 -34.99 46.55
CA GLU F 293 0.42 -36.45 46.31
C GLU F 293 1.40 -36.72 45.16
N ILE F 294 1.24 -36.01 44.04
CA ILE F 294 2.05 -36.21 42.81
C ILE F 294 3.47 -35.67 43.04
N ALA F 295 3.59 -34.40 43.45
CA ALA F 295 4.88 -33.69 43.65
C ALA F 295 5.85 -34.55 44.47
N ASN F 296 5.33 -35.21 45.52
CA ASN F 296 6.12 -36.06 46.47
C ASN F 296 6.72 -37.24 45.72
N LYS F 297 5.98 -37.80 44.76
CA LYS F 297 6.32 -39.06 44.04
C LYS F 297 6.93 -38.78 42.66
N THR F 298 7.13 -37.52 42.25
CA THR F 298 7.80 -37.21 40.95
C THR F 298 9.31 -37.09 41.18
N VAL F 299 10.08 -37.64 40.23
CA VAL F 299 11.57 -37.69 40.25
C VAL F 299 12.07 -37.11 38.92
N ILE F 300 13.03 -36.18 39.00
CA ILE F 300 13.76 -35.59 37.82
C ILE F 300 15.06 -36.37 37.65
N ASP F 301 15.09 -37.26 36.66
CA ASP F 301 16.11 -38.32 36.49
C ASP F 301 16.06 -39.21 37.74
N THR F 302 16.99 -39.04 38.69
CA THR F 302 17.09 -39.85 39.93
C THR F 302 16.79 -38.98 41.18
N GLU F 303 16.88 -37.65 41.06
CA GLU F 303 16.66 -36.69 42.19
C GLU F 303 15.16 -36.44 42.35
N PRO F 304 14.60 -36.65 43.57
CA PRO F 304 13.23 -36.24 43.88
C PRO F 304 12.97 -34.75 43.62
N LEU F 305 11.79 -34.42 43.07
CA LEU F 305 11.38 -33.03 42.74
C LEU F 305 11.63 -32.09 43.92
N LYS F 306 11.18 -32.48 45.12
CA LYS F 306 11.31 -31.70 46.38
C LYS F 306 12.78 -31.32 46.60
N SER F 307 13.70 -32.26 46.35
CA SER F 307 15.16 -32.07 46.53
C SER F 307 15.68 -30.98 45.57
N CYS F 308 15.27 -31.04 44.30
CA CYS F 308 15.69 -30.07 43.24
C CYS F 308 15.21 -28.66 43.59
N LEU F 309 13.94 -28.52 43.98
CA LEU F 309 13.30 -27.22 44.32
C LEU F 309 14.03 -26.59 45.51
N ALA F 310 14.33 -27.40 46.54
CA ALA F 310 15.03 -26.98 47.78
C ALA F 310 16.49 -26.62 47.46
N ALA F 311 17.09 -27.28 46.45
CA ALA F 311 18.53 -27.19 46.12
C ALA F 311 18.81 -26.02 45.17
N ILE F 312 17.91 -25.78 44.20
CA ILE F 312 18.10 -24.77 43.11
C ILE F 312 17.34 -23.48 43.47
N ASP F 313 18.04 -22.34 43.40
CA ASP F 313 17.52 -21.01 43.79
C ASP F 313 17.02 -20.29 42.53
N GLY F 314 15.95 -20.83 41.92
CA GLY F 314 15.31 -20.29 40.71
C GLY F 314 14.07 -21.10 40.34
N GLY F 315 13.51 -20.84 39.15
CA GLY F 315 12.32 -21.53 38.61
C GLY F 315 11.32 -20.56 38.03
N ASP F 316 10.03 -20.80 38.31
CA ASP F 316 8.91 -19.96 37.82
C ASP F 316 7.74 -20.05 38.82
N VAL F 317 6.61 -19.46 38.45
CA VAL F 317 5.34 -19.45 39.24
C VAL F 317 5.03 -20.88 39.71
N ALA F 318 4.98 -21.82 38.76
CA ALA F 318 4.62 -23.23 38.97
C ALA F 318 5.50 -23.84 40.07
N CYS F 319 6.81 -23.61 39.99
CA CYS F 319 7.82 -24.14 40.95
C CYS F 319 7.51 -23.63 42.37
N ASP F 320 7.32 -22.32 42.52
CA ASP F 320 7.00 -21.66 43.82
C ASP F 320 5.69 -22.23 44.40
N ILE F 321 4.68 -22.41 43.55
CA ILE F 321 3.36 -22.98 43.97
C ILE F 321 3.58 -24.38 44.57
N ILE F 322 4.40 -25.22 43.92
CA ILE F 322 4.73 -26.60 44.39
C ILE F 322 5.60 -26.52 45.64
N ARG F 323 6.55 -25.59 45.68
CA ARG F 323 7.38 -25.29 46.88
C ARG F 323 6.46 -25.02 48.08
N ALA F 324 5.51 -24.09 47.92
CA ALA F 324 4.54 -23.74 48.98
C ALA F 324 3.72 -24.97 49.40
N ALA F 325 3.40 -25.86 48.46
CA ALA F 325 2.63 -27.10 48.68
C ALA F 325 3.48 -28.12 49.45
N LEU F 326 4.78 -28.18 49.17
CA LEU F 326 5.73 -29.15 49.80
C LEU F 326 6.28 -28.57 51.12
N GLY F 327 6.05 -27.27 51.38
CA GLY F 327 6.42 -26.62 52.65
C GLY F 327 7.83 -26.06 52.60
N LEU F 328 8.30 -25.74 51.39
CA LEU F 328 9.61 -25.10 51.11
C LEU F 328 9.40 -23.58 51.00
N LYS F 329 10.43 -22.81 51.35
CA LYS F 329 10.44 -21.32 51.19
C LYS F 329 10.35 -21.01 49.71
N ILE F 330 9.34 -20.23 49.30
CA ILE F 330 9.19 -19.78 47.88
C ILE F 330 10.31 -18.78 47.56
N ARG F 331 11.02 -19.03 46.46
CA ARG F 331 12.02 -18.12 45.87
C ARG F 331 11.29 -17.37 44.73
N GLN F 332 11.55 -16.08 44.57
CA GLN F 332 10.91 -15.25 43.50
C GLN F 332 12.01 -14.76 42.57
N ARG F 333 12.84 -15.70 42.10
CA ARG F 333 14.07 -15.48 41.29
C ARG F 333 13.72 -15.56 39.81
N GLN F 334 14.19 -14.60 39.02
CA GLN F 334 14.06 -14.57 37.53
C GLN F 334 15.45 -14.38 36.91
N ARG F 335 15.72 -15.05 35.78
CA ARG F 335 17.01 -14.95 35.04
C ARG F 335 16.76 -14.28 33.68
N PHE F 336 17.14 -13.00 33.55
CA PHE F 336 17.07 -12.21 32.30
C PHE F 336 18.46 -12.20 31.64
N GLY F 337 18.88 -13.35 31.12
CA GLY F 337 20.18 -13.55 30.46
C GLY F 337 21.34 -13.47 31.44
N ARG F 338 21.95 -12.29 31.56
CA ARG F 338 23.13 -12.01 32.43
C ARG F 338 22.68 -11.18 33.65
N LEU F 339 21.37 -10.97 33.82
CA LEU F 339 20.76 -10.31 34.99
C LEU F 339 19.98 -11.34 35.82
N GLU F 340 20.18 -11.31 37.14
CA GLU F 340 19.41 -12.09 38.15
C GLU F 340 18.67 -11.10 39.06
N LEU F 341 17.33 -11.15 39.03
CA LEU F 341 16.40 -10.37 39.88
C LEU F 341 15.69 -11.34 40.83
N LYS F 342 15.36 -10.86 42.03
CA LYS F 342 14.53 -11.57 43.05
C LYS F 342 13.45 -10.59 43.53
N ARG F 343 12.17 -10.96 43.40
CA ARG F 343 11.02 -10.06 43.68
C ARG F 343 11.10 -9.55 45.13
N ILE F 344 10.98 -8.23 45.31
CA ILE F 344 10.92 -7.52 46.62
C ILE F 344 9.45 -7.22 46.94
N SER F 345 8.73 -6.59 45.99
CA SER F 345 7.29 -6.24 46.10
C SER F 345 6.65 -6.16 44.71
N GLY F 346 5.31 -6.12 44.67
CA GLY F 346 4.50 -5.96 43.45
C GLY F 346 4.10 -7.30 42.87
N ARG F 347 3.31 -7.27 41.78
CA ARG F 347 2.78 -8.44 41.05
C ARG F 347 2.55 -8.04 39.59
N GLY F 348 2.97 -8.90 38.65
CA GLY F 348 2.88 -8.65 37.19
C GLY F 348 1.82 -9.52 36.52
N PHE F 349 1.06 -8.92 35.60
CA PHE F 349 0.06 -9.59 34.73
C PHE F 349 0.50 -9.41 33.27
N LYS F 350 0.60 -10.50 32.50
CA LYS F 350 1.17 -10.50 31.12
C LYS F 350 0.04 -10.37 30.10
N ASN F 351 0.18 -9.47 29.12
CA ASN F 351 -0.78 -9.24 28.02
C ASN F 351 0.00 -9.10 26.70
N ASP F 352 -0.06 -10.10 25.82
CA ASP F 352 0.68 -10.14 24.53
C ASP F 352 0.07 -9.08 23.59
N GLU F 353 0.83 -8.02 23.27
CA GLU F 353 0.37 -6.87 22.44
C GLU F 353 1.43 -6.53 21.39
N GLU F 354 0.99 -6.03 20.22
CA GLU F 354 1.84 -5.78 19.03
C GLU F 354 2.54 -4.42 19.19
N ILE F 355 3.69 -4.41 19.87
CA ILE F 355 4.50 -3.18 20.18
C ILE F 355 5.20 -2.69 18.91
N LEU F 356 5.05 -1.38 18.62
CA LEU F 356 5.79 -0.66 17.54
C LEU F 356 7.17 -0.28 18.07
N ILE F 357 8.24 -0.72 17.40
CA ILE F 357 9.66 -0.40 17.77
C ILE F 357 10.20 0.62 16.76
N GLY F 358 11.19 1.42 17.17
CA GLY F 358 11.62 2.66 16.50
C GLY F 358 12.26 2.46 15.14
N ASN F 359 12.66 1.23 14.79
CA ASN F 359 13.38 0.90 13.53
C ASN F 359 12.40 0.88 12.35
N GLY F 360 11.17 0.39 12.58
CA GLY F 360 10.08 0.36 11.59
C GLY F 360 9.47 -1.02 11.43
N THR F 361 9.13 -1.68 12.54
CA THR F 361 8.46 -3.01 12.59
C THR F 361 7.57 -3.08 13.84
N ILE F 362 6.63 -4.03 13.82
CA ILE F 362 5.61 -4.25 14.89
C ILE F 362 5.78 -5.68 15.41
N GLN F 363 6.29 -5.83 16.64
CA GLN F 363 6.66 -7.14 17.24
C GLN F 363 5.61 -7.52 18.30
N LYS F 364 5.21 -8.80 18.32
CA LYS F 364 4.26 -9.37 19.31
C LYS F 364 5.01 -9.69 20.60
N ILE F 365 5.05 -8.74 21.54
CA ILE F 365 5.76 -8.81 22.85
C ILE F 365 4.70 -8.98 23.96
N GLY F 366 5.09 -9.55 25.10
CA GLY F 366 4.25 -9.67 26.32
C GLY F 366 4.41 -8.47 27.24
N ILE F 367 3.34 -7.67 27.39
CA ILE F 367 3.34 -6.43 28.24
C ILE F 367 2.98 -6.84 29.68
N TRP F 368 3.90 -6.57 30.62
CA TRP F 368 3.75 -6.85 32.07
C TRP F 368 3.17 -5.61 32.77
N ASP F 369 1.87 -5.65 33.10
CA ASP F 369 1.14 -4.56 33.82
C ASP F 369 1.49 -4.64 35.31
N GLY F 370 1.31 -3.53 36.03
CA GLY F 370 1.47 -3.46 37.50
C GLY F 370 2.83 -2.88 37.90
N GLU F 371 2.90 -2.34 39.12
CA GLU F 371 4.12 -1.74 39.71
C GLU F 371 4.87 -2.80 40.52
N GLU F 372 6.11 -3.12 40.12
CA GLU F 372 6.95 -4.18 40.74
C GLU F 372 8.28 -3.56 41.24
N GLU F 373 8.85 -4.13 42.29
CA GLU F 373 10.23 -3.85 42.78
C GLU F 373 11.01 -5.17 42.76
N PHE F 374 12.26 -5.14 42.29
CA PHE F 374 13.14 -6.33 42.12
C PHE F 374 14.50 -6.09 42.78
N HIS F 375 15.13 -7.18 43.22
CA HIS F 375 16.49 -7.23 43.85
C HIS F 375 17.50 -7.69 42.79
N VAL F 376 17.90 -6.78 41.90
CA VAL F 376 18.80 -7.06 40.75
C VAL F 376 20.22 -7.30 41.26
N ARG F 377 21.00 -8.15 40.57
CA ARG F 377 22.37 -8.56 40.98
C ARG F 377 23.19 -8.94 39.74
N CYS F 378 24.46 -8.53 39.69
CA CYS F 378 25.39 -8.81 38.56
C CYS F 378 26.85 -8.79 39.04
N GLY F 379 27.28 -9.87 39.72
CA GLY F 379 28.67 -10.06 40.19
C GLY F 379 29.01 -9.13 41.35
N GLU F 380 29.42 -7.90 41.03
CA GLU F 380 29.74 -6.84 42.03
C GLU F 380 28.50 -5.99 42.30
N CYS F 381 27.74 -5.67 41.24
CA CYS F 381 26.59 -4.72 41.27
C CYS F 381 25.37 -5.36 41.95
N ARG F 382 24.87 -4.73 43.01
CA ARG F 382 23.68 -5.14 43.81
C ARG F 382 22.75 -3.95 43.97
N GLY F 383 21.58 -3.97 43.33
CA GLY F 383 20.63 -2.84 43.28
C GLY F 383 19.19 -3.25 43.53
N ILE F 384 18.33 -2.26 43.77
CA ILE F 384 16.85 -2.39 43.92
C ILE F 384 16.19 -1.64 42.76
N LEU F 385 15.45 -2.36 41.89
CA LEU F 385 14.74 -1.82 40.71
C LEU F 385 13.29 -1.51 41.09
N LYS F 386 12.63 -0.64 40.32
CA LYS F 386 11.19 -0.27 40.49
C LYS F 386 10.60 0.09 39.13
N LYS F 387 9.89 -0.85 38.49
CA LYS F 387 9.28 -0.70 37.14
C LYS F 387 7.75 -0.70 37.27
N SER F 388 7.08 0.10 36.42
CA SER F 388 5.61 0.07 36.19
C SER F 388 5.35 -0.49 34.79
N LYS F 389 4.12 -0.37 34.27
CA LYS F 389 3.75 -0.81 32.89
C LYS F 389 4.53 0.03 31.87
N MET F 390 5.57 -0.56 31.28
CA MET F 390 6.40 0.04 30.19
C MET F 390 7.12 1.30 30.67
N LYS F 391 7.70 1.27 31.88
CA LYS F 391 8.40 2.46 32.47
C LYS F 391 9.31 2.04 33.63
N LEU F 392 10.38 2.82 33.86
CA LEU F 392 11.32 2.70 35.00
C LEU F 392 11.34 4.05 35.74
N GLU F 393 11.13 4.04 37.06
CA GLU F 393 10.90 5.26 37.89
C GLU F 393 12.12 5.54 38.77
N LYS F 394 12.55 4.56 39.59
CA LYS F 394 13.71 4.68 40.51
C LYS F 394 14.61 3.45 40.36
N LEU F 395 15.88 3.57 40.76
CA LEU F 395 16.91 2.49 40.64
C LEU F 395 18.14 2.82 41.50
N LEU F 396 18.08 2.47 42.80
CA LEU F 396 19.23 2.49 43.75
C LEU F 396 20.17 1.32 43.43
N ILE F 397 21.41 1.63 43.04
CA ILE F 397 22.48 0.62 42.73
C ILE F 397 23.67 0.83 43.68
N ASN F 398 24.37 -0.26 44.03
CA ASN F 398 25.65 -0.23 44.78
C ASN F 398 26.78 0.06 43.78
N SER F 399 27.82 0.77 44.22
CA SER F 399 28.98 1.20 43.39
C SER F 399 29.88 -0.01 43.09
N ALA F 400 30.26 -0.20 41.83
CA ALA F 400 31.01 -1.37 41.31
C ALA F 400 31.80 -1.00 40.06
N LYS F 401 32.48 -1.96 39.45
CA LYS F 401 33.31 -1.79 38.22
C LYS F 401 32.44 -1.30 37.05
N LYS F 402 33.06 -0.65 36.07
CA LYS F 402 32.43 -0.12 34.83
C LYS F 402 31.73 -1.27 34.10
N GLU F 403 32.44 -2.39 33.90
CA GLU F 403 31.95 -3.61 33.21
C GLU F 403 30.71 -4.18 33.91
N ASP F 404 30.73 -4.24 35.25
CA ASP F 404 29.65 -4.84 36.09
C ASP F 404 28.44 -3.91 36.12
N MET F 405 28.67 -2.59 36.11
CA MET F 405 27.59 -1.56 36.11
C MET F 405 26.96 -1.45 34.71
N ARG F 406 27.78 -1.48 33.66
CA ARG F 406 27.35 -1.34 32.24
C ARG F 406 26.30 -2.41 31.91
N ASP F 407 26.49 -3.65 32.38
CA ASP F 407 25.54 -4.78 32.19
C ASP F 407 24.23 -4.46 32.92
N LEU F 408 24.30 -4.37 34.26
CA LEU F 408 23.12 -4.26 35.16
C LEU F 408 22.25 -3.05 34.77
N ILE F 409 22.85 -1.87 34.55
CA ILE F 409 22.10 -0.60 34.35
C ILE F 409 21.32 -0.67 33.03
N ILE F 410 21.89 -1.28 31.99
CA ILE F 410 21.24 -1.43 30.65
C ILE F 410 20.24 -2.60 30.71
N LEU F 411 20.61 -3.69 31.37
CA LEU F 411 19.75 -4.89 31.57
C LEU F 411 18.47 -4.50 32.32
N CYS F 412 18.58 -3.70 33.39
CA CYS F 412 17.44 -3.19 34.21
C CYS F 412 16.48 -2.37 33.35
N MET F 413 17.03 -1.56 32.44
CA MET F 413 16.30 -0.65 31.52
C MET F 413 15.64 -1.43 30.37
N VAL F 414 16.05 -2.67 30.08
CA VAL F 414 15.45 -3.49 28.98
C VAL F 414 14.25 -4.27 29.52
N PHE F 415 14.42 -4.96 30.65
CA PHE F 415 13.45 -5.89 31.30
C PHE F 415 12.19 -5.12 31.71
N SER F 416 12.34 -3.84 32.04
CA SER F 416 11.26 -2.87 32.33
C SER F 416 10.35 -2.68 31.11
N GLN F 417 10.87 -2.93 29.90
CA GLN F 417 10.13 -2.77 28.61
C GLN F 417 9.72 -1.30 28.45
N ASP F 418 10.67 -0.38 28.68
CA ASP F 418 10.45 1.09 28.74
C ASP F 418 10.05 1.60 27.34
N THR F 419 9.15 2.59 27.29
CA THR F 419 8.76 3.30 26.04
C THR F 419 9.93 4.15 25.52
N ARG F 420 10.85 4.57 26.40
CA ARG F 420 12.07 5.34 26.02
C ARG F 420 13.02 4.42 25.25
N MET F 421 13.14 3.17 25.70
CA MET F 421 13.95 2.08 25.09
C MET F 421 13.32 1.64 23.76
N PHE F 422 12.02 1.39 23.73
CA PHE F 422 11.27 0.83 22.57
C PHE F 422 11.29 1.81 21.39
N GLN F 423 11.17 3.12 21.69
CA GLN F 423 11.16 4.21 20.68
C GLN F 423 12.55 4.87 20.65
N GLY F 424 13.60 4.04 20.58
CA GLY F 424 15.01 4.48 20.46
C GLY F 424 15.90 3.38 19.90
N VAL F 425 15.39 2.62 18.91
CA VAL F 425 16.09 1.47 18.25
C VAL F 425 16.35 1.85 16.80
N ARG F 426 17.59 1.72 16.33
CA ARG F 426 18.05 2.14 14.97
C ARG F 426 18.76 0.98 14.26
N GLY F 427 18.22 0.54 13.12
CA GLY F 427 18.80 -0.50 12.25
C GLY F 427 18.00 -1.78 12.28
N GLU F 428 18.52 -2.85 11.68
CA GLU F 428 17.93 -4.22 11.69
C GLU F 428 18.47 -5.01 12.89
N ILE F 429 17.65 -5.18 13.92
CA ILE F 429 18.00 -5.92 15.18
C ILE F 429 17.61 -7.39 15.01
N ASN F 430 16.87 -7.72 13.94
CA ASN F 430 16.42 -9.12 13.61
C ASN F 430 17.65 -9.96 13.23
N PHE F 431 18.11 -10.82 14.14
CA PHE F 431 19.22 -11.79 13.92
C PHE F 431 18.83 -13.16 14.49
N LEU F 432 19.35 -14.23 13.88
CA LEU F 432 19.16 -15.65 14.30
C LEU F 432 20.53 -16.24 14.65
N ASN F 433 20.66 -16.88 15.82
CA ASN F 433 21.96 -17.39 16.34
C ASN F 433 22.36 -18.64 15.54
N ARG F 434 23.66 -18.98 15.57
CA ARG F 434 24.26 -20.10 14.79
C ARG F 434 23.67 -21.44 15.23
N ALA F 435 23.20 -21.54 16.48
CA ALA F 435 22.51 -22.72 17.05
C ALA F 435 21.37 -23.16 16.12
N GLY F 436 20.67 -22.19 15.52
CA GLY F 436 19.60 -22.39 14.51
C GLY F 436 18.25 -21.94 15.03
N GLN F 437 18.18 -20.73 15.59
CA GLN F 437 16.94 -20.17 16.21
C GLN F 437 16.93 -18.64 16.04
N LEU F 438 15.73 -18.08 15.80
CA LEU F 438 15.42 -16.64 15.91
C LEU F 438 15.17 -16.33 17.40
N LEU F 439 16.08 -15.59 18.03
CA LEU F 439 16.03 -15.26 19.48
C LEU F 439 14.70 -14.56 19.80
N SER F 440 14.08 -14.90 20.93
CA SER F 440 12.80 -14.32 21.41
C SER F 440 12.90 -12.80 21.40
N PRO F 441 11.82 -12.06 21.03
CA PRO F 441 11.92 -10.63 20.71
C PRO F 441 12.44 -9.76 21.85
N MET F 442 12.12 -10.12 23.10
CA MET F 442 12.58 -9.40 24.32
C MET F 442 14.09 -9.59 24.52
N TYR F 443 14.58 -10.83 24.37
CA TYR F 443 16.00 -11.21 24.57
C TYR F 443 16.87 -10.63 23.44
N GLN F 444 16.28 -10.36 22.27
CA GLN F 444 16.98 -9.73 21.11
C GLN F 444 17.46 -8.33 21.50
N LEU F 445 16.65 -7.59 22.28
CA LEU F 445 16.93 -6.19 22.70
C LEU F 445 18.15 -6.16 23.63
N GLN F 446 18.28 -7.19 24.48
CA GLN F 446 19.41 -7.40 25.43
C GLN F 446 20.74 -7.38 24.67
N ARG F 447 20.85 -8.22 23.63
CA ARG F 447 22.10 -8.48 22.87
C ARG F 447 22.47 -7.29 21.97
N TYR F 448 21.51 -6.40 21.67
CA TYR F 448 21.74 -5.19 20.83
C TYR F 448 22.34 -4.07 21.69
N PHE F 449 21.62 -3.68 22.76
CA PHE F 449 21.90 -2.47 23.56
C PHE F 449 23.10 -2.68 24.49
N LEU F 450 23.50 -3.92 24.76
CA LEU F 450 24.71 -4.24 25.60
C LEU F 450 25.98 -3.96 24.79
N ASN F 451 26.00 -4.35 23.51
CA ASN F 451 27.09 -4.04 22.54
C ASN F 451 27.08 -2.54 22.23
N ARG F 452 25.92 -2.00 21.80
CA ARG F 452 25.80 -0.58 21.35
C ARG F 452 24.92 0.22 22.34
N SER F 453 25.52 1.06 23.17
CA SER F 453 24.86 1.78 24.30
C SER F 453 24.83 3.30 24.05
N ASN F 454 25.71 3.83 23.19
CA ASN F 454 25.81 5.29 22.90
C ASN F 454 24.61 5.77 22.08
N ASP F 455 23.74 4.85 21.64
CA ASP F 455 22.49 5.14 20.89
C ASP F 455 21.31 5.25 21.87
N LEU F 456 21.31 4.48 22.96
CA LEU F 456 20.16 4.32 23.90
C LEU F 456 20.14 5.44 24.94
N PHE F 457 21.30 5.92 25.39
CA PHE F 457 21.46 6.94 26.46
C PHE F 457 21.03 8.31 25.91
N ASP F 458 21.24 8.55 24.61
CA ASP F 458 20.80 9.79 23.89
C ASP F 458 19.27 9.82 23.83
N GLN F 459 18.63 8.65 23.76
CA GLN F 459 17.15 8.45 23.73
C GLN F 459 16.65 8.09 25.14
N TRP F 460 17.17 8.76 26.18
CA TRP F 460 16.84 8.48 27.60
C TRP F 460 16.72 9.81 28.38
N GLY F 461 17.81 10.56 28.49
CA GLY F 461 17.86 11.90 29.11
C GLY F 461 18.63 11.89 30.42
N TYR F 462 19.27 13.00 30.77
CA TYR F 462 20.10 13.19 31.99
C TYR F 462 19.43 14.23 32.91
N GLU F 463 19.68 14.13 34.23
CA GLU F 463 19.16 15.08 35.25
C GLU F 463 20.26 15.38 36.29
N GLU F 464 19.91 16.08 37.37
CA GLU F 464 20.84 16.49 38.46
C GLU F 464 21.14 15.29 39.37
N SER F 465 22.27 15.35 40.09
CA SER F 465 22.76 14.28 41.00
C SER F 465 22.36 14.59 42.44
N PRO F 466 21.98 13.58 43.26
CA PRO F 466 21.72 13.81 44.69
C PRO F 466 23.03 13.96 45.47
N LYS F 467 23.16 15.03 46.26
CA LYS F 467 24.38 15.39 47.03
C LYS F 467 24.19 14.98 48.49
N ALA F 468 23.69 13.76 48.72
CA ALA F 468 23.40 13.20 50.07
C ALA F 468 24.65 12.51 50.62
N SER F 469 24.53 11.91 51.80
CA SER F 469 25.63 11.25 52.54
C SER F 469 26.13 10.01 51.78
N GLU F 470 25.21 9.22 51.22
CA GLU F 470 25.50 7.94 50.52
C GLU F 470 25.23 8.06 49.02
N LEU F 471 24.35 8.98 48.59
CA LEU F 471 23.84 9.07 47.20
C LEU F 471 24.88 9.76 46.29
N HIS F 472 24.93 9.32 45.03
CA HIS F 472 25.83 9.84 43.96
C HIS F 472 25.17 9.69 42.59
N GLY F 473 25.80 10.21 41.53
CA GLY F 473 25.30 10.13 40.14
C GLY F 473 26.40 9.77 39.16
N ILE F 474 26.08 9.01 38.12
CA ILE F 474 27.02 8.52 37.06
C ILE F 474 26.39 8.72 35.69
N ASN F 475 27.24 8.87 34.65
CA ASN F 475 26.83 9.12 33.24
C ASN F 475 27.61 8.18 32.31
N GLU F 476 27.55 8.44 31.00
CA GLU F 476 28.09 7.54 29.93
C GLU F 476 29.61 7.63 29.88
N SER F 477 30.23 8.65 30.48
CA SER F 477 31.71 8.86 30.51
C SER F 477 32.39 7.88 31.48
N MET F 478 31.62 6.94 32.07
CA MET F 478 32.09 5.78 32.87
C MET F 478 32.59 6.26 34.24
N ASN F 479 32.26 7.48 34.64
CA ASN F 479 32.72 8.12 35.90
C ASN F 479 31.53 8.81 36.57
N ALA F 480 31.69 9.19 37.85
CA ALA F 480 30.73 9.97 38.66
C ALA F 480 30.70 11.42 38.18
N SER F 481 29.52 11.97 37.90
CA SER F 481 29.31 13.33 37.35
C SER F 481 27.93 13.87 37.76
N ASP F 482 27.71 15.18 37.60
CA ASP F 482 26.46 15.89 38.01
C ASP F 482 25.36 15.70 36.95
N TYR F 483 25.73 15.31 35.72
CA TYR F 483 24.79 15.01 34.61
C TYR F 483 24.55 13.50 34.56
N THR F 484 23.90 12.95 35.60
CA THR F 484 23.59 11.51 35.78
C THR F 484 22.32 11.16 35.01
N LEU F 485 22.15 9.85 34.70
CA LEU F 485 20.96 9.33 33.95
C LEU F 485 19.67 9.57 34.74
N LYS F 486 18.54 9.70 34.04
CA LYS F 486 17.20 9.97 34.64
C LYS F 486 16.75 8.72 35.41
N GLY F 487 16.76 8.78 36.75
CA GLY F 487 16.31 7.71 37.64
C GLY F 487 17.45 6.95 38.30
N VAL F 488 18.66 6.98 37.69
CA VAL F 488 19.87 6.27 38.19
C VAL F 488 20.43 7.03 39.40
N VAL F 489 20.61 6.31 40.52
CA VAL F 489 21.18 6.82 41.80
C VAL F 489 22.07 5.72 42.38
N VAL F 490 23.35 6.04 42.64
CA VAL F 490 24.35 5.09 43.21
C VAL F 490 24.50 5.37 44.71
N THR F 491 24.44 4.31 45.53
CA THR F 491 24.58 4.37 47.01
C THR F 491 25.92 3.75 47.42
N ARG F 492 26.50 4.23 48.53
CA ARG F 492 27.75 3.69 49.14
C ARG F 492 27.45 2.32 49.75
N LYS F 505 6.96 -15.64 54.83
CA LYS F 505 5.90 -16.43 55.51
C LYS F 505 4.64 -16.44 54.63
N VAL F 506 4.60 -17.32 53.63
CA VAL F 506 3.48 -17.43 52.63
C VAL F 506 2.61 -18.63 53.01
N SER F 507 1.34 -18.60 52.59
CA SER F 507 0.32 -19.67 52.72
C SER F 507 -0.17 -20.05 51.32
N ILE F 508 -0.72 -21.27 51.17
CA ILE F 508 -1.21 -21.81 49.86
C ILE F 508 -2.63 -22.32 50.06
N THR F 509 -3.55 -21.96 49.15
CA THR F 509 -4.98 -22.37 49.20
C THR F 509 -5.17 -23.72 48.52
N LYS F 510 -6.35 -24.32 48.74
CA LYS F 510 -6.86 -25.54 48.07
C LYS F 510 -6.71 -25.41 46.55
N ASN F 511 -6.92 -24.19 46.02
CA ASN F 511 -6.92 -23.83 44.57
C ASN F 511 -5.53 -23.40 44.10
N LEU F 512 -4.48 -23.63 44.90
CA LEU F 512 -3.06 -23.42 44.53
C LEU F 512 -2.75 -21.93 44.36
N SER F 513 -3.42 -21.06 45.13
CA SER F 513 -3.13 -19.60 45.20
C SER F 513 -2.27 -19.34 46.45
N LEU F 514 -1.18 -18.57 46.28
CA LEU F 514 -0.22 -18.18 47.35
C LEU F 514 -0.64 -16.82 47.93
N ILE F 515 -1.07 -16.84 49.20
CA ILE F 515 -1.70 -15.67 49.91
C ILE F 515 -0.79 -15.26 51.07
N LYS F 516 -0.49 -13.97 51.19
CA LYS F 516 0.24 -13.38 52.35
C LYS F 516 -0.69 -13.33 53.57
N ARG F 517 -0.14 -13.01 54.75
CA ARG F 517 -0.88 -12.88 56.02
C ARG F 517 -1.93 -11.77 55.90
N THR F 518 -1.69 -10.78 55.02
CA THR F 518 -2.55 -9.59 54.78
C THR F 518 -3.71 -9.91 53.81
N GLY F 519 -3.77 -11.13 53.28
CA GLY F 519 -4.80 -11.55 52.32
C GLY F 519 -4.38 -11.33 50.87
N GLU F 520 -3.28 -10.59 50.65
CA GLU F 520 -2.71 -10.30 49.30
C GLU F 520 -2.24 -11.61 48.66
N VAL F 521 -2.91 -12.04 47.58
CA VAL F 521 -2.47 -13.21 46.76
C VAL F 521 -1.36 -12.72 45.81
N ILE F 522 -0.19 -13.36 45.86
CA ILE F 522 1.03 -12.90 45.14
C ILE F 522 1.34 -13.83 43.97
N MET F 523 0.53 -14.88 43.78
CA MET F 523 0.78 -15.96 42.78
C MET F 523 -0.42 -16.91 42.73
N GLY F 524 -0.81 -17.34 41.53
CA GLY F 524 -1.95 -18.25 41.31
C GLY F 524 -1.67 -19.26 40.22
N ALA F 525 -2.52 -20.28 40.12
CA ALA F 525 -2.51 -21.32 39.06
C ALA F 525 -2.61 -20.64 37.68
N ASN F 526 -3.44 -19.60 37.57
CA ASN F 526 -3.67 -18.82 36.31
C ASN F 526 -2.40 -18.06 35.91
N ASP F 527 -1.42 -17.92 36.81
CA ASP F 527 -0.14 -17.22 36.53
C ASP F 527 0.89 -18.19 35.94
N VAL F 528 0.59 -19.50 35.89
CA VAL F 528 1.51 -20.55 35.37
C VAL F 528 1.49 -20.50 33.84
N SER F 529 2.66 -20.60 33.21
CA SER F 529 2.86 -20.59 31.74
C SER F 529 2.04 -21.72 31.09
N GLU F 530 1.46 -21.46 29.91
CA GLU F 530 0.69 -22.45 29.12
C GLU F 530 1.64 -23.28 28.25
N LEU F 531 2.89 -22.81 28.08
CA LEU F 531 3.91 -23.39 27.17
C LEU F 531 4.22 -24.84 27.60
N GLU F 532 3.93 -25.81 26.73
CA GLU F 532 4.28 -27.24 26.90
C GLU F 532 5.61 -27.49 26.18
N SER F 533 6.68 -27.75 26.94
CA SER F 533 8.06 -27.96 26.45
C SER F 533 8.59 -29.32 26.91
N GLN F 534 9.70 -29.78 26.32
CA GLN F 534 10.36 -31.08 26.62
C GLN F 534 11.37 -30.90 27.74
N ALA F 535 11.27 -31.70 28.80
CA ALA F 535 12.25 -31.76 29.91
C ALA F 535 13.62 -32.18 29.36
N GLN F 536 14.69 -31.54 29.82
CA GLN F 536 16.09 -31.86 29.44
C GLN F 536 16.47 -33.20 30.08
N LEU F 537 16.01 -33.44 31.31
CA LEU F 537 16.20 -34.71 32.06
C LEU F 537 14.87 -35.48 32.10
N MET F 538 14.95 -36.82 32.03
CA MET F 538 13.80 -37.76 32.02
C MET F 538 13.05 -37.67 33.34
N ILE F 539 11.78 -37.25 33.31
CA ILE F 539 10.89 -37.15 34.51
C ILE F 539 10.10 -38.45 34.66
N THR F 540 10.15 -39.07 35.84
CA THR F 540 9.31 -40.25 36.20
C THR F 540 8.39 -39.88 37.37
N TYR F 541 7.22 -40.53 37.43
CA TYR F 541 6.21 -40.40 38.51
C TYR F 541 6.02 -41.77 39.17
N ASP F 542 6.60 -41.96 40.36
CA ASP F 542 6.58 -43.21 41.15
C ASP F 542 5.15 -43.42 41.70
N THR F 543 4.19 -43.64 40.81
CA THR F 543 2.73 -43.76 41.10
C THR F 543 2.06 -44.55 39.99
N PRO F 544 1.08 -45.44 40.30
CA PRO F 544 0.26 -46.06 39.26
C PRO F 544 -0.57 -45.03 38.47
N LYS F 545 -0.62 -43.78 38.94
CA LYS F 545 -1.32 -42.64 38.30
C LYS F 545 -0.42 -41.94 37.26
N MET F 546 0.81 -42.44 37.03
CA MET F 546 1.80 -41.78 36.13
C MET F 546 1.19 -41.55 34.74
N TRP F 547 0.32 -42.43 34.26
CA TRP F 547 -0.37 -42.32 32.94
C TRP F 547 -1.18 -41.02 32.88
N GLU F 548 -1.70 -40.55 34.03
CA GLU F 548 -2.53 -39.32 34.14
C GLU F 548 -1.67 -38.08 33.81
N MET F 549 -0.34 -38.21 33.81
CA MET F 549 0.62 -37.10 33.54
C MET F 549 1.00 -37.06 32.05
N GLY F 550 0.35 -37.86 31.21
CA GLY F 550 0.63 -37.95 29.76
C GLY F 550 0.27 -36.67 29.02
N THR F 551 0.68 -36.58 27.75
CA THR F 551 0.30 -35.50 26.81
C THR F 551 -1.08 -35.82 26.23
N THR F 552 -1.66 -34.90 25.46
CA THR F 552 -3.07 -35.00 24.97
C THR F 552 -3.27 -36.38 24.34
N LYS F 553 -2.48 -36.73 23.31
CA LYS F 553 -2.64 -37.98 22.51
C LYS F 553 -2.41 -39.20 23.40
N GLU F 554 -1.50 -39.12 24.37
CA GLU F 554 -1.22 -40.21 25.35
C GLU F 554 -2.45 -40.42 26.22
N LEU F 555 -2.96 -39.35 26.83
CA LEU F 555 -4.14 -39.37 27.73
C LEU F 555 -5.39 -39.84 26.98
N VAL F 556 -5.62 -39.29 25.78
CA VAL F 556 -6.76 -39.66 24.89
C VAL F 556 -6.75 -41.19 24.68
N GLN F 557 -5.60 -41.73 24.26
CA GLN F 557 -5.40 -43.17 23.94
C GLN F 557 -5.69 -44.02 25.17
N ASN F 558 -5.11 -43.67 26.32
CA ASN F 558 -5.26 -44.45 27.59
C ASN F 558 -6.72 -44.37 28.05
N THR F 559 -7.27 -43.16 28.17
CA THR F 559 -8.67 -42.90 28.60
C THR F 559 -9.61 -43.84 27.83
N TYR F 560 -9.57 -43.78 26.49
CA TYR F 560 -10.44 -44.60 25.60
C TYR F 560 -10.14 -46.08 25.79
N GLN F 561 -8.90 -46.44 26.16
CA GLN F 561 -8.53 -47.86 26.42
C GLN F 561 -9.21 -48.31 27.72
N TRP F 562 -9.23 -47.45 28.74
CA TRP F 562 -9.93 -47.70 30.03
C TRP F 562 -11.42 -47.97 29.74
N VAL F 563 -12.04 -47.12 28.91
CA VAL F 563 -13.46 -47.27 28.48
C VAL F 563 -13.63 -48.65 27.85
N LEU F 564 -12.78 -49.00 26.88
CA LEU F 564 -12.85 -50.28 26.11
C LEU F 564 -12.66 -51.48 27.05
N LYS F 565 -11.77 -51.36 28.04
CA LYS F 565 -11.46 -52.44 29.02
C LYS F 565 -12.67 -52.70 29.93
N ASN F 566 -13.47 -51.68 30.23
CA ASN F 566 -14.63 -51.77 31.18
C ASN F 566 -15.96 -51.56 30.44
N LEU F 567 -15.96 -51.65 29.11
CA LEU F 567 -17.12 -51.32 28.24
C LEU F 567 -18.36 -52.14 28.65
N VAL F 568 -18.18 -53.44 28.94
CA VAL F 568 -19.29 -54.39 29.22
C VAL F 568 -20.07 -53.91 30.46
N THR F 569 -19.36 -53.67 31.57
CA THR F 569 -19.95 -53.21 32.85
C THR F 569 -20.40 -51.74 32.70
N LEU F 570 -19.58 -50.89 32.07
CA LEU F 570 -19.90 -49.45 31.84
C LEU F 570 -21.24 -49.32 31.09
N LYS F 571 -21.44 -50.11 30.04
CA LYS F 571 -22.63 -50.04 29.14
C LYS F 571 -23.85 -50.64 29.85
N ALA F 572 -23.67 -51.78 30.52
CA ALA F 572 -24.73 -52.50 31.28
C ALA F 572 -25.38 -51.55 32.31
N GLN F 573 -24.57 -51.01 33.21
CA GLN F 573 -24.95 -50.09 34.31
C GLN F 573 -25.69 -48.88 33.75
N PHE F 574 -25.22 -48.33 32.62
CA PHE F 574 -25.82 -47.15 31.95
C PHE F 574 -27.23 -47.48 31.46
N LEU F 575 -27.44 -48.70 30.94
CA LEU F 575 -28.76 -49.17 30.42
C LEU F 575 -29.72 -49.48 31.57
N LEU F 576 -29.21 -49.74 32.79
CA LEU F 576 -30.04 -49.97 34.00
C LEU F 576 -30.56 -48.65 34.56
N GLY F 577 -30.09 -47.51 34.03
CA GLY F 577 -30.60 -46.16 34.36
C GLY F 577 -29.58 -45.34 35.14
N LYS F 578 -28.59 -45.99 35.74
CA LYS F 578 -27.55 -45.34 36.59
C LYS F 578 -26.63 -44.50 35.68
N GLU F 579 -26.14 -43.37 36.21
CA GLU F 579 -25.27 -42.40 35.48
C GLU F 579 -24.05 -42.04 36.34
N ASP F 580 -23.64 -42.94 37.24
CA ASP F 580 -22.47 -42.74 38.14
C ASP F 580 -21.18 -42.77 37.30
N MET F 581 -21.18 -43.51 36.19
CA MET F 581 -19.99 -43.67 35.29
C MET F 581 -19.55 -42.30 34.77
N PHE F 582 -20.50 -41.36 34.59
CA PHE F 582 -20.23 -39.99 34.11
C PHE F 582 -19.05 -39.39 34.88
N GLN F 583 -19.00 -39.59 36.21
CA GLN F 583 -18.00 -38.99 37.12
C GLN F 583 -17.06 -40.08 37.65
N TRP F 584 -16.62 -40.99 36.77
CA TRP F 584 -15.62 -42.06 37.05
C TRP F 584 -14.22 -41.45 37.06
N ASP F 585 -13.48 -41.61 38.17
CA ASP F 585 -12.20 -40.88 38.44
C ASP F 585 -11.24 -41.03 37.25
N ALA F 586 -11.33 -42.14 36.49
CA ALA F 586 -10.51 -42.42 35.29
C ALA F 586 -10.61 -41.29 34.24
N PHE F 587 -11.70 -40.51 34.27
CA PHE F 587 -11.97 -39.43 33.29
C PHE F 587 -11.44 -38.07 33.79
N GLU F 588 -10.98 -37.97 35.04
CA GLU F 588 -10.55 -36.67 35.62
C GLU F 588 -9.32 -36.17 34.84
N ALA F 589 -8.30 -37.01 34.67
CA ALA F 589 -7.07 -36.69 33.91
C ALA F 589 -7.43 -36.17 32.51
N PHE F 590 -8.35 -36.85 31.82
CA PHE F 590 -8.85 -36.48 30.47
C PHE F 590 -9.33 -35.03 30.47
N GLU F 591 -10.13 -34.64 31.47
CA GLU F 591 -10.71 -33.28 31.63
C GLU F 591 -9.58 -32.23 31.56
N SER F 592 -8.41 -32.55 32.13
CA SER F 592 -7.26 -31.61 32.25
C SER F 592 -6.75 -31.17 30.86
N ILE F 593 -7.01 -31.93 29.80
CA ILE F 593 -6.55 -31.61 28.42
C ILE F 593 -7.73 -31.15 27.54
N ILE F 594 -8.89 -30.93 28.15
CA ILE F 594 -10.07 -30.22 27.56
C ILE F 594 -9.99 -28.76 27.98
N PRO F 595 -10.00 -27.78 27.04
CA PRO F 595 -9.95 -26.36 27.39
C PRO F 595 -10.97 -25.98 28.48
N GLN F 596 -10.48 -25.37 29.57
CA GLN F 596 -11.24 -25.02 30.80
C GLN F 596 -12.58 -24.37 30.44
N LYS F 597 -12.59 -23.55 29.38
CA LYS F 597 -13.81 -22.87 28.85
C LYS F 597 -14.88 -23.90 28.50
N MET F 598 -14.55 -24.89 27.67
CA MET F 598 -15.54 -25.71 26.91
C MET F 598 -15.88 -27.01 27.65
N ALA F 599 -15.05 -27.43 28.60
CA ALA F 599 -15.18 -28.72 29.34
C ALA F 599 -16.63 -28.92 29.81
N GLY F 600 -17.18 -27.93 30.53
CA GLY F 600 -18.54 -27.96 31.09
C GLY F 600 -19.60 -28.04 30.00
N GLN F 601 -19.45 -27.26 28.92
CA GLN F 601 -20.41 -27.20 27.79
C GLN F 601 -20.40 -28.54 27.05
N TYR F 602 -19.23 -29.13 26.83
CA TYR F 602 -19.05 -30.46 26.17
C TYR F 602 -19.78 -31.53 26.99
N SER F 603 -19.62 -31.51 28.32
CA SER F 603 -20.27 -32.47 29.26
C SER F 603 -21.79 -32.37 29.12
N GLY F 604 -22.33 -31.15 29.12
CA GLY F 604 -23.77 -30.88 28.93
C GLY F 604 -24.32 -31.59 27.71
N PHE F 605 -23.65 -31.41 26.56
CA PHE F 605 -23.97 -32.04 25.25
C PHE F 605 -23.83 -33.56 25.35
N ALA F 606 -22.67 -34.01 25.85
CA ALA F 606 -22.28 -35.43 25.95
C ALA F 606 -23.32 -36.21 26.77
N ARG F 607 -23.60 -35.78 27.99
CA ARG F 607 -24.55 -36.45 28.93
C ARG F 607 -25.94 -36.55 28.26
N ALA F 608 -26.41 -35.45 27.66
CA ALA F 608 -27.69 -35.35 26.94
C ALA F 608 -27.75 -36.40 25.83
N VAL F 609 -26.77 -36.37 24.91
CA VAL F 609 -26.68 -37.30 23.74
C VAL F 609 -26.69 -38.75 24.26
N LEU F 610 -25.92 -39.05 25.31
CA LEU F 610 -25.86 -40.41 25.93
C LEU F 610 -27.25 -40.77 26.46
N LYS F 611 -27.79 -40.00 27.41
CA LYS F 611 -29.13 -40.24 28.02
C LYS F 611 -30.16 -40.48 26.91
N GLN F 612 -30.14 -39.62 25.88
CA GLN F 612 -31.04 -39.67 24.69
C GLN F 612 -30.95 -41.04 24.01
N MET F 613 -29.74 -41.62 23.94
CA MET F 613 -29.47 -42.91 23.23
C MET F 613 -30.16 -44.06 23.97
N ARG F 614 -30.09 -44.08 25.30
CA ARG F 614 -30.69 -45.16 26.14
C ARG F 614 -32.18 -44.92 26.33
N ASP F 615 -32.60 -43.64 26.44
CA ASP F 615 -34.01 -43.26 26.76
C ASP F 615 -34.90 -43.50 25.53
N GLN F 616 -34.37 -43.35 24.31
CA GLN F 616 -35.15 -43.53 23.05
C GLN F 616 -34.74 -44.85 22.35
N GLU F 617 -34.03 -45.73 23.04
CA GLU F 617 -33.63 -47.08 22.54
C GLU F 617 -32.93 -46.94 21.17
N VAL F 618 -32.05 -45.94 21.03
CA VAL F 618 -31.28 -45.66 19.78
C VAL F 618 -29.78 -45.66 20.11
N MET F 619 -29.32 -46.68 20.84
CA MET F 619 -27.93 -46.80 21.35
C MET F 619 -26.97 -47.04 20.18
N LYS F 620 -25.80 -46.37 20.23
CA LYS F 620 -24.65 -46.57 19.32
C LYS F 620 -23.38 -46.65 20.19
N THR F 621 -22.76 -47.83 20.26
CA THR F 621 -21.68 -48.18 21.22
C THR F 621 -20.42 -47.37 20.91
N ASP F 622 -20.08 -47.22 19.62
CA ASP F 622 -18.93 -46.39 19.15
C ASP F 622 -19.11 -44.95 19.67
N GLN F 623 -20.31 -44.37 19.52
CA GLN F 623 -20.64 -43.00 19.97
C GLN F 623 -20.66 -42.93 21.50
N PHE F 624 -21.21 -43.96 22.15
CA PHE F 624 -21.21 -44.13 23.63
C PHE F 624 -19.75 -44.01 24.11
N ILE F 625 -18.87 -44.86 23.57
CA ILE F 625 -17.41 -44.87 23.88
C ILE F 625 -16.83 -43.47 23.64
N LYS F 626 -17.09 -42.89 22.46
CA LYS F 626 -16.51 -41.59 22.03
C LYS F 626 -16.79 -40.49 23.07
N LEU F 627 -18.05 -40.35 23.51
CA LEU F 627 -18.53 -39.18 24.27
C LEU F 627 -18.44 -39.40 25.79
N LEU F 628 -18.48 -40.65 26.26
CA LEU F 628 -18.54 -40.99 27.71
C LEU F 628 -17.48 -40.18 28.48
N PRO F 629 -16.19 -40.15 28.06
CA PRO F 629 -15.17 -39.42 28.81
C PRO F 629 -15.45 -37.92 28.97
N PHE F 630 -16.22 -37.33 28.05
CA PHE F 630 -16.54 -35.87 28.06
C PHE F 630 -17.64 -35.57 29.09
N CYS F 631 -18.28 -36.60 29.64
CA CYS F 631 -19.44 -36.49 30.59
C CYS F 631 -18.97 -36.15 32.01
N PHE F 632 -17.67 -36.23 32.31
CA PHE F 632 -17.08 -36.07 33.67
C PHE F 632 -17.36 -34.66 34.22
N SER F 633 -17.01 -33.62 33.46
CA SER F 633 -17.10 -32.19 33.88
C SER F 633 -18.49 -31.87 34.40
N PRO F 634 -18.62 -30.94 35.38
CA PRO F 634 -19.93 -30.43 35.79
C PRO F 634 -20.63 -29.75 34.61
N PRO F 635 -21.80 -30.27 34.16
CA PRO F 635 -22.45 -29.76 32.94
C PRO F 635 -22.76 -28.26 32.99
N LYS F 636 -22.57 -27.57 31.85
CA LYS F 636 -22.97 -26.16 31.64
C LYS F 636 -23.95 -26.10 30.45
N LEU F 637 -25.21 -25.78 30.71
CA LEU F 637 -26.29 -25.70 29.70
C LEU F 637 -26.49 -24.24 29.28
N ARG F 638 -27.17 -24.01 28.15
CA ARG F 638 -27.50 -22.65 27.63
C ARG F 638 -28.46 -21.95 28.60
N SER F 639 -28.68 -20.64 28.41
CA SER F 639 -29.64 -19.79 29.14
C SER F 639 -31.02 -20.46 29.18
N ASN F 640 -31.44 -21.08 28.08
CA ASN F 640 -32.74 -21.80 27.90
C ASN F 640 -32.81 -23.06 28.77
N GLY F 641 -31.67 -23.57 29.24
CA GLY F 641 -31.57 -24.82 30.02
C GLY F 641 -31.35 -26.05 29.13
N GLU F 642 -31.31 -25.85 27.81
CA GLU F 642 -30.93 -26.90 26.82
C GLU F 642 -29.41 -26.86 26.63
N PRO F 643 -28.76 -28.00 26.34
CA PRO F 643 -27.31 -28.05 26.19
C PRO F 643 -26.83 -27.39 24.90
N TYR F 644 -25.58 -26.91 24.89
CA TYR F 644 -24.89 -26.39 23.69
C TYR F 644 -24.71 -27.54 22.69
N GLN F 645 -24.97 -27.29 21.41
CA GLN F 645 -24.75 -28.27 20.31
C GLN F 645 -23.33 -28.10 19.78
N PHE F 646 -22.72 -29.19 19.31
CA PHE F 646 -21.30 -29.24 18.87
C PHE F 646 -21.14 -30.11 17.63
N LEU F 647 -20.19 -29.71 16.78
CA LEU F 647 -19.80 -30.37 15.51
C LEU F 647 -18.52 -31.18 15.78
N LYS F 648 -17.54 -30.55 16.45
CA LYS F 648 -16.30 -31.21 16.93
C LYS F 648 -15.98 -30.73 18.35
N LEU F 649 -15.41 -31.63 19.17
CA LEU F 649 -14.91 -31.34 20.54
C LEU F 649 -13.39 -31.16 20.47
N VAL F 650 -12.92 -29.93 20.69
CA VAL F 650 -11.49 -29.52 20.52
C VAL F 650 -10.74 -29.78 21.84
N LEU F 651 -9.63 -30.52 21.76
CA LEU F 651 -8.74 -30.83 22.91
C LEU F 651 -7.48 -29.95 22.80
N LYS F 652 -6.65 -29.92 23.85
CA LYS F 652 -5.44 -29.05 23.91
C LYS F 652 -4.38 -29.58 22.92
N GLY F 653 -3.50 -28.69 22.47
CA GLY F 653 -2.37 -29.00 21.56
C GLY F 653 -2.64 -28.53 20.14
N GLY F 654 -2.13 -29.27 19.15
CA GLY F 654 -2.19 -28.91 17.72
C GLY F 654 -3.58 -29.04 17.13
N GLY F 655 -3.75 -28.60 15.89
CA GLY F 655 -5.04 -28.55 15.17
C GLY F 655 -5.66 -29.92 14.97
N GLU F 656 -4.85 -31.00 15.01
CA GLU F 656 -5.33 -32.40 14.81
C GLU F 656 -5.97 -32.93 16.10
N ASN F 657 -5.76 -32.24 17.24
CA ASN F 657 -6.26 -32.69 18.57
C ASN F 657 -7.73 -32.28 18.74
N PHE F 658 -8.65 -33.03 18.11
CA PHE F 658 -10.12 -32.88 18.26
C PHE F 658 -10.82 -34.21 18.01
N ILE F 659 -12.02 -34.35 18.58
CA ILE F 659 -12.97 -35.48 18.33
C ILE F 659 -14.09 -34.93 17.44
N GLU F 660 -14.57 -35.73 16.47
CA GLU F 660 -15.71 -35.37 15.59
C GLU F 660 -16.97 -36.06 16.11
N VAL F 661 -18.04 -35.30 16.34
CA VAL F 661 -19.34 -35.82 16.89
C VAL F 661 -19.98 -36.72 15.81
N ARG F 662 -20.09 -36.20 14.58
CA ARG F 662 -20.79 -36.86 13.45
C ARG F 662 -19.80 -37.77 12.69
N LYS F 663 -18.57 -37.28 12.49
CA LYS F 663 -17.53 -37.85 11.59
C LYS F 663 -16.52 -38.68 12.40
N GLY F 664 -15.55 -39.28 11.71
CA GLY F 664 -14.27 -39.72 12.28
C GLY F 664 -13.25 -38.59 12.27
N SER F 665 -12.32 -38.60 13.23
CA SER F 665 -11.24 -37.59 13.41
C SER F 665 -9.90 -38.32 13.48
N PRO F 666 -8.75 -37.59 13.39
CA PRO F 666 -7.43 -38.21 13.55
C PRO F 666 -7.27 -39.01 14.85
N LEU F 667 -7.96 -38.59 15.93
CA LEU F 667 -7.84 -39.21 17.28
C LEU F 667 -8.78 -40.43 17.41
N PHE F 668 -9.94 -40.40 16.77
CA PHE F 668 -11.03 -41.40 16.97
C PHE F 668 -11.75 -41.65 15.65
N SER F 669 -11.75 -42.90 15.17
CA SER F 669 -12.49 -43.30 13.95
C SER F 669 -12.99 -44.74 14.11
N TYR F 670 -14.23 -45.02 13.70
CA TYR F 670 -14.83 -46.38 13.77
C TYR F 670 -15.28 -46.82 12.37
N ASN F 671 -14.92 -48.07 12.02
CA ASN F 671 -15.28 -48.72 10.73
C ASN F 671 -16.28 -49.85 11.01
N PRO F 672 -17.59 -49.68 10.71
CA PRO F 672 -18.57 -50.75 10.92
C PRO F 672 -18.36 -51.97 10.00
N GLN F 673 -17.66 -51.79 8.88
CA GLN F 673 -17.34 -52.86 7.90
C GLN F 673 -16.61 -54.00 8.62
N THR F 674 -15.54 -53.66 9.36
CA THR F 674 -14.60 -54.60 10.03
C THR F 674 -14.73 -54.49 11.55
N GLU F 675 -15.61 -53.63 12.06
CA GLU F 675 -15.87 -53.40 13.51
C GLU F 675 -14.57 -52.99 14.20
N VAL F 676 -13.70 -52.26 13.48
CA VAL F 676 -12.39 -51.76 13.99
C VAL F 676 -12.55 -50.29 14.40
N LEU F 677 -12.08 -49.99 15.61
CA LEU F 677 -12.00 -48.65 16.24
C LEU F 677 -10.52 -48.23 16.28
N THR F 678 -10.16 -47.24 15.46
CA THR F 678 -8.80 -46.62 15.42
C THR F 678 -8.79 -45.40 16.32
N ILE F 679 -7.95 -45.45 17.37
CA ILE F 679 -7.68 -44.33 18.33
C ILE F 679 -6.19 -44.01 18.27
N CYS F 680 -5.85 -42.84 17.71
CA CYS F 680 -4.45 -42.34 17.54
C CYS F 680 -3.59 -43.40 16.84
N GLY F 681 -4.13 -44.04 15.79
CA GLY F 681 -3.39 -45.01 14.96
C GLY F 681 -3.53 -46.44 15.46
N ARG F 682 -3.74 -46.64 16.75
CA ARG F 682 -3.95 -47.98 17.39
C ARG F 682 -5.34 -48.48 17.01
N MET F 683 -5.43 -49.71 16.49
CA MET F 683 -6.68 -50.37 16.02
C MET F 683 -7.14 -51.39 17.06
N MET F 684 -8.39 -51.27 17.55
CA MET F 684 -9.01 -52.23 18.50
C MET F 684 -10.31 -52.76 17.89
N SER F 685 -10.60 -54.05 18.06
CA SER F 685 -11.82 -54.72 17.55
C SER F 685 -12.97 -54.54 18.55
N LEU F 686 -14.15 -54.12 18.07
CA LEU F 686 -15.39 -54.06 18.89
C LEU F 686 -16.24 -55.32 18.65
N LYS F 687 -15.71 -56.31 17.93
CA LYS F 687 -16.41 -57.57 17.58
C LYS F 687 -16.92 -58.24 18.86
N GLY F 688 -18.24 -58.42 18.97
CA GLY F 688 -18.90 -59.04 20.13
C GLY F 688 -19.30 -58.03 21.18
N LYS F 689 -19.08 -56.72 20.94
CA LYS F 689 -19.49 -55.61 21.84
C LYS F 689 -20.45 -54.68 21.10
N ILE F 690 -21.15 -55.19 20.08
CA ILE F 690 -22.10 -54.42 19.22
C ILE F 690 -23.40 -55.21 19.09
N GLU F 691 -24.55 -54.53 19.28
CA GLU F 691 -25.91 -55.09 19.09
C GLU F 691 -26.18 -55.20 17.58
N ASP F 692 -26.70 -56.34 17.11
CA ASP F 692 -26.93 -56.61 15.66
C ASP F 692 -27.77 -55.49 15.04
N GLU F 693 -28.83 -55.06 15.75
CA GLU F 693 -29.80 -54.03 15.28
C GLU F 693 -29.15 -52.63 15.34
N GLU F 694 -27.94 -52.52 15.88
CA GLU F 694 -27.19 -51.24 16.03
C GLU F 694 -26.55 -50.83 14.70
N ARG F 695 -26.16 -51.79 13.85
CA ARG F 695 -25.44 -51.52 12.57
C ARG F 695 -26.36 -50.74 11.61
N ASN F 696 -27.66 -51.03 11.62
CA ASN F 696 -28.68 -50.39 10.74
C ASN F 696 -29.14 -49.05 11.34
N ARG F 697 -28.95 -48.86 12.64
CA ARG F 697 -29.29 -47.60 13.37
C ARG F 697 -28.34 -46.48 12.91
N SER F 698 -28.87 -45.38 12.37
CA SER F 698 -28.09 -44.22 11.87
C SER F 698 -27.53 -43.42 13.05
N MET F 699 -26.41 -42.73 12.83
CA MET F 699 -25.69 -41.93 13.86
C MET F 699 -26.45 -40.62 14.14
N GLY F 700 -27.35 -40.23 13.24
CA GLY F 700 -28.18 -39.01 13.34
C GLY F 700 -28.94 -38.90 14.66
N ASN F 701 -29.25 -40.03 15.29
CA ASN F 701 -29.97 -40.10 16.60
C ASN F 701 -29.04 -39.73 17.75
N ALA F 702 -27.71 -39.86 17.57
CA ALA F 702 -26.70 -39.66 18.63
C ALA F 702 -25.72 -38.54 18.24
N VAL F 703 -26.21 -37.51 17.56
CA VAL F 703 -25.38 -36.42 16.96
C VAL F 703 -25.80 -35.06 17.54
N LEU F 704 -27.10 -34.84 17.78
CA LEU F 704 -27.64 -33.57 18.35
C LEU F 704 -28.51 -33.88 19.56
N ALA F 705 -28.29 -33.15 20.66
CA ALA F 705 -29.01 -33.29 21.95
C ALA F 705 -30.43 -32.76 21.81
N GLY F 706 -31.44 -33.61 22.07
CA GLY F 706 -32.87 -33.28 21.95
C GLY F 706 -33.34 -33.30 20.50
N PHE F 707 -32.62 -34.02 19.63
CA PHE F 707 -32.96 -34.25 18.19
C PHE F 707 -32.96 -35.75 17.91
N LEU F 708 -33.77 -36.19 16.94
CA LEU F 708 -33.83 -37.60 16.46
C LEU F 708 -34.08 -37.61 14.95
N VAL F 709 -33.75 -38.72 14.29
CA VAL F 709 -33.91 -38.92 12.82
C VAL F 709 -35.42 -38.95 12.51
N SER F 710 -35.91 -37.96 11.78
CA SER F 710 -37.33 -37.86 11.32
C SER F 710 -37.52 -38.76 10.10
N GLY F 711 -36.71 -38.55 9.05
CA GLY F 711 -36.77 -39.34 7.80
C GLY F 711 -35.58 -39.06 6.90
N LYS F 712 -35.75 -39.25 5.59
CA LYS F 712 -34.71 -38.99 4.56
C LYS F 712 -34.67 -37.49 4.23
N TYR F 713 -33.56 -37.02 3.65
CA TYR F 713 -33.29 -35.62 3.23
C TYR F 713 -34.50 -35.08 2.46
N ASP F 714 -34.97 -33.87 2.82
CA ASP F 714 -36.16 -33.21 2.23
C ASP F 714 -35.73 -31.88 1.61
N PRO F 715 -35.51 -31.83 0.27
CA PRO F 715 -35.01 -30.61 -0.38
C PRO F 715 -35.82 -29.34 -0.08
N ASP F 716 -37.09 -29.49 0.29
CA ASP F 716 -38.02 -28.37 0.62
C ASP F 716 -37.58 -27.68 1.92
N LEU F 717 -36.83 -28.38 2.80
CA LEU F 717 -36.33 -27.80 4.08
C LEU F 717 -35.08 -26.95 3.83
N GLY F 718 -34.53 -26.97 2.61
CA GLY F 718 -33.44 -26.08 2.17
C GLY F 718 -32.07 -26.71 2.38
N ASP F 719 -31.06 -25.87 2.64
CA ASP F 719 -29.65 -26.29 2.86
C ASP F 719 -29.52 -26.96 4.24
N PHE F 720 -28.37 -27.58 4.50
CA PHE F 720 -28.01 -28.19 5.80
C PHE F 720 -27.85 -27.08 6.85
N LYS F 721 -28.51 -27.22 8.00
CA LYS F 721 -28.53 -26.19 9.06
C LYS F 721 -27.19 -26.18 9.80
N THR F 722 -26.71 -24.99 10.17
CA THR F 722 -25.51 -24.77 11.01
C THR F 722 -25.89 -25.04 12.47
N ILE F 723 -24.89 -25.11 13.35
CA ILE F 723 -25.09 -25.32 14.83
C ILE F 723 -25.91 -24.15 15.37
N GLU F 724 -25.60 -22.93 14.92
CA GLU F 724 -26.33 -21.67 15.28
C GLU F 724 -27.81 -21.83 14.96
N GLU F 725 -28.12 -22.11 13.69
CA GLU F 725 -29.50 -22.29 13.16
C GLU F 725 -30.19 -23.46 13.87
N LEU F 726 -29.44 -24.54 14.14
CA LEU F 726 -29.96 -25.74 14.86
C LEU F 726 -30.30 -25.38 16.32
N GLU F 727 -29.51 -24.49 16.93
CA GLU F 727 -29.74 -23.99 18.30
C GLU F 727 -30.92 -22.99 18.30
N LYS F 728 -31.07 -22.22 17.21
CA LYS F 728 -32.18 -21.24 17.03
C LYS F 728 -33.37 -21.91 16.30
N LEU F 729 -33.71 -23.15 16.69
CA LEU F 729 -34.86 -23.92 16.13
C LEU F 729 -35.88 -24.19 17.25
N LYS F 730 -37.17 -23.97 16.97
CA LYS F 730 -38.31 -24.21 17.90
C LYS F 730 -38.63 -25.71 17.94
N PRO F 731 -38.87 -26.30 19.13
CA PRO F 731 -39.18 -27.73 19.23
C PRO F 731 -40.37 -28.14 18.34
N GLY F 732 -40.25 -29.29 17.66
CA GLY F 732 -41.25 -29.81 16.71
C GLY F 732 -40.83 -29.66 15.26
N GLU F 733 -40.00 -28.65 14.95
CA GLU F 733 -39.56 -28.36 13.56
C GLU F 733 -38.50 -29.39 13.12
N LYS F 734 -38.47 -29.68 11.81
CA LYS F 734 -37.53 -30.63 11.16
C LYS F 734 -36.44 -29.81 10.45
N ALA F 735 -35.30 -30.45 10.13
CA ALA F 735 -34.14 -29.82 9.47
C ALA F 735 -33.28 -30.88 8.75
N ASN F 736 -32.46 -30.44 7.79
CA ASN F 736 -31.49 -31.28 7.05
C ASN F 736 -30.13 -31.18 7.74
N ILE F 737 -29.55 -32.32 8.12
CA ILE F 737 -28.21 -32.45 8.76
C ILE F 737 -27.32 -33.31 7.85
N LEU F 738 -26.05 -32.93 7.69
CA LEU F 738 -25.01 -33.75 7.01
C LEU F 738 -24.09 -34.36 8.07
N LEU F 739 -24.16 -35.67 8.25
CA LEU F 739 -23.28 -36.44 9.18
C LEU F 739 -21.85 -36.35 8.65
N TYR F 740 -21.66 -36.72 7.39
CA TYR F 740 -20.38 -36.65 6.65
C TYR F 740 -20.65 -36.86 5.15
N GLN F 741 -19.65 -36.56 4.31
CA GLN F 741 -19.79 -36.47 2.83
C GLN F 741 -20.61 -37.67 2.33
N GLY F 742 -21.80 -37.40 1.79
CA GLY F 742 -22.69 -38.40 1.18
C GLY F 742 -23.60 -39.10 2.18
N LYS F 743 -23.83 -38.50 3.35
CA LYS F 743 -24.81 -39.02 4.36
C LYS F 743 -25.67 -37.88 4.89
N PRO F 744 -26.60 -37.33 4.06
CA PRO F 744 -27.58 -36.35 4.53
C PRO F 744 -28.78 -37.04 5.18
N VAL F 745 -29.26 -36.49 6.30
CA VAL F 745 -30.37 -37.05 7.12
C VAL F 745 -31.32 -35.92 7.53
N LYS F 746 -32.63 -36.18 7.55
CA LYS F 746 -33.68 -35.25 8.05
C LYS F 746 -33.93 -35.57 9.53
N VAL F 747 -33.74 -34.57 10.40
CA VAL F 747 -33.79 -34.68 11.88
C VAL F 747 -34.90 -33.75 12.41
N VAL F 748 -35.60 -34.17 13.47
CA VAL F 748 -36.71 -33.42 14.12
C VAL F 748 -36.37 -33.17 15.59
N LYS F 749 -36.85 -32.07 16.16
CA LYS F 749 -36.63 -31.70 17.59
C LYS F 749 -37.86 -32.10 18.41
N PRO G 3 -61.17 42.67 -7.07
CA PRO G 3 -60.86 42.10 -5.75
C PRO G 3 -62.04 42.21 -4.78
N THR G 4 -62.59 41.06 -4.37
CA THR G 4 -63.74 40.94 -3.42
C THR G 4 -63.39 39.96 -2.30
N TYR H 1 -55.47 31.69 -28.35
CA TYR H 1 -56.29 32.44 -27.36
C TYR H 1 -55.36 33.19 -26.39
N SER H 2 -55.91 33.70 -25.27
CA SER H 2 -55.17 34.39 -24.19
C SER H 2 -54.63 33.35 -23.19
N PRO H 3 -53.40 33.51 -22.66
CA PRO H 3 -52.81 32.56 -21.72
C PRO H 3 -53.72 32.13 -20.56
N THR H 4 -54.58 33.04 -20.07
CA THR H 4 -55.51 32.80 -18.92
C THR H 4 -56.73 32.00 -19.37
N PRO H 6 -58.67 28.83 -20.65
CA PRO H 6 -58.38 27.39 -20.55
C PRO H 6 -58.02 26.71 -21.88
N SER H 7 -58.56 27.23 -23.00
CA SER H 7 -58.33 26.70 -24.37
C SER H 7 -56.95 27.12 -24.90
N TYR H 8 -56.10 27.75 -24.09
CA TYR H 8 -54.69 28.08 -24.44
C TYR H 8 -53.82 26.82 -24.28
N SER H 9 -54.19 25.93 -23.35
CA SER H 9 -53.53 24.62 -23.15
C SER H 9 -53.84 23.75 -24.36
N PRO H 10 -52.83 23.13 -25.03
CA PRO H 10 -53.10 22.31 -26.22
C PRO H 10 -53.92 21.07 -25.87
N THR H 11 -54.69 20.55 -26.84
CA THR H 11 -55.52 19.33 -26.68
C THR H 11 -54.58 18.17 -26.31
N PRO H 13 -53.31 14.22 -24.83
CA PRO H 13 -53.66 12.83 -25.11
C PRO H 13 -54.89 12.41 -24.28
N SER H 14 -55.90 11.86 -24.95
CA SER H 14 -57.17 11.38 -24.34
C SER H 14 -57.36 9.90 -24.69
N TYR H 15 -57.54 9.04 -23.68
CA TYR H 15 -57.86 7.60 -23.83
C TYR H 15 -59.33 7.45 -24.23
N SER H 16 -59.58 7.03 -25.47
CA SER H 16 -60.92 6.70 -26.03
C SER H 16 -61.10 5.18 -26.01
N PRO H 17 -62.06 4.64 -25.22
CA PRO H 17 -62.35 3.20 -25.21
C PRO H 17 -62.60 2.60 -26.60
N THR H 18 -62.32 1.30 -26.75
CA THR H 18 -62.40 0.55 -28.03
C THR H 18 -63.57 -0.44 -27.98
N PRO H 20 -65.54 -3.35 -31.13
CA PRO H 20 -65.59 -3.78 -32.52
C PRO H 20 -66.92 -3.45 -33.25
N SER H 21 -67.89 -2.88 -32.53
CA SER H 21 -69.19 -2.40 -33.09
C SER H 21 -69.67 -1.16 -32.31
N SER J 2 10.28 -72.78 18.85
CA SER J 2 9.95 -73.81 17.82
C SER J 2 8.60 -73.51 17.18
N PRO J 3 8.57 -72.95 15.95
CA PRO J 3 7.30 -72.63 15.27
C PRO J 3 6.60 -73.86 14.68
N THR J 4 5.27 -73.78 14.47
CA THR J 4 4.42 -74.82 13.83
C THR J 4 3.40 -74.16 12.90
N TYR K 1 7.43 -59.37 36.89
CA TYR K 1 7.12 -60.49 35.95
C TYR K 1 7.94 -60.31 34.66
N SER K 2 7.71 -61.18 33.68
CA SER K 2 8.34 -61.14 32.33
C SER K 2 7.50 -60.26 31.41
N PRO K 3 8.12 -59.40 30.55
CA PRO K 3 7.36 -58.51 29.66
C PRO K 3 6.25 -59.19 28.86
N THR K 4 6.44 -60.47 28.48
CA THR K 4 5.49 -61.25 27.65
C THR K 4 4.33 -61.78 28.52
N PRO K 6 1.10 -61.54 30.73
CA PRO K 6 0.01 -60.56 30.83
C PRO K 6 0.00 -59.73 32.13
N SER K 7 0.49 -60.29 33.23
CA SER K 7 0.55 -59.64 34.57
C SER K 7 1.69 -58.61 34.65
N TYR K 8 2.40 -58.37 33.53
CA TYR K 8 3.45 -57.31 33.45
C TYR K 8 2.79 -55.94 33.27
N SER K 9 1.61 -55.90 32.65
CA SER K 9 0.77 -54.68 32.50
C SER K 9 0.34 -54.19 33.88
N PRO K 10 0.54 -52.90 34.21
CA PRO K 10 0.19 -52.38 35.53
C PRO K 10 -1.33 -52.42 35.77
N THR K 11 -1.75 -52.49 37.04
CA THR K 11 -3.16 -52.48 37.48
C THR K 11 -3.85 -51.24 36.91
N PRO K 13 -7.13 -48.58 35.74
CA PRO K 13 -8.39 -48.10 36.34
C PRO K 13 -9.53 -49.08 36.04
N SER K 14 -10.25 -49.51 37.08
CA SER K 14 -11.38 -50.48 36.99
C SER K 14 -12.66 -49.83 37.52
N TYR K 15 -13.71 -49.79 36.70
CA TYR K 15 -15.04 -49.24 37.02
C TYR K 15 -15.79 -50.22 37.94
N SER K 16 -15.99 -49.83 39.20
CA SER K 16 -16.79 -50.57 40.22
C SER K 16 -18.18 -49.94 40.32
N PRO K 17 -19.26 -50.67 39.95
CA PRO K 17 -20.62 -50.16 40.09
C PRO K 17 -20.99 -49.70 41.52
N THR K 18 -22.03 -48.87 41.63
CA THR K 18 -22.63 -48.41 42.92
C THR K 18 -23.31 -49.60 43.60
#